data_3Q9F
#
_entry.id   3Q9F
#
_cell.length_a   118.252
_cell.length_b   119.651
_cell.length_c   119.571
_cell.angle_alpha   98.340
_cell.angle_beta   94.940
_cell.angle_gamma   114.950
#
_symmetry.space_group_name_H-M   'P 1'
#
loop_
_entity.id
_entity.type
_entity.pdbx_description
1 polymer 'Acetylpolyamine amidohydrolase'
2 non-polymer '3-CYCLOHEXYL-1-PROPYLSULFONIC ACID'
3 non-polymer 'PHOSPHATE ION'
4 non-polymer 'POTASSIUM ION'
5 non-polymer 'SODIUM ION'
6 non-polymer 'ZINC ION'
7 water water
#
_entity_poly.entity_id   1
_entity_poly.type   'polypeptide(L)'
_entity_poly.pdbx_seq_one_letter_code
;MRVIFSEDHKLRNAKTELYGGELVPPFEAPFRAEWILAAVKEAGFDDVVAPARHGLETVLKVHDAGYLNFLETAWDRWKA
AGYKGEAIATSFPVRRTSPRIPTDIEGQIGYYCNAAETAISPGTWEAALSSMASAIDGADLIAAGHKAAFSLCRPPGHHA
GIDMFGGYCFINNAAVAAQRLLDKGAKKIAILDVDFHHGNGTQDIFYERGDVFFASLHGDPAEAFPHFLGYAEETGKGAG
AGTTANYPMGRGTPYSVWGEALTDSLKRIAAFGAEAIVVSLGVDTFEQDPISFFKLTSPDYITMGRTIAASGVPLLVVME
GGYGVPEIGLNVANVLKGVAG
;
_entity_poly.pdbx_strand_id   A,B,C,D,E,F,G,H,I,J,K,L
#
loop_
_chem_comp.id
_chem_comp.type
_chem_comp.name
_chem_comp.formula
CXS non-polymer '3-CYCLOHEXYL-1-PROPYLSULFONIC ACID' 'C9 H19 N O3 S'
K non-polymer 'POTASSIUM ION' 'K 1'
NA non-polymer 'SODIUM ION' 'Na 1'
PO4 non-polymer 'PHOSPHATE ION' 'O4 P -3'
ZN non-polymer 'ZINC ION' 'Zn 2'
#
# COMPACT_ATOMS: atom_id res chain seq x y z
N MET A 1 -10.89 -30.35 27.14
CA MET A 1 -10.59 -31.27 26.00
C MET A 1 -9.98 -32.54 26.54
N ARG A 2 -10.17 -33.63 25.82
CA ARG A 2 -9.65 -34.92 26.24
C ARG A 2 -8.14 -34.98 25.96
N VAL A 3 -7.41 -35.69 26.84
CA VAL A 3 -5.97 -35.85 26.70
C VAL A 3 -5.61 -37.30 26.38
N ILE A 4 -4.90 -37.54 25.28
CA ILE A 4 -4.48 -38.90 24.91
C ILE A 4 -3.02 -39.07 25.32
N PHE A 5 -2.74 -40.11 26.11
CA PHE A 5 -1.39 -40.35 26.58
C PHE A 5 -1.10 -41.84 26.75
N SER A 6 0.09 -42.27 26.33
CA SER A 6 0.49 -43.66 26.46
C SER A 6 1.66 -43.81 27.41
N GLU A 7 1.59 -44.82 28.28
CA GLU A 7 2.67 -45.05 29.22
C GLU A 7 3.86 -45.68 28.52
N ASP A 8 3.63 -46.28 27.35
CA ASP A 8 4.72 -46.90 26.65
C ASP A 8 5.74 -45.90 26.14
N HIS A 9 5.49 -44.61 26.36
CA HIS A 9 6.42 -43.58 25.92
C HIS A 9 7.75 -43.80 26.64
N LYS A 10 7.67 -44.30 27.87
CA LYS A 10 8.86 -44.54 28.67
C LYS A 10 9.77 -45.61 28.07
N LEU A 11 9.26 -46.38 27.11
CA LEU A 11 10.07 -47.41 26.47
C LEU A 11 11.19 -46.71 25.71
N ARG A 12 10.98 -45.44 25.41
CA ARG A 12 11.99 -44.62 24.74
C ARG A 12 12.77 -43.99 25.89
N ASN A 13 13.91 -44.60 26.19
CA ASN A 13 14.75 -44.14 27.27
C ASN A 13 16.21 -44.36 26.90
N ALA A 14 16.62 -43.67 25.85
CA ALA A 14 17.97 -43.72 25.34
C ALA A 14 18.90 -43.28 26.45
N LYS A 15 20.10 -43.84 26.49
CA LYS A 15 21.05 -43.49 27.52
C LYS A 15 22.01 -42.41 27.06
N THR A 16 22.18 -42.26 25.74
CA THR A 16 23.10 -41.25 25.26
C THR A 16 22.57 -40.31 24.20
N GLU A 17 23.23 -39.16 24.11
CA GLU A 17 22.90 -38.15 23.13
C GLU A 17 24.21 -37.42 22.84
N LEU A 18 24.53 -37.24 21.57
CA LEU A 18 25.75 -36.54 21.22
C LEU A 18 25.45 -35.04 21.26
N TYR A 19 26.10 -34.34 22.20
CA TYR A 19 25.93 -32.89 22.38
C TYR A 19 27.25 -32.24 22.80
N GLY A 20 27.62 -31.16 22.12
CA GLY A 20 28.85 -30.48 22.47
C GLY A 20 30.07 -31.37 22.47
N GLY A 21 30.05 -32.40 21.62
CA GLY A 21 31.17 -33.31 21.53
C GLY A 21 31.23 -34.40 22.57
N GLU A 22 30.17 -34.56 23.35
CA GLU A 22 30.15 -35.60 24.37
C GLU A 22 28.89 -36.42 24.31
N LEU A 23 28.89 -37.57 24.97
CA LEU A 23 27.70 -38.40 25.02
C LEU A 23 27.11 -38.13 26.40
N VAL A 24 25.94 -37.51 26.46
CA VAL A 24 25.29 -37.19 27.73
C VAL A 24 23.86 -37.74 27.77
N PRO A 25 23.22 -37.66 28.95
CA PRO A 25 21.85 -38.18 29.02
C PRO A 25 20.93 -37.34 28.12
N PRO A 26 20.13 -37.99 27.26
CA PRO A 26 19.23 -37.26 26.37
C PRO A 26 18.42 -36.16 27.03
N PHE A 27 18.21 -35.08 26.30
CA PHE A 27 17.44 -33.95 26.79
C PHE A 27 15.95 -34.27 26.68
N GLU A 28 15.62 -35.19 25.77
CA GLU A 28 14.23 -35.60 25.59
C GLU A 28 14.04 -36.84 26.45
N ALA A 29 13.91 -36.62 27.74
CA ALA A 29 13.74 -37.69 28.72
C ALA A 29 12.29 -37.88 29.18
N PRO A 30 11.97 -39.07 29.70
CA PRO A 30 10.64 -39.45 30.19
C PRO A 30 10.00 -38.47 31.17
N PHE A 31 10.80 -37.84 32.02
CA PHE A 31 10.22 -36.93 32.98
C PHE A 31 9.51 -35.75 32.33
N ARG A 32 9.78 -35.51 31.06
CA ARG A 32 9.11 -34.41 30.37
C ARG A 32 7.61 -34.70 30.31
N ALA A 33 7.27 -35.92 29.87
CA ALA A 33 5.87 -36.31 29.78
C ALA A 33 5.20 -36.29 31.14
N GLU A 34 5.94 -36.78 32.13
CA GLU A 34 5.47 -36.85 33.51
C GLU A 34 5.06 -35.48 34.05
N TRP A 35 5.89 -34.46 33.82
CA TRP A 35 5.57 -33.12 34.31
C TRP A 35 4.55 -32.38 33.45
N ILE A 36 4.47 -32.75 32.18
CA ILE A 36 3.49 -32.11 31.30
C ILE A 36 2.12 -32.66 31.69
N LEU A 37 2.01 -33.98 31.81
CA LEU A 37 0.76 -34.62 32.18
C LEU A 37 0.23 -34.08 33.50
N ALA A 38 1.09 -34.00 34.51
CA ALA A 38 0.68 -33.50 35.81
C ALA A 38 0.18 -32.06 35.73
N ALA A 39 0.85 -31.22 34.94
CA ALA A 39 0.44 -29.83 34.81
C ALA A 39 -0.94 -29.66 34.16
N VAL A 40 -1.19 -30.39 33.09
CA VAL A 40 -2.48 -30.27 32.42
C VAL A 40 -3.62 -30.79 33.31
N LYS A 41 -3.34 -31.80 34.12
CA LYS A 41 -4.35 -32.32 35.03
C LYS A 41 -4.69 -31.28 36.07
N GLU A 42 -3.67 -30.63 36.62
CA GLU A 42 -3.86 -29.60 37.64
C GLU A 42 -4.62 -28.42 37.05
N ALA A 43 -4.64 -28.31 35.73
CA ALA A 43 -5.34 -27.21 35.07
C ALA A 43 -6.75 -27.60 34.66
N GLY A 44 -7.22 -28.73 35.15
CA GLY A 44 -8.57 -29.17 34.83
C GLY A 44 -8.68 -30.27 33.80
N PHE A 45 -7.77 -30.28 32.84
CA PHE A 45 -7.78 -31.29 31.78
C PHE A 45 -7.33 -32.62 32.36
N ASP A 46 -8.23 -33.30 33.09
CA ASP A 46 -7.90 -34.56 33.72
C ASP A 46 -8.59 -35.77 33.12
N ASP A 47 -9.19 -35.62 31.96
CA ASP A 47 -9.84 -36.74 31.31
C ASP A 47 -8.81 -37.37 30.37
N VAL A 48 -7.87 -38.11 30.96
CA VAL A 48 -6.79 -38.76 30.22
C VAL A 48 -7.13 -40.21 29.85
N VAL A 49 -6.98 -40.56 28.56
CA VAL A 49 -7.25 -41.92 28.13
C VAL A 49 -6.06 -42.49 27.33
N ALA A 50 -5.79 -43.77 27.50
CA ALA A 50 -4.71 -44.40 26.77
C ALA A 50 -5.22 -44.60 25.35
N PRO A 51 -4.32 -44.54 24.34
CA PRO A 51 -4.72 -44.72 22.95
C PRO A 51 -5.10 -46.16 22.61
N ALA A 52 -5.89 -46.32 21.56
CA ALA A 52 -6.30 -47.66 21.14
C ALA A 52 -5.18 -48.26 20.28
N ARG A 53 -5.36 -49.51 19.90
CA ARG A 53 -4.37 -50.21 19.07
C ARG A 53 -4.56 -49.74 17.63
N HIS A 54 -3.47 -49.56 16.91
CA HIS A 54 -3.56 -49.14 15.51
C HIS A 54 -2.53 -49.81 14.62
N GLY A 55 -2.89 -50.01 13.36
CA GLY A 55 -1.97 -50.63 12.42
C GLY A 55 -1.02 -49.61 11.81
N LEU A 56 -0.41 -49.96 10.68
CA LEU A 56 0.54 -49.08 10.00
C LEU A 56 -0.03 -48.40 8.76
N GLU A 57 -1.30 -48.64 8.48
CA GLU A 57 -1.94 -48.06 7.31
C GLU A 57 -1.83 -46.54 7.23
N THR A 58 -2.13 -45.83 8.32
CA THR A 58 -2.05 -44.38 8.29
C THR A 58 -0.63 -43.89 8.08
N VAL A 59 0.29 -44.33 8.96
CA VAL A 59 1.68 -43.90 8.85
C VAL A 59 2.32 -44.23 7.51
N LEU A 60 1.87 -45.33 6.89
CA LEU A 60 2.42 -45.73 5.60
C LEU A 60 2.01 -44.77 4.47
N LYS A 61 1.14 -43.84 4.79
CA LYS A 61 0.71 -42.87 3.80
C LYS A 61 1.58 -41.62 3.90
N VAL A 62 2.41 -41.53 4.95
CA VAL A 62 3.29 -40.37 5.07
C VAL A 62 4.77 -40.70 5.17
N HIS A 63 5.10 -41.90 5.63
CA HIS A 63 6.48 -42.28 5.72
C HIS A 63 6.82 -43.37 4.72
N ASP A 64 8.08 -43.38 4.30
CA ASP A 64 8.57 -44.38 3.35
C ASP A 64 8.51 -45.75 4.04
N ALA A 65 8.08 -46.79 3.32
CA ALA A 65 8.00 -48.14 3.89
C ALA A 65 9.37 -48.68 4.28
N GLY A 66 10.38 -48.38 3.48
CA GLY A 66 11.72 -48.86 3.79
C GLY A 66 12.22 -48.26 5.10
N TYR A 67 12.00 -46.96 5.24
CA TYR A 67 12.40 -46.23 6.45
C TYR A 67 11.70 -46.80 7.68
N LEU A 68 10.42 -47.15 7.55
CA LEU A 68 9.70 -47.69 8.70
C LEU A 68 10.25 -49.09 9.00
N ASN A 69 10.54 -49.85 7.97
CA ASN A 69 11.08 -51.19 8.19
C ASN A 69 12.43 -51.08 8.89
N PHE A 70 13.23 -50.09 8.49
CA PHE A 70 14.53 -49.86 9.10
C PHE A 70 14.42 -49.56 10.60
N LEU A 71 13.46 -48.73 10.99
CA LEU A 71 13.28 -48.38 12.39
C LEU A 71 12.94 -49.61 13.23
N GLU A 72 11.97 -50.39 12.76
CA GLU A 72 11.53 -51.58 13.48
C GLU A 72 12.64 -52.55 13.85
N THR A 73 13.58 -52.79 12.94
CA THR A 73 14.66 -53.74 13.19
C THR A 73 16.02 -53.09 13.45
N ALA A 74 16.06 -51.76 13.41
CA ALA A 74 17.32 -51.05 13.60
C ALA A 74 18.15 -51.52 14.78
N TRP A 75 17.60 -51.42 15.98
CA TRP A 75 18.36 -51.83 17.16
C TRP A 75 18.88 -53.27 17.15
N ASP A 76 18.06 -54.23 16.72
CA ASP A 76 18.50 -55.61 16.72
C ASP A 76 19.70 -55.82 15.80
N ARG A 77 19.65 -55.20 14.63
CA ARG A 77 20.74 -55.33 13.67
C ARG A 77 22.00 -54.64 14.18
N TRP A 78 21.83 -53.51 14.85
CA TRP A 78 22.98 -52.78 15.38
C TRP A 78 23.69 -53.63 16.42
N LYS A 79 22.91 -54.16 17.35
CA LYS A 79 23.47 -55.00 18.40
C LYS A 79 24.14 -56.23 17.79
N ALA A 80 23.45 -56.87 16.85
CA ALA A 80 24.00 -58.05 16.19
C ALA A 80 25.35 -57.77 15.50
N ALA A 81 25.51 -56.56 15.00
CA ALA A 81 26.74 -56.17 14.33
C ALA A 81 27.88 -56.05 15.34
N GLY A 82 27.54 -56.11 16.62
CA GLY A 82 28.56 -56.05 17.66
C GLY A 82 29.03 -54.72 18.20
N TYR A 83 28.18 -53.68 18.13
CA TYR A 83 28.59 -52.40 18.66
C TYR A 83 28.21 -52.32 20.13
N LYS A 84 29.13 -51.76 20.91
CA LYS A 84 28.96 -51.63 22.35
C LYS A 84 27.99 -50.54 22.79
N GLY A 85 27.94 -49.44 22.04
CA GLY A 85 27.07 -48.33 22.40
C GLY A 85 25.69 -48.39 21.77
N GLU A 86 25.01 -47.26 21.73
CA GLU A 86 23.69 -47.21 21.12
C GLU A 86 23.91 -46.90 19.64
N ALA A 87 22.90 -47.15 18.82
CA ALA A 87 22.98 -46.93 17.38
C ALA A 87 22.97 -45.44 17.06
N ILE A 88 24.08 -44.95 16.51
CA ILE A 88 24.24 -43.55 16.14
C ILE A 88 24.94 -43.47 14.78
N ALA A 89 24.30 -42.82 13.82
CA ALA A 89 24.86 -42.66 12.48
C ALA A 89 26.07 -41.74 12.44
N THR A 90 27.11 -42.15 11.71
CA THR A 90 28.32 -41.34 11.58
C THR A 90 28.56 -40.86 10.15
N SER A 91 28.10 -41.62 9.17
CA SER A 91 28.26 -41.25 7.77
C SER A 91 26.91 -40.81 7.21
N PHE A 92 26.89 -39.74 6.42
CA PHE A 92 25.64 -39.23 5.84
C PHE A 92 25.66 -38.89 4.36
N PRO A 93 24.53 -39.12 3.66
CA PRO A 93 24.39 -38.84 2.23
C PRO A 93 24.19 -37.34 2.03
N VAL A 94 25.28 -36.60 2.10
CA VAL A 94 25.21 -35.15 1.94
C VAL A 94 25.33 -34.75 0.47
N ARG A 95 25.91 -33.59 0.21
CA ARG A 95 26.06 -33.07 -1.16
C ARG A 95 26.74 -34.00 -2.14
N ARG A 96 26.21 -33.99 -3.37
CA ARG A 96 26.75 -34.75 -4.48
C ARG A 96 27.07 -36.22 -4.18
N THR A 97 26.13 -36.91 -3.56
CA THR A 97 26.31 -38.32 -3.24
C THR A 97 25.34 -39.20 -4.02
N SER A 98 25.63 -40.50 -4.03
CA SER A 98 24.81 -41.50 -4.73
C SER A 98 23.46 -41.66 -4.02
N PRO A 99 22.41 -41.93 -4.79
CA PRO A 99 21.08 -42.12 -4.22
C PRO A 99 20.83 -43.57 -3.79
N ARG A 100 21.79 -44.45 -4.07
CA ARG A 100 21.61 -45.85 -3.70
C ARG A 100 21.53 -46.06 -2.20
N ILE A 101 20.71 -47.04 -1.79
CA ILE A 101 20.56 -47.35 -0.37
C ILE A 101 21.48 -48.48 0.07
N PRO A 102 22.32 -48.23 1.09
CA PRO A 102 23.25 -49.25 1.61
C PRO A 102 22.52 -50.53 2.02
N THR A 103 23.26 -51.62 2.15
CA THR A 103 22.66 -52.89 2.53
C THR A 103 22.91 -53.24 4.00
N ASP A 104 23.98 -52.73 4.60
CA ASP A 104 24.27 -53.04 6.00
C ASP A 104 23.74 -51.98 7.00
N ILE A 105 23.74 -52.33 8.28
CA ILE A 105 23.24 -51.44 9.32
C ILE A 105 24.04 -50.15 9.44
N GLU A 106 25.36 -50.25 9.27
CA GLU A 106 26.23 -49.09 9.37
C GLU A 106 25.85 -48.04 8.33
N GLY A 107 25.55 -48.48 7.12
CA GLY A 107 25.22 -47.56 6.06
C GLY A 107 23.77 -47.10 6.08
N GLN A 108 22.86 -48.00 6.41
CA GLN A 108 21.46 -47.63 6.43
C GLN A 108 21.11 -46.63 7.53
N ILE A 109 21.67 -46.79 8.72
CA ILE A 109 21.35 -45.86 9.78
C ILE A 109 21.73 -44.44 9.35
N GLY A 110 22.82 -44.32 8.61
CA GLY A 110 23.23 -43.01 8.14
C GLY A 110 22.28 -42.54 7.05
N TYR A 111 21.89 -43.46 6.18
CA TYR A 111 20.97 -43.17 5.09
C TYR A 111 19.60 -42.73 5.57
N TYR A 112 19.21 -43.17 6.75
CA TYR A 112 17.90 -42.84 7.25
C TYR A 112 17.94 -41.78 8.35
N CYS A 113 19.09 -41.14 8.54
CA CYS A 113 19.22 -40.16 9.58
C CYS A 113 19.60 -38.76 9.07
N ASN A 114 19.09 -37.72 9.74
CA ASN A 114 19.40 -36.33 9.36
C ASN A 114 20.10 -35.59 10.49
N ALA A 115 20.30 -36.28 11.61
CA ALA A 115 20.94 -35.66 12.75
C ALA A 115 21.52 -36.72 13.71
N ALA A 116 22.84 -36.74 13.79
CA ALA A 116 23.58 -37.69 14.62
C ALA A 116 23.40 -37.56 16.13
N GLU A 117 22.75 -36.50 16.60
CA GLU A 117 22.57 -36.37 18.03
C GLU A 117 21.46 -37.27 18.57
N THR A 118 20.78 -37.99 17.67
CA THR A 118 19.72 -38.89 18.09
C THR A 118 20.19 -40.35 17.98
N ALA A 119 20.01 -41.11 19.06
CA ALA A 119 20.44 -42.49 19.09
C ALA A 119 19.27 -43.46 19.18
N ILE A 120 19.31 -44.55 18.41
CA ILE A 120 18.25 -45.53 18.45
C ILE A 120 18.62 -46.53 19.55
N SER A 121 17.65 -46.89 20.39
CA SER A 121 17.91 -47.83 21.49
C SER A 121 16.73 -48.78 21.70
N PRO A 122 16.89 -49.78 22.58
CA PRO A 122 15.82 -50.74 22.85
C PRO A 122 14.56 -49.99 23.28
N GLY A 123 13.44 -50.27 22.63
CA GLY A 123 12.21 -49.60 22.98
C GLY A 123 11.80 -48.43 22.09
N THR A 124 12.72 -47.83 21.36
CA THR A 124 12.40 -46.69 20.50
C THR A 124 11.24 -47.02 19.55
N TRP A 125 11.36 -48.12 18.82
CA TRP A 125 10.32 -48.52 17.89
C TRP A 125 8.96 -48.59 18.57
N GLU A 126 8.89 -49.31 19.69
CA GLU A 126 7.65 -49.47 20.44
C GLU A 126 7.12 -48.14 20.97
N ALA A 127 8.02 -47.33 21.51
CA ALA A 127 7.63 -46.04 22.04
C ALA A 127 7.06 -45.18 20.92
N ALA A 128 7.78 -45.13 19.80
CA ALA A 128 7.33 -44.33 18.66
C ALA A 128 5.95 -44.77 18.18
N LEU A 129 5.67 -46.07 18.21
CA LEU A 129 4.36 -46.54 17.78
C LEU A 129 3.26 -46.10 18.76
N SER A 130 3.53 -46.12 20.06
CA SER A 130 2.50 -45.72 21.04
C SER A 130 2.23 -44.22 20.96
N SER A 131 3.27 -43.47 20.61
CA SER A 131 3.17 -42.04 20.47
C SER A 131 2.32 -41.75 19.23
N MET A 132 2.57 -42.50 18.14
CA MET A 132 1.80 -42.33 16.91
C MET A 132 0.34 -42.65 17.18
N ALA A 133 0.12 -43.72 17.93
CA ALA A 133 -1.23 -44.14 18.28
C ALA A 133 -1.97 -43.01 19.00
N SER A 134 -1.29 -42.33 19.92
CA SER A 134 -1.93 -41.23 20.65
C SER A 134 -2.32 -40.13 19.67
N ALA A 135 -1.50 -39.91 18.66
CA ALA A 135 -1.78 -38.89 17.67
C ALA A 135 -3.02 -39.30 16.87
N ILE A 136 -3.09 -40.58 16.52
CA ILE A 136 -4.21 -41.10 15.76
C ILE A 136 -5.53 -40.97 16.51
N ASP A 137 -5.55 -41.39 17.77
CA ASP A 137 -6.77 -41.31 18.58
C ASP A 137 -7.17 -39.85 18.77
N GLY A 138 -6.17 -38.98 18.87
CA GLY A 138 -6.45 -37.56 19.04
C GLY A 138 -7.20 -37.05 17.81
N ALA A 139 -6.69 -37.40 16.64
CA ALA A 139 -7.29 -36.99 15.37
C ALA A 139 -8.70 -37.57 15.26
N ASP A 140 -8.87 -38.79 15.73
CA ASP A 140 -10.19 -39.43 15.68
C ASP A 140 -11.24 -38.64 16.46
N LEU A 141 -10.85 -38.06 17.58
CA LEU A 141 -11.78 -37.28 18.38
C LEU A 141 -12.24 -36.06 17.58
N ILE A 142 -11.30 -35.43 16.88
CA ILE A 142 -11.59 -34.26 16.05
C ILE A 142 -12.53 -34.65 14.92
N ALA A 143 -12.28 -35.79 14.28
CA ALA A 143 -13.12 -36.26 13.20
C ALA A 143 -14.50 -36.57 13.72
N ALA A 144 -14.62 -36.87 15.00
CA ALA A 144 -15.91 -37.18 15.59
C ALA A 144 -16.73 -35.90 15.76
N GLY A 145 -16.08 -34.82 16.18
CA GLY A 145 -16.79 -33.56 16.35
C GLY A 145 -16.29 -32.71 17.49
N HIS A 146 -15.27 -33.19 18.20
CA HIS A 146 -14.72 -32.43 19.34
C HIS A 146 -14.03 -31.14 18.87
N LYS A 147 -14.17 -30.08 19.65
CA LYS A 147 -13.57 -28.78 19.32
C LYS A 147 -12.03 -28.80 19.41
N ALA A 148 -11.52 -29.59 20.35
CA ALA A 148 -10.08 -29.69 20.57
C ALA A 148 -9.72 -30.99 21.27
N ALA A 149 -8.43 -31.31 21.27
CA ALA A 149 -7.91 -32.51 21.92
C ALA A 149 -6.40 -32.35 22.09
N PHE A 150 -5.84 -32.99 23.11
CA PHE A 150 -4.40 -32.93 23.33
C PHE A 150 -3.80 -34.32 23.30
N SER A 151 -2.90 -34.54 22.34
CA SER A 151 -2.20 -35.83 22.24
C SER A 151 -0.84 -35.60 22.88
N LEU A 152 -0.66 -36.15 24.07
CA LEU A 152 0.61 -36.00 24.78
C LEU A 152 1.60 -37.00 24.18
N CYS A 153 2.15 -36.62 23.03
CA CYS A 153 3.11 -37.44 22.30
C CYS A 153 4.53 -37.36 22.81
N ARG A 154 5.16 -38.53 22.86
CA ARG A 154 6.54 -38.70 23.23
C ARG A 154 6.92 -40.14 22.87
N PRO A 155 7.95 -40.31 22.04
CA PRO A 155 8.82 -39.24 21.55
C PRO A 155 8.07 -38.29 20.59
N PRO A 156 8.69 -37.15 20.27
CA PRO A 156 8.08 -36.18 19.37
C PRO A 156 8.23 -36.63 17.94
N GLY A 157 7.75 -35.84 16.99
CA GLY A 157 7.86 -36.26 15.60
C GLY A 157 8.16 -35.25 14.51
N HIS A 158 8.00 -33.95 14.76
CA HIS A 158 8.21 -33.01 13.69
C HIS A 158 9.59 -32.94 13.00
N HIS A 159 10.59 -33.67 13.49
CA HIS A 159 11.89 -33.66 12.83
C HIS A 159 12.06 -34.90 11.97
N ALA A 160 11.08 -35.79 11.99
CA ALA A 160 11.15 -36.99 11.16
C ALA A 160 10.54 -36.72 9.78
N GLY A 161 11.37 -36.84 8.74
CA GLY A 161 10.90 -36.60 7.40
C GLY A 161 10.35 -37.87 6.78
N ILE A 162 10.10 -37.83 5.47
CA ILE A 162 9.56 -38.98 4.75
C ILE A 162 10.35 -40.24 5.03
N ASP A 163 11.67 -40.16 4.99
CA ASP A 163 12.47 -41.33 5.24
C ASP A 163 13.73 -41.07 6.05
N MET A 164 13.59 -40.28 7.11
CA MET A 164 14.71 -39.96 7.96
C MET A 164 14.26 -39.58 9.38
N PHE A 165 15.03 -40.03 10.37
CA PHE A 165 14.76 -39.69 11.75
C PHE A 165 15.83 -38.70 12.21
N GLY A 166 15.57 -38.05 13.32
CA GLY A 166 16.51 -37.09 13.85
C GLY A 166 15.80 -36.15 14.79
N GLY A 167 16.57 -35.27 15.43
CA GLY A 167 15.99 -34.32 16.37
C GLY A 167 15.08 -34.94 17.41
N TYR A 168 15.40 -36.17 17.84
CA TYR A 168 14.65 -36.91 18.86
C TYR A 168 13.35 -37.48 18.31
N CYS A 169 13.18 -37.40 16.99
CA CYS A 169 11.96 -37.86 16.32
C CYS A 169 12.14 -39.07 15.40
N PHE A 170 11.14 -39.94 15.37
CA PHE A 170 11.21 -41.14 14.53
C PHE A 170 9.99 -41.29 13.62
N ILE A 171 8.80 -41.08 14.17
CA ILE A 171 7.57 -41.14 13.40
C ILE A 171 6.91 -39.77 13.58
N ASN A 172 6.62 -39.10 12.49
CA ASN A 172 6.01 -37.78 12.57
C ASN A 172 4.53 -37.80 12.99
N ASN A 173 4.29 -37.78 14.30
CA ASN A 173 2.96 -37.80 14.88
C ASN A 173 1.99 -36.77 14.31
N ALA A 174 2.46 -35.54 14.11
CA ALA A 174 1.61 -34.51 13.56
C ALA A 174 1.19 -34.92 12.14
N ALA A 175 2.16 -35.35 11.35
CA ALA A 175 1.87 -35.77 9.98
C ALA A 175 0.86 -36.92 9.98
N VAL A 176 1.06 -37.90 10.86
CA VAL A 176 0.14 -39.03 10.93
C VAL A 176 -1.26 -38.52 11.30
N ALA A 177 -1.35 -37.67 12.31
CA ALA A 177 -2.64 -37.12 12.70
C ALA A 177 -3.34 -36.42 11.51
N ALA A 178 -2.58 -35.63 10.76
CA ALA A 178 -3.13 -34.92 9.60
C ALA A 178 -3.66 -35.89 8.56
N GLN A 179 -2.89 -36.95 8.29
CA GLN A 179 -3.30 -37.96 7.32
C GLN A 179 -4.60 -38.62 7.79
N ARG A 180 -4.66 -38.92 9.09
CA ARG A 180 -5.81 -39.56 9.68
C ARG A 180 -7.08 -38.72 9.48
N LEU A 181 -6.96 -37.40 9.65
CA LEU A 181 -8.13 -36.52 9.45
C LEU A 181 -8.59 -36.57 7.99
N LEU A 182 -7.64 -36.61 7.08
CA LEU A 182 -7.98 -36.69 5.68
C LEU A 182 -8.67 -38.02 5.39
N ASP A 183 -8.18 -39.10 6.01
CA ASP A 183 -8.79 -40.40 5.81
C ASP A 183 -10.21 -40.47 6.38
N LYS A 184 -10.50 -39.64 7.37
CA LYS A 184 -11.83 -39.63 7.97
C LYS A 184 -12.80 -38.66 7.29
N GLY A 185 -12.44 -38.15 6.12
CA GLY A 185 -13.37 -37.25 5.45
C GLY A 185 -12.88 -35.89 4.98
N ALA A 186 -11.97 -35.27 5.72
CA ALA A 186 -11.48 -33.96 5.35
C ALA A 186 -10.74 -33.99 4.03
N LYS A 187 -10.81 -32.87 3.31
CA LYS A 187 -10.13 -32.72 2.02
C LYS A 187 -8.93 -31.80 2.19
N LYS A 188 -8.97 -30.93 3.20
CA LYS A 188 -7.89 -30.00 3.44
C LYS A 188 -7.60 -29.88 4.93
N ILE A 189 -6.33 -29.99 5.28
CA ILE A 189 -5.90 -29.90 6.67
C ILE A 189 -4.66 -29.05 6.73
N ALA A 190 -4.44 -28.41 7.86
CA ALA A 190 -3.23 -27.61 8.00
C ALA A 190 -2.52 -28.06 9.26
N ILE A 191 -1.22 -27.82 9.29
CA ILE A 191 -0.39 -28.15 10.43
C ILE A 191 0.34 -26.87 10.79
N LEU A 192 0.18 -26.43 12.03
CA LEU A 192 0.83 -25.20 12.51
C LEU A 192 1.89 -25.60 13.53
N ASP A 193 3.16 -25.36 13.19
CA ASP A 193 4.27 -25.74 14.07
C ASP A 193 4.83 -24.54 14.85
N VAL A 194 4.50 -24.45 16.14
CA VAL A 194 4.94 -23.35 16.99
C VAL A 194 6.18 -23.67 17.83
N ASP A 195 6.63 -24.91 17.70
CA ASP A 195 7.84 -25.37 18.39
C ASP A 195 8.96 -24.40 17.96
N PHE A 196 9.89 -24.07 18.85
CA PHE A 196 10.98 -23.15 18.51
C PHE A 196 11.74 -23.55 17.27
N HIS A 197 11.95 -24.84 17.07
CA HIS A 197 12.68 -25.28 15.89
C HIS A 197 11.76 -25.51 14.71
N HIS A 198 12.34 -25.39 13.52
CA HIS A 198 11.57 -25.60 12.31
C HIS A 198 11.23 -27.09 12.24
N GLY A 199 10.04 -27.38 11.72
CA GLY A 199 9.62 -28.76 11.60
C GLY A 199 9.99 -29.29 10.22
N ASN A 200 11.28 -29.41 9.98
CA ASN A 200 11.79 -29.88 8.70
C ASN A 200 11.16 -31.19 8.25
N GLY A 201 10.90 -32.10 9.19
CA GLY A 201 10.32 -33.39 8.83
C GLY A 201 8.90 -33.30 8.31
N THR A 202 8.09 -32.47 8.95
CA THR A 202 6.71 -32.29 8.54
C THR A 202 6.67 -31.61 7.18
N GLN A 203 7.51 -30.60 7.02
CA GLN A 203 7.58 -29.90 5.75
C GLN A 203 7.93 -30.90 4.65
N ASP A 204 8.92 -31.73 4.93
CA ASP A 204 9.36 -32.72 3.96
C ASP A 204 8.22 -33.60 3.51
N ILE A 205 7.47 -34.16 4.45
CA ILE A 205 6.36 -35.05 4.12
C ILE A 205 5.27 -34.42 3.25
N PHE A 206 4.91 -33.17 3.52
CA PHE A 206 3.86 -32.52 2.74
C PHE A 206 4.35 -31.46 1.74
N TYR A 207 5.66 -31.43 1.47
CA TYR A 207 6.18 -30.41 0.57
C TYR A 207 5.62 -30.46 -0.86
N GLU A 208 5.20 -31.64 -1.30
CA GLU A 208 4.64 -31.77 -2.64
C GLU A 208 3.20 -32.24 -2.59
N ARG A 209 2.57 -32.02 -1.44
CA ARG A 209 1.18 -32.38 -1.21
C ARG A 209 0.34 -31.10 -1.15
N GLY A 210 -0.74 -31.05 -1.92
CA GLY A 210 -1.60 -29.87 -1.91
C GLY A 210 -2.78 -29.97 -0.95
N ASP A 211 -3.01 -31.15 -0.38
CA ASP A 211 -4.13 -31.33 0.55
C ASP A 211 -3.79 -30.93 1.99
N VAL A 212 -2.51 -30.68 2.27
CA VAL A 212 -2.09 -30.28 3.61
C VAL A 212 -1.17 -29.04 3.56
N PHE A 213 -1.59 -27.98 4.23
CA PHE A 213 -0.83 -26.73 4.29
C PHE A 213 0.08 -26.77 5.51
N PHE A 214 1.35 -26.41 5.33
CA PHE A 214 2.31 -26.42 6.43
C PHE A 214 2.87 -25.04 6.78
N ALA A 215 2.55 -24.56 7.98
CA ALA A 215 3.04 -23.27 8.44
C ALA A 215 3.95 -23.53 9.63
N SER A 216 5.03 -22.75 9.73
CA SER A 216 5.94 -22.94 10.84
C SER A 216 6.66 -21.65 11.26
N LEU A 217 6.70 -21.42 12.57
CA LEU A 217 7.37 -20.27 13.18
C LEU A 217 8.53 -20.89 13.92
N HIS A 218 9.74 -20.39 13.71
CA HIS A 218 10.89 -20.99 14.34
C HIS A 218 12.10 -20.07 14.31
N GLY A 219 13.15 -20.48 15.02
CA GLY A 219 14.37 -19.69 15.02
C GLY A 219 15.00 -19.83 13.64
N ASP A 220 15.53 -18.72 13.14
CA ASP A 220 16.18 -18.66 11.85
C ASP A 220 17.15 -19.85 11.70
N PRO A 221 16.95 -20.69 10.68
CA PRO A 221 17.83 -21.86 10.47
C PRO A 221 19.30 -21.48 10.22
N ALA A 222 19.54 -20.21 9.91
CA ALA A 222 20.90 -19.76 9.68
C ALA A 222 21.69 -19.86 10.99
N GLU A 223 21.00 -19.87 12.11
CA GLU A 223 21.66 -19.96 13.41
C GLU A 223 20.89 -20.83 14.41
N ALA A 224 20.23 -21.87 13.92
CA ALA A 224 19.44 -22.75 14.78
C ALA A 224 19.07 -24.09 14.12
N PHE A 225 19.14 -25.15 14.91
CA PHE A 225 18.78 -26.49 14.48
C PHE A 225 17.40 -26.37 13.83
N PRO A 226 17.11 -27.13 12.75
CA PRO A 226 17.95 -28.12 12.08
C PRO A 226 19.01 -27.55 11.12
N HIS A 227 19.05 -26.23 10.99
CA HIS A 227 20.06 -25.56 10.16
C HIS A 227 19.93 -25.60 8.64
N PHE A 228 19.28 -26.62 8.09
CA PHE A 228 19.22 -26.74 6.64
C PHE A 228 17.84 -26.71 6.00
N LEU A 229 16.92 -26.04 6.65
CA LEU A 229 15.57 -25.94 6.12
C LEU A 229 14.81 -24.96 7.00
N GLY A 230 13.75 -24.37 6.47
CA GLY A 230 12.97 -23.44 7.26
C GLY A 230 13.10 -22.01 6.78
N TYR A 231 13.70 -21.82 5.61
CA TYR A 231 13.87 -20.48 5.05
C TYR A 231 12.56 -20.02 4.44
N ALA A 232 12.31 -18.73 4.52
CA ALA A 232 11.09 -18.13 3.98
C ALA A 232 10.82 -18.47 2.52
N GLU A 233 11.89 -18.59 1.74
CA GLU A 233 11.79 -18.92 0.32
C GLU A 233 11.10 -20.24 0.01
N GLU A 234 11.10 -21.18 0.96
CA GLU A 234 10.46 -22.50 0.78
C GLU A 234 8.95 -22.40 0.88
N THR A 235 8.29 -22.31 -0.27
CA THR A 235 6.84 -22.17 -0.30
C THR A 235 6.13 -23.42 -0.85
N GLY A 236 6.91 -24.40 -1.28
CA GLY A 236 6.33 -25.61 -1.80
C GLY A 236 6.93 -26.02 -3.13
N LYS A 237 6.59 -27.22 -3.59
CA LYS A 237 7.11 -27.74 -4.84
C LYS A 237 6.08 -28.61 -5.56
N GLY A 238 6.08 -28.53 -6.88
CA GLY A 238 5.17 -29.31 -7.69
C GLY A 238 3.72 -29.20 -7.27
N ALA A 239 3.10 -30.33 -6.98
CA ALA A 239 1.70 -30.33 -6.58
C ALA A 239 1.50 -29.60 -5.24
N GLY A 240 2.58 -29.39 -4.51
CA GLY A 240 2.45 -28.72 -3.23
C GLY A 240 2.84 -27.25 -3.26
N ALA A 241 2.86 -26.62 -4.43
CA ALA A 241 3.25 -25.22 -4.49
C ALA A 241 2.28 -24.31 -3.75
N GLY A 242 2.86 -23.36 -3.02
CA GLY A 242 2.07 -22.41 -2.26
C GLY A 242 1.50 -22.96 -0.98
N THR A 243 1.67 -24.24 -0.69
CA THR A 243 1.13 -24.81 0.54
C THR A 243 2.15 -25.02 1.66
N THR A 244 3.14 -24.14 1.70
CA THR A 244 4.17 -24.17 2.75
C THR A 244 4.62 -22.76 3.06
N ALA A 245 4.49 -22.36 4.33
CA ALA A 245 4.88 -21.02 4.76
C ALA A 245 5.79 -21.07 5.98
N ASN A 246 7.01 -20.58 5.80
CA ASN A 246 7.98 -20.56 6.88
C ASN A 246 8.18 -19.16 7.44
N TYR A 247 8.17 -19.04 8.76
CA TYR A 247 8.36 -17.78 9.45
C TYR A 247 9.59 -17.84 10.36
N PRO A 248 10.79 -17.71 9.79
CA PRO A 248 12.00 -17.76 10.61
C PRO A 248 12.18 -16.41 11.31
N MET A 249 12.66 -16.43 12.55
CA MET A 249 12.88 -15.19 13.28
C MET A 249 14.18 -15.21 14.09
N GLY A 250 14.82 -14.04 14.20
CA GLY A 250 16.08 -13.91 14.88
C GLY A 250 16.15 -13.95 16.40
N ARG A 251 17.35 -13.73 16.91
CA ARG A 251 17.60 -13.74 18.34
C ARG A 251 16.85 -12.65 19.09
N GLY A 252 16.35 -13.03 20.27
CA GLY A 252 15.64 -12.10 21.12
C GLY A 252 14.27 -11.67 20.62
N THR A 253 13.66 -12.50 19.79
CA THR A 253 12.35 -12.17 19.27
C THR A 253 11.28 -12.19 20.36
N PRO A 254 10.62 -11.05 20.59
CA PRO A 254 9.57 -10.90 21.60
C PRO A 254 8.22 -11.41 21.06
N TYR A 255 7.28 -11.71 21.95
CA TYR A 255 5.98 -12.19 21.49
C TYR A 255 5.36 -11.16 20.55
N SER A 256 5.74 -9.91 20.75
CA SER A 256 5.24 -8.82 19.94
C SER A 256 5.49 -9.13 18.47
N VAL A 257 6.66 -9.64 18.15
CA VAL A 257 6.99 -9.98 16.77
C VAL A 257 6.49 -11.38 16.41
N TRP A 258 6.60 -12.30 17.36
CA TRP A 258 6.19 -13.68 17.16
C TRP A 258 4.70 -13.77 16.83
N GLY A 259 3.89 -13.06 17.61
CA GLY A 259 2.46 -13.07 17.38
C GLY A 259 2.09 -12.56 16.00
N GLU A 260 2.89 -11.65 15.45
CA GLU A 260 2.62 -11.10 14.12
C GLU A 260 2.74 -12.24 13.11
N ALA A 261 3.75 -13.08 13.30
CA ALA A 261 3.95 -14.21 12.41
C ALA A 261 2.80 -15.20 12.59
N LEU A 262 2.36 -15.37 13.84
CA LEU A 262 1.27 -16.31 14.09
C LEU A 262 0.00 -15.86 13.39
N THR A 263 -0.25 -14.55 13.43
CA THR A 263 -1.42 -13.98 12.79
C THR A 263 -1.36 -14.18 11.27
N ASP A 264 -0.18 -13.97 10.67
CA ASP A 264 -0.08 -14.15 9.23
C ASP A 264 -0.25 -15.62 8.82
N SER A 265 0.36 -16.53 9.59
CA SER A 265 0.22 -17.94 9.26
C SER A 265 -1.25 -18.38 9.32
N LEU A 266 -1.99 -17.86 10.30
CA LEU A 266 -3.40 -18.21 10.44
C LEU A 266 -4.20 -17.66 9.27
N LYS A 267 -3.78 -16.50 8.78
CA LYS A 267 -4.43 -15.86 7.65
C LYS A 267 -4.19 -16.71 6.40
N ARG A 268 -2.98 -17.25 6.26
CA ARG A 268 -2.68 -18.10 5.10
C ARG A 268 -3.43 -19.42 5.23
N ILE A 269 -3.58 -19.91 6.47
CA ILE A 269 -4.26 -21.17 6.70
C ILE A 269 -5.74 -21.04 6.40
N ALA A 270 -6.32 -19.91 6.82
CA ALA A 270 -7.73 -19.65 6.57
C ALA A 270 -7.96 -19.56 5.05
N ALA A 271 -7.08 -18.85 4.34
CA ALA A 271 -7.22 -18.70 2.89
C ALA A 271 -7.09 -20.04 2.19
N PHE A 272 -6.30 -20.94 2.77
CA PHE A 272 -6.12 -22.27 2.21
C PHE A 272 -7.46 -23.00 2.30
N GLY A 273 -8.13 -22.84 3.44
CA GLY A 273 -9.43 -23.48 3.62
C GLY A 273 -9.34 -24.75 4.45
N ALA A 274 -8.45 -24.75 5.43
CA ALA A 274 -8.27 -25.91 6.29
C ALA A 274 -9.56 -26.22 7.05
N GLU A 275 -9.90 -27.52 7.10
CA GLU A 275 -11.08 -27.95 7.81
C GLU A 275 -10.73 -28.14 9.27
N ALA A 276 -9.45 -28.37 9.54
CA ALA A 276 -8.96 -28.56 10.90
C ALA A 276 -7.49 -28.19 10.98
N ILE A 277 -7.00 -27.98 12.19
CA ILE A 277 -5.59 -27.65 12.34
C ILE A 277 -4.85 -28.48 13.38
N VAL A 278 -3.78 -29.12 12.95
CA VAL A 278 -2.96 -29.88 13.87
C VAL A 278 -1.88 -28.88 14.31
N VAL A 279 -1.73 -28.71 15.61
CA VAL A 279 -0.76 -27.78 16.17
C VAL A 279 0.42 -28.55 16.74
N SER A 280 1.59 -28.43 16.11
CA SER A 280 2.77 -29.11 16.63
C SER A 280 3.23 -28.17 17.72
N LEU A 281 2.87 -28.51 18.95
CA LEU A 281 3.20 -27.68 20.09
C LEU A 281 4.51 -27.98 20.78
N GLY A 282 5.41 -27.00 20.73
CA GLY A 282 6.68 -27.11 21.40
C GLY A 282 6.69 -25.87 22.27
N VAL A 283 7.16 -25.99 23.52
CA VAL A 283 7.21 -24.81 24.37
C VAL A 283 8.64 -24.39 24.62
N ASP A 284 9.55 -24.84 23.76
CA ASP A 284 10.93 -24.45 23.90
C ASP A 284 11.15 -23.02 23.41
N THR A 285 10.05 -22.33 23.12
CA THR A 285 10.13 -20.94 22.69
C THR A 285 10.20 -20.05 23.93
N PHE A 286 9.96 -20.67 25.09
CA PHE A 286 9.99 -20.00 26.38
C PHE A 286 11.33 -19.30 26.66
N GLU A 287 11.27 -18.07 27.16
CA GLU A 287 12.49 -17.32 27.45
C GLU A 287 13.43 -18.04 28.40
N GLN A 288 12.90 -18.82 29.34
CA GLN A 288 13.73 -19.55 30.28
C GLN A 288 14.27 -20.87 29.72
N ASP A 289 13.83 -21.26 28.53
CA ASP A 289 14.31 -22.49 27.95
C ASP A 289 15.75 -22.22 27.50
N PRO A 290 16.69 -23.09 27.86
CA PRO A 290 18.10 -22.95 27.50
C PRO A 290 18.50 -23.04 26.04
N ILE A 291 17.77 -23.82 25.25
CA ILE A 291 18.12 -24.00 23.85
C ILE A 291 17.62 -22.99 22.84
N SER A 292 16.67 -22.14 23.23
CA SER A 292 16.15 -21.16 22.30
C SER A 292 16.58 -19.74 22.60
N PHE A 293 16.35 -18.85 21.63
CA PHE A 293 16.69 -17.46 21.77
C PHE A 293 15.49 -16.54 21.55
N PHE A 294 14.30 -17.05 21.83
CA PHE A 294 13.09 -16.23 21.72
C PHE A 294 12.78 -15.81 23.15
N LYS A 295 11.93 -14.81 23.33
CA LYS A 295 11.62 -14.36 24.68
C LYS A 295 10.13 -14.44 25.04
N LEU A 296 9.53 -15.62 24.94
CA LEU A 296 8.13 -15.76 25.30
C LEU A 296 7.99 -16.04 26.79
N THR A 297 6.91 -15.52 27.39
CA THR A 297 6.66 -15.71 28.81
C THR A 297 5.49 -16.68 28.96
N SER A 298 5.26 -17.15 30.18
CA SER A 298 4.19 -18.09 30.42
C SER A 298 2.80 -17.60 29.98
N PRO A 299 2.47 -16.32 30.24
CA PRO A 299 1.16 -15.79 29.84
C PRO A 299 0.97 -15.81 28.32
N ASP A 300 2.05 -15.61 27.59
CA ASP A 300 1.96 -15.60 26.13
C ASP A 300 1.46 -16.93 25.55
N TYR A 301 1.60 -18.03 26.31
CA TYR A 301 1.14 -19.32 25.80
C TYR A 301 -0.37 -19.38 25.89
N ILE A 302 -0.95 -18.58 26.78
CA ILE A 302 -2.40 -18.54 26.88
C ILE A 302 -2.91 -17.77 25.66
N THR A 303 -2.22 -16.70 25.31
CA THR A 303 -2.59 -15.89 24.16
C THR A 303 -2.50 -16.72 22.88
N MET A 304 -1.43 -17.51 22.80
CA MET A 304 -1.17 -18.38 21.66
C MET A 304 -2.34 -19.34 21.43
N GLY A 305 -2.78 -20.01 22.50
CA GLY A 305 -3.90 -20.93 22.40
C GLY A 305 -5.17 -20.22 21.95
N ARG A 306 -5.43 -19.07 22.55
CA ARG A 306 -6.60 -18.27 22.20
C ARG A 306 -6.61 -17.92 20.73
N THR A 307 -5.50 -17.33 20.26
CA THR A 307 -5.40 -16.93 18.86
C THR A 307 -5.64 -18.07 17.87
N ILE A 308 -4.99 -19.21 18.08
CA ILE A 308 -5.15 -20.33 17.19
C ILE A 308 -6.58 -20.88 17.26
N ALA A 309 -7.16 -20.92 18.46
CA ALA A 309 -8.52 -21.41 18.64
C ALA A 309 -9.52 -20.47 17.97
N ALA A 310 -9.18 -19.18 17.89
CA ALA A 310 -10.04 -18.22 17.25
C ALA A 310 -10.19 -18.49 15.77
N SER A 311 -9.34 -19.37 15.24
CA SER A 311 -9.40 -19.70 13.81
C SER A 311 -10.82 -20.17 13.45
N GLY A 312 -11.50 -20.78 14.41
CA GLY A 312 -12.85 -21.23 14.14
C GLY A 312 -12.93 -22.70 13.76
N VAL A 313 -11.79 -23.36 13.55
CA VAL A 313 -11.83 -24.78 13.19
C VAL A 313 -11.32 -25.67 14.30
N PRO A 314 -11.71 -26.95 14.28
CA PRO A 314 -11.27 -27.88 15.32
C PRO A 314 -9.73 -27.93 15.39
N LEU A 315 -9.19 -28.19 16.58
CA LEU A 315 -7.75 -28.25 16.78
C LEU A 315 -7.28 -29.51 17.49
N LEU A 316 -6.23 -30.12 16.95
CA LEU A 316 -5.61 -31.27 17.57
C LEU A 316 -4.23 -30.76 17.94
N VAL A 317 -3.94 -30.71 19.24
CA VAL A 317 -2.64 -30.25 19.69
C VAL A 317 -1.76 -31.47 19.94
N VAL A 318 -0.65 -31.55 19.22
CA VAL A 318 0.30 -32.65 19.33
C VAL A 318 1.56 -32.12 20.01
N MET A 319 2.00 -32.83 21.03
CA MET A 319 3.17 -32.44 21.80
C MET A 319 4.46 -32.71 21.04
N GLU A 320 5.32 -31.69 21.00
CA GLU A 320 6.61 -31.78 20.33
C GLU A 320 7.72 -31.57 21.34
N GLY A 321 8.58 -30.59 21.04
CA GLY A 321 9.70 -30.27 21.90
C GLY A 321 9.45 -29.39 23.10
N GLY A 322 10.55 -29.03 23.74
CA GLY A 322 10.51 -28.20 24.94
C GLY A 322 11.45 -28.80 25.96
N TYR A 323 12.53 -28.07 26.26
CA TYR A 323 13.52 -28.52 27.22
C TYR A 323 12.83 -28.84 28.55
N GLY A 324 13.41 -29.75 29.31
CA GLY A 324 12.83 -30.14 30.58
C GLY A 324 13.00 -29.15 31.72
N VAL A 325 12.47 -27.94 31.57
CA VAL A 325 12.56 -26.96 32.66
C VAL A 325 11.35 -27.15 33.57
N PRO A 326 11.44 -26.68 34.80
CA PRO A 326 10.33 -26.81 35.74
C PRO A 326 8.98 -26.26 35.23
N GLU A 327 9.03 -25.24 34.38
CA GLU A 327 7.81 -24.64 33.86
C GLU A 327 7.27 -25.25 32.57
N ILE A 328 7.87 -26.34 32.12
CA ILE A 328 7.43 -26.97 30.88
C ILE A 328 5.95 -27.33 30.92
N GLY A 329 5.50 -27.88 32.04
CA GLY A 329 4.10 -28.25 32.16
C GLY A 329 3.20 -27.01 32.17
N LEU A 330 3.58 -26.02 32.97
CA LEU A 330 2.81 -24.80 33.06
C LEU A 330 2.53 -24.21 31.68
N ASN A 331 3.57 -24.11 30.85
CA ASN A 331 3.41 -23.53 29.52
C ASN A 331 2.52 -24.35 28.59
N VAL A 332 2.64 -25.68 28.62
CA VAL A 332 1.80 -26.53 27.80
C VAL A 332 0.35 -26.38 28.27
N ALA A 333 0.16 -26.36 29.59
CA ALA A 333 -1.17 -26.20 30.17
C ALA A 333 -1.78 -24.84 29.80
N ASN A 334 -0.94 -23.80 29.73
CA ASN A 334 -1.43 -22.48 29.37
C ASN A 334 -1.94 -22.43 27.95
N VAL A 335 -1.32 -23.19 27.05
CA VAL A 335 -1.73 -23.23 25.65
C VAL A 335 -3.12 -23.87 25.58
N LEU A 336 -3.32 -24.90 26.39
CA LEU A 336 -4.59 -25.61 26.42
C LEU A 336 -5.70 -24.77 27.05
N LYS A 337 -5.34 -23.92 28.01
CA LYS A 337 -6.35 -23.06 28.61
C LYS A 337 -6.80 -22.09 27.54
N GLY A 338 -5.83 -21.56 26.80
CA GLY A 338 -6.12 -20.61 25.73
C GLY A 338 -7.08 -21.19 24.71
N VAL A 339 -6.86 -22.46 24.37
CA VAL A 339 -7.71 -23.14 23.41
C VAL A 339 -9.10 -23.33 24.03
N ALA A 340 -9.14 -23.65 25.31
CA ALA A 340 -10.40 -23.88 26.01
C ALA A 340 -11.25 -22.61 26.07
N GLY A 341 -10.62 -21.47 26.31
CA GLY A 341 -11.36 -20.22 26.39
C GLY A 341 -12.06 -19.95 27.71
N MET B 1 22.63 31.28 -15.57
CA MET B 1 21.49 32.17 -15.24
C MET B 1 22.02 33.54 -14.83
N ARG B 2 21.15 34.54 -14.84
CA ARG B 2 21.57 35.87 -14.46
C ARG B 2 21.38 36.09 -12.95
N VAL B 3 22.24 36.91 -12.38
CA VAL B 3 22.21 37.22 -10.95
C VAL B 3 21.80 38.67 -10.70
N ILE B 4 20.65 38.88 -10.08
CA ILE B 4 20.18 40.23 -9.76
C ILE B 4 20.62 40.57 -8.33
N PHE B 5 21.38 41.65 -8.19
CA PHE B 5 21.88 42.05 -6.89
C PHE B 5 21.98 43.56 -6.71
N SER B 6 21.60 44.04 -5.54
CA SER B 6 21.66 45.46 -5.26
C SER B 6 22.60 45.79 -4.12
N GLU B 7 23.47 46.77 -4.34
CA GLU B 7 24.42 47.19 -3.32
C GLU B 7 23.72 47.97 -2.20
N ASP B 8 22.47 48.37 -2.42
CA ASP B 8 21.74 49.11 -1.39
C ASP B 8 21.36 48.26 -0.17
N HIS B 9 21.71 46.99 -0.19
CA HIS B 9 21.41 46.11 0.92
C HIS B 9 22.22 46.59 2.13
N LYS B 10 23.38 47.19 1.87
CA LYS B 10 24.23 47.72 2.93
C LYS B 10 23.48 48.77 3.75
N LEU B 11 22.46 49.39 3.16
CA LEU B 11 21.72 50.42 3.88
C LEU B 11 21.15 49.82 5.18
N ARG B 12 21.01 48.50 5.19
CA ARG B 12 20.50 47.77 6.34
C ARG B 12 21.69 47.25 7.12
N ASN B 13 22.07 47.95 8.17
CA ASN B 13 23.22 47.55 8.97
C ASN B 13 22.93 47.73 10.45
N ALA B 14 21.95 46.95 10.93
CA ALA B 14 21.52 46.97 12.32
C ALA B 14 22.68 46.62 13.24
N LYS B 15 22.71 47.26 14.41
CA LYS B 15 23.79 47.01 15.36
C LYS B 15 23.42 46.09 16.49
N THR B 16 22.12 45.95 16.72
CA THR B 16 21.65 45.11 17.79
C THR B 16 20.58 44.11 17.38
N GLU B 17 20.58 42.97 18.07
CA GLU B 17 19.62 41.93 17.85
C GLU B 17 19.43 41.32 19.24
N LEU B 18 18.18 41.09 19.64
CA LEU B 18 17.94 40.51 20.95
C LEU B 18 18.08 38.99 20.76
N TYR B 19 19.06 38.40 21.44
CA TYR B 19 19.34 36.97 21.36
C TYR B 19 19.83 36.43 22.72
N GLY B 20 19.16 35.41 23.21
CA GLY B 20 19.55 34.83 24.48
C GLY B 20 19.50 35.81 25.63
N GLY B 21 18.70 36.86 25.46
CA GLY B 21 18.56 37.86 26.51
C GLY B 21 19.54 39.01 26.43
N GLU B 22 20.31 39.09 25.36
CA GLU B 22 21.26 40.17 25.21
C GLU B 22 21.09 40.83 23.85
N LEU B 23 21.60 42.04 23.71
CA LEU B 23 21.52 42.75 22.45
C LEU B 23 22.89 42.59 21.80
N VAL B 24 23.03 41.60 20.92
CA VAL B 24 24.31 41.36 20.26
C VAL B 24 24.28 41.74 18.79
N PRO B 25 25.45 41.75 18.12
CA PRO B 25 25.51 42.10 16.70
C PRO B 25 24.64 41.15 15.89
N PRO B 26 23.81 41.69 15.00
CA PRO B 26 22.91 40.87 14.17
C PRO B 26 23.59 39.73 13.43
N PHE B 27 22.88 38.60 13.36
CA PHE B 27 23.34 37.41 12.65
C PHE B 27 23.25 37.73 11.16
N GLU B 28 22.19 38.44 10.79
CA GLU B 28 21.96 38.82 9.41
C GLU B 28 22.68 40.14 9.14
N ALA B 29 23.96 40.04 8.79
CA ALA B 29 24.79 41.21 8.52
C ALA B 29 25.24 41.28 7.06
N PRO B 30 25.61 42.48 6.59
CA PRO B 30 26.07 42.74 5.22
C PRO B 30 27.10 41.75 4.68
N PHE B 31 28.03 41.31 5.51
CA PHE B 31 29.06 40.39 5.06
C PHE B 31 28.47 39.17 4.36
N ARG B 32 27.23 38.82 4.70
CA ARG B 32 26.57 37.65 4.08
C ARG B 32 26.42 37.83 2.56
N ALA B 33 25.97 39.00 2.14
CA ALA B 33 25.79 39.28 0.72
C ALA B 33 27.13 39.24 0.01
N GLU B 34 28.14 39.84 0.63
CA GLU B 34 29.48 39.86 0.06
C GLU B 34 30.01 38.46 -0.19
N TRP B 35 29.90 37.60 0.82
CA TRP B 35 30.35 36.22 0.71
C TRP B 35 29.55 35.45 -0.34
N ILE B 36 28.23 35.63 -0.33
CA ILE B 36 27.41 34.93 -1.31
C ILE B 36 27.73 35.43 -2.73
N LEU B 37 27.77 36.74 -2.93
CA LEU B 37 28.05 37.32 -4.24
C LEU B 37 29.40 36.85 -4.80
N ALA B 38 30.42 36.86 -3.96
CA ALA B 38 31.76 36.44 -4.39
C ALA B 38 31.78 34.97 -4.78
N ALA B 39 31.16 34.13 -3.96
CA ALA B 39 31.13 32.70 -4.23
C ALA B 39 30.40 32.34 -5.52
N VAL B 40 29.28 32.99 -5.80
CA VAL B 40 28.55 32.67 -7.02
C VAL B 40 29.34 33.12 -8.25
N LYS B 41 30.15 34.16 -8.11
CA LYS B 41 30.96 34.64 -9.22
C LYS B 41 32.03 33.61 -9.55
N GLU B 42 32.64 33.05 -8.51
CA GLU B 42 33.68 32.05 -8.71
C GLU B 42 33.12 30.78 -9.34
N ALA B 43 31.81 30.59 -9.26
CA ALA B 43 31.18 29.40 -9.83
C ALA B 43 30.76 29.62 -11.28
N GLY B 44 31.16 30.75 -11.84
CA GLY B 44 30.82 31.06 -13.23
C GLY B 44 29.62 31.97 -13.40
N PHE B 45 28.87 32.17 -12.32
CA PHE B 45 27.70 33.04 -12.37
C PHE B 45 28.17 34.47 -12.13
N ASP B 46 28.77 35.06 -13.15
CA ASP B 46 29.31 36.41 -13.08
C ASP B 46 28.44 37.48 -13.72
N ASP B 47 27.35 37.08 -14.37
CA ASP B 47 26.50 38.09 -14.98
C ASP B 47 25.63 38.73 -13.89
N VAL B 48 26.19 39.73 -13.22
CA VAL B 48 25.51 40.42 -12.14
C VAL B 48 25.02 41.80 -12.54
N VAL B 49 23.73 42.05 -12.38
CA VAL B 49 23.19 43.35 -12.73
C VAL B 49 22.38 43.92 -11.57
N ALA B 50 22.36 45.24 -11.47
CA ALA B 50 21.61 45.92 -10.43
C ALA B 50 20.15 45.95 -10.84
N PRO B 51 19.23 45.96 -9.86
CA PRO B 51 17.80 45.99 -10.16
C PRO B 51 17.35 47.38 -10.58
N ALA B 52 16.35 47.42 -11.46
CA ALA B 52 15.81 48.68 -11.93
C ALA B 52 14.92 49.22 -10.81
N ARG B 53 14.41 50.43 -10.96
CA ARG B 53 13.54 51.01 -9.95
C ARG B 53 12.11 50.52 -10.16
N HIS B 54 11.36 50.39 -9.07
CA HIS B 54 9.97 49.93 -9.15
C HIS B 54 9.05 50.66 -8.16
N GLY B 55 7.75 50.60 -8.41
CA GLY B 55 6.76 51.25 -7.55
C GLY B 55 6.30 50.32 -6.44
N LEU B 56 5.21 50.67 -5.76
CA LEU B 56 4.67 49.85 -4.67
C LEU B 56 3.48 49.01 -5.11
N GLU B 57 3.17 49.03 -6.40
CA GLU B 57 2.03 48.29 -6.95
C GLU B 57 2.06 46.79 -6.72
N THR B 58 3.14 46.13 -7.12
CA THR B 58 3.26 44.69 -6.93
C THR B 58 3.20 44.33 -5.45
N VAL B 59 3.96 45.03 -4.63
CA VAL B 59 4.00 44.74 -3.20
C VAL B 59 2.66 45.02 -2.51
N LEU B 60 1.89 45.95 -3.04
CA LEU B 60 0.59 46.28 -2.45
C LEU B 60 -0.46 45.19 -2.66
N LYS B 61 -0.10 44.14 -3.38
CA LYS B 61 -1.01 43.03 -3.63
C LYS B 61 -0.70 41.88 -2.68
N VAL B 62 0.39 41.98 -1.94
CA VAL B 62 0.78 40.95 -0.98
C VAL B 62 0.87 41.46 0.45
N HIS B 63 1.21 42.74 0.65
CA HIS B 63 1.31 43.31 1.98
C HIS B 63 0.23 44.35 2.23
N ASP B 64 -0.14 44.52 3.50
CA ASP B 64 -1.14 45.49 3.93
C ASP B 64 -0.56 46.91 3.72
N ALA B 65 -1.39 47.86 3.30
CA ALA B 65 -0.90 49.23 3.08
C ALA B 65 -0.45 49.91 4.38
N GLY B 66 -1.23 49.72 5.44
CA GLY B 66 -0.90 50.30 6.72
C GLY B 66 0.45 49.84 7.23
N TYR B 67 0.75 48.56 7.00
CA TYR B 67 1.99 47.95 7.39
C TYR B 67 3.14 48.59 6.61
N LEU B 68 2.94 48.74 5.29
CA LEU B 68 3.96 49.34 4.45
C LEU B 68 4.18 50.78 4.85
N ASN B 69 3.09 51.49 5.13
CA ASN B 69 3.22 52.88 5.53
C ASN B 69 4.00 52.96 6.84
N PHE B 70 3.71 52.03 7.76
CA PHE B 70 4.39 51.99 9.05
C PHE B 70 5.90 51.75 8.88
N LEU B 71 6.25 50.83 7.99
CA LEU B 71 7.64 50.54 7.76
C LEU B 71 8.41 51.75 7.26
N GLU B 72 7.83 52.48 6.33
CA GLU B 72 8.49 53.64 5.76
C GLU B 72 8.81 54.74 6.76
N THR B 73 8.00 54.87 7.81
CA THR B 73 8.23 55.94 8.79
C THR B 73 8.56 55.48 10.20
N ALA B 74 8.63 54.17 10.40
CA ALA B 74 8.94 53.61 11.71
C ALA B 74 10.13 54.28 12.37
N TRP B 75 11.28 54.23 11.70
CA TRP B 75 12.49 54.82 12.25
C TRP B 75 12.35 56.30 12.63
N ASP B 76 11.82 57.12 11.73
CA ASP B 76 11.67 58.53 12.04
C ASP B 76 10.82 58.79 13.27
N ARG B 77 9.70 58.11 13.39
CA ARG B 77 8.83 58.30 14.54
C ARG B 77 9.51 57.79 15.79
N TRP B 78 10.27 56.71 15.65
CA TRP B 78 10.97 56.15 16.79
C TRP B 78 12.03 57.09 17.34
N LYS B 79 12.82 57.70 16.45
CA LYS B 79 13.87 58.61 16.87
C LYS B 79 13.24 59.88 17.46
N ALA B 80 12.22 60.40 16.80
CA ALA B 80 11.53 61.59 17.27
C ALA B 80 10.86 61.35 18.62
N ALA B 81 10.50 60.10 18.89
CA ALA B 81 9.85 59.76 20.16
C ALA B 81 10.80 59.97 21.33
N GLY B 82 12.10 59.96 21.05
CA GLY B 82 13.06 60.16 22.10
C GLY B 82 13.83 58.93 22.54
N TYR B 83 13.57 57.79 21.90
CA TYR B 83 14.28 56.57 22.28
C TYR B 83 15.71 56.58 21.77
N LYS B 84 16.61 56.06 22.59
CA LYS B 84 18.03 56.02 22.29
C LYS B 84 18.50 54.79 21.53
N GLY B 85 17.77 53.69 21.63
CA GLY B 85 18.16 52.48 20.92
C GLY B 85 17.48 52.35 19.57
N GLU B 86 17.62 51.17 18.96
CA GLU B 86 17.00 50.89 17.67
C GLU B 86 15.55 50.51 17.94
N ALA B 87 14.68 50.74 16.96
CA ALA B 87 13.26 50.43 17.09
C ALA B 87 13.03 48.94 17.30
N ILE B 88 12.61 48.57 18.50
CA ILE B 88 12.34 47.17 18.86
C ILE B 88 11.02 47.05 19.60
N ALA B 89 10.14 46.20 19.09
CA ALA B 89 8.82 45.98 19.70
C ALA B 89 8.89 45.27 21.06
N THR B 90 8.05 45.70 21.99
CA THR B 90 8.02 45.12 23.33
C THR B 90 6.66 44.59 23.75
N SER B 91 5.60 45.16 23.19
CA SER B 91 4.25 44.73 23.53
C SER B 91 3.61 44.11 22.30
N PHE B 92 3.00 42.94 22.45
CA PHE B 92 2.39 42.28 21.28
C PHE B 92 0.92 41.86 21.42
N PRO B 93 0.13 42.04 20.36
CA PRO B 93 -1.29 41.66 20.40
C PRO B 93 -1.43 40.14 20.27
N VAL B 94 -1.27 39.42 21.38
CA VAL B 94 -1.37 37.98 21.37
C VAL B 94 -2.81 37.50 21.59
N ARG B 95 -2.97 36.31 22.17
CA ARG B 95 -4.30 35.75 22.39
C ARG B 95 -5.33 36.66 23.05
N ARG B 96 -6.55 36.58 22.54
CA ARG B 96 -7.70 37.32 23.06
C ARG B 96 -7.48 38.83 23.21
N THR B 97 -7.01 39.46 22.15
CA THR B 97 -6.78 40.90 22.18
C THR B 97 -7.66 41.64 21.18
N SER B 98 -7.76 42.95 21.35
CA SER B 98 -8.56 43.77 20.46
C SER B 98 -7.94 43.80 19.07
N PRO B 99 -8.77 43.95 18.04
CA PRO B 99 -8.24 43.99 16.68
C PRO B 99 -7.90 45.41 16.24
N ARG B 100 -8.17 46.38 17.10
CA ARG B 100 -7.88 47.77 16.78
C ARG B 100 -6.40 48.08 16.69
N ILE B 101 -6.06 48.97 15.76
CA ILE B 101 -4.68 49.38 15.55
C ILE B 101 -4.40 50.64 16.36
N PRO B 102 -3.31 50.62 17.15
CA PRO B 102 -2.93 51.78 17.98
C PRO B 102 -2.56 52.94 17.07
N THR B 103 -2.30 54.11 17.64
CA THR B 103 -1.94 55.26 16.84
C THR B 103 -0.49 55.72 17.06
N ASP B 104 0.04 55.51 18.27
CA ASP B 104 1.41 55.93 18.63
C ASP B 104 2.45 54.94 18.09
N ILE B 105 3.71 55.39 18.01
CA ILE B 105 4.76 54.51 17.48
C ILE B 105 4.97 53.26 18.31
N GLU B 106 5.00 53.42 19.64
CA GLU B 106 5.20 52.31 20.54
C GLU B 106 4.13 51.21 20.34
N GLY B 107 2.88 51.63 20.16
CA GLY B 107 1.82 50.67 19.95
C GLY B 107 1.87 50.02 18.58
N GLN B 108 2.12 50.80 17.53
CA GLN B 108 2.16 50.27 16.19
C GLN B 108 3.31 49.31 15.92
N ILE B 109 4.47 49.51 16.53
CA ILE B 109 5.57 48.62 16.26
C ILE B 109 5.28 47.19 16.72
N GLY B 110 4.55 47.07 17.83
CA GLY B 110 4.18 45.76 18.33
C GLY B 110 3.10 45.18 17.42
N TYR B 111 2.16 46.04 17.02
CA TYR B 111 1.06 45.61 16.15
C TYR B 111 1.56 44.99 14.85
N TYR B 112 2.64 45.55 14.31
CA TYR B 112 3.20 45.08 13.05
C TYR B 112 4.42 44.18 13.17
N CYS B 113 4.61 43.58 14.34
CA CYS B 113 5.75 42.71 14.57
C CYS B 113 5.39 41.35 15.16
N ASN B 114 6.01 40.29 14.65
CA ASN B 114 5.76 38.93 15.14
C ASN B 114 6.95 38.34 15.87
N ALA B 115 8.01 39.13 16.00
CA ALA B 115 9.24 38.68 16.67
C ALA B 115 10.12 39.89 17.05
N ALA B 116 10.44 40.02 18.34
CA ALA B 116 11.23 41.13 18.84
C ALA B 116 12.75 41.02 18.69
N GLU B 117 13.23 39.99 18.00
CA GLU B 117 14.65 39.87 17.83
C GLU B 117 15.09 40.66 16.61
N THR B 118 14.14 41.25 15.91
CA THR B 118 14.44 42.05 14.73
C THR B 118 14.25 43.53 15.03
N ALA B 119 15.31 44.32 14.89
CA ALA B 119 15.24 45.75 15.16
C ALA B 119 15.23 46.58 13.88
N ILE B 120 14.47 47.68 13.90
CA ILE B 120 14.39 48.58 12.75
C ILE B 120 15.42 49.69 12.96
N SER B 121 16.28 49.89 11.98
CA SER B 121 17.33 50.89 12.07
C SER B 121 17.31 51.83 10.86
N PRO B 122 18.14 52.88 10.87
CA PRO B 122 18.18 53.80 9.73
C PRO B 122 18.50 53.03 8.44
N GLY B 123 17.85 53.40 7.35
CA GLY B 123 18.10 52.73 6.09
C GLY B 123 17.46 51.37 5.90
N THR B 124 16.73 50.88 6.90
CA THR B 124 16.08 49.60 6.79
C THR B 124 15.01 49.60 5.71
N TRP B 125 14.21 50.66 5.67
CA TRP B 125 13.16 50.78 4.66
C TRP B 125 13.76 50.81 3.26
N GLU B 126 14.72 51.73 3.05
CA GLU B 126 15.38 51.87 1.76
C GLU B 126 16.00 50.55 1.33
N ALA B 127 16.63 49.85 2.27
CA ALA B 127 17.28 48.58 1.95
C ALA B 127 16.27 47.49 1.59
N ALA B 128 15.13 47.48 2.28
CA ALA B 128 14.09 46.49 2.02
C ALA B 128 13.54 46.71 0.61
N LEU B 129 13.29 47.97 0.25
CA LEU B 129 12.77 48.25 -1.08
C LEU B 129 13.72 47.76 -2.17
N SER B 130 15.03 47.94 -1.99
CA SER B 130 15.98 47.50 -3.00
C SER B 130 16.03 45.98 -3.11
N SER B 131 15.91 45.29 -1.98
CA SER B 131 15.92 43.84 -1.97
C SER B 131 14.70 43.39 -2.77
N MET B 132 13.55 44.01 -2.48
CA MET B 132 12.31 43.70 -3.18
C MET B 132 12.48 43.93 -4.68
N ALA B 133 13.13 45.02 -5.04
CA ALA B 133 13.35 45.32 -6.44
C ALA B 133 14.17 44.19 -7.10
N SER B 134 15.17 43.68 -6.38
CA SER B 134 15.97 42.58 -6.93
C SER B 134 15.09 41.38 -7.24
N ALA B 135 14.10 41.12 -6.38
CA ALA B 135 13.21 39.98 -6.57
C ALA B 135 12.28 40.24 -7.74
N ILE B 136 11.78 41.46 -7.85
CA ILE B 136 10.88 41.81 -8.93
C ILE B 136 11.59 41.66 -10.27
N ASP B 137 12.84 42.12 -10.36
CA ASP B 137 13.60 42.01 -11.59
C ASP B 137 13.87 40.55 -11.91
N GLY B 138 14.14 39.75 -10.89
CA GLY B 138 14.38 38.34 -11.10
C GLY B 138 13.15 37.71 -11.72
N ALA B 139 11.99 38.03 -11.16
CA ALA B 139 10.76 37.48 -11.70
C ALA B 139 10.58 37.90 -13.16
N ASP B 140 10.90 39.14 -13.51
CA ASP B 140 10.75 39.61 -14.88
C ASP B 140 11.54 38.73 -15.87
N LEU B 141 12.75 38.33 -15.49
CA LEU B 141 13.56 37.48 -16.35
C LEU B 141 12.83 36.19 -16.67
N ILE B 142 12.21 35.59 -15.66
CA ILE B 142 11.48 34.34 -15.84
C ILE B 142 10.27 34.54 -16.76
N ALA B 143 9.54 35.62 -16.55
CA ALA B 143 8.38 35.89 -17.37
C ALA B 143 8.81 36.22 -18.80
N ALA B 144 10.12 36.35 -19.00
CA ALA B 144 10.68 36.67 -20.31
C ALA B 144 11.27 35.44 -21.00
N GLY B 145 11.04 34.26 -20.42
CA GLY B 145 11.52 33.04 -21.03
C GLY B 145 12.78 32.45 -20.42
N HIS B 146 13.36 33.12 -19.43
CA HIS B 146 14.57 32.60 -18.78
C HIS B 146 14.26 31.35 -17.95
N LYS B 147 15.04 30.29 -18.15
CA LYS B 147 14.82 29.05 -17.42
C LYS B 147 15.17 29.17 -15.94
N ALA B 148 16.06 30.11 -15.62
CA ALA B 148 16.47 30.29 -14.23
C ALA B 148 17.10 31.65 -14.00
N ALA B 149 16.98 32.15 -12.77
CA ALA B 149 17.55 33.44 -12.37
C ALA B 149 17.76 33.44 -10.86
N PHE B 150 18.72 34.23 -10.40
CA PHE B 150 19.02 34.31 -8.98
C PHE B 150 18.93 35.73 -8.45
N SER B 151 17.99 35.94 -7.53
CA SER B 151 17.80 37.23 -6.89
C SER B 151 18.49 37.17 -5.54
N LEU B 152 19.65 37.80 -5.43
CA LEU B 152 20.40 37.80 -4.20
C LEU B 152 19.81 38.88 -3.29
N CYS B 153 18.72 38.53 -2.62
CA CYS B 153 18.02 39.46 -1.73
C CYS B 153 18.64 39.61 -0.33
N ARG B 154 18.53 40.80 0.21
CA ARG B 154 18.99 41.13 1.55
C ARG B 154 18.49 42.52 1.87
N PRO B 155 17.75 42.67 2.97
CA PRO B 155 17.37 41.62 3.93
C PRO B 155 16.45 40.55 3.32
N PRO B 156 16.31 39.41 4.01
CA PRO B 156 15.44 38.33 3.52
C PRO B 156 14.00 38.72 3.76
N GLY B 157 13.06 37.89 3.31
CA GLY B 157 11.67 38.24 3.52
C GLY B 157 10.62 37.18 3.84
N HIS B 158 10.98 35.91 3.83
CA HIS B 158 9.96 34.89 4.08
C HIS B 158 9.30 34.91 5.47
N HIS B 159 9.83 35.68 6.41
CA HIS B 159 9.21 35.74 7.73
C HIS B 159 8.26 36.91 7.81
N ALA B 160 8.28 37.77 6.81
CA ALA B 160 7.38 38.93 6.83
C ALA B 160 6.00 38.50 6.32
N GLY B 161 5.00 38.62 7.19
CA GLY B 161 3.66 38.24 6.83
C GLY B 161 2.92 39.36 6.14
N ILE B 162 1.59 39.22 6.02
CA ILE B 162 0.80 40.23 5.37
C ILE B 162 1.02 41.59 6.00
N ASP B 163 0.94 41.66 7.33
CA ASP B 163 1.14 42.93 8.01
C ASP B 163 1.99 42.83 9.26
N MET B 164 3.15 42.20 9.15
CA MET B 164 4.06 42.06 10.28
C MET B 164 5.47 41.69 9.82
N PHE B 165 6.47 42.30 10.46
CA PHE B 165 7.86 42.03 10.15
C PHE B 165 8.46 41.16 11.26
N GLY B 166 9.55 40.48 10.96
CA GLY B 166 10.16 39.61 11.95
C GLY B 166 11.17 38.69 11.30
N GLY B 167 11.95 37.99 12.13
CA GLY B 167 12.94 37.08 11.59
C GLY B 167 13.89 37.73 10.60
N TYR B 168 14.19 39.01 10.84
CA TYR B 168 15.09 39.78 9.99
C TYR B 168 14.44 40.16 8.65
N CYS B 169 13.13 39.98 8.54
CA CYS B 169 12.38 40.26 7.31
C CYS B 169 11.36 41.42 7.46
N PHE B 170 11.22 42.23 6.41
CA PHE B 170 10.30 43.36 6.41
C PHE B 170 9.39 43.34 5.20
N ILE B 171 9.94 42.95 4.04
CA ILE B 171 9.13 42.85 2.83
C ILE B 171 9.37 41.46 2.28
N ASN B 172 8.29 40.71 2.06
CA ASN B 172 8.42 39.35 1.58
C ASN B 172 8.75 39.23 0.08
N ASN B 173 10.05 39.29 -0.21
CA ASN B 173 10.54 39.21 -1.58
C ASN B 173 9.99 38.04 -2.37
N ALA B 174 10.01 36.84 -1.80
CA ALA B 174 9.49 35.67 -2.50
C ALA B 174 8.02 35.85 -2.88
N ALA B 175 7.24 36.45 -1.97
CA ALA B 175 5.82 36.67 -2.24
C ALA B 175 5.64 37.68 -3.36
N VAL B 176 6.46 38.74 -3.34
CA VAL B 176 6.38 39.77 -4.37
C VAL B 176 6.79 39.20 -5.73
N ALA B 177 7.82 38.35 -5.74
CA ALA B 177 8.27 37.74 -6.99
C ALA B 177 7.15 36.89 -7.58
N ALA B 178 6.52 36.08 -6.74
CA ALA B 178 5.44 35.23 -7.20
C ALA B 178 4.29 36.09 -7.73
N GLN B 179 3.99 37.18 -7.04
CA GLN B 179 2.92 38.07 -7.45
C GLN B 179 3.25 38.70 -8.80
N ARG B 180 4.51 39.05 -8.98
CA ARG B 180 4.96 39.65 -10.22
C ARG B 180 4.65 38.71 -11.37
N LEU B 181 5.08 37.46 -11.24
CA LEU B 181 4.85 36.45 -12.27
C LEU B 181 3.37 36.38 -12.64
N LEU B 182 2.51 36.38 -11.62
CA LEU B 182 1.08 36.32 -11.89
C LEU B 182 0.64 37.56 -12.68
N ASP B 183 1.13 38.74 -12.30
CA ASP B 183 0.75 39.96 -13.02
C ASP B 183 1.31 39.91 -14.45
N LYS B 184 2.37 39.13 -14.66
CA LYS B 184 2.97 39.02 -15.99
C LYS B 184 2.29 37.97 -16.86
N GLY B 185 1.17 37.44 -16.40
CA GLY B 185 0.45 36.46 -17.20
C GLY B 185 0.29 35.06 -16.66
N ALA B 186 1.01 34.71 -15.59
CA ALA B 186 0.87 33.36 -15.04
C ALA B 186 -0.45 33.16 -14.32
N LYS B 187 -0.95 31.93 -14.34
CA LYS B 187 -2.21 31.60 -13.69
C LYS B 187 -1.93 30.92 -12.36
N LYS B 188 -0.90 30.07 -12.33
CA LYS B 188 -0.52 29.34 -11.13
C LYS B 188 0.99 29.34 -10.90
N ILE B 189 1.38 29.68 -9.66
CA ILE B 189 2.78 29.74 -9.28
C ILE B 189 3.02 29.00 -7.97
N ALA B 190 4.23 28.47 -7.81
CA ALA B 190 4.57 27.77 -6.58
C ALA B 190 5.78 28.43 -5.94
N ILE B 191 5.83 28.33 -4.62
CA ILE B 191 6.92 28.87 -3.83
C ILE B 191 7.40 27.71 -2.96
N LEU B 192 8.65 27.31 -3.16
CA LEU B 192 9.25 26.21 -2.41
C LEU B 192 10.28 26.83 -1.46
N ASP B 193 10.04 26.72 -0.16
CA ASP B 193 10.90 27.30 0.87
C ASP B 193 11.85 26.23 1.43
N VAL B 194 13.11 26.26 1.01
CA VAL B 194 14.09 25.27 1.44
C VAL B 194 14.91 25.71 2.66
N ASP B 195 14.79 27.00 2.99
CA ASP B 195 15.47 27.58 4.13
C ASP B 195 15.08 26.77 5.37
N PHE B 196 16.00 26.63 6.32
CA PHE B 196 15.76 25.87 7.55
C PHE B 196 14.49 26.25 8.32
N HIS B 197 14.26 27.54 8.49
CA HIS B 197 13.07 27.99 9.21
C HIS B 197 11.84 28.04 8.31
N HIS B 198 10.69 27.80 8.93
CA HIS B 198 9.42 27.81 8.22
C HIS B 198 9.16 29.20 7.65
N GLY B 199 8.63 29.26 6.44
CA GLY B 199 8.34 30.56 5.86
C GLY B 199 7.00 31.05 6.36
N ASN B 200 6.86 31.19 7.67
CA ASN B 200 5.58 31.63 8.22
C ASN B 200 5.01 32.90 7.58
N GLY B 201 5.87 33.82 7.16
CA GLY B 201 5.38 35.03 6.52
C GLY B 201 4.71 34.77 5.18
N THR B 202 5.37 33.94 4.37
CA THR B 202 4.88 33.58 3.06
C THR B 202 3.59 32.78 3.15
N GLN B 203 3.51 31.84 4.09
CA GLN B 203 2.29 31.05 4.23
C GLN B 203 1.13 31.99 4.51
N ASP B 204 1.34 32.89 5.46
CA ASP B 204 0.33 33.87 5.84
C ASP B 204 -0.18 34.65 4.61
N ILE B 205 0.74 35.08 3.74
CA ILE B 205 0.33 35.84 2.59
C ILE B 205 -0.54 35.10 1.56
N PHE B 206 -0.27 33.81 1.35
CA PHE B 206 -1.02 33.03 0.37
C PHE B 206 -1.96 31.96 0.95
N TYR B 207 -2.04 31.88 2.29
CA TYR B 207 -2.89 30.89 2.96
C TYR B 207 -4.32 30.81 2.45
N GLU B 208 -4.91 31.95 2.10
CA GLU B 208 -6.28 31.95 1.61
C GLU B 208 -6.36 32.18 0.11
N ARG B 209 -5.23 31.97 -0.57
CA ARG B 209 -5.17 32.11 -2.01
C ARG B 209 -4.84 30.78 -2.67
N GLY B 210 -5.64 30.41 -3.65
CA GLY B 210 -5.43 29.15 -4.35
C GLY B 210 -4.68 29.27 -5.66
N ASP B 211 -4.16 30.47 -5.94
CA ASP B 211 -3.42 30.70 -7.17
C ASP B 211 -1.91 30.60 -6.98
N VAL B 212 -1.51 30.35 -5.74
CA VAL B 212 -0.09 30.20 -5.39
C VAL B 212 0.02 29.05 -4.38
N PHE B 213 0.79 28.03 -4.74
CA PHE B 213 0.98 26.88 -3.87
C PHE B 213 2.25 27.10 -3.05
N PHE B 214 2.14 26.95 -1.74
CA PHE B 214 3.28 27.16 -0.85
C PHE B 214 3.73 25.87 -0.15
N ALA B 215 5.00 25.54 -0.33
CA ALA B 215 5.59 24.36 0.26
C ALA B 215 6.80 24.78 1.05
N SER B 216 6.93 24.25 2.26
CA SER B 216 8.08 24.59 3.09
C SER B 216 8.65 23.36 3.80
N LEU B 217 9.98 23.27 3.83
CA LEU B 217 10.68 22.20 4.52
C LEU B 217 11.41 22.94 5.63
N HIS B 218 11.30 22.46 6.86
CA HIS B 218 11.92 23.18 7.97
C HIS B 218 11.94 22.41 9.28
N GLY B 219 12.72 22.92 10.23
CA GLY B 219 12.80 22.29 11.54
C GLY B 219 11.42 22.38 12.17
N ASP B 220 11.04 21.35 12.93
CA ASP B 220 9.75 21.30 13.58
C ASP B 220 9.56 22.54 14.45
N PRO B 221 8.51 23.32 14.18
CA PRO B 221 8.23 24.52 14.96
C PRO B 221 8.06 24.28 16.46
N ALA B 222 7.81 23.03 16.84
CA ALA B 222 7.65 22.72 18.25
C ALA B 222 8.96 23.05 18.97
N GLU B 223 10.03 23.13 18.21
CA GLU B 223 11.33 23.44 18.81
C GLU B 223 12.23 24.26 17.89
N ALA B 224 11.63 25.12 17.09
CA ALA B 224 12.38 25.96 16.19
C ALA B 224 11.59 27.19 15.76
N PHE B 225 12.30 28.30 15.61
CA PHE B 225 11.72 29.57 15.18
C PHE B 225 11.04 29.22 13.84
N PRO B 226 9.90 29.86 13.51
CA PRO B 226 9.18 30.90 14.27
C PRO B 226 8.26 30.36 15.37
N HIS B 227 8.36 29.06 15.66
CA HIS B 227 7.57 28.45 16.75
C HIS B 227 6.05 28.38 16.68
N PHE B 228 5.40 29.33 16.01
CA PHE B 228 3.95 29.32 16.00
C PHE B 228 3.27 29.15 14.66
N LEU B 229 3.89 28.36 13.80
CA LEU B 229 3.34 28.10 12.50
C LEU B 229 4.30 27.15 11.80
N GLY B 230 3.81 26.34 10.88
CA GLY B 230 4.70 25.42 10.18
C GLY B 230 4.34 23.96 10.41
N TYR B 231 3.28 23.71 11.17
CA TYR B 231 2.83 22.36 11.46
C TYR B 231 2.22 21.73 10.21
N ALA B 232 2.38 20.43 10.08
CA ALA B 232 1.86 19.72 8.91
C ALA B 232 0.33 19.81 8.76
N GLU B 233 -0.37 20.00 9.88
CA GLU B 233 -1.81 20.11 9.86
C GLU B 233 -2.30 21.32 9.06
N GLU B 234 -1.42 22.31 8.89
CA GLU B 234 -1.73 23.54 8.15
C GLU B 234 -1.67 23.33 6.63
N THR B 235 -2.82 23.06 6.01
CA THR B 235 -2.86 22.81 4.58
C THR B 235 -3.61 23.84 3.75
N GLY B 236 -4.01 24.93 4.37
CA GLY B 236 -4.71 25.97 3.64
C GLY B 236 -6.02 26.32 4.28
N LYS B 237 -6.65 27.38 3.76
CA LYS B 237 -7.91 27.86 4.30
C LYS B 237 -8.74 28.61 3.27
N GLY B 238 -10.07 28.45 3.37
CA GLY B 238 -10.97 29.10 2.45
C GLY B 238 -10.56 28.87 1.01
N ALA B 239 -10.44 29.94 0.24
CA ALA B 239 -10.04 29.83 -1.16
C ALA B 239 -8.67 29.19 -1.30
N GLY B 240 -7.91 29.12 -0.21
CA GLY B 240 -6.57 28.52 -0.26
C GLY B 240 -6.49 27.09 0.23
N ALA B 241 -7.64 26.46 0.46
CA ALA B 241 -7.69 25.09 0.93
C ALA B 241 -6.85 24.16 0.06
N GLY B 242 -5.96 23.40 0.68
CA GLY B 242 -5.14 22.46 -0.08
C GLY B 242 -3.93 23.00 -0.83
N THR B 243 -3.69 24.30 -0.80
CA THR B 243 -2.54 24.86 -1.51
C THR B 243 -1.40 25.31 -0.59
N THR B 244 -1.24 24.59 0.52
CA THR B 244 -0.15 24.83 1.48
C THR B 244 0.30 23.46 2.00
N ALA B 245 1.61 23.21 1.94
CA ALA B 245 2.16 21.94 2.40
C ALA B 245 3.42 22.16 3.23
N ASN B 246 3.33 21.82 4.51
CA ASN B 246 4.48 21.96 5.41
C ASN B 246 5.12 20.59 5.65
N TYR B 247 6.45 20.58 5.74
CA TYR B 247 7.19 19.37 5.98
C TYR B 247 8.16 19.62 7.13
N PRO B 248 7.64 19.64 8.37
CA PRO B 248 8.49 19.87 9.53
C PRO B 248 9.31 18.62 9.82
N MET B 249 10.59 18.81 10.13
CA MET B 249 11.48 17.70 10.44
C MET B 249 12.26 17.95 11.74
N GLY B 250 12.63 16.87 12.41
CA GLY B 250 13.33 16.94 13.69
C GLY B 250 14.81 17.27 13.67
N ARG B 251 15.43 17.18 14.84
CA ARG B 251 16.85 17.49 14.97
C ARG B 251 17.78 16.45 14.31
N GLY B 252 18.87 16.96 13.76
CA GLY B 252 19.85 16.11 13.11
C GLY B 252 19.37 15.41 11.85
N THR B 253 18.46 16.04 11.11
CA THR B 253 17.95 15.42 9.89
C THR B 253 18.97 15.39 8.74
N PRO B 254 19.29 14.19 8.26
CA PRO B 254 20.25 14.01 7.16
C PRO B 254 19.53 14.24 5.83
N TYR B 255 20.28 14.34 4.74
CA TYR B 255 19.65 14.56 3.44
C TYR B 255 18.75 13.40 3.01
N SER B 256 19.09 12.20 3.45
CA SER B 256 18.29 11.04 3.07
C SER B 256 16.85 11.28 3.48
N VAL B 257 16.65 11.94 4.62
CA VAL B 257 15.29 12.22 5.08
C VAL B 257 14.76 13.53 4.48
N TRP B 258 15.59 14.57 4.48
CA TRP B 258 15.21 15.87 3.96
C TRP B 258 14.77 15.79 2.48
N GLY B 259 15.55 15.05 1.69
CA GLY B 259 15.26 14.89 0.29
C GLY B 259 13.91 14.28 -0.03
N GLU B 260 13.43 13.39 0.85
CA GLU B 260 12.14 12.76 0.61
C GLU B 260 11.00 13.78 0.74
N ALA B 261 11.16 14.73 1.65
CA ALA B 261 10.14 15.76 1.81
C ALA B 261 10.18 16.58 0.51
N LEU B 262 11.38 16.92 0.07
CA LEU B 262 11.55 17.69 -1.15
C LEU B 262 10.81 16.96 -2.27
N THR B 263 11.06 15.66 -2.40
CA THR B 263 10.39 14.89 -3.44
C THR B 263 8.87 14.96 -3.30
N ASP B 264 8.36 14.83 -2.07
CA ASP B 264 6.92 14.89 -1.92
C ASP B 264 6.38 16.28 -2.25
N SER B 265 7.09 17.32 -1.79
CA SER B 265 6.63 18.69 -2.08
C SER B 265 6.62 18.97 -3.60
N LEU B 266 7.61 18.45 -4.32
CA LEU B 266 7.67 18.66 -5.76
C LEU B 266 6.55 17.91 -6.46
N LYS B 267 6.09 16.83 -5.85
CA LYS B 267 5.00 16.05 -6.40
C LYS B 267 3.71 16.83 -6.20
N ARG B 268 3.59 17.48 -5.06
CA ARG B 268 2.40 18.28 -4.74
C ARG B 268 2.38 19.49 -5.68
N ILE B 269 3.55 20.08 -5.89
CA ILE B 269 3.69 21.24 -6.75
C ILE B 269 3.30 20.90 -8.19
N ALA B 270 3.83 19.80 -8.71
CA ALA B 270 3.51 19.41 -10.09
C ALA B 270 2.01 19.17 -10.26
N ALA B 271 1.38 18.50 -9.29
CA ALA B 271 -0.05 18.22 -9.35
C ALA B 271 -0.85 19.51 -9.26
N PHE B 272 -0.30 20.52 -8.60
CA PHE B 272 -0.99 21.81 -8.48
C PHE B 272 -0.98 22.42 -9.88
N GLY B 273 0.11 22.17 -10.60
CA GLY B 273 0.23 22.69 -11.95
C GLY B 273 0.92 24.03 -12.04
N ALA B 274 1.92 24.26 -11.19
CA ALA B 274 2.63 25.55 -11.21
C ALA B 274 3.38 25.79 -12.51
N GLU B 275 3.22 26.99 -13.06
CA GLU B 275 3.88 27.37 -14.29
C GLU B 275 5.33 27.71 -14.02
N ALA B 276 5.65 28.02 -12.80
CA ALA B 276 7.02 28.36 -12.44
C ALA B 276 7.13 28.21 -10.94
N ILE B 277 8.36 28.09 -10.46
CA ILE B 277 8.58 27.93 -9.03
C ILE B 277 9.53 28.99 -8.48
N VAL B 278 9.09 29.67 -7.43
CA VAL B 278 9.93 30.68 -6.78
C VAL B 278 10.57 29.97 -5.59
N VAL B 279 11.87 29.72 -5.67
CA VAL B 279 12.55 29.02 -4.60
C VAL B 279 13.13 29.95 -3.54
N SER B 280 12.60 29.87 -2.32
CA SER B 280 13.13 30.66 -1.20
C SER B 280 14.34 29.87 -0.73
N LEU B 281 15.53 30.35 -1.05
CA LEU B 281 16.74 29.63 -0.69
C LEU B 281 17.43 30.10 0.57
N GLY B 282 17.46 29.20 1.55
CA GLY B 282 18.14 29.47 2.79
C GLY B 282 19.10 28.30 2.90
N VAL B 283 20.38 28.59 3.11
CA VAL B 283 21.36 27.51 3.23
C VAL B 283 21.69 27.24 4.70
N ASP B 284 20.83 27.69 5.61
CA ASP B 284 21.09 27.45 7.02
C ASP B 284 20.68 26.05 7.41
N THR B 285 20.55 25.17 6.43
CA THR B 285 20.22 23.78 6.72
C THR B 285 21.57 23.09 6.86
N PHE B 286 22.63 23.81 6.46
CA PHE B 286 23.99 23.30 6.54
C PHE B 286 24.26 22.78 7.96
N GLU B 287 24.90 21.62 8.07
CA GLU B 287 25.21 21.04 9.36
C GLU B 287 26.05 21.93 10.28
N GLN B 288 26.72 22.93 9.71
CA GLN B 288 27.54 23.80 10.52
C GLN B 288 26.94 25.16 10.81
N ASP B 289 25.62 25.28 10.66
CA ASP B 289 24.96 26.55 10.91
C ASP B 289 24.73 26.71 12.41
N PRO B 290 25.03 27.91 12.94
CA PRO B 290 24.89 28.27 14.36
C PRO B 290 23.49 28.50 14.93
N ILE B 291 22.44 28.27 14.16
CA ILE B 291 21.08 28.48 14.68
C ILE B 291 20.09 27.45 14.21
N SER B 292 20.61 26.40 13.57
CA SER B 292 19.77 25.36 13.02
C SER B 292 20.26 23.97 13.40
N PHE B 293 19.41 22.96 13.22
CA PHE B 293 19.80 21.62 13.58
C PHE B 293 19.71 20.54 12.51
N PHE B 294 19.72 20.92 11.24
CA PHE B 294 19.69 19.92 10.17
C PHE B 294 21.15 19.54 9.88
N LYS B 295 21.35 18.41 9.23
CA LYS B 295 22.71 17.96 8.94
C LYS B 295 22.99 17.78 7.45
N LEU B 296 22.71 18.81 6.65
CA LEU B 296 22.97 18.73 5.21
C LEU B 296 24.43 19.08 4.94
N THR B 297 25.02 18.37 3.98
CA THR B 297 26.41 18.57 3.60
C THR B 297 26.48 19.45 2.34
N SER B 298 27.60 20.12 2.12
CA SER B 298 27.75 20.99 0.96
C SER B 298 27.34 20.31 -0.35
N PRO B 299 27.79 19.07 -0.60
CA PRO B 299 27.39 18.40 -1.84
C PRO B 299 25.86 18.26 -1.97
N ASP B 300 25.16 18.13 -0.85
CA ASP B 300 23.71 17.98 -0.91
C ASP B 300 23.02 19.17 -1.58
N TYR B 301 23.66 20.32 -1.59
CA TYR B 301 23.05 21.50 -2.21
C TYR B 301 22.98 21.38 -3.73
N ILE B 302 23.94 20.64 -4.30
CA ILE B 302 23.96 20.42 -5.73
C ILE B 302 22.78 19.52 -6.10
N THR B 303 22.53 18.52 -5.27
CA THR B 303 21.44 17.59 -5.48
C THR B 303 20.11 18.32 -5.37
N MET B 304 20.06 19.28 -4.47
CA MET B 304 18.84 20.07 -4.23
C MET B 304 18.47 20.85 -5.49
N GLY B 305 19.45 21.57 -6.05
CA GLY B 305 19.21 22.34 -7.25
C GLY B 305 18.83 21.47 -8.44
N ARG B 306 19.46 20.30 -8.54
CA ARG B 306 19.15 19.39 -9.62
C ARG B 306 17.74 18.87 -9.48
N THR B 307 17.42 18.40 -8.28
CA THR B 307 16.08 17.87 -8.07
C THR B 307 15.00 18.92 -8.33
N ILE B 308 15.21 20.14 -7.84
CA ILE B 308 14.21 21.20 -8.05
C ILE B 308 14.08 21.60 -9.51
N ALA B 309 15.20 21.70 -10.22
CA ALA B 309 15.15 22.06 -11.63
C ALA B 309 14.47 20.95 -12.42
N ALA B 310 14.59 19.72 -11.95
CA ALA B 310 13.99 18.57 -12.62
C ALA B 310 12.49 18.71 -12.76
N SER B 311 11.92 19.76 -12.17
CA SER B 311 10.49 19.98 -12.26
C SER B 311 10.11 20.36 -13.69
N GLY B 312 11.11 20.80 -14.47
CA GLY B 312 10.84 21.18 -15.84
C GLY B 312 10.28 22.57 -16.02
N VAL B 313 10.08 23.29 -14.92
CA VAL B 313 9.55 24.65 -15.01
C VAL B 313 10.63 25.66 -14.65
N PRO B 314 10.45 26.91 -15.09
CA PRO B 314 11.44 27.95 -14.79
C PRO B 314 11.55 28.18 -13.28
N LEU B 315 12.76 28.50 -12.82
CA LEU B 315 12.98 28.72 -11.39
C LEU B 315 13.58 30.08 -11.08
N LEU B 316 13.02 30.76 -10.09
CA LEU B 316 13.54 32.03 -9.62
C LEU B 316 14.02 31.76 -8.20
N VAL B 317 15.33 31.72 -8.01
CA VAL B 317 15.90 31.46 -6.68
C VAL B 317 16.04 32.77 -5.93
N VAL B 318 15.34 32.88 -4.79
CA VAL B 318 15.39 34.07 -3.95
C VAL B 318 16.14 33.76 -2.65
N MET B 319 17.17 34.57 -2.37
CA MET B 319 18.00 34.41 -1.18
C MET B 319 17.25 34.72 0.10
N GLU B 320 17.41 33.83 1.09
CA GLU B 320 16.77 33.99 2.40
C GLU B 320 17.83 33.88 3.52
N GLY B 321 17.76 32.80 4.29
CA GLY B 321 18.68 32.59 5.40
C GLY B 321 19.99 31.86 5.15
N GLY B 322 20.75 31.68 6.23
CA GLY B 322 22.05 31.02 6.14
C GLY B 322 23.08 31.98 6.75
N TYR B 323 23.60 31.66 7.92
CA TYR B 323 24.55 32.54 8.58
C TYR B 323 25.80 31.85 9.07
N GLY B 324 26.71 32.65 9.63
CA GLY B 324 27.94 32.16 10.19
C GLY B 324 29.05 31.73 9.24
N VAL B 325 29.27 30.43 9.17
CA VAL B 325 30.31 29.85 8.35
C VAL B 325 30.43 30.48 6.96
N PRO B 326 31.66 30.53 6.43
CA PRO B 326 31.92 31.10 5.11
C PRO B 326 31.45 30.18 3.99
N GLU B 327 31.01 28.97 4.37
CA GLU B 327 30.53 28.01 3.38
C GLU B 327 29.19 28.45 2.81
N ILE B 328 28.57 29.47 3.39
CA ILE B 328 27.29 29.92 2.88
C ILE B 328 27.39 30.22 1.40
N GLY B 329 28.53 30.74 0.99
CA GLY B 329 28.73 31.06 -0.42
C GLY B 329 28.79 29.79 -1.25
N LEU B 330 29.63 28.86 -0.81
CA LEU B 330 29.78 27.60 -1.53
C LEU B 330 28.44 26.88 -1.65
N ASN B 331 27.67 26.87 -0.57
CA ASN B 331 26.39 26.19 -0.57
C ASN B 331 25.36 26.81 -1.51
N VAL B 332 25.31 28.14 -1.53
CA VAL B 332 24.38 28.83 -2.41
C VAL B 332 24.81 28.54 -3.86
N ALA B 333 26.10 28.70 -4.14
CA ALA B 333 26.62 28.46 -5.48
C ALA B 333 26.28 27.03 -5.94
N ASN B 334 26.46 26.08 -5.04
CA ASN B 334 26.16 24.68 -5.36
C ASN B 334 24.72 24.46 -5.77
N VAL B 335 23.82 25.23 -5.18
CA VAL B 335 22.41 25.11 -5.52
C VAL B 335 22.25 25.65 -6.92
N LEU B 336 22.98 26.71 -7.23
CA LEU B 336 22.91 27.33 -8.56
C LEU B 336 23.53 26.42 -9.62
N LYS B 337 24.59 25.70 -9.26
CA LYS B 337 25.22 24.80 -10.20
C LYS B 337 24.28 23.63 -10.47
N GLY B 338 23.59 23.18 -9.42
CA GLY B 338 22.65 22.08 -9.57
C GLY B 338 21.52 22.50 -10.51
N VAL B 339 21.05 23.72 -10.34
CA VAL B 339 19.98 24.27 -11.18
C VAL B 339 20.51 24.42 -12.61
N ALA B 340 21.73 24.91 -12.76
CA ALA B 340 22.32 25.08 -14.08
C ALA B 340 22.48 23.72 -14.75
N GLY B 341 22.57 22.67 -13.95
CA GLY B 341 22.71 21.33 -14.50
C GLY B 341 24.03 21.10 -15.22
N MET C 1 2.98 -5.72 41.46
CA MET C 1 2.82 -4.25 41.56
C MET C 1 2.07 -3.95 42.85
N ARG C 2 2.20 -2.73 43.34
CA ARG C 2 1.51 -2.32 44.56
C ARG C 2 0.04 -2.03 44.25
N VAL C 3 -0.83 -2.29 45.21
CA VAL C 3 -2.26 -2.03 45.02
C VAL C 3 -2.74 -0.89 45.94
N ILE C 4 -3.23 0.19 45.37
CA ILE C 4 -3.71 1.28 46.22
C ILE C 4 -5.22 1.23 46.29
N PHE C 5 -5.75 1.14 47.50
CA PHE C 5 -7.19 1.04 47.68
C PHE C 5 -7.68 1.76 48.93
N SER C 6 -8.83 2.44 48.82
CA SER C 6 -9.38 3.14 49.97
C SER C 6 -10.71 2.54 50.43
N GLU C 7 -10.87 2.41 51.74
CA GLU C 7 -12.11 1.87 52.28
C GLU C 7 -13.23 2.91 52.24
N ASP C 8 -12.88 4.19 52.07
CA ASP C 8 -13.90 5.23 52.03
C ASP C 8 -14.76 5.15 50.76
N HIS C 9 -14.41 4.25 49.85
CA HIS C 9 -15.18 4.10 48.62
C HIS C 9 -16.62 3.74 48.97
N LYS C 10 -16.81 3.05 50.10
CA LYS C 10 -18.14 2.64 50.52
C LYS C 10 -19.02 3.82 50.90
N LEU C 11 -18.42 4.99 51.09
CA LEU C 11 -19.19 6.19 51.43
C LEU C 11 -20.09 6.52 50.25
N ARG C 12 -19.72 5.99 49.09
CA ARG C 12 -20.50 6.16 47.87
C ARG C 12 -21.42 4.95 47.81
N ASN C 13 -22.65 5.14 48.26
CA ASN C 13 -23.62 4.07 48.30
C ASN C 13 -25.03 4.62 48.04
N ALA C 14 -25.23 5.09 46.82
CA ALA C 14 -26.48 5.65 46.36
C ALA C 14 -27.55 4.56 46.36
N LYS C 15 -28.78 4.93 46.68
CA LYS C 15 -29.89 4.00 46.74
C LYS C 15 -30.61 3.86 45.41
N THR C 16 -30.59 4.91 44.61
CA THR C 16 -31.28 4.86 43.33
C THR C 16 -30.46 5.14 42.09
N GLU C 17 -30.94 4.58 40.98
CA GLU C 17 -30.34 4.75 39.68
C GLU C 17 -31.49 4.65 38.69
N LEU C 18 -31.61 5.66 37.82
CA LEU C 18 -32.68 5.64 36.83
C LEU C 18 -32.21 4.75 35.70
N TYR C 19 -32.93 3.64 35.49
CA TYR C 19 -32.61 2.68 34.43
C TYR C 19 -33.91 2.09 33.90
N GLY C 20 -34.12 2.20 32.60
CA GLY C 20 -35.33 1.64 32.01
C GLY C 20 -36.58 2.28 32.56
N GLY C 21 -36.51 3.58 32.88
CA GLY C 21 -37.67 4.29 33.39
C GLY C 21 -38.06 3.96 34.82
N GLU C 22 -37.14 3.34 35.54
CA GLU C 22 -37.39 2.99 36.92
C GLU C 22 -36.19 3.38 37.75
N LEU C 23 -36.39 3.52 39.05
CA LEU C 23 -35.31 3.87 39.95
C LEU C 23 -34.98 2.57 40.68
N VAL C 24 -33.85 1.97 40.32
CA VAL C 24 -33.42 0.71 40.92
C VAL C 24 -32.07 0.84 41.63
N PRO C 25 -31.67 -0.22 42.38
CA PRO C 25 -30.38 -0.13 43.06
C PRO C 25 -29.26 0.03 42.03
N PRO C 26 -28.34 0.98 42.25
CA PRO C 26 -27.20 1.25 41.36
C PRO C 26 -26.39 0.02 41.01
N PHE C 27 -26.02 -0.09 39.73
CA PHE C 27 -25.22 -1.23 39.28
C PHE C 27 -23.76 -1.02 39.69
N GLU C 28 -23.43 0.19 40.08
CA GLU C 28 -22.07 0.51 40.51
C GLU C 28 -22.08 0.51 42.04
N ALA C 29 -22.26 -0.69 42.60
CA ALA C 29 -22.34 -0.88 44.04
C ALA C 29 -21.01 -1.26 44.70
N PRO C 30 -20.93 -1.06 46.03
CA PRO C 30 -19.74 -1.36 46.82
C PRO C 30 -19.18 -2.77 46.64
N PHE C 31 -20.05 -3.76 46.43
CA PHE C 31 -19.56 -5.14 46.30
C PHE C 31 -18.57 -5.33 45.16
N ARG C 32 -18.57 -4.41 44.19
CA ARG C 32 -17.63 -4.50 43.07
C ARG C 32 -16.18 -4.42 43.57
N ALA C 33 -15.89 -3.42 44.39
CA ALA C 33 -14.55 -3.24 44.92
C ALA C 33 -14.18 -4.42 45.81
N GLU C 34 -15.18 -4.94 46.50
CA GLU C 34 -14.99 -6.07 47.41
C GLU C 34 -14.54 -7.32 46.66
N TRP C 35 -15.22 -7.65 45.57
CA TRP C 35 -14.88 -8.83 44.76
C TRP C 35 -13.59 -8.61 43.97
N ILE C 36 -13.34 -7.38 43.53
CA ILE C 36 -12.13 -7.10 42.77
C ILE C 36 -10.91 -7.24 43.69
N LEU C 37 -10.95 -6.58 44.84
CA LEU C 37 -9.86 -6.65 45.79
C LEU C 37 -9.53 -8.09 46.15
N ALA C 38 -10.56 -8.90 46.37
CA ALA C 38 -10.38 -10.29 46.73
C ALA C 38 -9.67 -11.08 45.63
N ALA C 39 -9.99 -10.82 44.38
CA ALA C 39 -9.37 -11.53 43.26
C ALA C 39 -7.91 -11.14 43.08
N VAL C 40 -7.61 -9.85 43.12
CA VAL C 40 -6.23 -9.39 42.95
C VAL C 40 -5.35 -9.97 44.05
N LYS C 41 -5.82 -9.93 45.29
CA LYS C 41 -5.07 -10.47 46.40
C LYS C 41 -4.85 -11.96 46.18
N GLU C 42 -5.94 -12.67 45.89
CA GLU C 42 -5.88 -14.10 45.67
C GLU C 42 -5.02 -14.46 44.47
N ALA C 43 -4.57 -13.46 43.72
CA ALA C 43 -3.76 -13.69 42.54
C ALA C 43 -2.29 -13.38 42.82
N GLY C 44 -2.00 -12.96 44.04
CA GLY C 44 -0.63 -12.66 44.37
C GLY C 44 -0.38 -11.20 44.69
N PHE C 45 -1.25 -10.32 44.21
CA PHE C 45 -1.10 -8.89 44.49
C PHE C 45 -1.71 -8.56 45.85
N ASP C 46 -1.13 -9.12 46.90
CA ASP C 46 -1.62 -8.90 48.25
C ASP C 46 -0.96 -7.72 48.98
N ASP C 47 -0.22 -6.89 48.26
CA ASP C 47 0.41 -5.75 48.89
C ASP C 47 -0.49 -4.52 48.72
N VAL C 48 -1.54 -4.47 49.52
CA VAL C 48 -2.53 -3.40 49.46
C VAL C 48 -2.24 -2.27 50.45
N VAL C 49 -2.38 -1.03 50.00
CA VAL C 49 -2.11 0.11 50.85
C VAL C 49 -3.14 1.25 50.67
N ALA C 50 -3.64 1.77 51.79
CA ALA C 50 -4.59 2.87 51.71
C ALA C 50 -3.81 4.09 51.22
N PRO C 51 -4.46 4.98 50.48
CA PRO C 51 -3.82 6.17 49.95
C PRO C 51 -3.55 7.23 51.00
N ALA C 52 -2.61 8.13 50.70
CA ALA C 52 -2.28 9.20 51.62
C ALA C 52 -3.26 10.34 51.41
N ARG C 53 -3.10 11.40 52.21
CA ARG C 53 -3.99 12.55 52.11
C ARG C 53 -3.47 13.46 51.00
N HIS C 54 -4.38 14.07 50.26
CA HIS C 54 -4.01 14.96 49.16
C HIS C 54 -4.93 16.16 49.05
N GLY C 55 -4.36 17.30 48.65
CA GLY C 55 -5.15 18.50 48.49
C GLY C 55 -5.90 18.47 47.17
N LEU C 56 -6.43 19.63 46.76
CA LEU C 56 -7.18 19.71 45.51
C LEU C 56 -6.39 20.31 44.36
N GLU C 57 -5.14 20.66 44.63
CA GLU C 57 -4.30 21.26 43.61
C GLU C 57 -4.18 20.44 42.33
N THR C 58 -3.90 19.14 42.47
CA THR C 58 -3.77 18.30 41.29
C THR C 58 -5.07 18.26 40.49
N VAL C 59 -6.19 18.07 41.18
CA VAL C 59 -7.48 17.98 40.50
C VAL C 59 -7.98 19.29 39.89
N LEU C 60 -7.52 20.42 40.42
CA LEU C 60 -7.96 21.70 39.88
C LEU C 60 -7.24 21.99 38.56
N LYS C 61 -6.30 21.14 38.18
CA LYS C 61 -5.59 21.32 36.93
C LYS C 61 -6.33 20.61 35.79
N VAL C 62 -7.28 19.75 36.12
CA VAL C 62 -8.03 19.05 35.07
C VAL C 62 -9.54 19.28 35.17
N HIS C 63 -10.03 19.69 36.33
CA HIS C 63 -11.46 19.93 36.48
C HIS C 63 -11.76 21.39 36.73
N ASP C 64 -12.94 21.81 36.31
CA ASP C 64 -13.39 23.18 36.49
C ASP C 64 -13.64 23.42 37.98
N ALA C 65 -13.18 24.56 38.50
CA ALA C 65 -13.35 24.90 39.92
C ALA C 65 -14.83 25.04 40.33
N GLY C 66 -15.64 25.64 39.46
CA GLY C 66 -17.05 25.78 39.77
C GLY C 66 -17.70 24.42 39.89
N TYR C 67 -17.25 23.50 39.05
CA TYR C 67 -17.76 22.13 39.05
C TYR C 67 -17.38 21.40 40.34
N LEU C 68 -16.13 21.55 40.77
CA LEU C 68 -15.70 20.88 41.99
C LEU C 68 -16.47 21.46 43.19
N ASN C 69 -16.65 22.77 43.19
CA ASN C 69 -17.36 23.43 44.25
C ASN C 69 -18.80 22.91 44.30
N PHE C 70 -19.40 22.75 43.13
CA PHE C 70 -20.77 22.24 43.05
C PHE C 70 -20.88 20.83 43.65
N LEU C 71 -19.93 19.96 43.34
CA LEU C 71 -19.94 18.60 43.86
C LEU C 71 -19.86 18.58 45.37
N GLU C 72 -18.93 19.34 45.93
CA GLU C 72 -18.74 19.40 47.36
C GLU C 72 -20.03 19.72 48.13
N THR C 73 -20.82 20.67 47.66
CA THR C 73 -22.05 21.05 48.37
C THR C 73 -23.38 20.58 47.74
N ALA C 74 -23.27 19.82 46.65
CA ALA C 74 -24.45 19.34 45.95
C ALA C 74 -25.53 18.75 46.85
N TRP C 75 -25.19 17.67 47.54
CA TRP C 75 -26.17 17.03 48.41
C TRP C 75 -26.81 17.94 49.46
N ASP C 76 -26.00 18.75 50.14
CA ASP C 76 -26.54 19.63 51.15
C ASP C 76 -27.57 20.62 50.63
N ARG C 77 -27.34 21.14 49.43
CA ARG C 77 -28.28 22.10 48.85
C ARG C 77 -29.54 21.42 48.34
N TRP C 78 -29.39 20.17 47.90
CA TRP C 78 -30.52 19.42 47.40
C TRP C 78 -31.51 19.17 48.52
N LYS C 79 -31.02 18.64 49.64
CA LYS C 79 -31.90 18.36 50.77
C LYS C 79 -32.46 19.69 51.29
N ALA C 80 -31.61 20.71 51.35
CA ALA C 80 -32.01 22.02 51.81
C ALA C 80 -33.15 22.59 50.96
N ALA C 81 -33.27 22.11 49.73
CA ALA C 81 -34.35 22.58 48.86
C ALA C 81 -35.64 21.81 49.14
N GLY C 82 -35.56 20.86 50.07
CA GLY C 82 -36.73 20.09 50.43
C GLY C 82 -37.11 18.91 49.55
N TYR C 83 -36.16 18.33 48.84
CA TYR C 83 -36.45 17.18 47.97
C TYR C 83 -36.35 15.85 48.73
N LYS C 84 -37.29 14.94 48.46
CA LYS C 84 -37.36 13.65 49.13
C LYS C 84 -36.41 12.57 48.61
N GLY C 85 -36.14 12.56 47.31
CA GLY C 85 -35.24 11.55 46.76
C GLY C 85 -33.81 12.06 46.69
N GLU C 86 -32.97 11.35 45.96
CA GLU C 86 -31.58 11.75 45.82
C GLU C 86 -31.47 12.81 44.73
N ALA C 87 -30.31 13.44 44.65
CA ALA C 87 -30.06 14.51 43.68
C ALA C 87 -29.85 13.92 42.29
N ILE C 88 -30.84 14.14 41.43
CA ILE C 88 -30.84 13.65 40.05
C ILE C 88 -31.23 14.81 39.13
N ALA C 89 -30.47 15.02 38.06
CA ALA C 89 -30.75 16.10 37.11
C ALA C 89 -31.89 15.74 36.16
N THR C 90 -32.67 16.76 35.79
CA THR C 90 -33.81 16.58 34.88
C THR C 90 -33.80 17.56 33.70
N SER C 91 -33.15 18.71 33.86
CA SER C 91 -33.08 19.71 32.81
C SER C 91 -31.62 19.81 32.36
N PHE C 92 -31.38 19.80 31.04
CA PHE C 92 -29.99 19.87 30.57
C PHE C 92 -29.69 20.90 29.48
N PRO C 93 -28.48 21.48 29.52
CA PRO C 93 -28.09 22.48 28.52
C PRO C 93 -27.75 21.76 27.20
N VAL C 94 -28.78 21.52 26.39
CA VAL C 94 -28.57 20.84 25.12
C VAL C 94 -28.36 21.81 23.96
N ARG C 95 -28.72 21.35 22.76
CA ARG C 95 -28.57 22.16 21.55
C ARG C 95 -29.17 23.55 21.63
N ARG C 96 -28.38 24.53 21.20
CA ARG C 96 -28.82 25.92 21.14
C ARG C 96 -29.32 26.50 22.47
N THR C 97 -28.55 26.26 23.53
CA THR C 97 -28.87 26.75 24.85
C THR C 97 -27.88 27.83 25.29
N SER C 98 -28.30 28.64 26.26
CA SER C 98 -27.48 29.70 26.79
C SER C 98 -26.28 29.13 27.52
N PRO C 99 -25.16 29.84 27.50
CA PRO C 99 -23.95 29.37 28.19
C PRO C 99 -23.95 29.76 29.68
N ARG C 100 -24.87 30.62 30.09
CA ARG C 100 -24.95 31.06 31.48
C ARG C 100 -25.19 29.92 32.46
N ILE C 101 -24.62 30.09 33.65
CA ILE C 101 -24.76 29.09 34.71
C ILE C 101 -25.87 29.44 35.69
N PRO C 102 -26.81 28.52 35.92
CA PRO C 102 -27.90 28.79 36.87
C PRO C 102 -27.29 29.03 38.23
N THR C 103 -28.05 29.70 39.10
CA THR C 103 -27.59 30.01 40.44
C THR C 103 -28.20 29.08 41.50
N ASP C 104 -29.35 28.47 41.19
CA ASP C 104 -30.00 27.58 42.14
C ASP C 104 -29.58 26.11 41.93
N ILE C 105 -29.93 25.25 42.88
CA ILE C 105 -29.56 23.85 42.82
C ILE C 105 -30.25 23.05 41.72
N GLU C 106 -31.50 23.37 41.46
CA GLU C 106 -32.25 22.68 40.42
C GLU C 106 -31.57 22.86 39.06
N GLY C 107 -31.13 24.09 38.78
CA GLY C 107 -30.49 24.36 37.52
C GLY C 107 -29.03 23.96 37.44
N GLN C 108 -28.33 24.04 38.56
CA GLN C 108 -26.93 23.70 38.58
C GLN C 108 -26.62 22.22 38.44
N ILE C 109 -27.46 21.38 39.01
CA ILE C 109 -27.18 19.96 38.90
C ILE C 109 -27.28 19.52 37.43
N GLY C 110 -28.18 20.13 36.68
CA GLY C 110 -28.31 19.80 35.28
C GLY C 110 -27.17 20.41 34.47
N TYR C 111 -26.74 21.59 34.87
CA TYR C 111 -25.66 22.29 34.19
C TYR C 111 -24.36 21.51 34.29
N TYR C 112 -24.16 20.82 35.41
CA TYR C 112 -22.96 20.07 35.65
C TYR C 112 -23.14 18.57 35.41
N CYS C 113 -24.20 18.19 34.72
CA CYS C 113 -24.45 16.77 34.49
C CYS C 113 -24.60 16.41 33.02
N ASN C 114 -23.98 15.30 32.61
CA ASN C 114 -24.10 14.85 31.24
C ASN C 114 -24.90 13.55 31.10
N ALA C 115 -25.43 13.05 32.23
CA ALA C 115 -26.23 11.82 32.21
C ALA C 115 -27.02 11.64 33.52
N ALA C 116 -28.35 11.66 33.41
CA ALA C 116 -29.23 11.54 34.58
C ALA C 116 -29.35 10.17 35.27
N GLU C 117 -28.72 9.14 34.74
CA GLU C 117 -28.82 7.85 35.40
C GLU C 117 -27.91 7.83 36.63
N THR C 118 -27.24 8.95 36.89
CA THR C 118 -26.36 9.05 38.05
C THR C 118 -26.91 10.00 39.11
N ALA C 119 -27.03 9.50 40.33
CA ALA C 119 -27.54 10.28 41.45
C ALA C 119 -26.46 10.62 42.46
N ILE C 120 -26.54 11.84 42.99
CA ILE C 120 -25.58 12.26 43.99
C ILE C 120 -26.26 12.01 45.31
N SER C 121 -25.53 11.45 46.26
CA SER C 121 -26.08 11.14 47.57
C SER C 121 -25.07 11.41 48.67
N PRO C 122 -25.49 11.25 49.93
CA PRO C 122 -24.57 11.48 51.05
C PRO C 122 -23.27 10.68 50.90
N GLY C 123 -22.12 11.34 51.08
CA GLY C 123 -20.86 10.63 50.98
C GLY C 123 -20.22 10.56 49.60
N THR C 124 -20.94 10.95 48.56
CA THR C 124 -20.39 10.91 47.22
C THR C 124 -19.16 11.80 47.09
N TRP C 125 -19.21 13.01 47.61
CA TRP C 125 -18.05 13.89 47.54
C TRP C 125 -16.83 13.23 48.20
N GLU C 126 -16.98 12.82 49.46
CA GLU C 126 -15.92 12.17 50.21
C GLU C 126 -15.38 10.92 49.51
N ALA C 127 -16.29 10.14 48.95
CA ALA C 127 -15.87 8.92 48.27
C ALA C 127 -15.11 9.26 47.00
N ALA C 128 -15.56 10.27 46.27
CA ALA C 128 -14.89 10.67 45.04
C ALA C 128 -13.46 11.09 45.36
N LEU C 129 -13.26 11.77 46.48
CA LEU C 129 -11.92 12.21 46.86
C LEU C 129 -11.00 11.05 47.28
N SER C 130 -11.55 10.00 47.92
CA SER C 130 -10.70 8.88 48.34
C SER C 130 -10.22 8.15 47.09
N SER C 131 -11.12 7.99 46.12
CA SER C 131 -10.82 7.34 44.86
C SER C 131 -9.77 8.16 44.09
N MET C 132 -9.91 9.49 44.10
CA MET C 132 -8.96 10.36 43.43
C MET C 132 -7.60 10.22 44.09
N ALA C 133 -7.62 10.15 45.42
CA ALA C 133 -6.38 9.99 46.16
C ALA C 133 -5.68 8.68 45.81
N SER C 134 -6.43 7.58 45.67
CA SER C 134 -5.82 6.31 45.31
C SER C 134 -5.12 6.43 43.96
N ALA C 135 -5.75 7.17 43.06
CA ALA C 135 -5.20 7.36 41.72
C ALA C 135 -3.95 8.22 41.80
N ILE C 136 -3.94 9.18 42.70
CA ILE C 136 -2.78 10.06 42.84
C ILE C 136 -1.60 9.29 43.36
N ASP C 137 -1.81 8.48 44.38
CA ASP C 137 -0.74 7.67 44.97
C ASP C 137 -0.21 6.65 43.97
N GLY C 138 -1.09 6.12 43.14
CA GLY C 138 -0.65 5.16 42.14
C GLY C 138 0.33 5.85 41.20
N ALA C 139 0.00 7.08 40.86
CA ALA C 139 0.83 7.89 39.96
C ALA C 139 2.20 8.16 40.59
N ASP C 140 2.22 8.45 41.89
CA ASP C 140 3.48 8.71 42.55
C ASP C 140 4.41 7.49 42.53
N LEU C 141 3.84 6.29 42.62
CA LEU C 141 4.65 5.09 42.59
C LEU C 141 5.36 4.99 41.22
N ILE C 142 4.62 5.27 40.15
CA ILE C 142 5.17 5.23 38.80
C ILE C 142 6.28 6.26 38.65
N ALA C 143 6.02 7.48 39.13
CA ALA C 143 6.99 8.56 39.06
C ALA C 143 8.25 8.18 39.83
N ALA C 144 8.09 7.37 40.87
CA ALA C 144 9.21 6.93 41.69
C ALA C 144 10.14 5.99 40.95
N GLY C 145 9.57 5.14 40.09
CA GLY C 145 10.35 4.20 39.34
C GLY C 145 9.64 2.88 39.16
N HIS C 146 8.60 2.63 39.94
CA HIS C 146 7.86 1.37 39.82
C HIS C 146 7.31 1.28 38.40
N LYS C 147 7.51 0.14 37.76
CA LYS C 147 7.04 -0.02 36.40
C LYS C 147 5.54 -0.35 36.26
N ALA C 148 4.87 -0.59 37.38
CA ALA C 148 3.44 -0.88 37.36
C ALA C 148 2.82 -0.68 38.72
N ALA C 149 1.53 -0.34 38.73
CA ALA C 149 0.79 -0.11 39.96
C ALA C 149 -0.71 -0.21 39.66
N PHE C 150 -1.51 -0.56 40.65
CA PHE C 150 -2.95 -0.65 40.41
C PHE C 150 -3.75 0.14 41.45
N SER C 151 -4.44 1.18 41.00
CA SER C 151 -5.27 1.98 41.90
C SER C 151 -6.70 1.43 41.76
N LEU C 152 -7.19 0.80 42.82
CA LEU C 152 -8.53 0.24 42.81
C LEU C 152 -9.49 1.38 43.11
N CYS C 153 -9.77 2.18 42.08
CA CYS C 153 -10.65 3.32 42.18
C CYS C 153 -12.14 3.01 42.15
N ARG C 154 -12.86 3.65 43.08
CA ARG C 154 -14.31 3.57 43.15
C ARG C 154 -14.79 4.73 43.98
N PRO C 155 -15.73 5.54 43.45
CA PRO C 155 -16.31 5.40 42.11
C PRO C 155 -15.29 5.61 41.00
N PRO C 156 -15.66 5.23 39.76
CA PRO C 156 -14.79 5.39 38.60
C PRO C 156 -14.83 6.84 38.13
N GLY C 157 -14.08 7.18 37.08
CA GLY C 157 -14.10 8.56 36.64
C GLY C 157 -14.05 8.91 35.16
N HIS C 158 -13.86 7.94 34.28
CA HIS C 158 -13.74 8.31 32.88
C HIS C 158 -14.94 9.00 32.20
N HIS C 159 -16.10 9.05 32.85
CA HIS C 159 -17.20 9.77 32.23
C HIS C 159 -17.27 11.19 32.75
N ALA C 160 -16.50 11.53 33.77
CA ALA C 160 -16.54 12.90 34.28
C ALA C 160 -15.71 13.84 33.40
N GLY C 161 -16.38 14.83 32.81
CA GLY C 161 -15.70 15.78 31.96
C GLY C 161 -15.14 16.93 32.76
N ILE C 162 -14.68 17.95 32.06
CA ILE C 162 -14.12 19.13 32.68
C ILE C 162 -15.06 19.69 33.73
N ASP C 163 -16.33 19.79 33.37
CA ASP C 163 -17.31 20.35 34.29
C ASP C 163 -18.64 19.62 34.30
N MET C 164 -18.58 18.30 34.28
CA MET C 164 -19.79 17.48 34.30
C MET C 164 -19.59 16.06 34.83
N PHE C 165 -20.53 15.64 35.66
CA PHE C 165 -20.50 14.30 36.23
C PHE C 165 -21.53 13.46 35.46
N GLY C 166 -21.35 12.15 35.48
CA GLY C 166 -22.26 11.24 34.78
C GLY C 166 -21.67 9.86 34.68
N GLY C 167 -22.45 8.90 34.18
CA GLY C 167 -21.95 7.55 34.05
C GLY C 167 -21.34 6.94 35.30
N TYR C 168 -21.84 7.37 36.46
CA TYR C 168 -21.39 6.90 37.77
C TYR C 168 -20.08 7.58 38.15
N CYS C 169 -19.65 8.55 37.36
CA CYS C 169 -18.40 9.25 37.63
C CYS C 169 -18.54 10.69 38.12
N PHE C 170 -17.64 11.11 38.99
CA PHE C 170 -17.69 12.47 39.53
C PHE C 170 -16.36 13.19 39.33
N ILE C 171 -15.26 12.51 39.64
CA ILE C 171 -13.94 13.07 39.44
C ILE C 171 -13.18 12.09 38.56
N ASN C 172 -12.59 12.59 37.49
CA ASN C 172 -11.88 11.74 36.56
C ASN C 172 -10.52 11.29 37.10
N ASN C 173 -10.52 10.14 37.76
CA ASN C 173 -9.31 9.57 38.36
C ASN C 173 -8.15 9.39 37.40
N ALA C 174 -8.44 8.93 36.18
CA ALA C 174 -7.41 8.74 35.19
C ALA C 174 -6.79 10.07 34.80
N ALA C 175 -7.62 11.10 34.68
CA ALA C 175 -7.14 12.42 34.32
C ALA C 175 -6.25 13.00 35.42
N VAL C 176 -6.70 12.83 36.65
CA VAL C 176 -5.94 13.32 37.79
C VAL C 176 -4.59 12.62 37.86
N ALA C 177 -4.57 11.31 37.64
CA ALA C 177 -3.30 10.57 37.67
C ALA C 177 -2.38 11.06 36.55
N ALA C 178 -2.90 11.16 35.33
CA ALA C 178 -2.10 11.62 34.21
C ALA C 178 -1.50 12.99 34.56
N GLN C 179 -2.32 13.87 35.12
CA GLN C 179 -1.84 15.19 35.50
C GLN C 179 -0.74 15.09 36.56
N ARG C 180 -0.94 14.19 37.51
CA ARG C 180 0.04 14.01 38.57
C ARG C 180 1.41 13.65 37.98
N LEU C 181 1.43 12.71 37.05
CA LEU C 181 2.67 12.30 36.41
C LEU C 181 3.35 13.50 35.74
N LEU C 182 2.56 14.33 35.07
CA LEU C 182 3.10 15.51 34.44
C LEU C 182 3.74 16.45 35.47
N ASP C 183 3.06 16.67 36.58
CA ASP C 183 3.61 17.53 37.62
C ASP C 183 4.88 16.97 38.23
N LYS C 184 5.04 15.66 38.19
CA LYS C 184 6.22 15.03 38.76
C LYS C 184 7.38 14.91 37.78
N GLY C 185 7.34 15.68 36.69
CA GLY C 185 8.43 15.62 35.75
C GLY C 185 8.12 15.22 34.32
N ALA C 186 7.19 14.29 34.14
CA ALA C 186 6.83 13.84 32.79
C ALA C 186 6.47 14.99 31.86
N LYS C 187 6.80 14.84 30.58
CA LYS C 187 6.50 15.86 29.58
C LYS C 187 5.33 15.37 28.72
N LYS C 188 5.27 14.05 28.52
CA LYS C 188 4.22 13.45 27.73
C LYS C 188 3.66 12.23 28.40
N ILE C 189 2.33 12.16 28.46
CA ILE C 189 1.64 11.05 29.07
C ILE C 189 0.50 10.60 28.17
N ALA C 190 0.18 9.31 28.23
CA ALA C 190 -0.90 8.80 27.43
C ALA C 190 -1.91 8.11 28.35
N ILE C 191 -3.18 8.21 27.98
CA ILE C 191 -4.24 7.55 28.73
C ILE C 191 -4.90 6.60 27.75
N LEU C 192 -4.94 5.34 28.12
CA LEU C 192 -5.53 4.29 27.29
C LEU C 192 -6.78 3.74 27.96
N ASP C 193 -7.93 3.97 27.33
CA ASP C 193 -9.20 3.52 27.89
C ASP C 193 -9.72 2.24 27.22
N VAL C 194 -9.64 1.11 27.93
CA VAL C 194 -10.10 -0.17 27.39
C VAL C 194 -11.46 -0.57 27.94
N ASP C 195 -12.03 0.31 28.75
CA ASP C 195 -13.35 0.12 29.33
C ASP C 195 -14.29 -0.01 28.12
N PHE C 196 -15.35 -0.81 28.23
CA PHE C 196 -16.27 -0.97 27.10
C PHE C 196 -16.86 0.31 26.55
N HIS C 197 -17.11 1.25 27.45
CA HIS C 197 -17.68 2.55 27.09
C HIS C 197 -16.63 3.62 26.85
N HIS C 198 -16.90 4.46 25.86
CA HIS C 198 -16.01 5.56 25.52
C HIS C 198 -15.71 6.41 26.76
N GLY C 199 -14.45 6.78 26.93
CA GLY C 199 -14.07 7.62 28.06
C GLY C 199 -14.29 9.07 27.68
N ASN C 200 -15.56 9.41 27.48
CA ASN C 200 -15.94 10.76 27.05
C ASN C 200 -15.42 11.88 27.94
N GLY C 201 -15.39 11.64 29.25
CA GLY C 201 -14.92 12.63 30.20
C GLY C 201 -13.42 12.90 30.08
N THR C 202 -12.65 11.82 29.96
CA THR C 202 -11.22 11.94 29.84
C THR C 202 -10.89 12.68 28.54
N GLN C 203 -11.57 12.31 27.46
CA GLN C 203 -11.36 12.94 26.17
C GLN C 203 -11.61 14.44 26.26
N ASP C 204 -12.74 14.81 26.83
CA ASP C 204 -13.12 16.20 26.99
C ASP C 204 -12.04 17.00 27.69
N ILE C 205 -11.50 16.44 28.77
CA ILE C 205 -10.47 17.09 29.58
C ILE C 205 -9.18 17.39 28.82
N PHE C 206 -8.73 16.44 28.01
CA PHE C 206 -7.49 16.62 27.26
C PHE C 206 -7.71 16.88 25.77
N TYR C 207 -8.94 17.18 25.37
CA TYR C 207 -9.18 17.38 23.94
C TYR C 207 -8.40 18.55 23.32
N GLU C 208 -8.01 19.53 24.12
CA GLU C 208 -7.27 20.66 23.60
C GLU C 208 -5.88 20.76 24.19
N ARG C 209 -5.41 19.65 24.74
CA ARG C 209 -4.07 19.58 25.31
C ARG C 209 -3.21 18.60 24.51
N GLY C 210 -2.01 19.04 24.15
CA GLY C 210 -1.13 18.21 23.35
C GLY C 210 -0.05 17.48 24.13
N ASP C 211 -0.11 17.55 25.46
CA ASP C 211 0.87 16.89 26.30
C ASP C 211 0.34 15.54 26.80
N VAL C 212 -0.94 15.30 26.58
CA VAL C 212 -1.56 14.04 27.00
C VAL C 212 -2.34 13.44 25.82
N PHE C 213 -1.91 12.26 25.38
CA PHE C 213 -2.56 11.57 24.27
C PHE C 213 -3.67 10.69 24.85
N PHE C 214 -4.84 10.70 24.24
CA PHE C 214 -5.95 9.91 24.74
C PHE C 214 -6.46 8.86 23.74
N ALA C 215 -6.39 7.59 24.10
CA ALA C 215 -6.87 6.54 23.20
C ALA C 215 -7.99 5.78 23.88
N SER C 216 -9.02 5.41 23.11
CA SER C 216 -10.11 4.67 23.69
C SER C 216 -10.69 3.64 22.75
N LEU C 217 -10.93 2.44 23.27
CA LEU C 217 -11.54 1.37 22.48
C LEU C 217 -12.91 1.27 23.15
N HIS C 218 -13.97 1.24 22.36
CA HIS C 218 -15.31 1.20 22.97
C HIS C 218 -16.42 0.84 21.98
N GLY C 219 -17.59 0.52 22.54
CA GLY C 219 -18.72 0.21 21.69
C GLY C 219 -19.08 1.43 20.85
N ASP C 220 -19.48 1.18 19.61
CA ASP C 220 -19.89 2.23 18.69
C ASP C 220 -20.90 3.13 19.39
N PRO C 221 -20.52 4.40 19.62
CA PRO C 221 -21.42 5.36 20.29
C PRO C 221 -22.80 5.47 19.63
N ALA C 222 -22.86 5.18 18.33
CA ALA C 222 -24.11 5.25 17.62
C ALA C 222 -25.13 4.30 18.26
N GLU C 223 -24.67 3.39 19.12
CA GLU C 223 -25.58 2.46 19.75
C GLU C 223 -25.11 1.99 21.14
N ALA C 224 -24.43 2.87 21.86
CA ALA C 224 -23.94 2.57 23.20
C ALA C 224 -23.52 3.83 23.96
N PHE C 225 -23.85 3.84 25.25
CA PHE C 225 -23.53 4.95 26.16
C PHE C 225 -22.04 5.23 25.95
N PRO C 226 -21.62 6.50 26.03
CA PRO C 226 -22.38 7.72 26.33
C PRO C 226 -23.24 8.27 25.18
N HIS C 227 -23.17 7.65 24.01
CA HIS C 227 -23.96 8.03 22.86
C HIS C 227 -23.56 9.29 22.09
N PHE C 228 -22.94 10.26 22.74
CA PHE C 228 -22.62 11.49 22.03
C PHE C 228 -21.15 11.87 21.92
N LEU C 229 -20.29 10.87 21.85
CA LEU C 229 -18.87 11.12 21.72
C LEU C 229 -18.22 9.77 21.53
N GLY C 230 -17.03 9.74 20.95
CA GLY C 230 -16.35 8.47 20.75
C GLY C 230 -16.27 8.08 19.29
N TYR C 231 -16.62 9.00 18.40
CA TYR C 231 -16.54 8.74 16.97
C TYR C 231 -15.11 8.86 16.49
N ALA C 232 -14.75 7.97 15.56
CA ALA C 232 -13.41 7.92 15.00
C ALA C 232 -12.90 9.27 14.51
N GLU C 233 -13.79 10.11 14.00
CA GLU C 233 -13.44 11.41 13.47
C GLU C 233 -12.88 12.41 14.50
N GLU C 234 -13.10 12.14 15.78
CA GLU C 234 -12.64 13.01 16.88
C GLU C 234 -11.16 12.79 17.18
N THR C 235 -10.31 13.66 16.64
CA THR C 235 -8.86 13.52 16.84
C THR C 235 -8.21 14.68 17.59
N GLY C 236 -9.02 15.59 18.10
CA GLY C 236 -8.48 16.71 18.83
C GLY C 236 -8.84 18.06 18.22
N LYS C 237 -8.69 19.11 19.02
CA LYS C 237 -9.01 20.46 18.56
C LYS C 237 -7.92 21.41 19.06
N GLY C 238 -7.70 22.48 18.30
CA GLY C 238 -6.69 23.45 18.68
C GLY C 238 -5.37 22.83 19.05
N ALA C 239 -4.86 23.19 20.23
CA ALA C 239 -3.57 22.68 20.69
C ALA C 239 -3.51 21.18 20.96
N GLY C 240 -4.68 20.53 20.99
CA GLY C 240 -4.71 19.09 21.22
C GLY C 240 -4.95 18.33 19.93
N ALA C 241 -4.78 19.01 18.80
CA ALA C 241 -4.99 18.37 17.51
C ALA C 241 -4.09 17.14 17.37
N GLY C 242 -4.66 16.05 16.88
CA GLY C 242 -3.90 14.83 16.68
C GLY C 242 -3.56 14.04 17.92
N THR C 243 -4.00 14.49 19.10
CA THR C 243 -3.70 13.77 20.33
C THR C 243 -4.90 13.04 20.93
N THR C 244 -5.83 12.61 20.08
CA THR C 244 -7.00 11.83 20.50
C THR C 244 -7.31 10.77 19.44
N ALA C 245 -7.37 9.51 19.86
CA ALA C 245 -7.67 8.43 18.92
C ALA C 245 -8.77 7.53 19.47
N ASN C 246 -9.91 7.53 18.79
CA ASN C 246 -11.04 6.71 19.20
C ASN C 246 -11.22 5.50 18.30
N TYR C 247 -11.45 4.34 18.91
CA TYR C 247 -11.65 3.13 18.14
C TYR C 247 -13.03 2.51 18.43
N PRO C 248 -14.09 3.08 17.84
CA PRO C 248 -15.43 2.53 18.09
C PRO C 248 -15.57 1.19 17.39
N MET C 249 -16.20 0.22 18.05
CA MET C 249 -16.39 -1.08 17.43
C MET C 249 -17.82 -1.56 17.61
N GLY C 250 -18.27 -2.40 16.67
CA GLY C 250 -19.64 -2.89 16.69
C GLY C 250 -20.01 -4.04 17.59
N ARG C 251 -21.24 -4.53 17.40
CA ARG C 251 -21.76 -5.63 18.19
C ARG C 251 -21.13 -6.96 17.82
N GLY C 252 -20.84 -7.77 18.84
CA GLY C 252 -20.24 -9.07 18.62
C GLY C 252 -18.75 -9.07 18.39
N THR C 253 -18.14 -7.89 18.40
CA THR C 253 -16.70 -7.78 18.18
C THR C 253 -15.91 -8.78 19.05
N PRO C 254 -15.16 -9.68 18.40
CA PRO C 254 -14.35 -10.69 19.07
C PRO C 254 -12.98 -10.09 19.39
N TYR C 255 -12.23 -10.74 20.30
CA TYR C 255 -10.91 -10.23 20.67
C TYR C 255 -10.04 -10.05 19.43
N SER C 256 -10.29 -10.89 18.43
CA SER C 256 -9.56 -10.84 17.17
C SER C 256 -9.56 -9.41 16.64
N VAL C 257 -10.73 -8.77 16.60
CA VAL C 257 -10.84 -7.40 16.09
C VAL C 257 -10.47 -6.34 17.12
N TRP C 258 -10.80 -6.61 18.37
CA TRP C 258 -10.52 -5.68 19.45
C TRP C 258 -9.00 -5.52 19.59
N GLY C 259 -8.30 -6.64 19.57
CA GLY C 259 -6.85 -6.63 19.68
C GLY C 259 -6.14 -5.82 18.60
N GLU C 260 -6.69 -5.81 17.39
CA GLU C 260 -6.08 -5.04 16.31
C GLU C 260 -6.17 -3.56 16.67
N ALA C 261 -7.28 -3.16 17.29
CA ALA C 261 -7.43 -1.77 17.70
C ALA C 261 -6.45 -1.48 18.82
N LEU C 262 -6.29 -2.43 19.74
CA LEU C 262 -5.37 -2.22 20.84
C LEU C 262 -3.96 -1.98 20.31
N THR C 263 -3.56 -2.76 19.32
CA THR C 263 -2.24 -2.64 18.72
C THR C 263 -2.05 -1.29 18.03
N ASP C 264 -3.08 -0.81 17.34
CA ASP C 264 -2.95 0.48 16.67
C ASP C 264 -2.89 1.62 17.67
N SER C 265 -3.67 1.54 18.76
CA SER C 265 -3.63 2.60 19.75
C SER C 265 -2.26 2.67 20.39
N LEU C 266 -1.65 1.50 20.62
CA LEU C 266 -0.33 1.43 21.21
C LEU C 266 0.71 1.99 20.24
N LYS C 267 0.47 1.82 18.95
CA LYS C 267 1.37 2.34 17.93
C LYS C 267 1.30 3.86 17.94
N ARG C 268 0.09 4.40 18.10
CA ARG C 268 -0.10 5.84 18.11
C ARG C 268 0.52 6.42 19.38
N ILE C 269 0.39 5.71 20.50
CA ILE C 269 0.94 6.19 21.76
C ILE C 269 2.47 6.21 21.70
N ALA C 270 3.05 5.16 21.11
CA ALA C 270 4.50 5.08 20.96
C ALA C 270 5.00 6.23 20.07
N ALA C 271 4.32 6.47 18.96
CA ALA C 271 4.71 7.55 18.05
C ALA C 271 4.53 8.90 18.72
N PHE C 272 3.68 8.95 19.75
CA PHE C 272 3.45 10.20 20.47
C PHE C 272 4.61 10.45 21.43
N GLY C 273 5.22 9.38 21.91
CA GLY C 273 6.35 9.52 22.83
C GLY C 273 5.93 9.54 24.29
N ALA C 274 4.94 8.74 24.63
CA ALA C 274 4.45 8.69 26.01
C ALA C 274 5.51 8.14 26.96
N GLU C 275 5.70 8.82 28.08
CA GLU C 275 6.67 8.40 29.07
C GLU C 275 6.02 7.35 29.97
N ALA C 276 4.71 7.40 30.09
CA ALA C 276 4.01 6.43 30.90
C ALA C 276 2.61 6.30 30.38
N ILE C 277 1.94 5.22 30.76
CA ILE C 277 0.58 5.04 30.30
C ILE C 277 -0.40 4.78 31.41
N VAL C 278 -1.44 5.60 31.47
CA VAL C 278 -2.50 5.43 32.46
C VAL C 278 -3.52 4.57 31.75
N VAL C 279 -3.79 3.38 32.29
CA VAL C 279 -4.78 2.48 31.69
C VAL C 279 -6.10 2.55 32.45
N SER C 280 -7.13 3.11 31.82
CA SER C 280 -8.44 3.18 32.46
C SER C 280 -9.01 1.81 32.16
N LEU C 281 -8.89 0.92 33.14
CA LEU C 281 -9.35 -0.45 33.00
C LEU C 281 -10.80 -0.68 33.34
N GLY C 282 -11.53 -1.19 32.36
CA GLY C 282 -12.93 -1.53 32.58
C GLY C 282 -13.03 -2.96 32.08
N VAL C 283 -13.68 -3.84 32.83
CA VAL C 283 -13.81 -5.22 32.35
C VAL C 283 -15.22 -5.49 31.86
N ASP C 284 -15.98 -4.44 31.59
CA ASP C 284 -17.32 -4.66 31.08
C ASP C 284 -17.31 -5.08 29.60
N THR C 285 -16.11 -5.39 29.09
CA THR C 285 -15.99 -5.86 27.72
C THR C 285 -16.21 -7.38 27.73
N PHE C 286 -16.25 -7.97 28.93
CA PHE C 286 -16.44 -9.41 29.08
C PHE C 286 -17.73 -9.87 28.41
N GLU C 287 -17.65 -10.90 27.58
CA GLU C 287 -18.81 -11.42 26.87
C GLU C 287 -19.98 -11.71 27.79
N GLN C 288 -19.72 -12.18 29.01
CA GLN C 288 -20.82 -12.48 29.92
C GLN C 288 -21.27 -11.28 30.75
N ASP C 289 -20.82 -10.09 30.37
CA ASP C 289 -21.22 -8.87 31.05
C ASP C 289 -22.50 -8.44 30.34
N PRO C 290 -23.57 -8.20 31.10
CA PRO C 290 -24.86 -7.80 30.55
C PRO C 290 -24.95 -6.47 29.80
N ILE C 291 -24.18 -5.46 30.21
CA ILE C 291 -24.27 -4.17 29.54
C ILE C 291 -23.44 -3.94 28.28
N SER C 292 -22.73 -4.96 27.82
CA SER C 292 -21.90 -4.76 26.62
C SER C 292 -22.19 -5.77 25.53
N PHE C 293 -21.67 -5.49 24.34
CA PHE C 293 -21.86 -6.40 23.22
C PHE C 293 -20.57 -6.86 22.54
N PHE C 294 -19.47 -6.96 23.30
CA PHE C 294 -18.21 -7.46 22.76
C PHE C 294 -18.10 -8.90 23.22
N LYS C 295 -17.24 -9.68 22.59
CA LYS C 295 -17.09 -11.08 22.97
C LYS C 295 -15.69 -11.44 23.45
N LEU C 296 -15.26 -10.83 24.56
CA LEU C 296 -13.96 -11.13 25.13
C LEU C 296 -14.09 -12.14 26.25
N THR C 297 -13.16 -13.09 26.32
CA THR C 297 -13.17 -14.11 27.37
C THR C 297 -12.11 -13.82 28.41
N SER C 298 -12.26 -14.39 29.60
CA SER C 298 -11.33 -14.17 30.70
C SER C 298 -9.85 -14.24 30.30
N PRO C 299 -9.46 -15.25 29.52
CA PRO C 299 -8.06 -15.38 29.09
C PRO C 299 -7.58 -14.18 28.28
N ASP C 300 -8.48 -13.53 27.55
CA ASP C 300 -8.09 -12.38 26.73
C ASP C 300 -7.59 -11.22 27.60
N TYR C 301 -7.98 -11.19 28.86
CA TYR C 301 -7.54 -10.11 29.75
C TYR C 301 -6.08 -10.25 30.13
N ILE C 302 -5.60 -11.50 30.11
CA ILE C 302 -4.20 -11.76 30.41
C ILE C 302 -3.41 -11.21 29.22
N THR C 303 -3.91 -11.50 28.02
CA THR C 303 -3.29 -11.03 26.79
C THR C 303 -3.24 -9.50 26.74
N MET C 304 -4.37 -8.88 27.06
CA MET C 304 -4.52 -7.43 27.09
C MET C 304 -3.41 -6.84 27.97
N GLY C 305 -3.23 -7.45 29.13
CA GLY C 305 -2.21 -7.01 30.06
C GLY C 305 -0.83 -7.08 29.44
N ARG C 306 -0.47 -8.23 28.88
CA ARG C 306 0.84 -8.38 28.26
C ARG C 306 1.06 -7.43 27.10
N THR C 307 0.06 -7.26 26.24
CA THR C 307 0.23 -6.37 25.10
C THR C 307 0.54 -4.94 25.49
N ILE C 308 -0.24 -4.39 26.42
CA ILE C 308 -0.03 -3.02 26.88
C ILE C 308 1.29 -2.88 27.62
N ALA C 309 1.59 -3.85 28.48
CA ALA C 309 2.83 -3.85 29.25
C ALA C 309 4.02 -3.92 28.31
N ALA C 310 3.84 -4.62 27.20
CA ALA C 310 4.91 -4.77 26.22
C ALA C 310 5.23 -3.45 25.54
N SER C 311 4.60 -2.35 25.95
CA SER C 311 4.90 -1.06 25.33
C SER C 311 6.28 -0.60 25.80
N GLY C 312 6.71 -1.11 26.95
CA GLY C 312 8.00 -0.73 27.48
C GLY C 312 7.97 0.38 28.51
N VAL C 313 6.91 1.18 28.53
CA VAL C 313 6.82 2.27 29.50
C VAL C 313 6.05 1.85 30.75
N PRO C 314 6.23 2.60 31.85
CA PRO C 314 5.54 2.29 33.10
C PRO C 314 4.02 2.40 32.94
N LEU C 315 3.28 1.49 33.58
CA LEU C 315 1.83 1.51 33.50
C LEU C 315 1.18 1.73 34.86
N LEU C 316 0.13 2.54 34.88
CA LEU C 316 -0.66 2.79 36.08
C LEU C 316 -2.06 2.33 35.67
N VAL C 317 -2.52 1.23 36.25
CA VAL C 317 -3.85 0.71 35.95
C VAL C 317 -4.85 1.32 36.92
N VAL C 318 -5.88 1.96 36.36
CA VAL C 318 -6.93 2.62 37.14
C VAL C 318 -8.29 1.96 36.89
N MET C 319 -8.90 1.47 37.96
CA MET C 319 -10.18 0.80 37.86
C MET C 319 -11.30 1.70 37.36
N GLU C 320 -12.00 1.26 36.33
CA GLU C 320 -13.13 2.02 35.80
C GLU C 320 -14.40 1.19 35.95
N GLY C 321 -15.07 0.93 34.83
CA GLY C 321 -16.31 0.17 34.87
C GLY C 321 -16.24 -1.34 34.87
N GLY C 322 -17.42 -1.94 34.81
CA GLY C 322 -17.54 -3.38 34.82
C GLY C 322 -18.70 -3.78 35.72
N TYR C 323 -19.68 -4.46 35.14
CA TYR C 323 -20.83 -4.92 35.87
C TYR C 323 -20.39 -5.86 36.98
N GLY C 324 -21.19 -5.94 38.03
CA GLY C 324 -20.84 -6.80 39.15
C GLY C 324 -20.99 -8.30 38.97
N VAL C 325 -20.76 -8.83 37.78
CA VAL C 325 -20.88 -10.28 37.60
C VAL C 325 -19.83 -11.00 38.44
N PRO C 326 -20.09 -12.27 38.77
CA PRO C 326 -19.17 -13.07 39.59
C PRO C 326 -17.71 -13.10 39.13
N GLU C 327 -17.50 -12.98 37.82
CA GLU C 327 -16.14 -13.02 37.25
C GLU C 327 -15.44 -11.65 37.16
N ILE C 328 -16.07 -10.62 37.70
CA ILE C 328 -15.51 -9.28 37.65
C ILE C 328 -14.08 -9.23 38.19
N GLY C 329 -13.85 -9.83 39.35
CA GLY C 329 -12.52 -9.84 39.94
C GLY C 329 -11.55 -10.66 39.12
N LEU C 330 -11.99 -11.84 38.68
CA LEU C 330 -11.13 -12.71 37.89
C LEU C 330 -10.51 -11.98 36.70
N ASN C 331 -11.35 -11.35 35.89
CA ASN C 331 -10.86 -10.64 34.70
C ASN C 331 -9.95 -9.46 35.05
N VAL C 332 -10.29 -8.72 36.09
CA VAL C 332 -9.45 -7.60 36.49
C VAL C 332 -8.07 -8.16 36.90
N ALA C 333 -8.09 -9.19 37.75
CA ALA C 333 -6.88 -9.85 38.23
C ALA C 333 -6.05 -10.40 37.07
N ASN C 334 -6.74 -10.84 36.02
CA ASN C 334 -6.07 -11.36 34.86
C ASN C 334 -5.30 -10.29 34.10
N VAL C 335 -5.82 -9.07 34.09
CA VAL C 335 -5.13 -7.99 33.40
C VAL C 335 -3.80 -7.74 34.14
N LEU C 336 -3.88 -7.69 35.47
CA LEU C 336 -2.70 -7.47 36.27
C LEU C 336 -1.65 -8.57 36.10
N LYS C 337 -2.11 -9.80 35.90
CA LYS C 337 -1.19 -10.92 35.67
C LYS C 337 -0.44 -10.69 34.36
N GLY C 338 -1.20 -10.30 33.34
CA GLY C 338 -0.59 -10.05 32.05
C GLY C 338 0.45 -8.95 32.13
N VAL C 339 0.14 -7.91 32.90
CA VAL C 339 1.06 -6.80 33.05
C VAL C 339 2.34 -7.30 33.71
N ALA C 340 2.18 -8.05 34.79
CA ALA C 340 3.31 -8.60 35.52
C ALA C 340 4.12 -9.54 34.64
N GLY C 341 3.49 -10.14 33.64
CA GLY C 341 4.19 -11.05 32.76
C GLY C 341 4.70 -12.29 33.46
N MET D 1 -16.46 -3.02 -38.27
CA MET D 1 -15.29 -3.93 -38.53
C MET D 1 -15.71 -5.04 -39.48
N ARG D 2 -14.74 -5.50 -40.25
CA ARG D 2 -14.99 -6.56 -41.21
C ARG D 2 -15.06 -7.91 -40.50
N VAL D 3 -15.79 -8.84 -41.08
CA VAL D 3 -15.93 -10.18 -40.52
C VAL D 3 -15.37 -11.19 -41.52
N ILE D 4 -14.54 -12.11 -41.03
CA ILE D 4 -13.97 -13.14 -41.89
C ILE D 4 -14.61 -14.46 -41.49
N PHE D 5 -15.32 -15.07 -42.44
CA PHE D 5 -16.04 -16.31 -42.21
C PHE D 5 -15.94 -17.27 -43.39
N SER D 6 -15.64 -18.53 -43.11
CA SER D 6 -15.54 -19.53 -44.16
C SER D 6 -16.63 -20.59 -43.97
N GLU D 7 -17.34 -20.90 -45.06
CA GLU D 7 -18.40 -21.91 -45.03
C GLU D 7 -17.83 -23.30 -44.86
N ASP D 8 -16.54 -23.48 -45.13
CA ASP D 8 -15.94 -24.80 -45.00
C ASP D 8 -15.86 -25.27 -43.56
N HIS D 9 -16.33 -24.45 -42.64
CA HIS D 9 -16.29 -24.82 -41.24
C HIS D 9 -17.22 -26.02 -41.06
N LYS D 10 -18.31 -26.04 -41.81
CA LYS D 10 -19.28 -27.10 -41.71
C LYS D 10 -18.66 -28.46 -42.05
N LEU D 11 -17.44 -28.47 -42.59
CA LEU D 11 -16.78 -29.73 -42.93
C LEU D 11 -16.39 -30.47 -41.64
N ARG D 12 -16.38 -29.74 -40.53
CA ARG D 12 -16.10 -30.33 -39.24
C ARG D 12 -17.49 -30.61 -38.71
N ASN D 13 -17.87 -31.88 -38.76
CA ASN D 13 -19.19 -32.28 -38.32
C ASN D 13 -19.15 -33.70 -37.79
N ALA D 14 -18.43 -33.86 -36.69
CA ALA D 14 -18.29 -35.17 -36.04
C ALA D 14 -19.65 -35.60 -35.53
N LYS D 15 -19.84 -36.91 -35.43
CA LYS D 15 -21.10 -37.44 -34.94
C LYS D 15 -21.04 -37.83 -33.47
N THR D 16 -19.84 -38.00 -32.94
CA THR D 16 -19.71 -38.39 -31.53
C THR D 16 -18.72 -37.58 -30.70
N GLU D 17 -18.98 -37.54 -29.41
CA GLU D 17 -18.14 -36.86 -28.44
C GLU D 17 -18.28 -37.65 -27.16
N LEU D 18 -17.16 -38.03 -26.56
CA LEU D 18 -17.18 -38.78 -25.32
C LEU D 18 -17.49 -37.80 -24.19
N TYR D 19 -18.68 -37.95 -23.61
CA TYR D 19 -19.12 -37.09 -22.52
C TYR D 19 -19.95 -37.89 -21.52
N GLY D 20 -19.58 -37.82 -20.24
CA GLY D 20 -20.31 -38.54 -19.22
C GLY D 20 -20.29 -40.05 -19.41
N GLY D 21 -19.29 -40.56 -20.13
CA GLY D 21 -19.17 -41.99 -20.34
C GLY D 21 -20.03 -42.48 -21.49
N GLU D 22 -20.50 -41.56 -22.32
CA GLU D 22 -21.33 -41.92 -23.47
C GLU D 22 -20.88 -41.14 -24.69
N LEU D 23 -21.17 -41.66 -25.87
CA LEU D 23 -20.83 -40.99 -27.11
C LEU D 23 -22.09 -40.26 -27.55
N VAL D 24 -22.04 -38.92 -27.47
CA VAL D 24 -23.19 -38.09 -27.83
C VAL D 24 -22.87 -37.07 -28.92
N PRO D 25 -23.89 -36.45 -29.51
CA PRO D 25 -23.62 -35.46 -30.56
C PRO D 25 -22.74 -34.33 -29.99
N PRO D 26 -21.64 -33.98 -30.69
CA PRO D 26 -20.72 -32.92 -30.26
C PRO D 26 -21.40 -31.61 -29.87
N PHE D 27 -20.90 -30.98 -28.79
CA PHE D 27 -21.48 -29.72 -28.34
C PHE D 27 -21.00 -28.58 -29.23
N GLU D 28 -19.87 -28.79 -29.88
CA GLU D 28 -19.31 -27.80 -30.77
C GLU D 28 -19.80 -28.19 -32.17
N ALA D 29 -21.06 -27.84 -32.44
CA ALA D 29 -21.70 -28.17 -33.72
C ALA D 29 -21.75 -26.97 -34.66
N PRO D 30 -21.97 -27.23 -35.96
CA PRO D 30 -22.05 -26.19 -36.99
C PRO D 30 -23.03 -25.06 -36.73
N PHE D 31 -24.19 -25.36 -36.13
CA PHE D 31 -25.17 -24.31 -35.89
C PHE D 31 -24.62 -23.15 -35.04
N ARG D 32 -23.55 -23.41 -34.28
CA ARG D 32 -22.97 -22.34 -33.47
C ARG D 32 -22.51 -21.19 -34.35
N ALA D 33 -21.88 -21.52 -35.48
CA ALA D 33 -21.40 -20.50 -36.40
C ALA D 33 -22.57 -19.81 -37.07
N GLU D 34 -23.60 -20.57 -37.43
CA GLU D 34 -24.76 -20.01 -38.08
C GLU D 34 -25.40 -18.89 -37.25
N TRP D 35 -25.66 -19.17 -35.98
CA TRP D 35 -26.28 -18.18 -35.11
C TRP D 35 -25.40 -17.00 -34.71
N ILE D 36 -24.09 -17.23 -34.66
CA ILE D 36 -23.19 -16.15 -34.33
C ILE D 36 -23.17 -15.20 -35.54
N LEU D 37 -23.05 -15.75 -36.74
CA LEU D 37 -23.02 -14.94 -37.94
C LEU D 37 -24.30 -14.15 -38.10
N ALA D 38 -25.44 -14.77 -37.82
CA ALA D 38 -26.72 -14.08 -37.94
C ALA D 38 -26.76 -12.88 -37.00
N ALA D 39 -26.36 -13.12 -35.74
CA ALA D 39 -26.35 -12.08 -34.73
C ALA D 39 -25.42 -10.90 -35.04
N VAL D 40 -24.21 -11.17 -35.54
CA VAL D 40 -23.27 -10.09 -35.83
C VAL D 40 -23.73 -9.27 -37.03
N LYS D 41 -24.47 -9.90 -37.94
CA LYS D 41 -24.98 -9.21 -39.10
C LYS D 41 -26.10 -8.28 -38.65
N GLU D 42 -26.94 -8.77 -37.74
CA GLU D 42 -28.04 -7.98 -37.22
C GLU D 42 -27.56 -6.77 -36.42
N ALA D 43 -26.34 -6.84 -35.91
CA ALA D 43 -25.80 -5.73 -35.13
C ALA D 43 -25.12 -4.73 -36.05
N GLY D 44 -25.23 -4.94 -37.35
CA GLY D 44 -24.61 -4.02 -38.30
C GLY D 44 -23.32 -4.50 -38.90
N PHE D 45 -22.75 -5.57 -38.37
CA PHE D 45 -21.50 -6.10 -38.90
C PHE D 45 -21.83 -7.05 -40.03
N ASP D 46 -22.21 -6.50 -41.18
CA ASP D 46 -22.59 -7.29 -42.32
C ASP D 46 -21.54 -7.41 -43.43
N ASP D 47 -20.37 -6.81 -43.24
CA ASP D 47 -19.33 -6.93 -44.24
C ASP D 47 -18.61 -8.25 -44.00
N VAL D 48 -19.26 -9.34 -44.40
CA VAL D 48 -18.75 -10.69 -44.24
C VAL D 48 -18.00 -11.15 -45.48
N VAL D 49 -16.72 -11.51 -45.33
CA VAL D 49 -15.97 -11.98 -46.49
C VAL D 49 -15.35 -13.33 -46.16
N ALA D 50 -15.12 -14.14 -47.19
CA ALA D 50 -14.52 -15.44 -47.02
C ALA D 50 -13.02 -15.28 -47.02
N PRO D 51 -12.30 -16.15 -46.29
CA PRO D 51 -10.84 -16.07 -46.24
C PRO D 51 -10.21 -16.40 -47.58
N ALA D 52 -9.04 -15.81 -47.81
CA ALA D 52 -8.29 -16.06 -49.03
C ALA D 52 -7.57 -17.39 -48.88
N ARG D 53 -6.79 -17.75 -49.89
CA ARG D 53 -6.04 -18.99 -49.89
C ARG D 53 -4.71 -18.75 -49.16
N HIS D 54 -4.34 -19.65 -48.27
CA HIS D 54 -3.08 -19.53 -47.53
C HIS D 54 -2.36 -20.88 -47.39
N GLY D 55 -1.03 -20.82 -47.33
CA GLY D 55 -0.23 -22.04 -47.21
C GLY D 55 -0.02 -22.44 -45.76
N LEU D 56 0.94 -23.32 -45.50
CA LEU D 56 1.22 -23.77 -44.14
C LEU D 56 2.40 -23.08 -43.45
N GLU D 57 3.00 -22.11 -44.12
CA GLU D 57 4.15 -21.40 -43.56
C GLU D 57 3.87 -20.73 -42.20
N THR D 58 2.82 -19.93 -42.11
CA THR D 58 2.51 -19.25 -40.85
C THR D 58 2.30 -20.26 -39.73
N VAL D 59 1.43 -21.23 -39.98
CA VAL D 59 1.10 -22.26 -38.98
C VAL D 59 2.31 -23.13 -38.59
N LEU D 60 3.28 -23.25 -39.49
CA LEU D 60 4.46 -24.05 -39.18
C LEU D 60 5.40 -23.36 -38.19
N LYS D 61 5.11 -22.10 -37.88
CA LYS D 61 5.93 -21.33 -36.96
C LYS D 61 5.43 -21.45 -35.52
N VAL D 62 4.26 -22.06 -35.34
CA VAL D 62 3.69 -22.22 -34.01
C VAL D 62 3.31 -23.66 -33.66
N HIS D 63 3.18 -24.52 -34.67
CA HIS D 63 2.82 -25.90 -34.44
C HIS D 63 3.94 -26.83 -34.90
N ASP D 64 4.06 -27.97 -34.22
CA ASP D 64 5.06 -28.98 -34.55
C ASP D 64 4.69 -29.54 -35.94
N ALA D 65 5.70 -29.76 -36.79
CA ALA D 65 5.46 -30.31 -38.12
C ALA D 65 4.88 -31.72 -38.08
N GLY D 66 5.41 -32.56 -37.19
CA GLY D 66 4.93 -33.92 -37.06
C GLY D 66 3.47 -33.97 -36.66
N TYR D 67 3.06 -32.99 -35.87
CA TYR D 67 1.68 -32.88 -35.40
C TYR D 67 0.79 -32.52 -36.59
N LEU D 68 1.18 -31.50 -37.34
CA LEU D 68 0.40 -31.11 -38.51
C LEU D 68 0.25 -32.28 -39.47
N ASN D 69 1.36 -32.96 -39.74
CA ASN D 69 1.35 -34.09 -40.65
C ASN D 69 0.36 -35.16 -40.19
N PHE D 70 0.32 -35.37 -38.87
CA PHE D 70 -0.59 -36.35 -38.26
C PHE D 70 -2.05 -35.97 -38.47
N LEU D 71 -2.37 -34.69 -38.26
CA LEU D 71 -3.73 -34.22 -38.44
C LEU D 71 -4.24 -34.41 -39.86
N GLU D 72 -3.39 -34.09 -40.83
CA GLU D 72 -3.81 -34.23 -42.22
C GLU D 72 -4.10 -35.66 -42.67
N THR D 73 -3.47 -36.63 -42.03
CA THR D 73 -3.66 -38.03 -42.45
C THR D 73 -4.33 -38.92 -41.41
N ALA D 74 -4.62 -38.37 -40.24
CA ALA D 74 -5.22 -39.12 -39.15
C ALA D 74 -6.43 -39.96 -39.55
N TRP D 75 -7.46 -39.31 -40.07
CA TRP D 75 -8.66 -40.02 -40.44
C TRP D 75 -8.44 -41.18 -41.41
N ASP D 76 -7.69 -40.94 -42.48
CA ASP D 76 -7.46 -42.03 -43.45
C ASP D 76 -6.79 -43.24 -42.80
N ARG D 77 -5.73 -43.00 -42.05
CA ARG D 77 -5.00 -44.08 -41.40
C ARG D 77 -5.90 -44.81 -40.39
N TRP D 78 -6.73 -44.05 -39.70
CA TRP D 78 -7.65 -44.60 -38.72
C TRP D 78 -8.61 -45.58 -39.41
N LYS D 79 -9.26 -45.09 -40.45
CA LYS D 79 -10.21 -45.90 -41.21
C LYS D 79 -9.50 -47.09 -41.90
N ALA D 80 -8.27 -46.88 -42.34
CA ALA D 80 -7.51 -47.93 -42.98
C ALA D 80 -7.17 -49.03 -41.99
N ALA D 81 -7.10 -48.68 -40.70
CA ALA D 81 -6.78 -49.65 -39.66
C ALA D 81 -7.99 -50.54 -39.34
N GLY D 82 -9.12 -50.27 -40.00
CA GLY D 82 -10.31 -51.08 -39.78
C GLY D 82 -11.26 -50.63 -38.68
N TYR D 83 -10.99 -49.50 -38.02
CA TYR D 83 -11.89 -49.07 -36.96
C TYR D 83 -13.22 -48.58 -37.49
N LYS D 84 -14.28 -48.90 -36.75
CA LYS D 84 -15.63 -48.56 -37.13
C LYS D 84 -16.08 -47.18 -36.70
N GLY D 85 -15.71 -46.77 -35.48
CA GLY D 85 -16.09 -45.46 -34.99
C GLY D 85 -15.17 -44.36 -35.48
N GLU D 86 -15.30 -43.17 -34.92
CA GLU D 86 -14.46 -42.02 -35.29
C GLU D 86 -13.13 -42.12 -34.55
N ALA D 87 -12.14 -41.35 -34.98
CA ALA D 87 -10.83 -41.42 -34.35
C ALA D 87 -10.79 -40.75 -32.96
N ILE D 88 -10.58 -41.59 -31.95
CA ILE D 88 -10.51 -41.12 -30.57
C ILE D 88 -9.38 -41.83 -29.82
N ALA D 89 -8.47 -41.03 -29.25
CA ALA D 89 -7.33 -41.55 -28.50
C ALA D 89 -7.77 -42.26 -27.22
N THR D 90 -7.05 -43.33 -26.85
CA THR D 90 -7.40 -44.08 -25.64
C THR D 90 -6.20 -44.25 -24.70
N SER D 91 -4.99 -44.19 -25.25
CA SER D 91 -3.77 -44.33 -24.45
C SER D 91 -3.04 -42.99 -24.52
N PHE D 92 -2.54 -42.51 -23.38
CA PHE D 92 -1.85 -41.22 -23.38
C PHE D 92 -0.49 -41.17 -22.68
N PRO D 93 0.42 -40.33 -23.18
CA PRO D 93 1.76 -40.18 -22.61
C PRO D 93 1.68 -39.26 -21.39
N VAL D 94 1.31 -39.84 -20.25
CA VAL D 94 1.16 -39.09 -19.01
C VAL D 94 2.47 -39.09 -18.21
N ARG D 95 2.35 -39.10 -16.88
CA ARG D 95 3.54 -39.04 -16.04
C ARG D 95 4.54 -40.18 -16.20
N ARG D 96 5.82 -39.82 -16.13
CA ARG D 96 6.91 -40.78 -16.20
C ARG D 96 6.90 -41.74 -17.40
N THR D 97 6.60 -41.21 -18.58
CA THR D 97 6.57 -42.02 -19.79
C THR D 97 7.67 -41.65 -20.78
N SER D 98 7.97 -42.58 -21.67
CA SER D 98 8.99 -42.38 -22.70
C SER D 98 8.61 -41.22 -23.60
N PRO D 99 9.60 -40.50 -24.12
CA PRO D 99 9.32 -39.36 -25.00
C PRO D 99 9.27 -39.77 -26.46
N ARG D 100 9.49 -41.05 -26.73
CA ARG D 100 9.47 -41.55 -28.12
C ARG D 100 8.08 -41.48 -28.76
N ILE D 101 8.07 -41.24 -30.06
CA ILE D 101 6.83 -41.12 -30.83
C ILE D 101 6.49 -42.44 -31.51
N PRO D 102 5.33 -43.04 -31.19
CA PRO D 102 4.95 -44.31 -31.81
C PRO D 102 4.90 -44.21 -33.32
N THR D 103 4.78 -45.34 -34.00
CA THR D 103 4.72 -45.34 -35.45
C THR D 103 3.33 -45.65 -36.01
N ASP D 104 2.53 -46.43 -35.28
CA ASP D 104 1.19 -46.78 -35.75
C ASP D 104 0.17 -45.68 -35.42
N ILE D 105 -1.02 -45.76 -36.02
CA ILE D 105 -2.04 -44.75 -35.77
C ILE D 105 -2.59 -44.80 -34.35
N GLU D 106 -2.74 -46.01 -33.81
CA GLU D 106 -3.27 -46.16 -32.46
C GLU D 106 -2.44 -45.43 -31.40
N GLY D 107 -1.14 -45.68 -31.37
CA GLY D 107 -0.31 -45.01 -30.39
C GLY D 107 -0.06 -43.54 -30.74
N GLN D 108 -0.18 -43.21 -32.02
CA GLN D 108 0.06 -41.85 -32.43
C GLN D 108 -1.07 -40.87 -32.12
N ILE D 109 -2.31 -41.32 -32.21
CA ILE D 109 -3.41 -40.43 -31.91
C ILE D 109 -3.34 -39.97 -30.45
N GLY D 110 -2.95 -40.88 -29.55
CA GLY D 110 -2.83 -40.52 -28.16
C GLY D 110 -1.64 -39.59 -27.94
N TYR D 111 -0.53 -39.87 -28.62
CA TYR D 111 0.67 -39.07 -28.48
C TYR D 111 0.38 -37.60 -28.83
N TYR D 112 -0.47 -37.39 -29.83
CA TYR D 112 -0.83 -36.05 -30.28
C TYR D 112 -2.15 -35.53 -29.71
N CYS D 113 -2.64 -36.14 -28.64
CA CYS D 113 -3.89 -35.73 -28.05
C CYS D 113 -3.81 -35.41 -26.54
N ASN D 114 -4.55 -34.39 -26.12
CA ASN D 114 -4.56 -34.00 -24.71
C ASN D 114 -5.94 -34.16 -24.07
N ALA D 115 -6.94 -34.56 -24.86
CA ALA D 115 -8.30 -34.77 -24.33
C ALA D 115 -9.10 -35.70 -25.26
N ALA D 116 -9.48 -36.88 -24.75
CA ALA D 116 -10.21 -37.89 -25.51
C ALA D 116 -11.65 -37.56 -25.90
N GLU D 117 -12.23 -36.51 -25.34
CA GLU D 117 -13.59 -36.16 -25.69
C GLU D 117 -13.66 -35.53 -27.08
N THR D 118 -12.51 -35.34 -27.71
CA THR D 118 -12.48 -34.78 -29.05
C THR D 118 -12.11 -35.84 -30.07
N ALA D 119 -12.99 -36.04 -31.05
CA ALA D 119 -12.78 -37.04 -32.10
C ALA D 119 -12.49 -36.39 -33.43
N ILE D 120 -11.61 -37.03 -34.20
CA ILE D 120 -11.24 -36.58 -35.53
C ILE D 120 -12.16 -37.32 -36.48
N SER D 121 -12.76 -36.60 -37.41
CA SER D 121 -13.70 -37.19 -38.36
C SER D 121 -13.38 -36.72 -39.76
N PRO D 122 -14.07 -37.28 -40.77
CA PRO D 122 -13.81 -36.87 -42.15
C PRO D 122 -14.02 -35.37 -42.28
N GLY D 123 -13.11 -34.68 -42.94
CA GLY D 123 -13.28 -33.24 -43.10
C GLY D 123 -12.72 -32.34 -42.01
N THR D 124 -12.24 -32.94 -40.93
CA THR D 124 -11.68 -32.15 -39.84
C THR D 124 -10.47 -31.34 -40.28
N TRP D 125 -9.54 -31.97 -40.98
CA TRP D 125 -8.34 -31.27 -41.44
C TRP D 125 -8.72 -30.07 -42.30
N GLU D 126 -9.55 -30.31 -43.31
CA GLU D 126 -10.00 -29.26 -44.22
C GLU D 126 -10.67 -28.09 -43.50
N ALA D 127 -11.57 -28.40 -42.57
CA ALA D 127 -12.27 -27.37 -41.82
C ALA D 127 -11.30 -26.58 -40.94
N ALA D 128 -10.32 -27.29 -40.36
CA ALA D 128 -9.34 -26.62 -39.52
C ALA D 128 -8.57 -25.60 -40.33
N LEU D 129 -8.17 -25.95 -41.55
CA LEU D 129 -7.42 -25.03 -42.38
C LEU D 129 -8.24 -23.80 -42.77
N SER D 130 -9.54 -23.98 -43.01
CA SER D 130 -10.38 -22.84 -43.38
C SER D 130 -10.50 -21.87 -42.21
N SER D 131 -10.65 -22.42 -41.01
CA SER D 131 -10.76 -21.64 -39.80
C SER D 131 -9.43 -20.90 -39.61
N MET D 132 -8.32 -21.62 -39.83
CA MET D 132 -7.01 -21.02 -39.73
C MET D 132 -6.89 -19.88 -40.75
N ALA D 133 -7.34 -20.14 -41.98
CA ALA D 133 -7.27 -19.12 -43.01
C ALA D 133 -8.03 -17.85 -42.61
N SER D 134 -9.20 -18.01 -41.98
CA SER D 134 -10.00 -16.87 -41.52
C SER D 134 -9.23 -16.07 -40.51
N ALA D 135 -8.49 -16.77 -39.66
CA ALA D 135 -7.70 -16.13 -38.63
C ALA D 135 -6.61 -15.33 -39.31
N ILE D 136 -5.91 -15.96 -40.24
CA ILE D 136 -4.84 -15.31 -40.96
C ILE D 136 -5.28 -14.03 -41.66
N ASP D 137 -6.43 -14.08 -42.35
CA ASP D 137 -6.97 -12.92 -43.06
C ASP D 137 -7.37 -11.83 -42.08
N GLY D 138 -7.89 -12.23 -40.93
CA GLY D 138 -8.29 -11.26 -39.93
C GLY D 138 -7.06 -10.52 -39.44
N ALA D 139 -5.94 -11.24 -39.33
CA ALA D 139 -4.72 -10.61 -38.89
C ALA D 139 -4.20 -9.63 -39.94
N ASP D 140 -4.29 -10.01 -41.21
CA ASP D 140 -3.81 -9.16 -42.28
C ASP D 140 -4.50 -7.79 -42.25
N LEU D 141 -5.81 -7.77 -41.99
CA LEU D 141 -6.56 -6.53 -41.92
C LEU D 141 -5.95 -5.64 -40.84
N ILE D 142 -5.52 -6.25 -39.74
CA ILE D 142 -4.93 -5.49 -38.64
C ILE D 142 -3.59 -4.91 -39.09
N ALA D 143 -2.76 -5.72 -39.74
CA ALA D 143 -1.47 -5.22 -40.21
C ALA D 143 -1.69 -4.10 -41.21
N ALA D 144 -2.80 -4.14 -41.95
CA ALA D 144 -3.10 -3.11 -42.95
C ALA D 144 -3.49 -1.77 -42.33
N GLY D 145 -3.80 -1.77 -41.03
CA GLY D 145 -4.18 -0.52 -40.39
C GLY D 145 -5.59 -0.49 -39.86
N HIS D 146 -6.30 -1.59 -40.00
CA HIS D 146 -7.68 -1.67 -39.51
C HIS D 146 -7.70 -1.70 -37.99
N LYS D 147 -8.63 -0.93 -37.42
CA LYS D 147 -8.77 -0.83 -35.98
C LYS D 147 -9.24 -2.13 -35.33
N ALA D 148 -10.07 -2.87 -36.04
CA ALA D 148 -10.59 -4.12 -35.52
C ALA D 148 -11.08 -5.03 -36.63
N ALA D 149 -11.25 -6.30 -36.31
CA ALA D 149 -11.72 -7.30 -37.26
C ALA D 149 -12.19 -8.51 -36.45
N PHE D 150 -13.13 -9.27 -37.00
CA PHE D 150 -13.64 -10.45 -36.30
C PHE D 150 -13.51 -11.68 -37.17
N SER D 151 -12.73 -12.65 -36.71
CA SER D 151 -12.57 -13.90 -37.43
C SER D 151 -13.53 -14.90 -36.81
N LEU D 152 -14.60 -15.23 -37.53
CA LEU D 152 -15.56 -16.19 -37.00
C LEU D 152 -14.98 -17.57 -37.28
N CYS D 153 -14.11 -18.03 -36.39
CA CYS D 153 -13.45 -19.31 -36.54
C CYS D 153 -14.25 -20.48 -36.01
N ARG D 154 -14.16 -21.58 -36.73
CA ARG D 154 -14.80 -22.81 -36.33
C ARG D 154 -14.17 -23.88 -37.21
N PRO D 155 -13.64 -24.94 -36.61
CA PRO D 155 -13.60 -25.18 -35.17
C PRO D 155 -12.70 -24.19 -34.42
N PRO D 156 -12.88 -24.11 -33.09
CA PRO D 156 -12.08 -23.21 -32.24
C PRO D 156 -10.64 -23.72 -32.19
N GLY D 157 -9.75 -22.94 -31.59
CA GLY D 157 -8.36 -23.37 -31.54
C GLY D 157 -7.55 -23.22 -30.27
N HIS D 158 -8.02 -22.47 -29.28
CA HIS D 158 -7.18 -22.27 -28.11
C HIS D 158 -6.79 -23.49 -27.28
N HIS D 159 -7.38 -24.66 -27.53
CA HIS D 159 -6.98 -25.85 -26.76
C HIS D 159 -5.92 -26.63 -27.51
N ALA D 160 -5.65 -26.24 -28.75
CA ALA D 160 -4.63 -26.94 -29.51
C ALA D 160 -3.27 -26.40 -29.12
N GLY D 161 -2.42 -27.30 -28.61
CA GLY D 161 -1.09 -26.90 -28.20
C GLY D 161 -0.07 -27.10 -29.30
N ILE D 162 1.21 -26.99 -28.96
CA ILE D 162 2.27 -27.15 -29.95
C ILE D 162 2.11 -28.42 -30.76
N ASP D 163 1.96 -29.55 -30.07
CA ASP D 163 1.81 -30.82 -30.76
C ASP D 163 0.68 -31.68 -30.23
N MET D 164 -0.45 -31.06 -29.88
CA MET D 164 -1.59 -31.82 -29.38
C MET D 164 -2.95 -31.17 -29.65
N PHE D 165 -3.95 -32.00 -29.94
CA PHE D 165 -5.29 -31.50 -30.17
C PHE D 165 -6.19 -31.92 -29.02
N GLY D 166 -7.31 -31.23 -28.86
CA GLY D 166 -8.23 -31.54 -27.79
C GLY D 166 -9.14 -30.36 -27.51
N GLY D 167 -10.23 -30.60 -26.78
CA GLY D 167 -11.14 -29.52 -26.47
C GLY D 167 -11.80 -28.94 -27.70
N TYR D 168 -11.97 -29.76 -28.74
CA TYR D 168 -12.60 -29.38 -30.01
C TYR D 168 -11.66 -28.56 -30.90
N CYS D 169 -10.40 -28.44 -30.48
CA CYS D 169 -9.41 -27.68 -31.23
C CYS D 169 -8.31 -28.52 -31.89
N PHE D 170 -7.91 -28.10 -33.09
CA PHE D 170 -6.90 -28.80 -33.86
C PHE D 170 -5.76 -27.88 -34.27
N ILE D 171 -6.10 -26.67 -34.71
CA ILE D 171 -5.09 -25.70 -35.08
C ILE D 171 -5.41 -24.44 -34.28
N ASN D 172 -4.42 -23.96 -33.54
CA ASN D 172 -4.63 -22.78 -32.71
C ASN D 172 -4.71 -21.50 -33.54
N ASN D 173 -5.91 -21.20 -34.03
CA ASN D 173 -6.15 -20.02 -34.86
C ASN D 173 -5.61 -18.73 -34.28
N ALA D 174 -5.81 -18.54 -32.97
CA ALA D 174 -5.33 -17.33 -32.31
C ALA D 174 -3.80 -17.24 -32.38
N ALA D 175 -3.14 -18.36 -32.17
CA ALA D 175 -1.69 -18.39 -32.23
C ALA D 175 -1.22 -18.06 -33.64
N VAL D 176 -1.87 -18.67 -34.63
CA VAL D 176 -1.51 -18.42 -36.01
C VAL D 176 -1.70 -16.96 -36.36
N ALA D 177 -2.74 -16.32 -35.83
CA ALA D 177 -3.00 -14.92 -36.11
C ALA D 177 -1.87 -14.07 -35.50
N ALA D 178 -1.59 -14.31 -34.23
CA ALA D 178 -0.54 -13.58 -33.54
C ALA D 178 0.76 -13.68 -34.32
N GLN D 179 1.13 -14.89 -34.74
CA GLN D 179 2.34 -15.10 -35.50
C GLN D 179 2.30 -14.33 -36.81
N ARG D 180 1.13 -14.31 -37.43
CA ARG D 180 0.98 -13.60 -38.68
C ARG D 180 1.30 -12.11 -38.50
N LEU D 181 0.74 -11.52 -37.45
CA LEU D 181 0.97 -10.10 -37.17
C LEU D 181 2.47 -9.83 -37.06
N LEU D 182 3.18 -10.74 -36.41
CA LEU D 182 4.61 -10.59 -36.25
C LEU D 182 5.32 -10.60 -37.60
N ASP D 183 5.07 -11.62 -38.41
CA ASP D 183 5.70 -11.73 -39.72
C ASP D 183 5.37 -10.50 -40.58
N LYS D 184 4.29 -9.80 -40.24
CA LYS D 184 3.88 -8.63 -40.98
C LYS D 184 4.57 -7.34 -40.54
N GLY D 185 5.41 -7.43 -39.51
CA GLY D 185 6.12 -6.25 -39.05
C GLY D 185 6.03 -5.89 -37.57
N ALA D 186 5.20 -6.59 -36.82
CA ALA D 186 5.08 -6.30 -35.40
C ALA D 186 6.21 -6.99 -34.64
N LYS D 187 6.60 -6.40 -33.51
CA LYS D 187 7.66 -6.97 -32.69
C LYS D 187 7.08 -7.59 -31.44
N LYS D 188 5.98 -7.03 -30.97
CA LYS D 188 5.31 -7.54 -29.77
C LYS D 188 3.80 -7.60 -29.97
N ILE D 189 3.22 -8.76 -29.65
CA ILE D 189 1.78 -8.97 -29.78
C ILE D 189 1.27 -9.62 -28.50
N ALA D 190 -0.02 -9.43 -28.20
CA ALA D 190 -0.60 -10.04 -27.03
C ALA D 190 -1.87 -10.79 -27.44
N ILE D 191 -2.13 -11.86 -26.71
CA ILE D 191 -3.32 -12.67 -26.91
C ILE D 191 -4.00 -12.64 -25.57
N LEU D 192 -5.27 -12.23 -25.57
CA LEU D 192 -6.07 -12.15 -24.36
C LEU D 192 -7.21 -13.15 -24.53
N ASP D 193 -7.22 -14.19 -23.70
CA ASP D 193 -8.23 -15.26 -23.78
C ASP D 193 -9.37 -15.09 -22.76
N VAL D 194 -10.52 -14.62 -23.22
CA VAL D 194 -11.63 -14.38 -22.31
C VAL D 194 -12.64 -15.53 -22.22
N ASP D 195 -12.46 -16.52 -23.09
CA ASP D 195 -13.31 -17.73 -23.09
C ASP D 195 -13.27 -18.31 -21.66
N PHE D 196 -14.33 -18.99 -21.23
CA PHE D 196 -14.38 -19.53 -19.87
C PHE D 196 -13.26 -20.48 -19.49
N HIS D 197 -12.85 -21.33 -20.43
CA HIS D 197 -11.80 -22.30 -20.16
C HIS D 197 -10.42 -21.74 -20.47
N HIS D 198 -9.43 -22.20 -19.72
CA HIS D 198 -8.06 -21.76 -19.91
C HIS D 198 -7.59 -22.08 -21.33
N GLY D 199 -6.82 -21.18 -21.92
CA GLY D 199 -6.30 -21.45 -23.26
C GLY D 199 -4.99 -22.22 -23.12
N ASN D 200 -5.06 -23.41 -22.55
CA ASN D 200 -3.88 -24.22 -22.32
C ASN D 200 -3.01 -24.42 -23.55
N GLY D 201 -3.66 -24.62 -24.70
CA GLY D 201 -2.91 -24.79 -25.93
C GLY D 201 -2.15 -23.55 -26.37
N THR D 202 -2.77 -22.37 -26.20
CA THR D 202 -2.11 -21.13 -26.60
C THR D 202 -0.95 -20.88 -25.66
N GLN D 203 -1.17 -21.12 -24.38
CA GLN D 203 -0.11 -20.93 -23.42
C GLN D 203 1.07 -21.77 -23.83
N ASP D 204 0.83 -23.06 -24.05
CA ASP D 204 1.88 -23.98 -24.45
C ASP D 204 2.71 -23.47 -25.63
N ILE D 205 2.05 -22.94 -26.66
CA ILE D 205 2.77 -22.43 -27.84
C ILE D 205 3.69 -21.23 -27.58
N PHE D 206 3.29 -20.31 -26.71
CA PHE D 206 4.09 -19.13 -26.45
C PHE D 206 4.73 -19.10 -25.07
N TYR D 207 4.69 -20.22 -24.37
CA TYR D 207 5.25 -20.29 -23.03
C TYR D 207 6.73 -19.90 -22.93
N GLU D 208 7.51 -20.27 -23.94
CA GLU D 208 8.92 -19.95 -23.96
C GLU D 208 9.27 -18.87 -24.99
N ARG D 209 8.27 -18.08 -25.35
CA ARG D 209 8.49 -17.01 -26.30
C ARG D 209 8.23 -15.67 -25.62
N GLY D 210 9.20 -14.77 -25.77
CA GLY D 210 9.09 -13.46 -25.16
C GLY D 210 8.49 -12.40 -26.05
N ASP D 211 8.24 -12.75 -27.31
CA ASP D 211 7.68 -11.78 -28.25
C ASP D 211 6.15 -11.75 -28.26
N VAL D 212 5.54 -12.70 -27.57
CA VAL D 212 4.09 -12.79 -27.48
C VAL D 212 3.66 -12.94 -26.03
N PHE D 213 2.81 -12.04 -25.58
CA PHE D 213 2.31 -12.10 -24.21
C PHE D 213 0.95 -12.81 -24.21
N PHE D 214 0.79 -13.78 -23.32
CA PHE D 214 -0.47 -14.53 -23.22
C PHE D 214 -1.16 -14.31 -21.89
N ALA D 215 -2.44 -13.92 -21.93
CA ALA D 215 -3.20 -13.70 -20.72
C ALA D 215 -4.53 -14.43 -20.85
N SER D 216 -4.96 -15.08 -19.77
CA SER D 216 -6.21 -15.80 -19.82
C SER D 216 -6.99 -15.70 -18.51
N LEU D 217 -8.29 -15.49 -18.62
CA LEU D 217 -9.19 -15.43 -17.48
C LEU D 217 -10.03 -16.68 -17.66
N HIS D 218 -10.18 -17.47 -16.62
CA HIS D 218 -10.90 -18.72 -16.80
C HIS D 218 -11.22 -19.38 -15.47
N GLY D 219 -12.17 -20.31 -15.50
CA GLY D 219 -12.52 -21.04 -14.29
C GLY D 219 -11.29 -21.74 -13.76
N ASP D 220 -11.17 -21.78 -12.44
CA ASP D 220 -10.06 -22.42 -11.77
C ASP D 220 -9.94 -23.87 -12.29
N PRO D 221 -8.77 -24.22 -12.83
CA PRO D 221 -8.52 -25.55 -13.36
C PRO D 221 -8.67 -26.69 -12.36
N ALA D 222 -8.64 -26.35 -11.07
CA ALA D 222 -8.78 -27.37 -10.05
C ALA D 222 -10.16 -28.00 -10.19
N GLU D 223 -11.07 -27.28 -10.85
CA GLU D 223 -12.41 -27.78 -11.01
C GLU D 223 -13.05 -27.38 -12.34
N ALA D 224 -12.22 -27.31 -13.38
CA ALA D 224 -12.70 -26.95 -14.72
C ALA D 224 -11.69 -27.35 -15.80
N PHE D 225 -12.22 -27.78 -16.94
CA PHE D 225 -11.42 -28.16 -18.08
C PHE D 225 -10.59 -26.92 -18.40
N PRO D 226 -9.35 -27.09 -18.89
CA PRO D 226 -8.64 -28.34 -19.19
C PRO D 226 -8.08 -29.11 -17.99
N HIS D 227 -8.27 -28.59 -16.79
CA HIS D 227 -7.81 -29.25 -15.57
C HIS D 227 -6.32 -29.33 -15.27
N PHE D 228 -5.45 -29.29 -16.27
CA PHE D 228 -4.04 -29.44 -15.95
C PHE D 228 -3.12 -28.31 -16.37
N LEU D 229 -3.64 -27.09 -16.29
CA LEU D 229 -2.88 -25.91 -16.67
C LEU D 229 -3.79 -24.71 -16.46
N GLY D 230 -3.21 -23.55 -16.18
CA GLY D 230 -4.03 -22.36 -15.95
C GLY D 230 -3.92 -21.76 -14.57
N TYR D 231 -3.01 -22.28 -13.76
CA TYR D 231 -2.78 -21.79 -12.40
C TYR D 231 -1.98 -20.49 -12.45
N ALA D 232 -2.33 -19.55 -11.57
CA ALA D 232 -1.64 -18.26 -11.51
C ALA D 232 -0.10 -18.36 -11.42
N GLU D 233 0.39 -19.47 -10.87
CA GLU D 233 1.82 -19.69 -10.70
C GLU D 233 2.58 -19.83 -12.03
N GLU D 234 1.86 -20.17 -13.11
CA GLU D 234 2.47 -20.34 -14.43
C GLU D 234 2.63 -18.96 -15.09
N THR D 235 3.84 -18.44 -15.05
CA THR D 235 4.13 -17.10 -15.59
C THR D 235 5.12 -17.07 -16.77
N GLY D 236 5.62 -18.24 -17.16
CA GLY D 236 6.55 -18.29 -18.26
C GLY D 236 7.72 -19.19 -17.98
N LYS D 237 8.52 -19.42 -19.01
CA LYS D 237 9.70 -20.27 -18.87
C LYS D 237 10.75 -19.87 -19.90
N GLY D 238 12.01 -19.87 -19.48
CA GLY D 238 13.10 -19.50 -20.37
C GLY D 238 12.92 -18.12 -20.96
N ALA D 239 13.04 -18.03 -22.29
CA ALA D 239 12.89 -16.77 -23.00
C ALA D 239 11.48 -16.20 -22.80
N GLY D 240 10.57 -17.06 -22.36
CA GLY D 240 9.21 -16.61 -22.15
C GLY D 240 8.87 -16.21 -20.73
N ALA D 241 9.86 -16.21 -19.86
CA ALA D 241 9.61 -15.84 -18.46
C ALA D 241 8.93 -14.49 -18.39
N GLY D 242 7.90 -14.40 -17.54
CA GLY D 242 7.18 -13.15 -17.39
C GLY D 242 6.14 -12.76 -18.42
N THR D 243 6.08 -13.46 -19.56
CA THR D 243 5.10 -13.11 -20.59
C THR D 243 3.88 -14.04 -20.66
N THR D 244 3.43 -14.48 -19.49
CA THR D 244 2.23 -15.32 -19.36
C THR D 244 1.56 -14.92 -18.03
N ALA D 245 0.26 -14.63 -18.08
CA ALA D 245 -0.48 -14.24 -16.89
C ALA D 245 -1.86 -14.93 -16.85
N ASN D 246 -2.04 -15.80 -15.88
CA ASN D 246 -3.31 -16.49 -15.73
C ASN D 246 -4.10 -15.94 -14.55
N TYR D 247 -5.41 -15.84 -14.75
CA TYR D 247 -6.31 -15.34 -13.72
C TYR D 247 -7.42 -16.36 -13.52
N PRO D 248 -7.15 -17.42 -12.74
CA PRO D 248 -8.15 -18.46 -12.47
C PRO D 248 -9.14 -17.90 -11.45
N MET D 249 -10.43 -18.07 -11.71
CA MET D 249 -11.49 -17.59 -10.82
C MET D 249 -12.49 -18.70 -10.48
N GLY D 250 -13.00 -18.67 -9.25
CA GLY D 250 -13.92 -19.69 -8.76
C GLY D 250 -15.38 -19.61 -9.18
N ARG D 251 -16.20 -20.49 -8.59
CA ARG D 251 -17.62 -20.56 -8.91
C ARG D 251 -18.42 -19.33 -8.47
N GLY D 252 -19.33 -18.89 -9.34
CA GLY D 252 -20.16 -17.75 -9.04
C GLY D 252 -19.57 -16.39 -9.34
N THR D 253 -18.34 -16.37 -9.84
CA THR D 253 -17.69 -15.10 -10.15
C THR D 253 -18.53 -14.16 -11.02
N PRO D 254 -18.99 -13.03 -10.45
CA PRO D 254 -19.79 -12.08 -11.20
C PRO D 254 -18.86 -11.17 -12.01
N TYR D 255 -19.43 -10.36 -12.90
CA TYR D 255 -18.62 -9.48 -13.72
C TYR D 255 -17.77 -8.51 -12.88
N SER D 256 -18.25 -8.15 -11.68
CA SER D 256 -17.50 -7.24 -10.85
C SER D 256 -16.11 -7.80 -10.55
N VAL D 257 -16.04 -9.08 -10.27
CA VAL D 257 -14.75 -9.71 -9.98
C VAL D 257 -14.00 -10.03 -11.28
N TRP D 258 -14.73 -10.60 -12.24
CA TRP D 258 -14.16 -10.97 -13.52
C TRP D 258 -13.53 -9.74 -14.20
N GLY D 259 -14.27 -8.63 -14.23
CA GLY D 259 -13.76 -7.41 -14.85
C GLY D 259 -12.49 -6.88 -14.22
N GLU D 260 -12.25 -7.20 -12.96
CA GLU D 260 -11.04 -6.73 -12.30
C GLU D 260 -9.82 -7.48 -12.81
N ALA D 261 -9.99 -8.78 -13.06
CA ALA D 261 -8.90 -9.58 -13.59
C ALA D 261 -8.64 -9.05 -15.00
N LEU D 262 -9.71 -8.72 -15.72
CA LEU D 262 -9.57 -8.18 -17.07
C LEU D 262 -8.73 -6.91 -17.04
N THR D 263 -9.01 -6.03 -16.08
CA THR D 263 -8.26 -4.78 -15.94
C THR D 263 -6.80 -5.04 -15.69
N ASP D 264 -6.51 -5.94 -14.75
CA ASP D 264 -5.13 -6.24 -14.44
C ASP D 264 -4.39 -6.86 -15.64
N SER D 265 -5.08 -7.71 -16.40
CA SER D 265 -4.41 -8.33 -17.55
C SER D 265 -4.08 -7.25 -18.58
N LEU D 266 -4.99 -6.30 -18.78
CA LEU D 266 -4.75 -5.22 -19.74
C LEU D 266 -3.60 -4.33 -19.26
N LYS D 267 -3.46 -4.22 -17.93
CA LYS D 267 -2.38 -3.44 -17.36
C LYS D 267 -1.06 -4.16 -17.69
N ARG D 268 -1.07 -5.47 -17.58
CA ARG D 268 0.12 -6.27 -17.86
C ARG D 268 0.46 -6.22 -19.35
N ILE D 269 -0.55 -6.30 -20.20
CA ILE D 269 -0.33 -6.27 -21.64
C ILE D 269 0.18 -4.90 -22.08
N ALA D 270 -0.37 -3.84 -21.51
CA ALA D 270 0.07 -2.49 -21.88
C ALA D 270 1.54 -2.29 -21.50
N ALA D 271 1.90 -2.78 -20.32
CA ALA D 271 3.26 -2.70 -19.79
C ALA D 271 4.23 -3.48 -20.65
N PHE D 272 3.76 -4.60 -21.19
CA PHE D 272 4.54 -5.46 -22.07
C PHE D 272 4.83 -4.70 -23.35
N GLY D 273 3.92 -3.80 -23.71
CA GLY D 273 4.10 -3.00 -24.92
C GLY D 273 3.58 -3.64 -26.19
N ALA D 274 2.47 -4.36 -26.10
CA ALA D 274 1.88 -5.02 -27.27
C ALA D 274 1.43 -4.03 -28.34
N GLU D 275 1.75 -4.33 -29.60
CA GLU D 275 1.40 -3.47 -30.72
C GLU D 275 -0.04 -3.74 -31.16
N ALA D 276 -0.56 -4.89 -30.76
CA ALA D 276 -1.92 -5.24 -31.09
C ALA D 276 -2.32 -6.39 -30.18
N ILE D 277 -3.62 -6.60 -30.08
CA ILE D 277 -4.14 -7.67 -29.25
C ILE D 277 -5.05 -8.59 -30.02
N VAL D 278 -4.76 -9.88 -29.97
CA VAL D 278 -5.58 -10.90 -30.61
C VAL D 278 -6.43 -11.36 -29.43
N VAL D 279 -7.75 -11.28 -29.56
CA VAL D 279 -8.63 -11.68 -28.47
C VAL D 279 -9.29 -13.02 -28.75
N SER D 280 -8.98 -14.02 -27.93
CA SER D 280 -9.61 -15.32 -28.08
C SER D 280 -10.94 -15.15 -27.40
N LEU D 281 -12.01 -15.08 -28.19
CA LEU D 281 -13.34 -14.86 -27.64
C LEU D 281 -14.23 -16.08 -27.51
N GLY D 282 -14.57 -16.36 -26.26
CA GLY D 282 -15.47 -17.44 -25.95
C GLY D 282 -16.57 -16.73 -25.17
N VAL D 283 -17.82 -17.10 -25.37
CA VAL D 283 -18.90 -16.46 -24.65
C VAL D 283 -19.56 -17.45 -23.70
N ASP D 284 -18.85 -18.53 -23.39
CA ASP D 284 -19.38 -19.53 -22.48
C ASP D 284 -19.24 -19.10 -21.03
N THR D 285 -18.96 -17.80 -20.82
CA THR D 285 -18.85 -17.28 -19.47
C THR D 285 -20.23 -16.78 -19.06
N PHE D 286 -21.16 -16.80 -20.01
CA PHE D 286 -22.54 -16.36 -19.79
C PHE D 286 -23.16 -17.22 -18.68
N GLU D 287 -23.88 -16.60 -17.74
CA GLU D 287 -24.48 -17.34 -16.63
C GLU D 287 -25.49 -18.40 -17.07
N GLN D 288 -25.99 -18.28 -18.28
CA GLN D 288 -26.96 -19.25 -18.77
C GLN D 288 -26.27 -20.41 -19.46
N ASP D 289 -25.00 -20.24 -19.79
CA ASP D 289 -24.24 -21.31 -20.43
C ASP D 289 -24.10 -22.41 -19.38
N PRO D 290 -24.54 -23.64 -19.71
CA PRO D 290 -24.45 -24.75 -18.77
C PRO D 290 -23.06 -25.28 -18.42
N ILE D 291 -22.07 -25.01 -19.26
CA ILE D 291 -20.72 -25.52 -19.00
C ILE D 291 -19.83 -24.64 -18.13
N SER D 292 -20.35 -23.54 -17.61
CA SER D 292 -19.53 -22.67 -16.78
C SER D 292 -20.18 -22.33 -15.44
N PHE D 293 -19.40 -21.69 -14.57
CA PHE D 293 -19.93 -21.32 -13.29
C PHE D 293 -19.71 -19.84 -12.99
N PHE D 294 -19.64 -19.02 -14.05
CA PHE D 294 -19.48 -17.58 -13.88
C PHE D 294 -20.84 -16.93 -14.04
N LYS D 295 -20.98 -15.70 -13.54
CA LYS D 295 -22.25 -14.98 -13.60
C LYS D 295 -22.26 -13.75 -14.53
N LEU D 296 -21.76 -13.90 -15.75
CA LEU D 296 -21.78 -12.77 -16.68
C LEU D 296 -23.12 -12.69 -17.40
N THR D 297 -23.65 -11.48 -17.53
CA THR D 297 -24.91 -11.24 -18.19
C THR D 297 -24.64 -10.69 -19.59
N SER D 298 -25.62 -10.76 -20.47
CA SER D 298 -25.45 -10.28 -21.85
C SER D 298 -24.89 -8.86 -21.92
N PRO D 299 -25.43 -7.92 -21.14
CA PRO D 299 -24.92 -6.55 -21.17
C PRO D 299 -23.40 -6.45 -20.89
N ASP D 300 -22.89 -7.32 -20.02
CA ASP D 300 -21.46 -7.31 -19.66
C ASP D 300 -20.54 -7.53 -20.86
N TYR D 301 -21.05 -8.17 -21.90
CA TYR D 301 -20.22 -8.41 -23.07
C TYR D 301 -19.92 -7.10 -23.80
N ILE D 302 -20.82 -6.13 -23.63
CA ILE D 302 -20.64 -4.81 -24.25
C ILE D 302 -19.49 -4.12 -23.52
N THR D 303 -19.47 -4.26 -22.20
CA THR D 303 -18.43 -3.67 -21.36
C THR D 303 -17.06 -4.31 -21.62
N MET D 304 -17.08 -5.60 -21.93
CA MET D 304 -15.87 -6.35 -22.20
C MET D 304 -15.15 -5.75 -23.42
N GLY D 305 -15.93 -5.55 -24.48
CA GLY D 305 -15.39 -4.99 -25.70
C GLY D 305 -14.91 -3.56 -25.51
N ARG D 306 -15.67 -2.77 -24.77
CA ARG D 306 -15.32 -1.38 -24.50
C ARG D 306 -13.96 -1.34 -23.80
N THR D 307 -13.86 -2.05 -22.67
CA THR D 307 -12.63 -2.08 -21.91
C THR D 307 -11.45 -2.56 -22.72
N ILE D 308 -11.65 -3.59 -23.54
CA ILE D 308 -10.54 -4.10 -24.35
C ILE D 308 -10.15 -3.14 -25.47
N ALA D 309 -11.15 -2.54 -26.11
CA ALA D 309 -10.85 -1.59 -27.17
C ALA D 309 -10.15 -0.36 -26.58
N ALA D 310 -10.46 -0.04 -25.32
CA ALA D 310 -9.86 1.11 -24.66
C ALA D 310 -8.36 0.96 -24.46
N SER D 311 -7.81 -0.16 -24.89
CA SER D 311 -6.38 -0.40 -24.76
C SER D 311 -5.64 0.55 -25.72
N GLY D 312 -6.36 1.05 -26.73
CA GLY D 312 -5.75 1.95 -27.68
C GLY D 312 -5.01 1.28 -28.81
N VAL D 313 -4.98 -0.05 -28.82
CA VAL D 313 -4.31 -0.78 -29.87
C VAL D 313 -5.30 -1.59 -30.70
N PRO D 314 -4.94 -1.90 -31.95
CA PRO D 314 -5.80 -2.67 -32.85
C PRO D 314 -6.16 -4.01 -32.21
N LEU D 315 -7.35 -4.50 -32.53
CA LEU D 315 -7.83 -5.76 -31.99
C LEU D 315 -8.33 -6.71 -33.08
N LEU D 316 -7.99 -7.98 -32.93
CA LEU D 316 -8.45 -9.03 -33.85
C LEU D 316 -9.18 -9.95 -32.90
N VAL D 317 -10.49 -10.10 -33.09
CA VAL D 317 -11.26 -10.99 -32.23
C VAL D 317 -11.40 -12.31 -33.00
N VAL D 318 -11.00 -13.39 -32.34
CA VAL D 318 -11.04 -14.73 -32.89
C VAL D 318 -12.06 -15.56 -32.09
N MET D 319 -13.08 -16.13 -32.74
CA MET D 319 -14.11 -16.94 -32.08
C MET D 319 -13.50 -18.20 -31.48
N GLU D 320 -13.89 -18.51 -30.25
CA GLU D 320 -13.40 -19.71 -29.59
C GLU D 320 -14.62 -20.55 -29.14
N GLY D 321 -14.68 -20.84 -27.84
CA GLY D 321 -15.76 -21.64 -27.31
C GLY D 321 -17.05 -20.91 -27.00
N GLY D 322 -18.03 -21.67 -26.55
CA GLY D 322 -19.33 -21.11 -26.22
C GLY D 322 -20.42 -22.10 -26.60
N TYR D 323 -21.10 -22.65 -25.59
CA TYR D 323 -22.16 -23.62 -25.79
C TYR D 323 -23.26 -23.07 -26.68
N GLY D 324 -23.91 -23.97 -27.41
CA GLY D 324 -24.97 -23.56 -28.31
C GLY D 324 -26.28 -23.14 -27.66
N VAL D 325 -26.28 -22.04 -26.93
CA VAL D 325 -27.50 -21.56 -26.32
C VAL D 325 -28.09 -20.45 -27.21
N PRO D 326 -29.40 -20.24 -27.12
CA PRO D 326 -30.04 -19.20 -27.93
C PRO D 326 -29.34 -17.85 -27.93
N GLU D 327 -28.78 -17.43 -26.79
CA GLU D 327 -28.13 -16.14 -26.71
C GLU D 327 -26.67 -16.11 -27.15
N ILE D 328 -26.15 -17.23 -27.62
CA ILE D 328 -24.77 -17.31 -28.05
C ILE D 328 -24.39 -16.22 -29.06
N GLY D 329 -25.28 -15.95 -30.01
CA GLY D 329 -25.01 -14.93 -31.00
C GLY D 329 -25.09 -13.52 -30.43
N LEU D 330 -26.08 -13.28 -29.59
CA LEU D 330 -26.29 -11.98 -28.96
C LEU D 330 -25.06 -11.55 -28.18
N ASN D 331 -24.48 -12.50 -27.47
CA ASN D 331 -23.32 -12.21 -26.66
C ASN D 331 -22.08 -11.87 -27.45
N VAL D 332 -21.81 -12.63 -28.51
CA VAL D 332 -20.65 -12.36 -29.35
C VAL D 332 -20.83 -10.98 -29.99
N ALA D 333 -22.04 -10.71 -30.48
CA ALA D 333 -22.37 -9.44 -31.13
C ALA D 333 -22.17 -8.26 -30.17
N ASN D 334 -22.53 -8.45 -28.90
CA ASN D 334 -22.37 -7.39 -27.91
C ASN D 334 -20.91 -7.05 -27.68
N VAL D 335 -20.03 -8.06 -27.74
CA VAL D 335 -18.61 -7.81 -27.56
C VAL D 335 -18.13 -6.94 -28.71
N LEU D 336 -18.59 -7.23 -29.92
CA LEU D 336 -18.19 -6.47 -31.10
C LEU D 336 -18.74 -5.03 -31.04
N LYS D 337 -19.97 -4.90 -30.54
CA LYS D 337 -20.55 -3.58 -30.41
C LYS D 337 -19.73 -2.74 -29.45
N GLY D 338 -19.23 -3.37 -28.39
CA GLY D 338 -18.40 -2.69 -27.42
C GLY D 338 -17.09 -2.26 -28.04
N VAL D 339 -16.51 -3.13 -28.86
CA VAL D 339 -15.25 -2.84 -29.53
C VAL D 339 -15.45 -1.69 -30.54
N ALA D 340 -16.55 -1.72 -31.29
CA ALA D 340 -16.84 -0.68 -32.29
C ALA D 340 -17.03 0.67 -31.61
N GLY D 341 -17.40 0.64 -30.34
CA GLY D 341 -17.62 1.87 -29.61
C GLY D 341 -18.88 2.60 -30.01
N MET E 1 41.26 11.02 0.78
CA MET E 1 40.99 9.74 0.07
C MET E 1 42.18 9.37 -0.79
N ARG E 2 42.82 8.27 -0.45
CA ARG E 2 43.99 7.82 -1.19
C ARG E 2 43.59 7.28 -2.55
N VAL E 3 44.44 7.53 -3.54
CA VAL E 3 44.20 7.07 -4.90
C VAL E 3 45.25 6.03 -5.27
N ILE E 4 44.82 4.81 -5.53
CA ILE E 4 45.75 3.75 -5.90
C ILE E 4 45.80 3.65 -7.42
N PHE E 5 46.97 3.84 -8.00
CA PHE E 5 47.12 3.79 -9.45
C PHE E 5 48.42 3.16 -9.91
N SER E 6 48.36 2.33 -10.95
CA SER E 6 49.55 1.69 -11.48
C SER E 6 49.84 2.15 -12.89
N GLU E 7 51.11 2.45 -13.16
CA GLU E 7 51.53 2.91 -14.48
C GLU E 7 51.60 1.76 -15.48
N ASP E 8 51.67 0.53 -14.99
CA ASP E 8 51.75 -0.63 -15.88
C ASP E 8 50.46 -0.87 -16.66
N HIS E 9 49.45 -0.05 -16.41
CA HIS E 9 48.18 -0.18 -17.11
C HIS E 9 48.44 0.07 -18.60
N LYS E 10 49.47 0.87 -18.88
CA LYS E 10 49.79 1.20 -20.27
C LYS E 10 50.33 -0.03 -21.02
N LEU E 11 50.66 -1.09 -20.28
CA LEU E 11 51.15 -2.32 -20.90
C LEU E 11 50.04 -2.91 -21.76
N ARG E 12 48.81 -2.51 -21.46
CA ARG E 12 47.65 -2.95 -22.20
C ARG E 12 47.32 -1.83 -23.18
N ASN E 13 47.76 -1.99 -24.41
CA ASN E 13 47.54 -0.98 -25.44
C ASN E 13 47.18 -1.68 -26.75
N ALA E 14 46.06 -2.39 -26.76
CA ALA E 14 45.59 -3.13 -27.93
C ALA E 14 45.46 -2.21 -29.13
N LYS E 15 45.90 -2.68 -30.28
CA LYS E 15 45.83 -1.88 -31.49
C LYS E 15 44.49 -1.99 -32.21
N THR E 16 43.73 -3.05 -31.93
CA THR E 16 42.44 -3.25 -32.60
C THR E 16 41.29 -3.68 -31.72
N GLU E 17 40.08 -3.42 -32.21
CA GLU E 17 38.83 -3.78 -31.54
C GLU E 17 37.79 -3.99 -32.64
N LEU E 18 37.10 -5.13 -32.60
CA LEU E 18 36.08 -5.39 -33.59
C LEU E 18 34.80 -4.64 -33.21
N TYR E 19 34.53 -3.56 -33.94
CA TYR E 19 33.36 -2.72 -33.72
C TYR E 19 32.69 -2.37 -35.04
N GLY E 20 31.41 -2.72 -35.17
CA GLY E 20 30.68 -2.42 -36.38
C GLY E 20 31.17 -3.18 -37.60
N GLY E 21 31.78 -4.34 -37.39
CA GLY E 21 32.28 -5.13 -38.49
C GLY E 21 33.63 -4.69 -38.97
N GLU E 22 34.26 -3.78 -38.23
CA GLU E 22 35.58 -3.29 -38.60
C GLU E 22 36.51 -3.30 -37.40
N LEU E 23 37.79 -3.47 -37.67
CA LEU E 23 38.79 -3.47 -36.60
C LEU E 23 39.25 -2.03 -36.49
N VAL E 24 38.87 -1.38 -35.39
CA VAL E 24 39.23 0.02 -35.15
C VAL E 24 40.01 0.16 -33.84
N PRO E 25 40.52 1.37 -33.55
CA PRO E 25 41.27 1.61 -32.33
C PRO E 25 40.37 1.41 -31.10
N PRO E 26 40.82 0.60 -30.14
CA PRO E 26 40.03 0.34 -28.94
C PRO E 26 39.53 1.60 -28.26
N PHE E 27 38.32 1.53 -27.72
CA PHE E 27 37.72 2.65 -27.01
C PHE E 27 38.34 2.69 -25.63
N GLU E 28 38.73 1.52 -25.13
CA GLU E 28 39.34 1.40 -23.82
C GLU E 28 40.85 1.52 -24.02
N ALA E 29 41.32 2.76 -24.17
CA ALA E 29 42.74 3.04 -24.42
C ALA E 29 43.42 3.72 -23.22
N PRO E 30 44.77 3.75 -23.21
CA PRO E 30 45.56 4.37 -22.14
C PRO E 30 45.18 5.80 -21.77
N PHE E 31 44.81 6.60 -22.76
CA PHE E 31 44.45 7.99 -22.51
C PHE E 31 43.34 8.14 -21.44
N ARG E 32 42.52 7.12 -21.26
CA ARG E 32 41.47 7.18 -20.27
C ARG E 32 42.03 7.37 -18.86
N ALA E 33 43.02 6.57 -18.51
CA ALA E 33 43.66 6.63 -17.18
C ALA E 33 44.34 7.98 -16.96
N GLU E 34 45.06 8.43 -17.97
CA GLU E 34 45.77 9.71 -17.93
C GLU E 34 44.81 10.85 -17.61
N TRP E 35 43.68 10.89 -18.33
CA TRP E 35 42.66 11.92 -18.15
C TRP E 35 41.96 11.86 -16.80
N ILE E 36 41.70 10.66 -16.31
CA ILE E 36 41.03 10.51 -15.02
C ILE E 36 41.99 10.87 -13.90
N LEU E 37 43.21 10.32 -13.94
CA LEU E 37 44.21 10.60 -12.93
C LEU E 37 44.46 12.11 -12.82
N ALA E 38 44.54 12.78 -13.97
CA ALA E 38 44.77 14.21 -14.00
C ALA E 38 43.65 14.98 -13.32
N ALA E 39 42.42 14.65 -13.65
CA ALA E 39 41.26 15.32 -13.07
C ALA E 39 41.12 15.12 -11.56
N VAL E 40 41.24 13.88 -11.08
CA VAL E 40 41.11 13.64 -9.64
C VAL E 40 42.18 14.41 -8.85
N LYS E 41 43.35 14.61 -9.44
CA LYS E 41 44.39 15.39 -8.78
C LYS E 41 43.90 16.84 -8.69
N GLU E 42 43.43 17.36 -9.81
CA GLU E 42 42.92 18.72 -9.89
C GLU E 42 41.81 18.98 -8.88
N ALA E 43 41.16 17.91 -8.44
CA ALA E 43 40.06 18.01 -7.47
C ALA E 43 40.51 17.83 -6.03
N GLY E 44 41.81 17.98 -5.80
CA GLY E 44 42.33 17.85 -4.44
C GLY E 44 42.74 16.44 -4.04
N PHE E 45 42.56 15.48 -4.94
CA PHE E 45 42.92 14.09 -4.64
C PHE E 45 44.31 13.80 -5.19
N ASP E 46 45.33 14.42 -4.59
CA ASP E 46 46.70 14.24 -5.03
C ASP E 46 47.51 13.22 -4.23
N ASP E 47 46.83 12.42 -3.41
CA ASP E 47 47.53 11.41 -2.63
C ASP E 47 47.56 10.12 -3.45
N VAL E 48 48.31 10.15 -4.54
CA VAL E 48 48.41 9.00 -5.44
C VAL E 48 49.56 8.05 -5.07
N VAL E 49 49.27 6.76 -4.98
CA VAL E 49 50.30 5.79 -4.65
C VAL E 49 50.25 4.56 -5.56
N ALA E 50 51.40 3.93 -5.78
CA ALA E 50 51.46 2.76 -6.62
C ALA E 50 51.12 1.52 -5.80
N PRO E 51 50.41 0.56 -6.41
CA PRO E 51 50.05 -0.66 -5.69
C PRO E 51 51.26 -1.52 -5.36
N ALA E 52 51.13 -2.27 -4.28
CA ALA E 52 52.18 -3.17 -3.85
C ALA E 52 52.06 -4.46 -4.64
N ARG E 53 53.03 -5.34 -4.47
CA ARG E 53 53.04 -6.63 -5.17
C ARG E 53 52.13 -7.58 -4.40
N HIS E 54 51.38 -8.40 -5.14
CA HIS E 54 50.47 -9.35 -4.52
C HIS E 54 50.50 -10.69 -5.22
N GLY E 55 50.09 -11.73 -4.51
CA GLY E 55 50.07 -13.07 -5.06
C GLY E 55 48.80 -13.36 -5.83
N LEU E 56 48.37 -14.61 -5.80
CA LEU E 56 47.16 -15.00 -6.53
C LEU E 56 46.11 -15.64 -5.63
N GLU E 57 46.41 -15.71 -4.34
CA GLU E 57 45.49 -16.30 -3.40
C GLU E 57 44.13 -15.62 -3.39
N THR E 58 44.11 -14.31 -3.50
CA THR E 58 42.84 -13.60 -3.49
C THR E 58 42.06 -13.84 -4.78
N VAL E 59 42.73 -13.64 -5.91
CA VAL E 59 42.08 -13.80 -7.22
C VAL E 59 41.65 -15.25 -7.47
N LEU E 60 42.32 -16.21 -6.84
CA LEU E 60 41.97 -17.63 -7.02
C LEU E 60 40.72 -18.03 -6.25
N LYS E 61 40.15 -17.10 -5.51
CA LYS E 61 38.92 -17.39 -4.75
C LYS E 61 37.71 -16.89 -5.53
N VAL E 62 37.94 -16.29 -6.70
CA VAL E 62 36.85 -15.79 -7.51
C VAL E 62 37.00 -16.12 -8.98
N HIS E 63 38.22 -16.41 -9.43
CA HIS E 63 38.43 -16.75 -10.83
C HIS E 63 38.92 -18.18 -10.97
N ASP E 64 38.47 -18.83 -12.04
CA ASP E 64 38.88 -20.19 -12.32
C ASP E 64 40.39 -20.21 -12.60
N ALA E 65 41.08 -21.21 -12.08
CA ALA E 65 42.52 -21.36 -12.26
C ALA E 65 42.89 -21.64 -13.71
N GLY E 66 42.09 -22.47 -14.38
CA GLY E 66 42.35 -22.78 -15.76
C GLY E 66 42.26 -21.50 -16.58
N TYR E 67 41.29 -20.67 -16.22
CA TYR E 67 41.08 -19.40 -16.90
C TYR E 67 42.29 -18.49 -16.68
N LEU E 68 42.72 -18.33 -15.43
CA LEU E 68 43.87 -17.48 -15.14
C LEU E 68 45.09 -18.00 -15.91
N ASN E 69 45.32 -19.30 -15.83
CA ASN E 69 46.43 -19.91 -16.53
C ASN E 69 46.35 -19.56 -18.02
N PHE E 70 45.15 -19.69 -18.57
CA PHE E 70 44.94 -19.37 -19.98
C PHE E 70 45.34 -17.94 -20.34
N LEU E 71 44.87 -16.97 -19.54
CA LEU E 71 45.18 -15.57 -19.78
C LEU E 71 46.68 -15.28 -19.78
N GLU E 72 47.41 -15.93 -18.89
CA GLU E 72 48.85 -15.69 -18.78
C GLU E 72 49.66 -16.14 -19.98
N THR E 73 49.18 -17.13 -20.73
CA THR E 73 49.93 -17.61 -21.88
C THR E 73 49.23 -17.40 -23.21
N ALA E 74 48.06 -16.79 -23.18
CA ALA E 74 47.28 -16.57 -24.39
C ALA E 74 48.08 -15.94 -25.54
N TRP E 75 48.60 -14.73 -25.35
CA TRP E 75 49.35 -14.07 -26.41
C TRP E 75 50.48 -14.90 -26.99
N ASP E 76 51.27 -15.54 -26.14
CA ASP E 76 52.39 -16.37 -26.60
C ASP E 76 51.92 -17.48 -27.54
N ARG E 77 51.00 -18.31 -27.06
CA ARG E 77 50.49 -19.42 -27.84
C ARG E 77 49.86 -18.92 -29.13
N TRP E 78 49.19 -17.78 -29.05
CA TRP E 78 48.55 -17.22 -30.24
C TRP E 78 49.59 -16.85 -31.29
N LYS E 79 50.60 -16.09 -30.89
CA LYS E 79 51.65 -15.67 -31.82
C LYS E 79 52.40 -16.85 -32.41
N ALA E 80 52.69 -17.83 -31.56
CA ALA E 80 53.41 -19.04 -31.96
C ALA E 80 52.60 -19.87 -32.96
N ALA E 81 51.28 -19.69 -32.95
CA ALA E 81 50.42 -20.43 -33.86
C ALA E 81 50.48 -19.81 -35.26
N GLY E 82 51.26 -18.75 -35.41
CA GLY E 82 51.42 -18.09 -36.69
C GLY E 82 50.38 -17.06 -37.14
N TYR E 83 49.63 -16.50 -36.20
CA TYR E 83 48.62 -15.51 -36.57
C TYR E 83 49.17 -14.08 -36.60
N LYS E 84 48.77 -13.33 -37.62
CA LYS E 84 49.24 -11.96 -37.80
C LYS E 84 48.62 -10.91 -36.88
N GLY E 85 47.30 -10.96 -36.71
CA GLY E 85 46.64 -9.98 -35.86
C GLY E 85 46.65 -10.35 -34.37
N GLU E 86 45.94 -9.56 -33.58
CA GLU E 86 45.83 -9.79 -32.14
C GLU E 86 44.90 -10.97 -31.89
N ALA E 87 44.98 -11.57 -30.70
CA ALA E 87 44.15 -12.71 -30.34
C ALA E 87 42.68 -12.38 -30.15
N ILE E 88 41.86 -12.80 -31.10
CA ILE E 88 40.42 -12.56 -31.07
C ILE E 88 39.69 -13.90 -31.26
N ALA E 89 38.83 -14.24 -30.30
CA ALA E 89 38.08 -15.51 -30.38
C ALA E 89 37.09 -15.47 -31.54
N THR E 90 36.83 -16.62 -32.15
CA THR E 90 35.89 -16.69 -33.26
C THR E 90 34.75 -17.66 -32.99
N SER E 91 35.08 -18.85 -32.50
CA SER E 91 34.08 -19.86 -32.20
C SER E 91 33.72 -19.81 -30.72
N PHE E 92 32.44 -19.93 -30.38
CA PHE E 92 32.03 -19.87 -28.98
C PHE E 92 31.10 -21.00 -28.51
N PRO E 93 31.20 -21.37 -27.22
CA PRO E 93 30.34 -22.43 -26.68
C PRO E 93 28.98 -21.85 -26.30
N VAL E 94 28.09 -21.83 -27.28
CA VAL E 94 26.76 -21.29 -27.07
C VAL E 94 25.74 -22.40 -26.73
N ARG E 95 24.47 -22.19 -27.04
CA ARG E 95 23.45 -23.19 -26.71
C ARG E 95 23.75 -24.60 -27.19
N ARG E 96 23.41 -25.57 -26.35
CA ARG E 96 23.58 -26.99 -26.68
C ARG E 96 24.97 -27.41 -27.12
N THR E 97 25.99 -26.92 -26.43
CA THR E 97 27.36 -27.29 -26.76
C THR E 97 27.93 -28.18 -25.65
N SER E 98 29.01 -28.89 -25.98
CA SER E 98 29.65 -29.75 -25.01
C SER E 98 30.34 -28.89 -23.96
N PRO E 99 30.49 -29.43 -22.75
CA PRO E 99 31.15 -28.67 -21.68
C PRO E 99 32.66 -28.89 -21.70
N ARG E 100 33.11 -29.84 -22.52
CA ARG E 100 34.53 -30.12 -22.61
C ARG E 100 35.36 -28.91 -23.03
N ILE E 101 36.58 -28.85 -22.51
CA ILE E 101 37.52 -27.76 -22.79
C ILE E 101 38.51 -28.13 -23.88
N PRO E 102 38.55 -27.33 -24.96
CA PRO E 102 39.46 -27.58 -26.08
C PRO E 102 40.91 -27.57 -25.60
N THR E 103 41.80 -28.15 -26.40
CA THR E 103 43.21 -28.22 -26.05
C THR E 103 44.02 -27.15 -26.79
N ASP E 104 43.72 -26.92 -28.08
CA ASP E 104 44.47 -25.94 -28.86
C ASP E 104 44.09 -24.50 -28.51
N ILE E 105 44.93 -23.55 -28.91
CA ILE E 105 44.70 -22.13 -28.61
C ILE E 105 43.46 -21.53 -29.25
N GLU E 106 43.14 -21.96 -30.47
CA GLU E 106 41.99 -21.43 -31.19
C GLU E 106 40.70 -21.76 -30.46
N GLY E 107 40.63 -22.97 -29.94
CA GLY E 107 39.44 -23.37 -29.21
C GLY E 107 39.38 -22.81 -27.79
N GLN E 108 40.52 -22.71 -27.12
CA GLN E 108 40.52 -22.20 -25.76
C GLN E 108 40.19 -20.72 -25.63
N ILE E 109 40.69 -19.90 -26.56
CA ILE E 109 40.40 -18.48 -26.48
C ILE E 109 38.88 -18.32 -26.61
N GLY E 110 38.25 -19.17 -27.43
CA GLY E 110 36.81 -19.13 -27.57
C GLY E 110 36.15 -19.59 -26.29
N TYR E 111 36.60 -20.73 -25.78
CA TYR E 111 36.04 -21.29 -24.54
C TYR E 111 36.07 -20.30 -23.37
N TYR E 112 37.13 -19.50 -23.30
CA TYR E 112 37.28 -18.54 -22.21
C TYR E 112 36.88 -17.10 -22.54
N CYS E 113 36.04 -16.94 -23.54
CA CYS E 113 35.60 -15.62 -23.97
C CYS E 113 34.08 -15.48 -24.12
N ASN E 114 33.53 -14.31 -23.78
CA ASN E 114 32.10 -14.04 -23.89
C ASN E 114 31.77 -12.87 -24.84
N ALA E 115 32.80 -12.26 -25.40
CA ALA E 115 32.61 -11.14 -26.31
C ALA E 115 33.85 -10.97 -27.18
N ALA E 116 33.68 -11.06 -28.49
CA ALA E 116 34.76 -10.97 -29.44
C ALA E 116 35.30 -9.58 -29.74
N GLU E 117 34.67 -8.54 -29.21
CA GLU E 117 35.17 -7.21 -29.49
C GLU E 117 36.43 -6.91 -28.66
N THR E 118 36.79 -7.85 -27.79
CA THR E 118 37.98 -7.69 -26.97
C THR E 118 39.12 -8.59 -27.43
N ALA E 119 40.24 -7.97 -27.75
CA ALA E 119 41.42 -8.69 -28.23
C ALA E 119 42.51 -8.78 -27.17
N ILE E 120 43.22 -9.90 -27.13
CA ILE E 120 44.32 -10.07 -26.20
C ILE E 120 45.55 -9.60 -26.94
N SER E 121 46.38 -8.82 -26.27
CA SER E 121 47.58 -8.28 -26.89
C SER E 121 48.76 -8.42 -25.95
N PRO E 122 49.97 -8.10 -26.43
CA PRO E 122 51.18 -8.18 -25.62
C PRO E 122 51.02 -7.27 -24.39
N GLY E 123 51.30 -7.81 -23.20
CA GLY E 123 51.18 -7.02 -21.99
C GLY E 123 49.83 -7.00 -21.30
N THR E 124 48.81 -7.56 -21.95
CA THR E 124 47.46 -7.61 -21.39
C THR E 124 47.48 -8.29 -20.03
N TRP E 125 48.18 -9.41 -19.94
CA TRP E 125 48.26 -10.13 -18.68
C TRP E 125 48.89 -9.28 -17.59
N GLU E 126 50.12 -8.82 -17.83
CA GLU E 126 50.84 -7.98 -16.88
C GLU E 126 49.97 -6.78 -16.48
N ALA E 127 49.35 -6.15 -17.47
CA ALA E 127 48.52 -5.00 -17.19
C ALA E 127 47.35 -5.41 -16.29
N ALA E 128 46.72 -6.53 -16.60
CA ALA E 128 45.59 -7.00 -15.79
C ALA E 128 46.02 -7.21 -14.35
N LEU E 129 47.20 -7.76 -14.15
CA LEU E 129 47.69 -8.01 -12.79
C LEU E 129 47.97 -6.73 -11.99
N SER E 130 48.44 -5.69 -12.67
CA SER E 130 48.74 -4.42 -11.99
C SER E 130 47.43 -3.75 -11.60
N SER E 131 46.43 -3.86 -12.48
CA SER E 131 45.13 -3.28 -12.19
C SER E 131 44.54 -4.02 -10.99
N MET E 132 44.66 -5.36 -11.01
CA MET E 132 44.14 -6.16 -9.91
C MET E 132 44.84 -5.75 -8.61
N ALA E 133 46.14 -5.54 -8.71
CA ALA E 133 46.93 -5.13 -7.55
C ALA E 133 46.38 -3.82 -6.97
N SER E 134 45.91 -2.91 -7.83
CA SER E 134 45.37 -1.65 -7.36
C SER E 134 44.07 -1.85 -6.59
N ALA E 135 43.27 -2.84 -7.00
CA ALA E 135 42.00 -3.12 -6.34
C ALA E 135 42.24 -3.77 -4.99
N ILE E 136 43.29 -4.58 -4.91
CA ILE E 136 43.63 -5.26 -3.65
C ILE E 136 44.10 -4.21 -2.63
N ASP E 137 44.99 -3.32 -3.06
CA ASP E 137 45.51 -2.27 -2.19
C ASP E 137 44.42 -1.31 -1.71
N GLY E 138 43.43 -1.06 -2.56
CA GLY E 138 42.35 -0.18 -2.18
C GLY E 138 41.52 -0.81 -1.07
N ALA E 139 41.34 -2.13 -1.17
CA ALA E 139 40.57 -2.85 -0.17
C ALA E 139 41.33 -2.90 1.15
N ASP E 140 42.64 -3.09 1.07
CA ASP E 140 43.47 -3.15 2.27
C ASP E 140 43.28 -1.90 3.12
N LEU E 141 43.15 -0.75 2.45
CA LEU E 141 42.95 0.52 3.13
C LEU E 141 41.61 0.51 3.87
N ILE E 142 40.58 0.02 3.20
CA ILE E 142 39.24 -0.04 3.80
C ILE E 142 39.27 -1.02 4.96
N ALA E 143 40.07 -2.07 4.82
CA ALA E 143 40.20 -3.07 5.87
C ALA E 143 40.94 -2.48 7.06
N ALA E 144 41.79 -1.48 6.79
CA ALA E 144 42.57 -0.82 7.83
C ALA E 144 41.76 0.20 8.62
N GLY E 145 40.67 0.69 8.06
CA GLY E 145 39.87 1.65 8.80
C GLY E 145 39.48 2.90 8.04
N HIS E 146 40.04 3.08 6.84
CA HIS E 146 39.74 4.22 5.99
C HIS E 146 38.27 4.25 5.59
N LYS E 147 37.69 5.44 5.48
CA LYS E 147 36.30 5.58 5.09
C LYS E 147 36.07 5.39 3.59
N ALA E 148 37.08 5.73 2.79
CA ALA E 148 36.97 5.59 1.35
C ALA E 148 38.33 5.52 0.70
N ALA E 149 38.38 4.90 -0.48
CA ALA E 149 39.60 4.77 -1.24
C ALA E 149 39.21 4.62 -2.70
N PHE E 150 40.08 5.07 -3.60
CA PHE E 150 39.82 4.99 -5.03
C PHE E 150 40.92 4.23 -5.77
N SER E 151 40.54 3.12 -6.38
CA SER E 151 41.48 2.32 -7.15
C SER E 151 41.25 2.63 -8.63
N LEU E 152 42.19 3.37 -9.22
CA LEU E 152 42.09 3.75 -10.63
C LEU E 152 42.54 2.53 -11.44
N CYS E 153 41.64 1.56 -11.58
CA CYS E 153 41.92 0.33 -12.30
C CYS E 153 41.83 0.49 -13.80
N ARG E 154 42.72 -0.21 -14.48
CA ARG E 154 42.74 -0.25 -15.93
C ARG E 154 43.67 -1.37 -16.33
N PRO E 155 43.18 -2.31 -17.15
CA PRO E 155 41.82 -2.34 -17.71
C PRO E 155 40.72 -2.63 -16.67
N PRO E 156 39.46 -2.32 -17.01
CA PRO E 156 38.32 -2.56 -16.10
C PRO E 156 38.11 -4.06 -15.91
N GLY E 157 37.16 -4.44 -15.06
CA GLY E 157 36.97 -5.86 -14.84
C GLY E 157 35.58 -6.42 -14.63
N HIS E 158 34.55 -5.58 -14.51
CA HIS E 158 33.23 -6.12 -14.26
C HIS E 158 32.63 -7.06 -15.31
N HIS E 159 33.25 -7.17 -16.49
CA HIS E 159 32.73 -8.07 -17.52
C HIS E 159 33.44 -9.41 -17.52
N ALA E 160 34.44 -9.55 -16.66
CA ALA E 160 35.17 -10.81 -16.57
C ALA E 160 34.45 -11.70 -15.57
N GLY E 161 33.98 -12.86 -16.04
CA GLY E 161 33.27 -13.78 -15.16
C GLY E 161 34.20 -14.77 -14.50
N ILE E 162 33.64 -15.84 -13.95
CA ILE E 162 34.45 -16.83 -13.29
C ILE E 162 35.54 -17.36 -14.23
N ASP E 163 35.14 -17.74 -15.43
CA ASP E 163 36.08 -18.28 -16.41
C ASP E 163 35.97 -17.73 -17.82
N MET E 164 35.83 -16.41 -17.96
CA MET E 164 35.74 -15.81 -19.28
C MET E 164 36.06 -14.32 -19.26
N PHE E 165 36.71 -13.86 -20.34
CA PHE E 165 37.05 -12.44 -20.45
C PHE E 165 36.14 -11.84 -21.51
N GLY E 166 36.07 -10.51 -21.52
CA GLY E 166 35.23 -9.83 -22.49
C GLY E 166 34.92 -8.43 -22.05
N GLY E 167 34.35 -7.63 -22.95
CA GLY E 167 34.01 -6.25 -22.62
C GLY E 167 35.18 -5.44 -22.10
N TYR E 168 36.37 -5.73 -22.61
CA TYR E 168 37.63 -5.05 -22.24
C TYR E 168 38.14 -5.48 -20.86
N CYS E 169 37.52 -6.49 -20.27
CA CYS E 169 37.92 -6.98 -18.94
C CYS E 169 38.58 -8.34 -18.99
N PHE E 170 39.46 -8.60 -18.02
CA PHE E 170 40.17 -9.89 -17.97
C PHE E 170 40.22 -10.43 -16.55
N ILE E 171 40.33 -9.54 -15.58
CA ILE E 171 40.34 -9.94 -14.18
C ILE E 171 39.39 -8.99 -13.47
N ASN E 172 38.42 -9.57 -12.79
CA ASN E 172 37.40 -8.78 -12.10
C ASN E 172 37.90 -8.11 -10.83
N ASN E 173 38.50 -6.94 -11.03
CA ASN E 173 39.05 -6.13 -9.96
C ASN E 173 38.08 -5.91 -8.80
N ALA E 174 36.84 -5.55 -9.14
CA ALA E 174 35.86 -5.33 -8.08
C ALA E 174 35.64 -6.61 -7.28
N ALA E 175 35.58 -7.74 -7.97
CA ALA E 175 35.36 -9.04 -7.33
C ALA E 175 36.53 -9.37 -6.42
N VAL E 176 37.74 -9.08 -6.90
CA VAL E 176 38.93 -9.35 -6.10
C VAL E 176 38.94 -8.44 -4.89
N ALA E 177 38.52 -7.18 -5.09
CA ALA E 177 38.48 -6.26 -3.98
C ALA E 177 37.57 -6.81 -2.89
N ALA E 178 36.36 -7.20 -3.28
CA ALA E 178 35.39 -7.74 -2.33
C ALA E 178 35.92 -8.96 -1.59
N GLN E 179 36.53 -9.88 -2.32
CA GLN E 179 37.09 -11.09 -1.73
C GLN E 179 38.18 -10.74 -0.71
N ARG E 180 38.98 -9.74 -1.06
CA ARG E 180 40.05 -9.30 -0.17
C ARG E 180 39.43 -8.86 1.15
N LEU E 181 38.36 -8.09 1.07
CA LEU E 181 37.68 -7.63 2.27
C LEU E 181 37.22 -8.79 3.14
N LEU E 182 36.65 -9.81 2.52
CA LEU E 182 36.20 -10.97 3.31
C LEU E 182 37.42 -11.64 3.95
N ASP E 183 38.48 -11.82 3.16
CA ASP E 183 39.69 -12.44 3.65
C ASP E 183 40.32 -11.66 4.81
N LYS E 184 39.95 -10.38 4.96
CA LYS E 184 40.49 -9.57 6.03
C LYS E 184 39.60 -9.55 7.26
N GLY E 185 38.49 -10.28 7.22
CA GLY E 185 37.61 -10.32 8.37
C GLY E 185 36.15 -10.03 8.15
N ALA E 186 35.79 -9.35 7.06
CA ALA E 186 34.40 -9.06 6.80
C ALA E 186 33.66 -10.37 6.54
N LYS E 187 32.40 -10.42 6.96
CA LYS E 187 31.58 -11.60 6.76
C LYS E 187 30.59 -11.32 5.62
N LYS E 188 30.24 -10.04 5.45
CA LYS E 188 29.29 -9.64 4.42
C LYS E 188 29.77 -8.37 3.69
N ILE E 189 29.78 -8.42 2.37
CA ILE E 189 30.22 -7.30 1.55
C ILE E 189 29.29 -7.12 0.36
N ALA E 190 29.12 -5.89 -0.10
CA ALA E 190 28.25 -5.65 -1.26
C ALA E 190 29.06 -4.97 -2.36
N ILE E 191 28.58 -5.15 -3.60
CA ILE E 191 29.21 -4.53 -4.74
C ILE E 191 28.10 -3.83 -5.49
N LEU E 192 28.21 -2.51 -5.62
CA LEU E 192 27.23 -1.69 -6.32
C LEU E 192 27.89 -1.33 -7.65
N ASP E 193 27.25 -1.74 -8.73
CA ASP E 193 27.77 -1.46 -10.07
C ASP E 193 26.95 -0.36 -10.73
N VAL E 194 27.51 0.84 -10.78
CA VAL E 194 26.85 2.00 -11.35
C VAL E 194 27.24 2.27 -12.80
N ASP E 195 28.19 1.49 -13.30
CA ASP E 195 28.64 1.61 -14.70
C ASP E 195 27.38 1.50 -15.58
N PHE E 196 27.40 2.10 -16.76
CA PHE E 196 26.23 2.04 -17.64
C PHE E 196 25.85 0.61 -18.01
N HIS E 197 26.87 -0.22 -18.21
CA HIS E 197 26.71 -1.60 -18.58
C HIS E 197 26.60 -2.56 -17.39
N HIS E 198 25.77 -3.58 -17.56
CA HIS E 198 25.59 -4.56 -16.51
C HIS E 198 26.90 -5.30 -16.21
N GLY E 199 27.15 -5.56 -14.93
CA GLY E 199 28.37 -6.27 -14.55
C GLY E 199 28.16 -7.76 -14.61
N ASN E 200 27.91 -8.29 -15.80
CA ASN E 200 27.67 -9.72 -15.97
C ASN E 200 28.79 -10.55 -15.36
N GLY E 201 30.03 -10.11 -15.52
CA GLY E 201 31.14 -10.84 -14.93
C GLY E 201 31.02 -10.92 -13.41
N THR E 202 30.76 -9.79 -12.78
CA THR E 202 30.64 -9.77 -11.33
C THR E 202 29.46 -10.62 -10.87
N GLN E 203 28.33 -10.50 -11.54
CA GLN E 203 27.16 -11.28 -11.18
C GLN E 203 27.44 -12.79 -11.22
N ASP E 204 28.11 -13.23 -12.28
CA ASP E 204 28.45 -14.64 -12.44
C ASP E 204 29.29 -15.16 -11.28
N ILE E 205 30.29 -14.37 -10.86
CA ILE E 205 31.19 -14.76 -9.77
C ILE E 205 30.53 -14.96 -8.40
N PHE E 206 29.55 -14.14 -8.06
CA PHE E 206 28.90 -14.25 -6.76
C PHE E 206 27.43 -14.67 -6.86
N TYR E 207 27.03 -15.18 -8.02
CA TYR E 207 25.63 -15.56 -8.21
C TYR E 207 25.14 -16.62 -7.25
N GLU E 208 26.02 -17.57 -6.94
CA GLU E 208 25.65 -18.65 -6.04
C GLU E 208 26.32 -18.49 -4.67
N ARG E 209 26.72 -17.27 -4.35
CA ARG E 209 27.36 -16.99 -3.07
C ARG E 209 26.50 -16.03 -2.23
N GLY E 210 26.39 -16.31 -0.93
CA GLY E 210 25.57 -15.47 -0.05
C GLY E 210 26.34 -14.43 0.74
N ASP E 211 27.66 -14.53 0.72
CA ASP E 211 28.51 -13.61 1.46
C ASP E 211 28.71 -12.27 0.73
N VAL E 212 28.33 -12.20 -0.54
CA VAL E 212 28.48 -10.96 -1.30
C VAL E 212 27.21 -10.60 -2.08
N PHE E 213 26.67 -9.42 -1.80
CA PHE E 213 25.46 -8.95 -2.46
C PHE E 213 25.84 -8.13 -3.70
N PHE E 214 25.20 -8.41 -4.82
CA PHE E 214 25.49 -7.71 -6.06
C PHE E 214 24.31 -6.93 -6.61
N ALA E 215 24.46 -5.61 -6.67
CA ALA E 215 23.42 -4.75 -7.21
C ALA E 215 24.03 -4.07 -8.42
N SER E 216 23.22 -3.89 -9.46
CA SER E 216 23.73 -3.24 -10.65
C SER E 216 22.64 -2.43 -11.32
N LEU E 217 23.01 -1.22 -11.75
CA LEU E 217 22.11 -0.30 -12.46
C LEU E 217 22.70 -0.30 -13.86
N HIS E 218 21.86 -0.38 -14.88
CA HIS E 218 22.40 -0.46 -16.23
C HIS E 218 21.35 -0.40 -17.33
N GLY E 219 21.82 -0.22 -18.56
CA GLY E 219 20.92 -0.19 -19.69
C GLY E 219 20.31 -1.57 -19.82
N ASP E 220 19.01 -1.61 -20.11
CA ASP E 220 18.29 -2.85 -20.29
C ASP E 220 19.08 -3.74 -21.25
N PRO E 221 19.39 -4.96 -20.82
CA PRO E 221 20.15 -5.92 -21.63
C PRO E 221 19.46 -6.29 -22.95
N ALA E 222 18.15 -6.11 -22.99
CA ALA E 222 17.40 -6.42 -24.19
C ALA E 222 17.92 -5.62 -25.37
N GLU E 223 18.54 -4.48 -25.06
CA GLU E 223 19.06 -3.63 -26.12
C GLU E 223 20.34 -2.94 -25.69
N ALA E 224 21.24 -3.68 -25.07
CA ALA E 224 22.52 -3.13 -24.61
C ALA E 224 23.53 -4.19 -24.17
N PHE E 225 24.81 -3.97 -24.47
CA PHE E 225 25.88 -4.89 -24.08
C PHE E 225 25.76 -5.02 -22.56
N PRO E 226 26.01 -6.22 -21.98
CA PRO E 226 26.35 -7.51 -22.61
C PRO E 226 25.24 -8.33 -23.26
N HIS E 227 24.01 -7.79 -23.29
CA HIS E 227 22.88 -8.45 -23.93
C HIS E 227 22.33 -9.76 -23.37
N PHE E 228 23.13 -10.52 -22.64
CA PHE E 228 22.65 -11.81 -22.16
C PHE E 228 22.62 -12.04 -20.66
N LEU E 229 22.48 -10.96 -19.91
CA LEU E 229 22.43 -11.03 -18.46
C LEU E 229 22.08 -9.63 -18.03
N GLY E 230 21.48 -9.48 -16.85
CA GLY E 230 21.12 -8.16 -16.37
C GLY E 230 19.63 -7.92 -16.15
N TYR E 231 18.82 -8.95 -16.40
CA TYR E 231 17.37 -8.85 -16.21
C TYR E 231 16.99 -8.93 -14.73
N ALA E 232 15.91 -8.23 -14.37
CA ALA E 232 15.44 -8.20 -12.99
C ALA E 232 15.17 -9.58 -12.39
N GLU E 233 14.67 -10.51 -13.20
CA GLU E 233 14.36 -11.88 -12.77
C GLU E 233 15.57 -12.57 -12.14
N GLU E 234 16.76 -12.11 -12.46
CA GLU E 234 17.99 -12.69 -11.92
C GLU E 234 18.22 -12.21 -10.49
N THR E 235 17.85 -13.03 -9.52
CA THR E 235 18.00 -12.66 -8.12
C THR E 235 18.97 -13.54 -7.32
N GLY E 236 19.59 -14.49 -7.99
CA GLY E 236 20.52 -15.37 -7.29
C GLY E 236 20.13 -16.82 -7.42
N LYS E 237 21.03 -17.70 -7.02
CA LYS E 237 20.78 -19.13 -7.12
C LYS E 237 21.38 -19.89 -5.94
N GLY E 238 20.71 -20.98 -5.57
CA GLY E 238 21.17 -21.81 -4.47
C GLY E 238 21.57 -21.03 -3.24
N ALA E 239 22.82 -21.21 -2.82
CA ALA E 239 23.35 -20.54 -1.64
C ALA E 239 23.32 -19.02 -1.82
N GLY E 240 23.31 -18.57 -3.07
CA GLY E 240 23.29 -17.14 -3.34
C GLY E 240 21.90 -16.59 -3.64
N ALA E 241 20.86 -17.38 -3.36
CA ALA E 241 19.50 -16.94 -3.61
C ALA E 241 19.22 -15.63 -2.91
N GLY E 242 18.60 -14.68 -3.62
CA GLY E 242 18.28 -13.39 -3.04
C GLY E 242 19.40 -12.37 -2.87
N THR E 243 20.62 -12.70 -3.29
CA THR E 243 21.74 -11.77 -3.14
C THR E 243 22.21 -11.11 -4.44
N THR E 244 21.29 -11.00 -5.40
CA THR E 244 21.57 -10.34 -6.69
C THR E 244 20.37 -9.46 -7.03
N ALA E 245 20.61 -8.18 -7.29
CA ALA E 245 19.53 -7.24 -7.64
C ALA E 245 19.90 -6.39 -8.85
N ASN E 246 19.22 -6.65 -9.97
CA ASN E 246 19.46 -5.90 -11.19
C ASN E 246 18.41 -4.84 -11.43
N TYR E 247 18.85 -3.69 -11.89
CA TYR E 247 17.93 -2.60 -12.18
C TYR E 247 18.16 -2.12 -13.61
N PRO E 248 17.59 -2.82 -14.60
CA PRO E 248 17.75 -2.43 -16.00
C PRO E 248 16.82 -1.27 -16.28
N MET E 249 17.33 -0.29 -17.02
CA MET E 249 16.53 0.90 -17.37
C MET E 249 16.61 1.22 -18.86
N GLY E 250 15.60 1.90 -19.38
CA GLY E 250 15.52 2.21 -20.80
C GLY E 250 16.32 3.37 -21.38
N ARG E 251 16.12 3.62 -22.66
CA ARG E 251 16.81 4.68 -23.37
C ARG E 251 16.45 6.08 -22.89
N GLY E 252 17.47 6.90 -22.67
CA GLY E 252 17.27 8.27 -22.24
C GLY E 252 16.86 8.46 -20.78
N THR E 253 17.10 7.46 -19.95
CA THR E 253 16.76 7.54 -18.52
C THR E 253 17.51 8.68 -17.86
N PRO E 254 16.76 9.60 -17.23
CA PRO E 254 17.34 10.75 -16.53
C PRO E 254 17.67 10.38 -15.08
N TYR E 255 18.50 11.18 -14.43
CA TYR E 255 18.86 10.90 -13.05
C TYR E 255 17.61 10.79 -12.18
N SER E 256 16.52 11.40 -12.64
CA SER E 256 15.26 11.38 -11.90
C SER E 256 14.80 9.96 -11.67
N VAL E 257 15.02 9.09 -12.65
CA VAL E 257 14.64 7.69 -12.55
C VAL E 257 15.80 6.84 -12.03
N TRP E 258 16.99 7.11 -12.55
CA TRP E 258 18.19 6.38 -12.17
C TRP E 258 18.44 6.52 -10.67
N GLY E 259 18.28 7.74 -10.17
CA GLY E 259 18.47 7.98 -8.75
C GLY E 259 17.56 7.16 -7.86
N GLU E 260 16.34 6.87 -8.34
CA GLU E 260 15.39 6.08 -7.56
C GLU E 260 15.89 4.63 -7.44
N ALA E 261 16.39 4.10 -8.56
CA ALA E 261 16.92 2.74 -8.60
C ALA E 261 18.10 2.63 -7.65
N LEU E 262 18.92 3.68 -7.62
CA LEU E 262 20.06 3.70 -6.74
C LEU E 262 19.61 3.60 -5.30
N THR E 263 18.63 4.42 -4.94
CA THR E 263 18.10 4.42 -3.59
C THR E 263 17.58 3.04 -3.21
N ASP E 264 16.86 2.40 -4.12
CA ASP E 264 16.33 1.09 -3.79
C ASP E 264 17.43 0.03 -3.64
N SER E 265 18.50 0.14 -4.42
CA SER E 265 19.57 -0.84 -4.31
C SER E 265 20.36 -0.64 -3.02
N LEU E 266 20.45 0.60 -2.56
CA LEU E 266 21.17 0.89 -1.33
C LEU E 266 20.35 0.42 -0.13
N LYS E 267 19.04 0.30 -0.33
CA LYS E 267 18.16 -0.14 0.73
C LYS E 267 18.25 -1.65 0.83
N ARG E 268 18.48 -2.30 -0.30
CA ARG E 268 18.61 -3.75 -0.32
C ARG E 268 19.92 -4.12 0.35
N ILE E 269 20.97 -3.38 -0.01
CA ILE E 269 22.31 -3.58 0.52
C ILE E 269 22.35 -3.36 2.04
N ALA E 270 21.66 -2.31 2.50
CA ALA E 270 21.60 -1.99 3.92
C ALA E 270 20.90 -3.11 4.69
N ALA E 271 19.85 -3.67 4.09
CA ALA E 271 19.10 -4.76 4.71
C ALA E 271 19.91 -6.05 4.64
N PHE E 272 20.90 -6.08 3.76
CA PHE E 272 21.77 -7.24 3.60
C PHE E 272 22.77 -7.26 4.75
N GLY E 273 23.12 -6.07 5.25
CA GLY E 273 24.05 -5.97 6.34
C GLY E 273 25.50 -5.89 5.90
N ALA E 274 25.73 -5.31 4.72
CA ALA E 274 27.09 -5.19 4.20
C ALA E 274 27.98 -4.37 5.14
N GLU E 275 29.20 -4.84 5.33
CA GLU E 275 30.16 -4.15 6.20
C GLU E 275 30.92 -3.10 5.39
N ALA E 276 30.88 -3.25 4.07
CA ALA E 276 31.55 -2.32 3.19
C ALA E 276 30.97 -2.48 1.79
N ILE E 277 31.06 -1.42 1.02
CA ILE E 277 30.55 -1.45 -0.33
C ILE E 277 31.65 -1.18 -1.33
N VAL E 278 31.79 -2.08 -2.29
CA VAL E 278 32.78 -1.90 -3.35
C VAL E 278 31.93 -1.38 -4.49
N VAL E 279 32.26 -0.18 -4.96
CA VAL E 279 31.52 0.45 -6.05
C VAL E 279 32.25 0.34 -7.39
N SER E 280 31.61 -0.28 -8.38
CA SER E 280 32.19 -0.40 -9.72
C SER E 280 31.80 0.88 -10.43
N LEU E 281 32.70 1.86 -10.42
CA LEU E 281 32.41 3.15 -11.03
C LEU E 281 32.69 3.23 -12.52
N GLY E 282 31.62 3.47 -13.27
CA GLY E 282 31.74 3.62 -14.71
C GLY E 282 31.06 4.95 -14.97
N VAL E 283 31.62 5.77 -15.87
CA VAL E 283 30.99 7.03 -16.16
C VAL E 283 30.37 7.06 -17.56
N ASP E 284 30.17 5.87 -18.16
CA ASP E 284 29.54 5.84 -19.47
C ASP E 284 28.05 6.13 -19.31
N THR E 285 27.61 6.45 -18.11
CA THR E 285 26.20 6.80 -17.90
C THR E 285 25.98 8.26 -18.26
N PHE E 286 27.08 8.97 -18.52
CA PHE E 286 27.04 10.39 -18.88
C PHE E 286 26.30 10.58 -20.20
N GLU E 287 25.43 11.59 -20.25
CA GLU E 287 24.65 11.88 -21.45
C GLU E 287 25.45 12.02 -22.75
N GLN E 288 26.73 12.36 -22.64
CA GLN E 288 27.55 12.52 -23.82
C GLN E 288 28.47 11.36 -24.10
N ASP E 289 28.14 10.19 -23.59
CA ASP E 289 28.99 9.04 -23.82
C ASP E 289 28.65 8.45 -25.19
N PRO E 290 29.68 8.17 -26.00
CA PRO E 290 29.56 7.61 -27.35
C PRO E 290 29.01 6.19 -27.49
N ILE E 291 28.91 5.44 -26.40
CA ILE E 291 28.39 4.08 -26.48
C ILE E 291 27.36 3.73 -25.43
N SER E 292 26.56 4.71 -25.02
CA SER E 292 25.55 4.47 -23.99
C SER E 292 24.36 5.40 -24.19
N PHE E 293 23.21 5.04 -23.63
CA PHE E 293 22.01 5.86 -23.79
C PHE E 293 21.30 6.41 -22.56
N PHE E 294 22.05 6.73 -21.50
CA PHE E 294 21.44 7.33 -20.31
C PHE E 294 21.74 8.81 -20.37
N LYS E 295 21.00 9.62 -19.61
CA LYS E 295 21.19 11.06 -19.65
C LYS E 295 21.53 11.72 -18.31
N LEU E 296 22.65 11.34 -17.72
CA LEU E 296 23.08 11.94 -16.45
C LEU E 296 24.04 13.09 -16.73
N THR E 297 23.92 14.16 -15.96
CA THR E 297 24.78 15.33 -16.12
C THR E 297 25.93 15.27 -15.11
N SER E 298 26.95 16.09 -15.34
CA SER E 298 28.12 16.11 -14.46
C SER E 298 27.78 16.28 -12.97
N PRO E 299 26.86 17.20 -12.65
CA PRO E 299 26.48 17.42 -11.24
C PRO E 299 25.92 16.18 -10.56
N ASP E 300 25.21 15.36 -11.31
CA ASP E 300 24.61 14.14 -10.75
C ASP E 300 25.65 13.20 -10.15
N TYR E 301 26.85 13.17 -10.70
CA TYR E 301 27.88 12.28 -10.19
C TYR E 301 28.25 12.66 -8.75
N ILE E 302 28.08 13.93 -8.41
CA ILE E 302 28.37 14.38 -7.06
C ILE E 302 27.28 13.78 -6.17
N THR E 303 26.04 13.85 -6.64
CA THR E 303 24.90 13.29 -5.91
C THR E 303 25.10 11.79 -5.72
N MET E 304 25.49 11.12 -6.81
CA MET E 304 25.73 9.69 -6.81
C MET E 304 26.69 9.36 -5.68
N GLY E 305 27.81 10.09 -5.63
CA GLY E 305 28.79 9.87 -4.58
C GLY E 305 28.22 10.07 -3.20
N ARG E 306 27.52 11.18 -2.97
CA ARG E 306 26.93 11.46 -1.66
C ARG E 306 25.96 10.38 -1.22
N THR E 307 25.02 10.06 -2.10
CA THR E 307 24.00 9.05 -1.80
C THR E 307 24.63 7.76 -1.31
N ILE E 308 25.61 7.26 -2.05
CA ILE E 308 26.28 6.03 -1.69
C ILE E 308 27.05 6.16 -0.38
N ALA E 309 27.82 7.24 -0.26
CA ALA E 309 28.61 7.47 0.95
C ALA E 309 27.71 7.61 2.17
N ALA E 310 26.47 8.04 1.96
CA ALA E 310 25.53 8.21 3.06
C ALA E 310 25.06 6.88 3.65
N SER E 311 25.44 5.78 3.01
CA SER E 311 25.07 4.45 3.48
C SER E 311 25.64 4.26 4.89
N GLY E 312 26.76 4.93 5.16
CA GLY E 312 27.38 4.84 6.46
C GLY E 312 28.50 3.83 6.58
N VAL E 313 28.71 3.02 5.55
CA VAL E 313 29.78 2.02 5.59
C VAL E 313 30.92 2.49 4.71
N PRO E 314 32.13 1.95 4.91
CA PRO E 314 33.27 2.34 4.10
C PRO E 314 33.08 2.00 2.63
N LEU E 315 33.66 2.80 1.74
CA LEU E 315 33.52 2.57 0.32
C LEU E 315 34.83 2.44 -0.41
N LEU E 316 34.88 1.52 -1.37
CA LEU E 316 36.05 1.33 -2.22
C LEU E 316 35.55 1.53 -3.64
N VAL E 317 35.99 2.62 -4.28
CA VAL E 317 35.58 2.89 -5.64
C VAL E 317 36.62 2.31 -6.61
N VAL E 318 36.15 1.44 -7.49
CA VAL E 318 36.98 0.78 -8.49
C VAL E 318 36.55 1.24 -9.88
N MET E 319 37.47 1.87 -10.60
CA MET E 319 37.20 2.40 -11.94
C MET E 319 36.84 1.29 -12.91
N GLU E 320 35.79 1.54 -13.69
CA GLU E 320 35.31 0.60 -14.70
C GLU E 320 35.27 1.27 -16.08
N GLY E 321 34.08 1.56 -16.61
CA GLY E 321 33.95 2.19 -17.92
C GLY E 321 33.91 3.71 -17.96
N GLY E 322 33.79 4.27 -19.17
CA GLY E 322 33.78 5.71 -19.37
C GLY E 322 34.71 5.96 -20.55
N TYR E 323 34.16 6.42 -21.67
CA TYR E 323 34.95 6.61 -22.87
C TYR E 323 34.75 7.94 -23.57
N GLY E 324 35.44 8.09 -24.69
CA GLY E 324 35.34 9.28 -25.51
C GLY E 324 35.56 10.64 -24.83
N VAL E 325 34.46 11.37 -24.65
CA VAL E 325 34.49 12.70 -24.04
C VAL E 325 35.57 12.92 -22.99
N PRO E 326 36.15 14.12 -22.99
CA PRO E 326 37.21 14.46 -22.03
C PRO E 326 36.65 14.76 -20.64
N GLU E 327 35.33 14.66 -20.50
CA GLU E 327 34.68 14.90 -19.23
C GLU E 327 34.70 13.68 -18.31
N ILE E 328 35.26 12.57 -18.77
CA ILE E 328 35.30 11.38 -17.93
C ILE E 328 36.01 11.68 -16.63
N GLY E 329 37.04 12.51 -16.69
CA GLY E 329 37.80 12.86 -15.50
C GLY E 329 36.97 13.67 -14.52
N LEU E 330 36.33 14.72 -15.02
CA LEU E 330 35.50 15.58 -14.20
C LEU E 330 34.43 14.74 -13.51
N ASN E 331 33.75 13.92 -14.31
CA ASN E 331 32.69 13.09 -13.77
C ASN E 331 33.14 12.10 -12.71
N VAL E 332 34.35 11.57 -12.84
CA VAL E 332 34.85 10.65 -11.85
C VAL E 332 35.19 11.47 -10.60
N ALA E 333 35.85 12.60 -10.81
CA ALA E 333 36.23 13.47 -9.71
C ALA E 333 34.97 13.86 -8.92
N ASN E 334 33.91 14.20 -9.63
CA ASN E 334 32.69 14.61 -8.97
C ASN E 334 32.10 13.53 -8.06
N VAL E 335 32.33 12.27 -8.41
CA VAL E 335 31.83 11.17 -7.59
C VAL E 335 32.67 11.11 -6.31
N LEU E 336 33.96 11.35 -6.43
CA LEU E 336 34.84 11.34 -5.26
C LEU E 336 34.52 12.52 -4.37
N LYS E 337 34.17 13.66 -4.97
CA LYS E 337 33.82 14.85 -4.20
C LYS E 337 32.55 14.55 -3.41
N GLY E 338 31.61 13.85 -4.06
CA GLY E 338 30.38 13.49 -3.41
C GLY E 338 30.62 12.57 -2.24
N VAL E 339 31.50 11.59 -2.46
CA VAL E 339 31.87 10.62 -1.42
C VAL E 339 32.53 11.32 -0.23
N ALA E 340 33.46 12.22 -0.53
CA ALA E 340 34.18 12.94 0.50
C ALA E 340 33.25 13.75 1.42
N GLY E 341 32.02 13.98 0.98
CA GLY E 341 31.08 14.73 1.80
C GLY E 341 31.41 16.21 1.93
N MET F 1 -6.29 50.34 58.86
CA MET F 1 -6.31 49.04 58.12
C MET F 1 -4.96 48.34 58.24
N ARG F 2 -5.01 47.02 58.27
CA ARG F 2 -3.79 46.24 58.37
C ARG F 2 -3.05 46.22 57.03
N VAL F 3 -1.74 46.08 57.08
CA VAL F 3 -0.90 46.04 55.88
C VAL F 3 -0.21 44.69 55.75
N ILE F 4 -0.41 44.02 54.62
CA ILE F 4 0.22 42.72 54.40
C ILE F 4 1.43 42.90 53.49
N PHE F 5 2.60 42.50 53.98
CA PHE F 5 3.83 42.65 53.23
C PHE F 5 4.82 41.50 53.41
N SER F 6 5.47 41.11 52.30
CA SER F 6 6.46 40.05 52.34
C SER F 6 7.83 40.55 51.91
N GLU F 7 8.85 40.29 52.72
CA GLU F 7 10.18 40.72 52.36
C GLU F 7 10.68 39.92 51.15
N ASP F 8 10.05 38.78 50.88
CA ASP F 8 10.45 37.96 49.74
C ASP F 8 10.20 38.63 48.39
N HIS F 9 9.66 39.84 48.40
CA HIS F 9 9.41 40.57 47.17
C HIS F 9 10.75 40.88 46.51
N LYS F 10 11.83 40.88 47.29
CA LYS F 10 13.15 41.18 46.76
C LYS F 10 13.76 40.05 45.95
N LEU F 11 13.16 38.86 46.04
CA LEU F 11 13.65 37.73 45.26
C LEU F 11 13.47 38.10 43.78
N ARG F 12 12.52 39.00 43.51
CA ARG F 12 12.27 39.49 42.16
C ARG F 12 13.26 40.63 41.98
N ASN F 13 14.37 40.31 41.34
CA ASN F 13 15.43 41.26 41.14
C ASN F 13 16.05 41.15 39.76
N ALA F 14 15.26 41.44 38.73
CA ALA F 14 15.72 41.39 37.35
C ALA F 14 16.74 42.48 37.08
N LYS F 15 17.80 42.15 36.33
CA LYS F 15 18.82 43.14 36.03
C LYS F 15 18.58 43.87 34.72
N THR F 16 17.75 43.29 33.85
CA THR F 16 17.47 43.92 32.56
C THR F 16 16.01 44.03 32.17
N GLU F 17 15.72 45.08 31.40
CA GLU F 17 14.39 45.35 30.88
C GLU F 17 14.61 46.00 29.52
N LEU F 18 13.86 45.56 28.52
CA LEU F 18 14.01 46.12 27.19
C LEU F 18 13.16 47.38 27.08
N TYR F 19 13.84 48.53 27.01
CA TYR F 19 13.17 49.81 26.91
C TYR F 19 13.93 50.75 25.99
N GLY F 20 13.20 51.39 25.07
CA GLY F 20 13.84 52.31 24.15
C GLY F 20 14.87 51.64 23.28
N GLY F 21 14.77 50.32 23.12
CA GLY F 21 15.70 49.58 22.29
C GLY F 21 16.97 49.17 23.00
N GLU F 22 17.02 49.39 24.31
CA GLU F 22 18.20 49.06 25.10
C GLU F 22 17.80 48.21 26.31
N LEU F 23 18.75 47.47 26.86
CA LEU F 23 18.51 46.66 28.03
C LEU F 23 18.95 47.51 29.21
N VAL F 24 18.00 48.13 29.91
CA VAL F 24 18.30 49.00 31.04
C VAL F 24 17.80 48.39 32.36
N PRO F 25 18.22 48.98 33.49
CA PRO F 25 17.80 48.49 34.81
C PRO F 25 16.27 48.61 34.96
N PRO F 26 15.59 47.50 35.29
CA PRO F 26 14.12 47.49 35.45
C PRO F 26 13.54 48.63 36.26
N PHE F 27 12.48 49.24 35.74
CA PHE F 27 11.82 50.35 36.44
C PHE F 27 11.03 49.83 37.64
N GLU F 28 10.57 48.59 37.55
CA GLU F 28 9.83 47.99 38.66
C GLU F 28 10.89 47.32 39.52
N ALA F 29 11.53 48.11 40.38
CA ALA F 29 12.58 47.62 41.24
C ALA F 29 12.20 47.51 42.72
N PRO F 30 12.97 46.73 43.49
CA PRO F 30 12.71 46.52 44.92
C PRO F 30 12.46 47.79 45.72
N PHE F 31 13.24 48.83 45.48
CA PHE F 31 13.08 50.06 46.26
C PHE F 31 11.66 50.63 46.23
N ARG F 32 10.84 50.20 45.27
CA ARG F 32 9.45 50.67 45.20
C ARG F 32 8.70 50.22 46.45
N ALA F 33 8.93 48.97 46.86
CA ALA F 33 8.28 48.42 48.04
C ALA F 33 8.78 49.13 49.31
N GLU F 34 10.08 49.40 49.35
CA GLU F 34 10.69 50.07 50.48
C GLU F 34 10.05 51.44 50.72
N TRP F 35 9.99 52.24 49.67
CA TRP F 35 9.41 53.56 49.74
C TRP F 35 7.92 53.55 50.08
N ILE F 36 7.15 52.69 49.41
CA ILE F 36 5.74 52.61 49.70
C ILE F 36 5.52 52.20 51.16
N LEU F 37 6.19 51.12 51.58
CA LEU F 37 6.04 50.64 52.95
C LEU F 37 6.42 51.71 53.96
N ALA F 38 7.52 52.42 53.71
CA ALA F 38 7.95 53.45 54.63
C ALA F 38 6.91 54.55 54.76
N ALA F 39 6.38 54.99 53.62
CA ALA F 39 5.37 56.03 53.60
C ALA F 39 4.07 55.63 54.31
N VAL F 40 3.54 54.45 54.00
CA VAL F 40 2.30 54.01 54.64
C VAL F 40 2.46 53.92 56.15
N LYS F 41 3.65 53.55 56.61
CA LYS F 41 3.90 53.45 58.05
C LYS F 41 3.87 54.83 58.67
N GLU F 42 4.66 55.73 58.11
CA GLU F 42 4.74 57.09 58.61
C GLU F 42 3.37 57.77 58.61
N ALA F 43 2.46 57.24 57.78
CA ALA F 43 1.11 57.78 57.67
C ALA F 43 0.20 57.21 58.74
N GLY F 44 0.77 56.40 59.64
CA GLY F 44 -0.02 55.82 60.71
C GLY F 44 -0.36 54.36 60.54
N PHE F 45 -0.19 53.84 59.33
CA PHE F 45 -0.49 52.45 59.07
C PHE F 45 0.75 51.60 59.36
N ASP F 46 1.07 51.43 60.63
CA ASP F 46 2.25 50.67 61.01
C ASP F 46 1.98 49.22 61.42
N ASP F 47 0.76 48.75 61.27
CA ASP F 47 0.47 47.36 61.61
C ASP F 47 0.73 46.49 60.38
N VAL F 48 2.01 46.21 60.14
CA VAL F 48 2.45 45.42 59.00
C VAL F 48 2.74 43.97 59.38
N VAL F 49 2.16 43.02 58.67
CA VAL F 49 2.39 41.61 58.96
C VAL F 49 2.74 40.80 57.71
N ALA F 50 3.58 39.80 57.88
CA ALA F 50 3.99 38.96 56.76
C ALA F 50 2.88 37.97 56.47
N PRO F 51 2.66 37.64 55.18
CA PRO F 51 1.62 36.68 54.80
C PRO F 51 1.98 35.27 55.28
N ALA F 52 0.97 34.42 55.38
CA ALA F 52 1.17 33.05 55.81
C ALA F 52 1.41 32.16 54.61
N ARG F 53 1.77 30.91 54.89
CA ARG F 53 2.03 29.90 53.87
C ARG F 53 0.73 29.66 53.11
N HIS F 54 0.80 29.61 51.79
CA HIS F 54 -0.41 29.37 50.98
C HIS F 54 -0.12 28.50 49.77
N GLY F 55 -1.01 27.54 49.53
CA GLY F 55 -0.86 26.64 48.40
C GLY F 55 -1.27 27.27 47.09
N LEU F 56 -1.35 26.45 46.05
CA LEU F 56 -1.72 26.94 44.73
C LEU F 56 -3.21 26.77 44.41
N GLU F 57 -3.99 26.27 45.37
CA GLU F 57 -5.42 26.05 45.13
C GLU F 57 -6.19 27.29 44.67
N THR F 58 -5.92 28.45 45.24
CA THR F 58 -6.66 29.63 44.82
C THR F 58 -6.23 30.09 43.44
N VAL F 59 -4.92 30.20 43.24
CA VAL F 59 -4.39 30.67 41.96
C VAL F 59 -4.74 29.75 40.78
N LEU F 60 -4.91 28.46 41.06
CA LEU F 60 -5.26 27.53 39.99
C LEU F 60 -6.70 27.72 39.49
N LYS F 61 -7.43 28.62 40.12
CA LYS F 61 -8.81 28.89 39.68
C LYS F 61 -8.86 30.11 38.76
N VAL F 62 -7.75 30.86 38.66
CA VAL F 62 -7.74 32.02 37.78
C VAL F 62 -6.65 31.96 36.73
N HIS F 63 -5.64 31.10 36.94
CA HIS F 63 -4.55 30.93 35.97
C HIS F 63 -4.48 29.50 35.44
N ASP F 64 -4.13 29.39 34.17
CA ASP F 64 -3.98 28.11 33.50
C ASP F 64 -2.88 27.31 34.22
N ALA F 65 -3.09 26.01 34.43
CA ALA F 65 -2.11 25.17 35.11
C ALA F 65 -0.81 25.07 34.31
N GLY F 66 -0.95 24.97 33.00
CA GLY F 66 0.22 24.87 32.13
C GLY F 66 1.07 26.12 32.24
N TYR F 67 0.41 27.26 32.41
CA TYR F 67 1.07 28.54 32.54
C TYR F 67 1.85 28.60 33.86
N LEU F 68 1.20 28.24 34.95
CA LEU F 68 1.87 28.25 36.24
C LEU F 68 3.05 27.30 36.24
N ASN F 69 2.87 26.11 35.70
CA ASN F 69 3.98 25.16 35.66
C ASN F 69 5.15 25.74 34.87
N PHE F 70 4.86 26.45 33.78
CA PHE F 70 5.92 27.06 32.99
C PHE F 70 6.69 28.13 33.78
N LEU F 71 6.00 28.88 34.63
CA LEU F 71 6.65 29.92 35.42
C LEU F 71 7.60 29.36 36.46
N GLU F 72 7.26 28.21 37.00
CA GLU F 72 8.07 27.58 38.03
C GLU F 72 9.39 27.07 37.48
N THR F 73 9.40 26.56 36.26
CA THR F 73 10.64 26.02 35.70
C THR F 73 11.28 26.82 34.58
N ALA F 74 10.72 27.99 34.29
CA ALA F 74 11.24 28.86 33.22
C ALA F 74 12.72 29.20 33.31
N TRP F 75 13.14 29.76 34.44
CA TRP F 75 14.54 30.15 34.59
C TRP F 75 15.51 28.96 34.47
N ASP F 76 15.28 27.90 35.22
CA ASP F 76 16.16 26.76 35.13
C ASP F 76 16.28 26.24 33.71
N ARG F 77 15.15 26.10 33.01
CA ARG F 77 15.21 25.63 31.63
C ARG F 77 15.95 26.64 30.74
N TRP F 78 15.76 27.93 31.01
CA TRP F 78 16.43 28.93 30.20
C TRP F 78 17.94 28.85 30.35
N LYS F 79 18.41 28.76 31.58
CA LYS F 79 19.85 28.69 31.84
C LYS F 79 20.40 27.38 31.26
N ALA F 80 19.66 26.30 31.45
CA ALA F 80 20.07 24.99 30.95
C ALA F 80 20.17 24.99 29.43
N ALA F 81 19.48 25.90 28.77
CA ALA F 81 19.53 25.96 27.32
C ALA F 81 20.84 26.59 26.85
N GLY F 82 21.56 27.24 27.78
CA GLY F 82 22.82 27.84 27.43
C GLY F 82 22.82 29.33 27.19
N TYR F 83 21.70 30.01 27.44
CA TYR F 83 21.64 31.45 27.21
C TYR F 83 22.35 32.25 28.28
N LYS F 84 22.96 33.36 27.87
CA LYS F 84 23.74 34.23 28.73
C LYS F 84 22.96 35.29 29.52
N GLY F 85 21.97 35.92 28.88
CA GLY F 85 21.21 36.94 29.55
C GLY F 85 20.01 36.37 30.28
N GLU F 86 19.09 37.24 30.67
CA GLU F 86 17.88 36.83 31.36
C GLU F 86 16.85 36.31 30.35
N ALA F 87 15.90 35.52 30.83
CA ALA F 87 14.87 34.94 29.96
C ALA F 87 13.91 36.01 29.44
N ILE F 88 14.09 36.37 28.17
CA ILE F 88 13.25 37.37 27.52
C ILE F 88 12.67 36.77 26.25
N ALA F 89 11.35 36.83 26.10
CA ALA F 89 10.68 36.28 24.93
C ALA F 89 10.90 37.14 23.69
N THR F 90 11.10 36.49 22.54
CA THR F 90 11.30 37.24 21.30
C THR F 90 10.31 36.90 20.20
N SER F 91 9.76 35.68 20.20
CA SER F 91 8.81 35.27 19.18
C SER F 91 7.42 35.18 19.83
N PHE F 92 6.42 35.76 19.19
CA PHE F 92 5.08 35.74 19.78
C PHE F 92 3.97 35.20 18.88
N PRO F 93 2.98 34.52 19.48
CA PRO F 93 1.87 33.97 18.68
C PRO F 93 0.83 35.08 18.48
N VAL F 94 1.03 35.88 17.46
CA VAL F 94 0.13 36.99 17.17
C VAL F 94 -0.97 36.60 16.17
N ARG F 95 -1.29 37.52 15.27
CA ARG F 95 -2.34 37.28 14.30
C ARG F 95 -2.16 36.06 13.41
N ARG F 96 -3.24 35.29 13.28
CA ARG F 96 -3.27 34.13 12.43
C ARG F 96 -2.13 33.11 12.66
N THR F 97 -1.84 32.81 13.93
CA THR F 97 -0.80 31.83 14.26
C THR F 97 -1.46 30.55 14.75
N SER F 98 -0.68 29.48 14.84
CA SER F 98 -1.22 28.22 15.32
C SER F 98 -1.47 28.29 16.82
N PRO F 99 -2.42 27.49 17.33
CA PRO F 99 -2.75 27.45 18.75
C PRO F 99 -1.86 26.48 19.51
N ARG F 100 -1.09 25.68 18.79
CA ARG F 100 -0.20 24.70 19.40
C ARG F 100 0.84 25.32 20.31
N ILE F 101 1.20 24.57 21.35
CA ILE F 101 2.20 25.02 22.31
C ILE F 101 3.54 24.36 21.98
N PRO F 102 4.60 25.17 21.83
CA PRO F 102 5.91 24.62 21.52
C PRO F 102 6.36 23.78 22.71
N THR F 103 7.39 22.97 22.52
CA THR F 103 7.88 22.12 23.58
C THR F 103 9.17 22.67 24.20
N ASP F 104 9.97 23.41 23.42
CA ASP F 104 11.24 23.98 23.91
C ASP F 104 11.02 25.27 24.73
N ILE F 105 12.02 25.65 25.53
CA ILE F 105 11.87 26.85 26.35
C ILE F 105 11.73 28.12 25.52
N GLU F 106 12.53 28.24 24.45
CA GLU F 106 12.47 29.42 23.58
C GLU F 106 11.06 29.64 23.04
N GLY F 107 10.41 28.55 22.63
CA GLY F 107 9.07 28.67 22.09
C GLY F 107 8.03 28.92 23.15
N GLN F 108 8.19 28.27 24.29
CA GLN F 108 7.22 28.40 25.36
C GLN F 108 7.26 29.75 26.07
N ILE F 109 8.43 30.38 26.13
CA ILE F 109 8.49 31.66 26.80
C ILE F 109 7.71 32.69 25.98
N GLY F 110 7.75 32.58 24.66
CA GLY F 110 7.01 33.49 23.82
C GLY F 110 5.52 33.14 23.85
N TYR F 111 5.22 31.85 23.97
CA TYR F 111 3.83 31.39 24.02
C TYR F 111 3.10 31.94 25.25
N TYR F 112 3.78 31.95 26.38
CA TYR F 112 3.21 32.42 27.64
C TYR F 112 3.51 33.88 27.97
N CYS F 113 3.87 34.66 26.96
CA CYS F 113 4.23 36.05 27.15
C CYS F 113 3.50 37.04 26.25
N ASN F 114 3.09 38.18 26.80
CA ASN F 114 2.40 39.21 26.01
C ASN F 114 3.20 40.52 25.89
N ALA F 115 4.34 40.59 26.56
CA ALA F 115 5.20 41.78 26.50
C ALA F 115 6.67 41.43 26.75
N ALA F 116 7.52 41.66 25.76
CA ALA F 116 8.93 41.34 25.86
C ALA F 116 9.73 42.28 26.77
N GLU F 117 9.10 43.31 27.31
CA GLU F 117 9.86 44.22 28.17
C GLU F 117 9.96 43.68 29.58
N THR F 118 9.56 42.42 29.76
CA THR F 118 9.61 41.79 31.07
C THR F 118 10.44 40.50 31.01
N ALA F 119 11.55 40.51 31.73
CA ALA F 119 12.43 39.36 31.77
C ALA F 119 12.20 38.50 33.00
N ILE F 120 12.43 37.21 32.85
CA ILE F 120 12.28 36.28 33.96
C ILE F 120 13.70 36.04 34.45
N SER F 121 13.89 35.99 35.76
CA SER F 121 15.21 35.75 36.31
C SER F 121 15.10 34.91 37.58
N PRO F 122 16.23 34.62 38.22
CA PRO F 122 16.22 33.83 39.46
C PRO F 122 15.36 34.47 40.54
N GLY F 123 14.53 33.66 41.19
CA GLY F 123 13.68 34.15 42.25
C GLY F 123 12.37 34.79 41.81
N THR F 124 12.13 34.85 40.51
CA THR F 124 10.90 35.44 40.04
C THR F 124 9.69 34.63 40.51
N TRP F 125 9.76 33.31 40.34
CA TRP F 125 8.67 32.43 40.78
C TRP F 125 8.39 32.61 42.26
N GLU F 126 9.41 32.43 43.09
CA GLU F 126 9.26 32.57 44.53
C GLU F 126 8.71 33.94 44.92
N ALA F 127 9.23 35.00 44.30
CA ALA F 127 8.75 36.34 44.60
C ALA F 127 7.29 36.49 44.20
N ALA F 128 6.93 35.94 43.06
CA ALA F 128 5.55 36.02 42.60
C ALA F 128 4.64 35.30 43.60
N LEU F 129 5.10 34.15 44.11
CA LEU F 129 4.34 33.39 45.08
C LEU F 129 4.07 34.17 46.36
N SER F 130 5.09 34.88 46.86
CA SER F 130 4.96 35.66 48.07
C SER F 130 3.99 36.83 47.89
N SER F 131 4.05 37.46 46.71
CA SER F 131 3.16 38.57 46.43
C SER F 131 1.71 38.04 46.40
N MET F 132 1.52 36.86 45.81
CA MET F 132 0.21 36.22 45.75
C MET F 132 -0.28 35.93 47.17
N ALA F 133 0.62 35.44 48.03
CA ALA F 133 0.27 35.14 49.40
C ALA F 133 -0.22 36.40 50.10
N SER F 134 0.45 37.53 49.87
CA SER F 134 0.05 38.78 50.50
C SER F 134 -1.37 39.16 50.14
N ALA F 135 -1.73 38.96 48.88
CA ALA F 135 -3.07 39.31 48.42
C ALA F 135 -4.11 38.36 49.02
N ILE F 136 -3.73 37.10 49.17
CA ILE F 136 -4.62 36.11 49.75
C ILE F 136 -4.96 36.48 51.20
N ASP F 137 -3.95 36.85 51.97
CA ASP F 137 -4.16 37.24 53.36
C ASP F 137 -4.95 38.54 53.45
N GLY F 138 -4.75 39.43 52.49
CA GLY F 138 -5.47 40.68 52.49
C GLY F 138 -6.95 40.36 52.34
N ALA F 139 -7.24 39.43 51.44
CA ALA F 139 -8.62 39.01 51.19
C ALA F 139 -9.23 38.34 52.42
N ASP F 140 -8.44 37.52 53.10
CA ASP F 140 -8.92 36.83 54.30
C ASP F 140 -9.37 37.80 55.39
N LEU F 141 -8.68 38.94 55.50
CA LEU F 141 -9.05 39.94 56.50
C LEU F 141 -10.41 40.53 56.15
N ILE F 142 -10.62 40.73 54.85
CA ILE F 142 -11.88 41.26 54.37
C ILE F 142 -12.97 40.21 54.59
N ALA F 143 -12.66 38.95 54.29
CA ALA F 143 -13.63 37.88 54.46
C ALA F 143 -13.81 37.57 55.94
N ALA F 144 -13.05 38.25 56.80
CA ALA F 144 -13.14 38.01 58.23
C ALA F 144 -13.76 39.21 58.96
N GLY F 145 -14.29 40.17 58.21
CA GLY F 145 -14.90 41.32 58.84
C GLY F 145 -14.26 42.66 58.58
N HIS F 146 -12.93 42.72 58.63
CA HIS F 146 -12.21 43.99 58.40
C HIS F 146 -12.77 44.75 57.21
N LYS F 147 -13.02 46.05 57.41
CA LYS F 147 -13.59 46.90 56.38
C LYS F 147 -12.63 47.35 55.28
N ALA F 148 -11.33 47.35 55.56
CA ALA F 148 -10.32 47.76 54.59
C ALA F 148 -8.97 47.16 54.96
N ALA F 149 -8.19 46.78 53.96
CA ALA F 149 -6.88 46.18 54.17
C ALA F 149 -5.98 46.53 52.99
N PHE F 150 -4.66 46.56 53.22
CA PHE F 150 -3.73 46.88 52.15
C PHE F 150 -2.68 45.79 51.89
N SER F 151 -2.74 45.23 50.68
CA SER F 151 -1.76 44.20 50.29
C SER F 151 -0.67 44.89 49.48
N LEU F 152 0.50 45.01 50.09
CA LEU F 152 1.63 45.64 49.42
C LEU F 152 2.24 44.58 48.50
N CYS F 153 1.70 44.43 47.31
CA CYS F 153 2.16 43.42 46.37
C CYS F 153 3.28 43.87 45.46
N ARG F 154 4.24 42.97 45.29
CA ARG F 154 5.35 43.18 44.40
C ARG F 154 6.00 41.82 44.18
N PRO F 155 6.16 41.41 42.92
CA PRO F 155 5.75 42.14 41.71
C PRO F 155 4.24 42.36 41.62
N PRO F 156 3.82 43.30 40.74
CA PRO F 156 2.40 43.60 40.55
C PRO F 156 1.73 42.45 39.80
N GLY F 157 0.45 42.62 39.45
CA GLY F 157 -0.23 41.53 38.77
C GLY F 157 -1.25 41.80 37.68
N HIS F 158 -1.86 42.97 37.64
CA HIS F 158 -2.90 43.23 36.65
C HIS F 158 -2.59 43.01 35.16
N HIS F 159 -1.32 42.82 34.81
CA HIS F 159 -1.00 42.57 33.40
C HIS F 159 -0.86 41.09 33.08
N ALA F 160 -0.90 40.25 34.10
CA ALA F 160 -0.79 38.81 33.92
C ALA F 160 -2.17 38.25 33.55
N GLY F 161 -2.27 37.70 32.34
CA GLY F 161 -3.52 37.14 31.88
C GLY F 161 -3.74 35.69 32.32
N ILE F 162 -4.75 35.03 31.77
CA ILE F 162 -5.01 33.65 32.15
C ILE F 162 -3.81 32.75 31.99
N ASP F 163 -3.13 32.88 30.85
CA ASP F 163 -1.94 32.07 30.59
C ASP F 163 -0.82 32.86 29.91
N MET F 164 -0.52 34.04 30.45
CA MET F 164 0.55 34.86 29.90
C MET F 164 1.04 35.92 30.89
N PHE F 165 2.35 36.14 30.91
CA PHE F 165 2.94 37.15 31.78
C PHE F 165 3.35 38.33 30.93
N GLY F 166 3.62 39.45 31.60
CA GLY F 166 4.01 40.67 30.90
C GLY F 166 3.78 41.89 31.78
N GLY F 167 4.27 43.05 31.34
CA GLY F 167 4.11 44.28 32.10
C GLY F 167 4.57 44.19 33.55
N TYR F 168 5.60 43.38 33.78
CA TYR F 168 6.19 43.15 35.10
C TYR F 168 5.34 42.25 35.98
N CYS F 169 4.27 41.70 35.41
CA CYS F 169 3.37 40.84 36.17
C CYS F 169 3.53 39.37 35.81
N PHE F 170 3.33 38.50 36.81
CA PHE F 170 3.44 37.05 36.61
C PHE F 170 2.21 36.35 37.14
N ILE F 171 1.74 36.77 38.31
CA ILE F 171 0.54 36.21 38.89
C ILE F 171 -0.37 37.39 39.19
N ASN F 172 -1.61 37.31 38.72
CA ASN F 172 -2.55 38.40 38.93
C ASN F 172 -3.03 38.39 40.38
N ASN F 173 -2.33 39.14 41.21
CA ASN F 173 -2.66 39.21 42.62
C ASN F 173 -4.11 39.62 42.88
N ALA F 174 -4.56 40.69 42.26
CA ALA F 174 -5.92 41.16 42.46
C ALA F 174 -6.92 40.06 42.10
N ALA F 175 -6.62 39.30 41.05
CA ALA F 175 -7.53 38.23 40.62
C ALA F 175 -7.56 37.10 41.64
N VAL F 176 -6.42 36.85 42.27
CA VAL F 176 -6.33 35.80 43.27
C VAL F 176 -7.10 36.24 44.51
N ALA F 177 -7.01 37.52 44.82
CA ALA F 177 -7.70 38.09 45.96
C ALA F 177 -9.21 37.93 45.76
N ALA F 178 -9.70 38.37 44.62
CA ALA F 178 -11.13 38.26 44.30
C ALA F 178 -11.59 36.82 44.40
N GLN F 179 -10.80 35.90 43.86
CA GLN F 179 -11.13 34.49 43.90
C GLN F 179 -11.18 33.98 45.33
N ARG F 180 -10.22 34.41 46.14
CA ARG F 180 -10.18 33.98 47.52
C ARG F 180 -11.47 34.41 48.25
N LEU F 181 -11.92 35.65 48.00
CA LEU F 181 -13.13 36.14 48.63
C LEU F 181 -14.33 35.26 48.27
N LEU F 182 -14.36 34.80 47.03
CA LEU F 182 -15.43 33.95 46.55
C LEU F 182 -15.37 32.60 47.26
N ASP F 183 -14.17 32.04 47.41
CA ASP F 183 -14.01 30.76 48.07
C ASP F 183 -14.39 30.88 49.53
N LYS F 184 -14.28 32.08 50.07
CA LYS F 184 -14.59 32.31 51.46
C LYS F 184 -16.07 32.48 51.73
N GLY F 185 -16.88 32.49 50.66
CA GLY F 185 -18.32 32.62 50.83
C GLY F 185 -19.02 33.70 50.01
N ALA F 186 -18.25 34.56 49.35
CA ALA F 186 -18.85 35.62 48.55
C ALA F 186 -19.33 35.07 47.21
N LYS F 187 -20.38 35.68 46.67
CA LYS F 187 -20.89 35.25 45.36
C LYS F 187 -20.61 36.30 44.29
N LYS F 188 -20.52 37.56 44.68
CA LYS F 188 -20.25 38.60 43.72
C LYS F 188 -19.17 39.57 44.20
N ILE F 189 -18.05 39.62 43.48
CA ILE F 189 -16.96 40.52 43.84
C ILE F 189 -16.62 41.43 42.68
N ALA F 190 -16.22 42.66 42.98
CA ALA F 190 -15.84 43.60 41.94
C ALA F 190 -14.38 44.01 42.09
N ILE F 191 -13.70 44.21 40.96
CA ILE F 191 -12.31 44.63 40.93
C ILE F 191 -12.27 45.97 40.22
N LEU F 192 -11.69 46.96 40.87
CA LEU F 192 -11.59 48.30 40.30
C LEU F 192 -10.10 48.62 40.13
N ASP F 193 -9.68 48.80 38.87
CA ASP F 193 -8.28 49.06 38.57
C ASP F 193 -8.03 50.53 38.27
N VAL F 194 -7.46 51.25 39.23
CA VAL F 194 -7.21 52.66 39.05
C VAL F 194 -5.80 53.01 38.53
N ASP F 195 -4.99 51.98 38.34
CA ASP F 195 -3.63 52.12 37.82
C ASP F 195 -3.76 52.84 36.48
N PHE F 196 -2.73 53.55 36.07
CA PHE F 196 -2.79 54.27 34.82
C PHE F 196 -3.10 53.39 33.63
N HIS F 197 -2.43 52.24 33.57
CA HIS F 197 -2.64 51.32 32.48
C HIS F 197 -3.87 50.47 32.71
N HIS F 198 -4.35 49.87 31.62
CA HIS F 198 -5.51 49.00 31.67
C HIS F 198 -5.06 47.66 32.25
N GLY F 199 -5.89 47.06 33.08
CA GLY F 199 -5.54 45.77 33.63
C GLY F 199 -5.96 44.71 32.63
N ASN F 200 -5.23 44.60 31.53
CA ASN F 200 -5.56 43.63 30.50
C ASN F 200 -5.61 42.20 31.01
N GLY F 201 -4.71 41.86 31.93
CA GLY F 201 -4.69 40.52 32.48
C GLY F 201 -5.93 40.20 33.29
N THR F 202 -6.27 41.09 34.22
CA THR F 202 -7.44 40.90 35.05
C THR F 202 -8.69 40.76 34.19
N GLN F 203 -8.84 41.64 33.20
CA GLN F 203 -10.00 41.56 32.31
C GLN F 203 -10.08 40.18 31.68
N ASP F 204 -8.96 39.74 31.12
CA ASP F 204 -8.88 38.45 30.47
C ASP F 204 -9.31 37.30 31.40
N ILE F 205 -8.93 37.38 32.68
CA ILE F 205 -9.28 36.34 33.65
C ILE F 205 -10.77 36.21 33.96
N PHE F 206 -11.49 37.32 34.02
CA PHE F 206 -12.93 37.30 34.32
C PHE F 206 -13.83 37.73 33.16
N TYR F 207 -13.29 37.82 31.96
CA TYR F 207 -14.10 38.27 30.82
C TYR F 207 -15.29 37.34 30.54
N GLU F 208 -15.12 36.04 30.75
CA GLU F 208 -16.21 35.10 30.52
C GLU F 208 -16.77 34.56 31.85
N ARG F 209 -16.72 35.38 32.88
CA ARG F 209 -17.23 35.03 34.20
C ARG F 209 -18.14 36.13 34.69
N GLY F 210 -19.30 35.74 35.20
CA GLY F 210 -20.25 36.74 35.68
C GLY F 210 -20.21 36.97 37.18
N ASP F 211 -19.42 36.17 37.90
CA ASP F 211 -19.32 36.27 39.36
C ASP F 211 -18.36 37.37 39.82
N VAL F 212 -17.65 37.98 38.88
CA VAL F 212 -16.72 39.06 39.19
C VAL F 212 -16.85 40.14 38.14
N PHE F 213 -17.02 41.37 38.60
CA PHE F 213 -17.17 42.51 37.71
C PHE F 213 -15.84 43.26 37.67
N PHE F 214 -15.37 43.58 36.47
CA PHE F 214 -14.11 44.29 36.33
C PHE F 214 -14.30 45.68 35.73
N ALA F 215 -13.78 46.69 36.41
CA ALA F 215 -13.85 48.06 35.93
C ALA F 215 -12.43 48.60 35.91
N SER F 216 -12.09 49.36 34.88
CA SER F 216 -10.75 49.92 34.79
C SER F 216 -10.73 51.32 34.21
N LEU F 217 -10.00 52.22 34.86
CA LEU F 217 -9.86 53.58 34.35
C LEU F 217 -8.41 53.57 33.89
N HIS F 218 -8.15 54.12 32.71
CA HIS F 218 -6.80 54.08 32.18
C HIS F 218 -6.58 54.90 30.92
N GLY F 219 -5.31 55.18 30.64
CA GLY F 219 -4.95 55.92 29.44
C GLY F 219 -5.45 55.13 28.24
N ASP F 220 -5.93 55.85 27.23
CA ASP F 220 -6.45 55.24 26.00
C ASP F 220 -5.44 54.27 25.40
N PRO F 221 -5.82 52.99 25.25
CA PRO F 221 -4.93 51.97 24.69
C PRO F 221 -4.36 52.30 23.31
N ALA F 222 -5.08 53.11 22.53
CA ALA F 222 -4.62 53.49 21.20
C ALA F 222 -3.28 54.19 21.29
N GLU F 223 -2.93 54.65 22.49
CA GLU F 223 -1.67 55.36 22.67
C GLU F 223 -1.02 55.11 24.03
N ALA F 224 -1.36 53.99 24.65
CA ALA F 224 -0.81 53.66 25.96
C ALA F 224 -0.75 52.17 26.21
N PHE F 225 0.34 51.71 26.84
CA PHE F 225 0.50 50.30 27.17
C PHE F 225 -0.75 49.91 27.97
N PRO F 226 -1.23 48.66 27.83
CA PRO F 226 -0.74 47.54 27.02
C PRO F 226 -1.05 47.60 25.52
N HIS F 227 -1.74 48.65 25.09
CA HIS F 227 -2.07 48.86 23.68
C HIS F 227 -3.10 48.00 22.96
N PHE F 228 -3.37 46.79 23.43
CA PHE F 228 -4.30 45.94 22.70
C PHE F 228 -5.53 45.46 23.43
N LEU F 229 -5.99 46.25 24.39
CA LEU F 229 -7.16 45.92 25.17
C LEU F 229 -7.46 47.14 26.00
N GLY F 230 -8.68 47.26 26.50
CA GLY F 230 -9.04 48.40 27.32
C GLY F 230 -10.01 49.34 26.65
N TYR F 231 -10.49 48.96 25.47
CA TYR F 231 -11.44 49.80 24.76
C TYR F 231 -12.82 49.70 25.38
N ALA F 232 -13.56 50.79 25.29
CA ALA F 232 -14.93 50.87 25.83
C ALA F 232 -15.82 49.73 25.36
N GLU F 233 -15.76 49.42 24.07
CA GLU F 233 -16.57 48.35 23.49
C GLU F 233 -16.46 47.02 24.19
N GLU F 234 -15.37 46.82 24.94
CA GLU F 234 -15.18 45.57 25.66
C GLU F 234 -16.11 45.53 26.87
N THR F 235 -17.10 44.65 26.82
CA THR F 235 -18.06 44.54 27.92
C THR F 235 -18.29 43.14 28.45
N GLY F 236 -17.65 42.14 27.84
CA GLY F 236 -17.84 40.79 28.33
C GLY F 236 -18.14 39.79 27.23
N LYS F 237 -18.22 38.52 27.60
CA LYS F 237 -18.49 37.47 26.65
C LYS F 237 -19.10 36.24 27.30
N GLY F 238 -20.02 35.60 26.59
CA GLY F 238 -20.68 34.40 27.10
C GLY F 238 -21.25 34.55 28.49
N ALA F 239 -20.94 33.58 29.35
CA ALA F 239 -21.43 33.58 30.72
C ALA F 239 -21.05 34.85 31.48
N GLY F 240 -20.12 35.62 30.93
CA GLY F 240 -19.68 36.84 31.59
C GLY F 240 -20.05 38.10 30.83
N ALA F 241 -20.97 37.98 29.89
CA ALA F 241 -21.39 39.14 29.10
C ALA F 241 -21.95 40.24 30.01
N GLY F 242 -21.45 41.45 29.85
CA GLY F 242 -21.92 42.57 30.65
C GLY F 242 -21.22 42.82 31.97
N THR F 243 -20.18 42.05 32.27
CA THR F 243 -19.46 42.21 33.54
C THR F 243 -18.04 42.78 33.43
N THR F 244 -17.84 43.67 32.45
CA THR F 244 -16.55 44.35 32.22
C THR F 244 -16.80 45.76 31.69
N ALA F 245 -16.29 46.77 32.39
CA ALA F 245 -16.47 48.16 31.98
C ALA F 245 -15.15 48.94 31.94
N ASN F 246 -14.76 49.37 30.75
CA ASN F 246 -13.53 50.13 30.58
C ASN F 246 -13.75 51.62 30.42
N TYR F 247 -12.86 52.41 31.01
CA TYR F 247 -12.96 53.86 30.91
C TYR F 247 -11.65 54.46 30.40
N PRO F 248 -11.39 54.32 29.09
CA PRO F 248 -10.16 54.87 28.50
C PRO F 248 -10.24 56.40 28.50
N MET F 249 -9.10 57.06 28.67
CA MET F 249 -9.07 58.51 28.69
C MET F 249 -7.83 59.08 28.00
N GLY F 250 -8.02 60.17 27.28
CA GLY F 250 -6.93 60.81 26.54
C GLY F 250 -5.82 61.44 27.36
N ARG F 251 -4.90 62.10 26.67
CA ARG F 251 -3.76 62.75 27.30
C ARG F 251 -4.15 64.02 28.05
N GLY F 252 -3.45 64.30 29.14
CA GLY F 252 -3.73 65.49 29.92
C GLY F 252 -4.98 65.42 30.79
N THR F 253 -5.68 64.30 30.76
CA THR F 253 -6.89 64.12 31.54
C THR F 253 -6.69 64.51 33.00
N PRO F 254 -7.35 65.58 33.45
CA PRO F 254 -7.26 66.07 34.84
C PRO F 254 -8.15 65.23 35.76
N TYR F 255 -8.04 65.46 37.07
CA TYR F 255 -8.84 64.70 38.03
C TYR F 255 -10.33 64.97 37.91
N SER F 256 -10.68 66.16 37.43
CA SER F 256 -12.09 66.52 37.26
C SER F 256 -12.77 65.52 36.35
N VAL F 257 -12.07 65.10 35.28
CA VAL F 257 -12.61 64.14 34.33
C VAL F 257 -12.43 62.72 34.83
N TRP F 258 -11.27 62.45 35.42
CA TRP F 258 -10.96 61.12 35.94
C TRP F 258 -12.01 60.71 36.97
N GLY F 259 -12.35 61.63 37.86
CA GLY F 259 -13.34 61.37 38.89
C GLY F 259 -14.71 61.00 38.37
N GLU F 260 -15.07 61.51 37.21
CA GLU F 260 -16.37 61.20 36.62
C GLU F 260 -16.42 59.73 36.26
N ALA F 261 -15.34 59.24 35.66
CA ALA F 261 -15.27 57.84 35.27
C ALA F 261 -15.30 56.95 36.52
N LEU F 262 -14.63 57.39 37.57
CA LEU F 262 -14.60 56.62 38.80
C LEU F 262 -16.01 56.49 39.36
N THR F 263 -16.72 57.61 39.45
CA THR F 263 -18.08 57.61 39.96
C THR F 263 -18.97 56.67 39.14
N ASP F 264 -18.80 56.69 37.82
CA ASP F 264 -19.61 55.84 36.97
C ASP F 264 -19.29 54.35 37.19
N SER F 265 -18.02 54.02 37.34
CA SER F 265 -17.63 52.63 37.54
C SER F 265 -18.19 52.12 38.87
N LEU F 266 -18.11 52.94 39.91
CA LEU F 266 -18.62 52.58 41.22
C LEU F 266 -20.12 52.31 41.13
N LYS F 267 -20.81 53.14 40.37
CA LYS F 267 -22.24 52.98 40.19
C LYS F 267 -22.52 51.59 39.61
N ARG F 268 -21.86 51.27 38.50
CA ARG F 268 -22.04 49.99 37.85
C ARG F 268 -21.65 48.84 38.77
N ILE F 269 -20.65 49.10 39.62
CA ILE F 269 -20.17 48.10 40.59
C ILE F 269 -21.29 47.85 41.61
N ALA F 270 -21.93 48.95 42.03
CA ALA F 270 -23.03 48.88 42.99
C ALA F 270 -24.22 48.16 42.35
N ALA F 271 -24.56 48.55 41.12
CA ALA F 271 -25.67 47.93 40.41
C ALA F 271 -25.42 46.44 40.29
N PHE F 272 -24.14 46.08 40.17
CA PHE F 272 -23.73 44.70 40.06
C PHE F 272 -24.01 43.96 41.36
N GLY F 273 -23.99 44.71 42.46
CA GLY F 273 -24.24 44.12 43.77
C GLY F 273 -23.02 43.45 44.36
N ALA F 274 -21.88 44.14 44.28
CA ALA F 274 -20.62 43.60 44.81
C ALA F 274 -20.63 43.60 46.33
N GLU F 275 -20.15 42.51 46.91
CA GLU F 275 -20.05 42.34 48.35
C GLU F 275 -18.76 42.95 48.88
N ALA F 276 -17.76 43.08 48.01
CA ALA F 276 -16.46 43.65 48.36
C ALA F 276 -15.75 44.13 47.11
N ILE F 277 -14.89 45.13 47.26
CA ILE F 277 -14.16 45.67 46.11
C ILE F 277 -12.64 45.55 46.20
N VAL F 278 -12.07 44.68 45.37
CA VAL F 278 -10.62 44.53 45.30
C VAL F 278 -10.16 45.68 44.42
N VAL F 279 -9.28 46.52 44.95
CA VAL F 279 -8.78 47.68 44.21
C VAL F 279 -7.35 47.57 43.71
N SER F 280 -7.17 47.47 42.39
CA SER F 280 -5.82 47.42 41.84
C SER F 280 -5.33 48.86 41.85
N LEU F 281 -4.51 49.19 42.84
CA LEU F 281 -4.00 50.53 43.01
C LEU F 281 -2.64 50.81 42.38
N GLY F 282 -2.64 51.70 41.40
CA GLY F 282 -1.40 52.10 40.76
C GLY F 282 -1.32 53.60 40.90
N VAL F 283 -0.17 54.13 41.32
CA VAL F 283 -0.04 55.56 41.46
C VAL F 283 0.66 56.17 40.27
N ASP F 284 0.76 55.42 39.18
CA ASP F 284 1.41 55.94 37.98
C ASP F 284 0.50 56.91 37.22
N THR F 285 -0.57 57.34 37.87
CA THR F 285 -1.50 58.30 37.29
C THR F 285 -1.00 59.69 37.71
N PHE F 286 -0.09 59.70 38.67
CA PHE F 286 0.51 60.93 39.20
C PHE F 286 1.10 61.78 38.08
N GLU F 287 0.87 63.08 38.18
CA GLU F 287 1.34 64.03 37.19
C GLU F 287 2.85 63.98 36.94
N GLN F 288 3.63 63.78 37.99
CA GLN F 288 5.08 63.73 37.84
C GLN F 288 5.61 62.35 37.40
N ASP F 289 4.72 61.36 37.34
CA ASP F 289 5.13 60.01 36.92
C ASP F 289 5.44 60.08 35.43
N PRO F 290 6.69 59.82 35.05
CA PRO F 290 7.15 59.84 33.65
C PRO F 290 6.40 58.98 32.64
N ILE F 291 6.04 57.76 33.03
CA ILE F 291 5.36 56.86 32.11
C ILE F 291 3.83 56.94 32.10
N SER F 292 3.31 58.15 31.91
CA SER F 292 1.86 58.37 31.86
C SER F 292 1.53 59.78 31.40
N PHE F 293 0.30 60.00 30.99
CA PHE F 293 -0.12 61.32 30.53
C PHE F 293 -1.36 61.83 31.28
N PHE F 294 -1.48 61.46 32.55
CA PHE F 294 -2.59 61.93 33.37
C PHE F 294 -2.00 62.97 34.30
N LYS F 295 -2.81 63.95 34.70
CA LYS F 295 -2.31 64.99 35.58
C LYS F 295 -2.97 65.00 36.95
N LEU F 296 -2.84 63.88 37.67
CA LEU F 296 -3.37 63.74 39.01
C LEU F 296 -2.37 64.28 40.02
N THR F 297 -2.87 64.99 41.03
CA THR F 297 -2.04 65.57 42.08
C THR F 297 -2.07 64.70 43.34
N SER F 298 -1.08 64.85 44.20
CA SER F 298 -1.03 64.06 45.42
C SER F 298 -2.32 64.12 46.25
N PRO F 299 -2.93 65.32 46.38
CA PRO F 299 -4.18 65.42 47.15
C PRO F 299 -5.32 64.60 46.56
N ASP F 300 -5.34 64.49 45.22
CA ASP F 300 -6.38 63.75 44.53
C ASP F 300 -6.51 62.31 45.01
N TYR F 301 -5.39 61.72 45.39
CA TYR F 301 -5.38 60.34 45.85
C TYR F 301 -6.21 60.16 47.11
N ILE F 302 -6.31 61.22 47.91
CA ILE F 302 -7.10 61.16 49.13
C ILE F 302 -8.58 61.15 48.75
N THR F 303 -8.94 61.98 47.77
CA THR F 303 -10.30 62.07 47.27
C THR F 303 -10.72 60.73 46.67
N MET F 304 -9.78 60.14 45.91
CA MET F 304 -10.00 58.85 45.27
C MET F 304 -10.34 57.78 46.30
N GLY F 305 -9.53 57.70 47.35
CA GLY F 305 -9.77 56.72 48.40
C GLY F 305 -11.09 56.91 49.12
N ARG F 306 -11.40 58.16 49.41
CA ARG F 306 -12.65 58.49 50.11
C ARG F 306 -13.82 58.07 49.22
N THR F 307 -13.77 58.48 47.95
CA THR F 307 -14.83 58.17 47.00
C THR F 307 -15.12 56.69 46.89
N ILE F 308 -14.08 55.88 46.86
CA ILE F 308 -14.22 54.43 46.74
C ILE F 308 -14.72 53.82 48.04
N ALA F 309 -14.22 54.34 49.16
CA ALA F 309 -14.65 53.84 50.47
C ALA F 309 -16.15 54.05 50.67
N ALA F 310 -16.71 55.10 50.04
CA ALA F 310 -18.12 55.41 50.17
C ALA F 310 -19.02 54.31 49.61
N SER F 311 -18.44 53.38 48.85
CA SER F 311 -19.22 52.28 48.27
C SER F 311 -19.91 51.47 49.37
N GLY F 312 -19.53 51.73 50.62
CA GLY F 312 -20.14 51.02 51.73
C GLY F 312 -19.62 49.60 51.94
N VAL F 313 -19.20 48.95 50.86
CA VAL F 313 -18.67 47.59 50.97
C VAL F 313 -17.16 47.61 51.28
N PRO F 314 -16.65 46.54 51.90
CA PRO F 314 -15.24 46.39 52.27
C PRO F 314 -14.28 46.55 51.08
N LEU F 315 -13.13 47.16 51.31
CA LEU F 315 -12.15 47.39 50.26
C LEU F 315 -10.81 46.69 50.48
N LEU F 316 -10.32 45.98 49.47
CA LEU F 316 -9.02 45.34 49.56
C LEU F 316 -8.15 46.06 48.54
N VAL F 317 -7.19 46.85 49.03
CA VAL F 317 -6.33 47.58 48.14
C VAL F 317 -5.10 46.76 47.83
N VAL F 318 -4.89 46.53 46.54
CA VAL F 318 -3.76 45.75 46.08
C VAL F 318 -2.83 46.64 45.27
N MET F 319 -1.56 46.61 45.64
CA MET F 319 -0.56 47.40 44.98
C MET F 319 -0.25 46.93 43.57
N GLU F 320 -0.22 47.88 42.62
CA GLU F 320 0.10 47.55 41.23
C GLU F 320 1.30 48.40 40.78
N GLY F 321 1.10 49.16 39.69
CA GLY F 321 2.17 49.96 39.14
C GLY F 321 2.50 51.27 39.81
N GLY F 322 3.39 52.02 39.18
CA GLY F 322 3.81 53.28 39.74
C GLY F 322 5.32 53.41 39.63
N TYR F 323 5.76 54.42 38.90
CA TYR F 323 7.18 54.67 38.71
C TYR F 323 7.86 54.96 40.04
N GLY F 324 9.17 54.77 40.06
CA GLY F 324 9.93 55.00 41.27
C GLY F 324 10.14 56.44 41.72
N VAL F 325 9.23 57.35 41.37
CA VAL F 325 9.37 58.74 41.79
C VAL F 325 9.31 58.88 43.32
N PRO F 326 10.06 59.84 43.87
CA PRO F 326 10.10 60.10 45.31
C PRO F 326 8.74 60.23 45.98
N GLU F 327 7.72 60.65 45.22
CA GLU F 327 6.39 60.83 45.76
C GLU F 327 5.53 59.56 45.75
N ILE F 328 6.06 58.48 45.18
CA ILE F 328 5.30 57.23 45.09
C ILE F 328 4.68 56.77 46.41
N GLY F 329 5.48 56.80 47.47
CA GLY F 329 4.97 56.39 48.76
C GLY F 329 3.88 57.30 49.26
N LEU F 330 4.13 58.61 49.19
CA LEU F 330 3.16 59.60 49.64
C LEU F 330 1.80 59.36 48.99
N ASN F 331 1.79 59.17 47.68
CA ASN F 331 0.54 58.96 46.97
C ASN F 331 -0.20 57.69 47.38
N VAL F 332 0.54 56.62 47.63
CA VAL F 332 -0.10 55.39 48.05
C VAL F 332 -0.68 55.63 49.45
N ALA F 333 0.10 56.23 50.33
CA ALA F 333 -0.36 56.52 51.68
C ALA F 333 -1.65 57.34 51.64
N ASN F 334 -1.65 58.40 50.83
CA ASN F 334 -2.81 59.28 50.68
C ASN F 334 -4.08 58.52 50.32
N VAL F 335 -3.95 57.53 49.44
CA VAL F 335 -5.12 56.76 49.05
C VAL F 335 -5.64 56.01 50.26
N LEU F 336 -4.73 55.41 51.03
CA LEU F 336 -5.14 54.68 52.22
C LEU F 336 -5.81 55.61 53.23
N LYS F 337 -5.30 56.83 53.33
CA LYS F 337 -5.87 57.82 54.24
C LYS F 337 -7.35 58.06 53.89
N GLY F 338 -7.62 58.28 52.61
CA GLY F 338 -8.98 58.50 52.17
C GLY F 338 -9.89 57.32 52.49
N VAL F 339 -9.39 56.12 52.26
CA VAL F 339 -10.14 54.90 52.52
C VAL F 339 -10.53 54.74 53.99
N ALA F 340 -9.53 54.81 54.86
CA ALA F 340 -9.75 54.66 56.30
C ALA F 340 -10.59 55.80 56.87
N GLY F 341 -10.36 57.00 56.35
CA GLY F 341 -11.10 58.15 56.82
C GLY F 341 -10.36 58.93 57.89
N MET G 1 -38.59 -2.72 -16.07
CA MET G 1 -39.02 -1.88 -14.92
C MET G 1 -40.13 -0.96 -15.39
N ARG G 2 -40.81 -0.32 -14.44
CA ARG G 2 -41.89 0.59 -14.79
C ARG G 2 -41.33 1.98 -15.06
N VAL G 3 -42.03 2.75 -15.88
CA VAL G 3 -41.61 4.10 -16.23
C VAL G 3 -42.67 5.12 -15.81
N ILE G 4 -42.32 6.04 -14.92
CA ILE G 4 -43.29 7.06 -14.49
C ILE G 4 -43.08 8.33 -15.31
N PHE G 5 -44.16 8.82 -15.90
CA PHE G 5 -44.09 10.01 -16.75
C PHE G 5 -45.35 10.87 -16.68
N SER G 6 -45.15 12.17 -16.58
CA SER G 6 -46.28 13.10 -16.51
C SER G 6 -46.28 14.07 -17.69
N GLU G 7 -47.40 14.11 -18.40
CA GLU G 7 -47.53 15.00 -19.56
C GLU G 7 -47.55 16.48 -19.16
N ASP G 8 -47.76 16.75 -17.87
CA ASP G 8 -47.79 18.12 -17.38
C ASP G 8 -46.41 18.78 -17.35
N HIS G 9 -45.43 18.14 -17.96
CA HIS G 9 -44.08 18.67 -17.99
C HIS G 9 -44.03 19.79 -19.03
N LYS G 10 -44.95 19.73 -19.98
CA LYS G 10 -45.02 20.72 -21.05
C LYS G 10 -45.46 22.08 -20.49
N LEU G 11 -46.13 22.07 -19.34
CA LEU G 11 -46.59 23.32 -18.71
C LEU G 11 -45.38 24.22 -18.50
N ARG G 12 -44.21 23.60 -18.44
CA ARG G 12 -42.95 24.31 -18.28
C ARG G 12 -42.30 24.44 -19.65
N ASN G 13 -42.54 25.57 -20.30
CA ASN G 13 -41.99 25.82 -21.62
C ASN G 13 -41.50 27.25 -21.76
N ALA G 14 -40.46 27.59 -20.98
CA ALA G 14 -39.87 28.92 -20.99
C ALA G 14 -39.44 29.32 -22.39
N LYS G 15 -39.52 30.61 -22.67
CA LYS G 15 -39.16 31.11 -23.97
C LYS G 15 -37.76 31.72 -24.01
N THR G 16 -37.20 32.01 -22.84
CA THR G 16 -35.87 32.59 -22.81
C THR G 16 -34.93 32.02 -21.73
N GLU G 17 -33.64 32.10 -22.01
CA GLU G 17 -32.61 31.63 -21.11
C GLU G 17 -31.39 32.51 -21.34
N LEU G 18 -30.88 33.12 -20.26
CA LEU G 18 -29.71 33.98 -20.41
C LEU G 18 -28.49 33.08 -20.58
N TYR G 19 -27.94 33.11 -21.78
CA TYR G 19 -26.77 32.33 -22.13
C TYR G 19 -25.83 33.12 -23.02
N GLY G 20 -24.59 33.29 -22.57
CA GLY G 20 -23.62 34.04 -23.36
C GLY G 20 -23.93 35.51 -23.54
N GLY G 21 -24.67 36.08 -22.60
CA GLY G 21 -25.01 37.49 -22.68
C GLY G 21 -26.19 37.77 -23.58
N GLU G 22 -26.92 36.73 -23.94
CA GLU G 22 -28.09 36.88 -24.79
C GLU G 22 -29.23 36.05 -24.27
N LEU G 23 -30.45 36.38 -24.68
CA LEU G 23 -31.62 35.60 -24.27
C LEU G 23 -31.91 34.67 -25.43
N VAL G 24 -31.78 33.37 -25.19
CA VAL G 24 -32.02 32.37 -26.24
C VAL G 24 -33.02 31.30 -25.82
N PRO G 25 -33.42 30.42 -26.75
CA PRO G 25 -34.37 29.37 -26.39
C PRO G 25 -33.74 28.42 -25.36
N PRO G 26 -34.43 28.20 -24.24
CA PRO G 26 -33.91 27.31 -23.20
C PRO G 26 -33.44 25.96 -23.74
N PHE G 27 -32.31 25.50 -23.22
CA PHE G 27 -31.76 24.21 -23.63
C PHE G 27 -32.62 23.11 -23.02
N GLU G 28 -33.14 23.35 -21.84
CA GLU G 28 -33.99 22.39 -21.18
C GLU G 28 -35.41 22.56 -21.70
N ALA G 29 -35.65 22.09 -22.93
CA ALA G 29 -36.96 22.20 -23.59
C ALA G 29 -37.80 20.91 -23.60
N PRO G 30 -39.13 21.04 -23.76
CA PRO G 30 -40.06 19.90 -23.78
C PRO G 30 -39.69 18.74 -24.71
N PHE G 31 -39.00 19.01 -25.81
CA PHE G 31 -38.64 17.95 -26.74
C PHE G 31 -37.74 16.89 -26.11
N ARG G 32 -36.98 17.27 -25.08
CA ARG G 32 -36.10 16.34 -24.40
C ARG G 32 -36.88 15.16 -23.82
N ALA G 33 -38.06 15.42 -23.27
CA ALA G 33 -38.89 14.38 -22.69
C ALA G 33 -39.45 13.47 -23.77
N GLU G 34 -39.88 14.08 -24.87
CA GLU G 34 -40.44 13.33 -25.99
C GLU G 34 -39.41 12.35 -26.53
N TRP G 35 -38.18 12.83 -26.73
CA TRP G 35 -37.12 12.00 -27.25
C TRP G 35 -36.77 10.83 -26.33
N ILE G 36 -36.72 11.10 -25.03
CA ILE G 36 -36.38 10.06 -24.05
C ILE G 36 -37.52 9.03 -23.94
N LEU G 37 -38.75 9.51 -23.82
CA LEU G 37 -39.89 8.62 -23.71
C LEU G 37 -39.95 7.63 -24.89
N ALA G 38 -39.78 8.15 -26.10
CA ALA G 38 -39.82 7.31 -27.30
C ALA G 38 -38.73 6.24 -27.31
N ALA G 39 -37.51 6.64 -26.92
CA ALA G 39 -36.40 5.70 -26.91
C ALA G 39 -36.56 4.57 -25.90
N VAL G 40 -36.97 4.90 -24.67
CA VAL G 40 -37.14 3.89 -23.63
C VAL G 40 -38.26 2.92 -23.98
N LYS G 41 -39.24 3.39 -24.74
CA LYS G 41 -40.33 2.51 -25.15
C LYS G 41 -39.84 1.53 -26.19
N GLU G 42 -39.04 2.00 -27.14
CA GLU G 42 -38.52 1.14 -28.18
C GLU G 42 -37.48 0.16 -27.65
N ALA G 43 -37.09 0.34 -26.40
CA ALA G 43 -36.11 -0.54 -25.78
C ALA G 43 -36.84 -1.66 -25.03
N GLY G 44 -38.15 -1.55 -24.93
CA GLY G 44 -38.93 -2.57 -24.25
C GLY G 44 -39.56 -2.09 -22.96
N PHE G 45 -39.38 -0.82 -22.66
CA PHE G 45 -39.93 -0.24 -21.45
C PHE G 45 -41.18 0.55 -21.79
N ASP G 46 -42.17 -0.14 -22.31
CA ASP G 46 -43.44 0.47 -22.71
C ASP G 46 -44.46 0.56 -21.58
N ASP G 47 -44.09 0.11 -20.39
CA ASP G 47 -45.00 0.17 -19.24
C ASP G 47 -44.85 1.54 -18.59
N VAL G 48 -45.41 2.54 -19.26
CA VAL G 48 -45.38 3.92 -18.82
C VAL G 48 -46.71 4.30 -18.19
N VAL G 49 -46.68 4.77 -16.95
CA VAL G 49 -47.90 5.18 -16.27
C VAL G 49 -47.75 6.61 -15.76
N ALA G 50 -48.88 7.29 -15.60
CA ALA G 50 -48.86 8.66 -15.10
C ALA G 50 -48.83 8.63 -13.59
N PRO G 51 -48.15 9.60 -12.97
CA PRO G 51 -48.06 9.65 -11.52
C PRO G 51 -49.38 10.05 -10.87
N ALA G 52 -49.61 9.50 -9.68
CA ALA G 52 -50.80 9.80 -8.92
C ALA G 52 -50.59 11.19 -8.35
N ARG G 53 -51.60 11.70 -7.64
CA ARG G 53 -51.50 13.00 -7.02
C ARG G 53 -50.92 12.82 -5.63
N HIS G 54 -50.11 13.80 -5.21
CA HIS G 54 -49.47 13.75 -3.91
C HIS G 54 -49.51 15.10 -3.23
N GLY G 55 -49.28 15.12 -1.91
CA GLY G 55 -49.29 16.36 -1.16
C GLY G 55 -47.92 17.02 -1.11
N LEU G 56 -47.67 17.78 -0.05
CA LEU G 56 -46.39 18.47 0.12
C LEU G 56 -45.62 17.95 1.32
N GLU G 57 -46.19 16.97 2.01
CA GLU G 57 -45.54 16.43 3.19
C GLU G 57 -44.13 15.92 2.90
N THR G 58 -43.97 15.17 1.82
CA THR G 58 -42.65 14.64 1.49
C THR G 58 -41.68 15.76 1.12
N VAL G 59 -42.08 16.62 0.18
CA VAL G 59 -41.20 17.70 -0.23
C VAL G 59 -40.87 18.70 0.88
N LEU G 60 -41.78 18.84 1.85
CA LEU G 60 -41.54 19.77 2.96
C LEU G 60 -40.47 19.27 3.93
N LYS G 61 -39.97 18.06 3.69
CA LYS G 61 -38.93 17.52 4.56
C LYS G 61 -37.55 17.74 3.93
N VAL G 62 -37.53 18.27 2.71
CA VAL G 62 -36.26 18.51 2.06
C VAL G 62 -36.13 19.97 1.60
N HIS G 63 -37.27 20.61 1.33
CA HIS G 63 -37.25 22.00 0.89
C HIS G 63 -37.84 22.94 1.94
N ASP G 64 -37.34 24.17 1.94
CA ASP G 64 -37.80 25.20 2.83
C ASP G 64 -39.22 25.63 2.44
N ALA G 65 -40.10 25.79 3.43
CA ALA G 65 -41.48 26.19 3.17
C ALA G 65 -41.61 27.56 2.50
N GLY G 66 -40.76 28.50 2.91
CA GLY G 66 -40.79 29.83 2.32
C GLY G 66 -40.44 29.75 0.85
N TYR G 67 -39.44 28.93 0.52
CA TYR G 67 -39.00 28.74 -0.85
C TYR G 67 -40.15 28.16 -1.68
N LEU G 68 -40.72 27.03 -1.23
CA LEU G 68 -41.84 26.42 -1.96
C LEU G 68 -42.94 27.44 -2.16
N ASN G 69 -43.27 28.16 -1.09
CA ASN G 69 -44.31 29.18 -1.16
C ASN G 69 -43.96 30.20 -2.25
N PHE G 70 -42.70 30.63 -2.26
CA PHE G 70 -42.22 31.59 -3.24
C PHE G 70 -42.41 31.10 -4.68
N LEU G 71 -42.11 29.82 -4.92
CA LEU G 71 -42.25 29.25 -6.24
C LEU G 71 -43.69 29.24 -6.75
N GLU G 72 -44.64 28.96 -5.86
CA GLU G 72 -46.03 28.90 -6.29
C GLU G 72 -46.58 30.23 -6.79
N THR G 73 -46.18 31.33 -6.17
CA THR G 73 -46.67 32.64 -6.56
C THR G 73 -45.71 33.51 -7.38
N ALA G 74 -44.48 33.00 -7.58
CA ALA G 74 -43.47 33.74 -8.31
C ALA G 74 -43.95 34.39 -9.61
N TRP G 75 -44.37 33.59 -10.59
CA TRP G 75 -44.81 34.16 -11.85
C TRP G 75 -45.92 35.20 -11.69
N ASP G 76 -46.95 34.88 -10.91
CA ASP G 76 -48.05 35.84 -10.70
C ASP G 76 -47.55 37.21 -10.20
N ARG G 77 -46.74 37.20 -9.14
CA ARG G 77 -46.23 38.43 -8.57
C ARG G 77 -45.35 39.19 -9.56
N TRP G 78 -44.53 38.47 -10.31
CA TRP G 78 -43.65 39.09 -11.29
C TRP G 78 -44.45 39.84 -12.32
N LYS G 79 -45.46 39.17 -12.87
CA LYS G 79 -46.31 39.79 -13.88
C LYS G 79 -46.99 41.01 -13.28
N ALA G 80 -47.47 40.87 -12.05
CA ALA G 80 -48.15 41.95 -11.34
C ALA G 80 -47.26 43.19 -11.18
N ALA G 81 -45.95 43.00 -11.09
CA ALA G 81 -45.04 44.13 -10.93
C ALA G 81 -44.83 44.86 -12.25
N GLY G 82 -45.54 44.42 -13.28
CA GLY G 82 -45.44 45.06 -14.58
C GLY G 82 -44.29 44.68 -15.48
N TYR G 83 -43.49 43.67 -15.10
CA TYR G 83 -42.36 43.30 -15.94
C TYR G 83 -42.76 42.63 -17.23
N LYS G 84 -42.09 43.04 -18.31
CA LYS G 84 -42.38 42.53 -19.65
C LYS G 84 -41.83 41.15 -19.98
N GLY G 85 -40.62 40.82 -19.54
CA GLY G 85 -40.07 39.51 -19.83
C GLY G 85 -40.44 38.46 -18.80
N GLU G 86 -39.68 37.37 -18.74
CA GLU G 86 -39.92 36.30 -17.78
C GLU G 86 -39.18 36.63 -16.47
N ALA G 87 -39.55 35.93 -15.41
CA ALA G 87 -38.95 36.15 -14.10
C ALA G 87 -37.50 35.67 -14.03
N ILE G 88 -36.58 36.64 -14.05
CA ILE G 88 -35.16 36.36 -13.96
C ILE G 88 -34.53 37.25 -12.90
N ALA G 89 -33.89 36.62 -11.92
CA ALA G 89 -33.21 37.32 -10.83
C ALA G 89 -32.02 38.09 -11.39
N THR G 90 -31.68 39.20 -10.75
CA THR G 90 -30.54 40.00 -11.19
C THR G 90 -29.63 40.31 -10.02
N SER G 91 -30.22 40.48 -8.84
CA SER G 91 -29.47 40.78 -7.63
C SER G 91 -29.40 39.51 -6.77
N PHE G 92 -28.22 39.22 -6.23
CA PHE G 92 -28.04 38.02 -5.42
C PHE G 92 -27.31 38.20 -4.07
N PRO G 93 -27.68 37.40 -3.05
CA PRO G 93 -27.05 37.49 -1.74
C PRO G 93 -25.73 36.72 -1.76
N VAL G 94 -24.67 37.42 -2.14
CA VAL G 94 -23.35 36.81 -2.22
C VAL G 94 -22.57 37.07 -0.94
N ARG G 95 -21.24 37.01 -1.03
CA ARG G 95 -20.38 37.22 0.14
C ARG G 95 -20.73 38.44 0.97
N ARG G 96 -20.52 38.29 2.27
CA ARG G 96 -20.74 39.35 3.25
C ARG G 96 -22.05 40.13 3.14
N THR G 97 -23.12 39.40 2.93
CA THR G 97 -24.44 40.00 2.82
C THR G 97 -25.33 39.65 4.02
N SER G 98 -26.34 40.48 4.25
CA SER G 98 -27.29 40.26 5.32
C SER G 98 -28.05 38.98 5.04
N PRO G 99 -28.49 38.28 6.08
CA PRO G 99 -29.26 37.03 5.98
C PRO G 99 -30.77 37.28 5.87
N ARG G 100 -31.18 38.54 6.02
CA ARG G 100 -32.60 38.87 5.96
C ARG G 100 -33.23 38.58 4.59
N ILE G 101 -34.53 38.32 4.60
CA ILE G 101 -35.27 38.01 3.38
C ILE G 101 -36.03 39.25 2.90
N PRO G 102 -35.80 39.68 1.66
CA PRO G 102 -36.51 40.86 1.14
C PRO G 102 -38.00 40.58 1.13
N THR G 103 -38.80 41.63 1.00
CA THR G 103 -40.25 41.50 0.99
C THR G 103 -40.87 41.56 -0.41
N ASP G 104 -40.29 42.35 -1.31
CA ASP G 104 -40.82 42.48 -2.69
C ASP G 104 -40.36 41.35 -3.60
N ILE G 105 -41.03 41.20 -4.75
CA ILE G 105 -40.69 40.13 -5.69
C ILE G 105 -39.27 40.25 -6.25
N GLU G 106 -38.84 41.46 -6.55
CA GLU G 106 -37.52 41.67 -7.12
C GLU G 106 -36.40 41.17 -6.19
N GLY G 107 -36.56 41.39 -4.89
CA GLY G 107 -35.56 40.93 -3.95
C GLY G 107 -35.66 39.43 -3.67
N GLN G 108 -36.89 38.93 -3.56
CA GLN G 108 -37.09 37.52 -3.28
C GLN G 108 -36.64 36.58 -4.37
N ILE G 109 -36.88 36.94 -5.62
CA ILE G 109 -36.48 36.07 -6.70
C ILE G 109 -34.97 35.85 -6.63
N GLY G 110 -34.24 36.89 -6.25
CA GLY G 110 -32.80 36.79 -6.13
C GLY G 110 -32.41 35.98 -4.90
N TYR G 111 -33.13 36.23 -3.82
CA TYR G 111 -32.86 35.55 -2.56
C TYR G 111 -33.02 34.02 -2.70
N TYR G 112 -33.97 33.62 -3.54
CA TYR G 112 -34.26 32.22 -3.75
C TYR G 112 -33.67 31.59 -4.99
N CYS G 113 -32.67 32.26 -5.57
CA CYS G 113 -32.03 31.81 -6.79
C CYS G 113 -30.53 31.74 -6.68
N ASN G 114 -29.94 30.73 -7.32
CA ASN G 114 -28.49 30.56 -7.32
C ASN G 114 -27.86 30.68 -8.71
N ALA G 115 -28.70 30.87 -9.72
CA ALA G 115 -28.20 30.99 -11.08
C ALA G 115 -29.23 31.71 -11.94
N ALA G 116 -28.86 32.89 -12.42
CA ALA G 116 -29.73 33.74 -13.22
C ALA G 116 -30.05 33.24 -14.62
N GLU G 117 -29.53 32.08 -15.02
CA GLU G 117 -29.84 31.63 -16.36
C GLU G 117 -31.17 30.87 -16.42
N THR G 118 -31.77 30.62 -15.27
CA THR G 118 -33.05 29.93 -15.24
C THR G 118 -34.18 30.94 -15.01
N ALA G 119 -35.10 31.03 -15.98
CA ALA G 119 -36.22 31.94 -15.86
C ALA G 119 -37.47 31.21 -15.43
N ILE G 120 -38.28 31.88 -14.60
CA ILE G 120 -39.53 31.29 -14.13
C ILE G 120 -40.60 31.79 -15.09
N SER G 121 -41.35 30.84 -15.65
CA SER G 121 -42.39 31.19 -16.60
C SER G 121 -43.73 30.60 -16.20
N PRO G 122 -44.82 31.01 -16.88
CA PRO G 122 -46.15 30.47 -16.57
C PRO G 122 -46.12 28.93 -16.60
N GLY G 123 -46.72 28.30 -15.60
CA GLY G 123 -46.76 26.85 -15.57
C GLY G 123 -45.57 26.15 -14.95
N THR G 124 -44.52 26.91 -14.64
CA THR G 124 -43.31 26.33 -14.05
C THR G 124 -43.65 25.58 -12.75
N TRP G 125 -44.45 26.22 -11.90
CA TRP G 125 -44.82 25.59 -10.64
C TRP G 125 -45.55 24.26 -10.84
N GLU G 126 -46.62 24.28 -11.63
CA GLU G 126 -47.40 23.08 -11.90
C GLU G 126 -46.53 21.95 -12.46
N ALA G 127 -45.62 22.31 -13.35
CA ALA G 127 -44.74 21.30 -13.95
C ALA G 127 -43.80 20.73 -12.90
N ALA G 128 -43.27 21.60 -12.05
CA ALA G 128 -42.37 21.15 -10.99
C ALA G 128 -43.07 20.12 -10.11
N LEU G 129 -44.32 20.40 -9.74
CA LEU G 129 -45.07 19.48 -8.89
C LEU G 129 -45.35 18.14 -9.57
N SER G 130 -45.71 18.17 -10.86
CA SER G 130 -46.00 16.94 -11.58
C SER G 130 -44.72 16.09 -11.71
N SER G 131 -43.59 16.77 -11.89
CA SER G 131 -42.31 16.08 -12.00
C SER G 131 -41.96 15.45 -10.64
N MET G 132 -42.21 16.19 -9.57
CA MET G 132 -41.96 15.70 -8.22
C MET G 132 -42.81 14.46 -7.97
N ALA G 133 -44.05 14.51 -8.46
CA ALA G 133 -45.00 13.41 -8.31
C ALA G 133 -44.47 12.15 -9.01
N SER G 134 -43.83 12.32 -10.16
CA SER G 134 -43.27 11.19 -10.88
C SER G 134 -42.13 10.58 -10.06
N ALA G 135 -41.41 11.43 -9.33
CA ALA G 135 -40.31 10.95 -8.50
C ALA G 135 -40.85 10.18 -7.31
N ILE G 136 -41.93 10.69 -6.72
CA ILE G 136 -42.55 10.04 -5.57
C ILE G 136 -43.15 8.68 -5.94
N ASP G 137 -43.87 8.63 -7.06
CA ASP G 137 -44.51 7.40 -7.53
C ASP G 137 -43.42 6.37 -7.85
N GLY G 138 -42.29 6.85 -8.37
CA GLY G 138 -41.19 5.95 -8.70
C GLY G 138 -40.60 5.37 -7.44
N ALA G 139 -40.51 6.19 -6.40
CA ALA G 139 -39.96 5.73 -5.12
C ALA G 139 -40.87 4.68 -4.50
N ASP G 140 -42.18 4.88 -4.61
CA ASP G 140 -43.13 3.92 -4.03
C ASP G 140 -42.98 2.52 -4.61
N LEU G 141 -42.67 2.42 -5.90
CA LEU G 141 -42.48 1.11 -6.50
C LEU G 141 -41.35 0.42 -5.76
N ILE G 142 -40.25 1.13 -5.56
CA ILE G 142 -39.10 0.56 -4.86
C ILE G 142 -39.49 0.08 -3.47
N ALA G 143 -40.25 0.92 -2.77
CA ALA G 143 -40.71 0.57 -1.43
C ALA G 143 -41.63 -0.66 -1.50
N ALA G 144 -42.38 -0.79 -2.59
CA ALA G 144 -43.29 -1.90 -2.75
C ALA G 144 -42.53 -3.22 -2.96
N GLY G 145 -41.30 -3.14 -3.47
CA GLY G 145 -40.52 -4.34 -3.69
C GLY G 145 -39.91 -4.46 -5.07
N HIS G 146 -40.23 -3.53 -5.96
CA HIS G 146 -39.66 -3.54 -7.30
C HIS G 146 -38.15 -3.36 -7.24
N LYS G 147 -37.47 -3.99 -8.18
CA LYS G 147 -36.01 -3.96 -8.30
C LYS G 147 -35.51 -2.64 -8.88
N ALA G 148 -36.23 -2.13 -9.87
CA ALA G 148 -35.85 -0.88 -10.51
C ALA G 148 -37.09 -0.15 -11.02
N ALA G 149 -36.92 1.15 -11.26
CA ALA G 149 -38.00 1.98 -11.75
C ALA G 149 -37.39 3.24 -12.32
N PHE G 150 -37.97 3.76 -13.40
CA PHE G 150 -37.46 4.98 -14.03
C PHE G 150 -38.49 6.09 -13.96
N SER G 151 -38.14 7.17 -13.29
CA SER G 151 -39.03 8.32 -13.18
C SER G 151 -38.51 9.30 -14.22
N LEU G 152 -39.27 9.48 -15.30
CA LEU G 152 -38.87 10.41 -16.36
C LEU G 152 -39.26 11.80 -15.90
N CYS G 153 -38.41 12.43 -15.08
CA CYS G 153 -38.70 13.77 -14.57
C CYS G 153 -38.32 14.91 -15.49
N ARG G 154 -39.12 15.97 -15.42
CA ARG G 154 -38.89 17.19 -16.15
C ARG G 154 -39.87 18.27 -15.68
N PRO G 155 -39.35 19.43 -15.27
CA PRO G 155 -37.94 19.80 -15.24
C PRO G 155 -37.12 18.93 -14.29
N PRO G 156 -35.77 18.98 -14.42
CA PRO G 156 -34.89 18.20 -13.56
C PRO G 156 -34.85 18.85 -12.17
N GLY G 157 -34.08 18.30 -11.25
CA GLY G 157 -34.08 18.88 -9.92
C GLY G 157 -32.80 19.00 -9.13
N HIS G 158 -31.74 18.31 -9.53
CA HIS G 158 -30.55 18.33 -8.71
C HIS G 158 -29.85 19.67 -8.45
N HIS G 159 -30.22 20.74 -9.16
CA HIS G 159 -29.59 22.04 -8.90
C HIS G 159 -30.39 22.89 -7.91
N ALA G 160 -31.55 22.38 -7.53
CA ALA G 160 -32.42 23.07 -6.56
C ALA G 160 -31.98 22.64 -5.17
N GLY G 161 -31.60 23.61 -4.34
CA GLY G 161 -31.15 23.29 -3.00
C GLY G 161 -32.26 23.52 -1.99
N ILE G 162 -31.93 23.48 -0.71
CA ILE G 162 -32.93 23.68 0.32
C ILE G 162 -33.85 24.85 0.03
N ASP G 163 -33.26 26.00 -0.32
CA ASP G 163 -34.06 27.18 -0.58
C ASP G 163 -33.65 28.02 -1.79
N MET G 164 -33.38 27.36 -2.91
CA MET G 164 -32.99 28.08 -4.13
C MET G 164 -33.14 27.25 -5.40
N PHE G 165 -33.54 27.90 -6.48
CA PHE G 165 -33.72 27.27 -7.77
C PHE G 165 -32.59 27.73 -8.69
N GLY G 166 -32.34 26.94 -9.74
CA GLY G 166 -31.30 27.28 -10.68
C GLY G 166 -30.95 26.08 -11.53
N GLY G 167 -30.16 26.31 -12.58
CA GLY G 167 -29.81 25.21 -13.45
C GLY G 167 -31.03 24.45 -13.95
N TYR G 168 -32.10 25.19 -14.22
CA TYR G 168 -33.37 24.64 -14.73
C TYR G 168 -34.13 23.80 -13.71
N CYS G 169 -33.67 23.80 -12.46
CA CYS G 169 -34.30 23.00 -11.40
C CYS G 169 -35.04 23.83 -10.34
N PHE G 170 -36.21 23.36 -9.93
CA PHE G 170 -37.03 24.07 -8.97
C PHE G 170 -37.35 23.24 -7.73
N ILE G 171 -37.60 21.96 -7.94
CA ILE G 171 -37.89 21.03 -6.86
C ILE G 171 -36.98 19.86 -7.12
N ASN G 172 -36.21 19.51 -6.09
CA ASN G 172 -35.25 18.44 -6.21
C ASN G 172 -35.88 17.05 -6.20
N ASN G 173 -36.30 16.62 -7.38
CA ASN G 173 -36.92 15.32 -7.57
C ASN G 173 -36.20 14.17 -6.86
N ALA G 174 -34.89 14.07 -7.05
CA ALA G 174 -34.14 12.98 -6.41
C ALA G 174 -34.17 13.10 -4.90
N ALA G 175 -34.10 14.33 -4.39
CA ALA G 175 -34.13 14.52 -2.94
C ALA G 175 -35.46 14.06 -2.40
N VAL G 176 -36.53 14.40 -3.11
CA VAL G 176 -37.85 14.00 -2.66
C VAL G 176 -38.03 12.48 -2.69
N ALA G 177 -37.48 11.84 -3.73
CA ALA G 177 -37.57 10.39 -3.87
C ALA G 177 -36.88 9.69 -2.69
N ALA G 178 -35.65 10.10 -2.41
CA ALA G 178 -34.91 9.53 -1.32
C ALA G 178 -35.73 9.65 -0.05
N GLN G 179 -36.21 10.85 0.23
CA GLN G 179 -37.01 11.12 1.42
C GLN G 179 -38.26 10.25 1.47
N ARG G 180 -38.90 10.06 0.33
CA ARG G 180 -40.09 9.23 0.28
C ARG G 180 -39.72 7.83 0.76
N LEU G 181 -38.59 7.32 0.26
CA LEU G 181 -38.11 6.00 0.63
C LEU G 181 -37.85 5.91 2.14
N LEU G 182 -37.32 6.98 2.72
CA LEU G 182 -37.06 6.99 4.15
C LEU G 182 -38.39 6.96 4.90
N ASP G 183 -39.36 7.72 4.42
CA ASP G 183 -40.67 7.74 5.05
C ASP G 183 -41.35 6.37 5.00
N LYS G 184 -40.97 5.52 4.06
CA LYS G 184 -41.57 4.22 3.94
C LYS G 184 -40.86 3.13 4.74
N GLY G 185 -39.94 3.51 5.62
CA GLY G 185 -39.27 2.52 6.44
C GLY G 185 -37.77 2.40 6.27
N ALA G 186 -37.22 2.91 5.17
CA ALA G 186 -35.78 2.83 4.97
C ALA G 186 -35.09 3.70 6.01
N LYS G 187 -33.87 3.32 6.39
CA LYS G 187 -33.10 4.07 7.39
C LYS G 187 -31.92 4.78 6.71
N LYS G 188 -31.37 4.13 5.70
CA LYS G 188 -30.24 4.65 4.95
C LYS G 188 -30.53 4.53 3.46
N ILE G 189 -30.44 5.66 2.76
CA ILE G 189 -30.68 5.72 1.32
C ILE G 189 -29.50 6.49 0.73
N ALA G 190 -29.08 6.11 -0.47
CA ALA G 190 -27.98 6.82 -1.10
C ALA G 190 -28.47 7.47 -2.39
N ILE G 191 -27.81 8.55 -2.78
CA ILE G 191 -28.14 9.25 -4.01
C ILE G 191 -26.84 9.31 -4.80
N LEU G 192 -26.83 8.70 -5.98
CA LEU G 192 -25.64 8.69 -6.84
C LEU G 192 -25.98 9.62 -8.01
N ASP G 193 -25.22 10.70 -8.15
CA ASP G 193 -25.46 11.70 -9.21
C ASP G 193 -24.46 11.58 -10.37
N VAL G 194 -24.90 10.99 -11.46
CA VAL G 194 -24.06 10.75 -12.63
C VAL G 194 -24.13 11.84 -13.69
N ASP G 195 -25.07 12.77 -13.53
CA ASP G 195 -25.23 13.91 -14.46
C ASP G 195 -23.86 14.60 -14.58
N PHE G 196 -23.50 15.06 -15.76
CA PHE G 196 -22.21 15.72 -15.94
C PHE G 196 -21.97 16.80 -14.87
N HIS G 197 -23.01 17.55 -14.54
CA HIS G 197 -22.90 18.62 -13.56
C HIS G 197 -23.11 18.16 -12.11
N HIS G 198 -22.35 18.79 -11.21
CA HIS G 198 -22.45 18.49 -9.80
C HIS G 198 -23.88 18.75 -9.31
N GLY G 199 -24.37 17.89 -8.42
CA GLY G 199 -25.72 18.09 -7.90
C GLY G 199 -25.65 18.91 -6.64
N ASN G 200 -25.24 20.17 -6.79
CA ASN G 200 -25.10 21.08 -5.66
C ASN G 200 -26.36 21.22 -4.82
N GLY G 201 -27.51 21.18 -5.49
CA GLY G 201 -28.76 21.29 -4.77
C GLY G 201 -29.00 20.08 -3.86
N THR G 202 -28.73 18.89 -4.39
CA THR G 202 -28.91 17.68 -3.62
C THR G 202 -27.92 17.64 -2.48
N GLN G 203 -26.68 17.99 -2.78
CA GLN G 203 -25.65 18.02 -1.76
C GLN G 203 -26.10 18.93 -0.62
N ASP G 204 -26.50 20.14 -0.97
CA ASP G 204 -26.94 21.10 0.04
C ASP G 204 -28.05 20.55 0.94
N ILE G 205 -29.06 19.94 0.33
CA ILE G 205 -30.19 19.36 1.06
C ILE G 205 -29.79 18.33 2.13
N PHE G 206 -28.88 17.42 1.78
CA PHE G 206 -28.47 16.39 2.71
C PHE G 206 -27.08 16.59 3.33
N TYR G 207 -26.47 17.75 3.09
CA TYR G 207 -25.14 18.00 3.62
C TYR G 207 -24.99 17.73 5.11
N GLU G 208 -26.02 18.06 5.90
CA GLU G 208 -25.96 17.81 7.33
C GLU G 208 -26.83 16.65 7.81
N ARG G 209 -27.31 15.83 6.88
CA ARG G 209 -28.12 14.67 7.24
C ARG G 209 -27.19 13.45 7.23
N GLY G 210 -27.50 12.47 8.07
CA GLY G 210 -26.69 11.27 8.15
C GLY G 210 -27.42 10.07 7.59
N ASP G 211 -28.71 10.25 7.32
CA ASP G 211 -29.54 9.17 6.78
C ASP G 211 -29.46 9.03 5.26
N VAL G 212 -28.85 10.00 4.58
CA VAL G 212 -28.72 9.96 3.12
C VAL G 212 -27.28 10.23 2.67
N PHE G 213 -26.72 9.29 1.92
CA PHE G 213 -25.36 9.44 1.41
C PHE G 213 -25.43 9.99 -0.01
N PHE G 214 -24.67 11.05 -0.27
CA PHE G 214 -24.67 11.68 -1.59
C PHE G 214 -23.32 11.57 -2.30
N ALA G 215 -23.31 10.94 -3.47
CA ALA G 215 -22.09 10.79 -4.26
C ALA G 215 -22.40 11.43 -5.59
N SER G 216 -21.41 12.14 -6.13
CA SER G 216 -21.60 12.83 -7.38
C SER G 216 -20.33 12.76 -8.24
N LEU G 217 -20.51 12.49 -9.54
CA LEU G 217 -19.40 12.45 -10.50
C LEU G 217 -19.73 13.62 -11.41
N HIS G 218 -18.76 14.50 -11.66
CA HIS G 218 -19.04 15.68 -12.46
C HIS G 218 -17.79 16.38 -12.92
N GLY G 219 -17.95 17.30 -13.86
CA GLY G 219 -16.82 18.06 -14.33
C GLY G 219 -16.32 18.92 -13.18
N ASP G 220 -15.00 19.12 -13.13
CA ASP G 220 -14.37 19.93 -12.10
C ASP G 220 -15.09 21.27 -12.04
N PRO G 221 -15.63 21.59 -10.86
CA PRO G 221 -16.35 22.85 -10.69
C PRO G 221 -15.48 24.08 -10.92
N ALA G 222 -14.17 23.89 -10.90
CA ALA G 222 -13.25 25.00 -11.12
C ALA G 222 -13.49 25.59 -12.51
N GLU G 223 -13.91 24.73 -13.42
CA GLU G 223 -14.14 25.20 -14.77
C GLU G 223 -15.44 24.62 -15.37
N ALA G 224 -16.49 24.54 -14.57
CA ALA G 224 -17.78 24.01 -15.03
C ALA G 224 -18.92 24.31 -14.06
N PHE G 225 -20.09 24.60 -14.62
CA PHE G 225 -21.29 24.85 -13.81
C PHE G 225 -21.39 23.65 -12.87
N PRO G 226 -21.89 23.86 -11.62
CA PRO G 226 -22.37 25.10 -10.99
C PRO G 226 -21.30 26.05 -10.45
N HIS G 227 -20.04 25.74 -10.71
CA HIS G 227 -18.89 26.56 -10.33
C HIS G 227 -18.58 26.75 -8.85
N PHE G 228 -19.59 26.76 -8.00
CA PHE G 228 -19.36 27.03 -6.58
C PHE G 228 -19.62 25.91 -5.57
N LEU G 229 -19.47 24.67 -6.00
CA LEU G 229 -19.66 23.53 -5.12
C LEU G 229 -19.29 22.32 -5.96
N GLY G 230 -18.85 21.24 -5.31
CA GLY G 230 -18.48 20.04 -6.04
C GLY G 230 -17.04 19.62 -5.84
N TYR G 231 -16.31 20.35 -5.00
CA TYR G 231 -14.91 20.01 -4.72
C TYR G 231 -14.81 18.78 -3.83
N ALA G 232 -13.77 18.00 -4.04
CA ALA G 232 -13.52 16.77 -3.28
C ALA G 232 -13.43 16.97 -1.77
N GLU G 233 -13.00 18.16 -1.35
CA GLU G 233 -12.85 18.50 0.05
C GLU G 233 -14.18 18.47 0.78
N GLU G 234 -15.27 18.62 0.05
CA GLU G 234 -16.60 18.63 0.69
C GLU G 234 -17.06 17.20 0.97
N THR G 235 -16.97 16.80 2.23
CA THR G 235 -17.36 15.46 2.63
C THR G 235 -18.52 15.41 3.61
N GLY G 236 -19.10 16.56 3.89
CA GLY G 236 -20.21 16.58 4.83
C GLY G 236 -19.98 17.50 6.00
N LYS G 237 -21.03 17.75 6.77
CA LYS G 237 -20.95 18.63 7.91
C LYS G 237 -21.80 18.16 9.09
N GLY G 238 -21.32 18.43 10.29
CA GLY G 238 -22.04 18.06 11.50
C GLY G 238 -22.54 16.63 11.48
N ALA G 239 -23.85 16.48 11.65
CA ALA G 239 -24.44 15.15 11.64
C ALA G 239 -24.22 14.44 10.30
N GLY G 240 -23.95 15.21 9.25
CA GLY G 240 -23.72 14.63 7.93
C GLY G 240 -22.26 14.43 7.56
N ALA G 241 -21.37 14.55 8.53
CA ALA G 241 -19.96 14.36 8.26
C ALA G 241 -19.74 12.98 7.65
N GLY G 242 -18.90 12.92 6.64
CA GLY G 242 -18.62 11.65 5.98
C GLY G 242 -19.67 11.10 5.05
N THR G 243 -20.82 11.78 4.87
CA THR G 243 -21.84 11.23 3.97
C THR G 243 -21.99 11.97 2.65
N THR G 244 -20.93 12.66 2.24
CA THR G 244 -20.91 13.36 0.96
C THR G 244 -19.59 13.02 0.29
N ALA G 245 -19.65 12.57 -0.97
CA ALA G 245 -18.46 12.23 -1.72
C ALA G 245 -18.52 12.80 -3.12
N ASN G 246 -17.63 13.74 -3.40
CA ASN G 246 -17.57 14.35 -4.71
C ASN G 246 -16.37 13.85 -5.50
N TYR G 247 -16.58 13.63 -6.80
CA TYR G 247 -15.52 13.17 -7.68
C TYR G 247 -15.46 14.09 -8.89
N PRO G 248 -14.81 15.25 -8.73
CA PRO G 248 -14.68 16.20 -9.83
C PRO G 248 -13.63 15.67 -10.78
N MET G 249 -13.90 15.77 -12.07
CA MET G 249 -12.96 15.30 -13.08
C MET G 249 -12.77 16.32 -14.20
N GLY G 250 -11.62 16.28 -14.84
CA GLY G 250 -11.26 17.23 -15.89
C GLY G 250 -11.80 17.06 -17.29
N ARG G 251 -11.37 17.94 -18.18
CA ARG G 251 -11.81 17.93 -19.57
C ARG G 251 -11.41 16.68 -20.33
N GLY G 252 -12.33 16.21 -21.19
CA GLY G 252 -12.09 15.03 -22.00
C GLY G 252 -11.91 13.73 -21.24
N THR G 253 -12.49 13.63 -20.05
CA THR G 253 -12.38 12.42 -19.26
C THR G 253 -13.15 11.28 -19.92
N PRO G 254 -12.46 10.15 -20.21
CA PRO G 254 -13.07 8.97 -20.83
C PRO G 254 -13.61 8.00 -19.76
N TYR G 255 -14.51 7.10 -20.16
CA TYR G 255 -15.07 6.13 -19.21
C TYR G 255 -13.98 5.43 -18.43
N SER G 256 -12.83 5.25 -19.08
CA SER G 256 -11.69 4.59 -18.46
C SER G 256 -11.39 5.24 -17.11
N VAL G 257 -11.55 6.55 -17.04
CA VAL G 257 -11.29 7.28 -15.80
C VAL G 257 -12.58 7.45 -14.98
N TRP G 258 -13.64 7.84 -15.66
CA TRP G 258 -14.95 8.05 -15.04
C TRP G 258 -15.44 6.76 -14.37
N GLY G 259 -15.26 5.64 -15.05
CA GLY G 259 -15.68 4.36 -14.52
C GLY G 259 -15.02 4.02 -13.20
N GLU G 260 -13.78 4.48 -13.02
CA GLU G 260 -13.06 4.21 -11.77
C GLU G 260 -13.66 5.00 -10.61
N ALA G 261 -14.11 6.21 -10.92
CA ALA G 261 -14.72 7.08 -9.92
C ALA G 261 -16.05 6.46 -9.55
N LEU G 262 -16.76 5.96 -10.54
CA LEU G 262 -18.04 5.33 -10.30
C LEU G 262 -17.88 4.16 -9.34
N THR G 263 -16.81 3.39 -9.54
CA THR G 263 -16.51 2.23 -8.70
C THR G 263 -16.21 2.61 -7.26
N ASP G 264 -15.46 3.69 -7.06
CA ASP G 264 -15.13 4.12 -5.71
C ASP G 264 -16.35 4.68 -5.00
N SER G 265 -17.28 5.30 -5.73
CA SER G 265 -18.46 5.86 -5.08
C SER G 265 -19.39 4.73 -4.63
N LEU G 266 -19.38 3.62 -5.38
CA LEU G 266 -20.22 2.48 -5.05
C LEU G 266 -19.67 1.72 -3.84
N LYS G 267 -18.35 1.79 -3.68
CA LYS G 267 -17.69 1.15 -2.56
C LYS G 267 -18.05 1.91 -1.28
N ARG G 268 -18.16 3.24 -1.38
CA ARG G 268 -18.50 4.05 -0.21
C ARG G 268 -19.98 3.90 0.10
N ILE G 269 -20.81 3.87 -0.94
CA ILE G 269 -22.25 3.73 -0.77
C ILE G 269 -22.56 2.42 -0.07
N ALA G 270 -21.88 1.35 -0.47
CA ALA G 270 -22.10 0.04 0.13
C ALA G 270 -21.57 0.01 1.56
N ALA G 271 -20.46 0.70 1.83
CA ALA G 271 -19.90 0.73 3.18
C ALA G 271 -20.79 1.59 4.07
N PHE G 272 -21.61 2.43 3.44
CA PHE G 272 -22.53 3.30 4.16
C PHE G 272 -23.72 2.47 4.63
N GLY G 273 -24.08 1.48 3.83
CA GLY G 273 -25.19 0.60 4.17
C GLY G 273 -26.50 1.06 3.58
N ALA G 274 -26.48 1.50 2.33
CA ALA G 274 -27.70 1.97 1.67
C ALA G 274 -28.67 0.83 1.38
N GLU G 275 -29.94 1.06 1.66
CA GLU G 275 -30.97 0.06 1.44
C GLU G 275 -31.50 0.19 0.01
N ALA G 276 -31.28 1.36 -0.57
CA ALA G 276 -31.70 1.61 -1.95
C ALA G 276 -30.86 2.75 -2.48
N ILE G 277 -30.75 2.83 -3.80
CA ILE G 277 -29.98 3.90 -4.39
C ILE G 277 -30.80 4.68 -5.39
N VAL G 278 -30.88 5.99 -5.17
CA VAL G 278 -31.60 6.86 -6.09
C VAL G 278 -30.54 7.40 -7.03
N VAL G 279 -30.69 7.10 -8.32
CA VAL G 279 -29.73 7.55 -9.31
C VAL G 279 -30.21 8.79 -10.05
N SER G 280 -29.50 9.91 -9.88
CA SER G 280 -29.83 11.14 -10.60
C SER G 280 -29.10 10.96 -11.92
N LEU G 281 -29.86 10.57 -12.94
CA LEU G 281 -29.30 10.30 -14.26
C LEU G 281 -29.24 11.46 -15.22
N GLY G 282 -28.02 11.80 -15.60
CA GLY G 282 -27.81 12.86 -16.57
C GLY G 282 -27.03 12.20 -17.68
N VAL G 283 -27.46 12.38 -18.91
CA VAL G 283 -26.73 11.77 -20.01
C VAL G 283 -25.94 12.86 -20.73
N ASP G 284 -25.82 14.02 -20.09
CA ASP G 284 -25.07 15.12 -20.68
C ASP G 284 -23.57 14.88 -20.55
N THR G 285 -23.20 13.64 -20.20
CA THR G 285 -21.79 13.26 -20.10
C THR G 285 -21.38 12.63 -21.44
N PHE G 286 -22.31 12.61 -22.39
CA PHE G 286 -22.06 12.06 -23.72
C PHE G 286 -21.04 12.94 -24.44
N GLU G 287 -20.09 12.30 -25.13
CA GLU G 287 -19.04 13.01 -25.85
C GLU G 287 -19.58 14.06 -26.84
N GLN G 288 -20.75 13.79 -27.40
CA GLN G 288 -21.33 14.71 -28.36
C GLN G 288 -22.23 15.77 -27.73
N ASP G 289 -22.43 15.70 -26.42
CA ASP G 289 -23.28 16.69 -25.77
C ASP G 289 -22.59 18.06 -25.84
N PRO G 290 -23.35 19.12 -26.14
CA PRO G 290 -22.78 20.47 -26.24
C PRO G 290 -22.12 20.97 -24.95
N ILE G 291 -22.93 21.55 -24.05
CA ILE G 291 -22.44 22.09 -22.80
C ILE G 291 -21.81 21.11 -21.81
N SER G 292 -20.82 20.34 -22.24
CA SER G 292 -20.16 19.38 -21.36
C SER G 292 -18.85 18.92 -21.99
N PHE G 293 -17.86 18.60 -21.17
CA PHE G 293 -16.57 18.19 -21.70
C PHE G 293 -16.07 16.79 -21.35
N PHE G 294 -16.99 15.86 -21.10
CA PHE G 294 -16.60 14.48 -20.81
C PHE G 294 -16.71 13.70 -22.12
N LYS G 295 -16.03 12.57 -22.22
CA LYS G 295 -16.05 11.79 -23.45
C LYS G 295 -16.61 10.38 -23.34
N LEU G 296 -17.89 10.26 -23.01
CA LEU G 296 -18.51 8.94 -22.91
C LEU G 296 -19.20 8.55 -24.22
N THR G 297 -19.26 7.25 -24.50
CA THR G 297 -19.90 6.75 -25.71
C THR G 297 -21.18 6.01 -25.34
N SER G 298 -22.10 5.93 -26.29
CA SER G 298 -23.39 5.28 -26.06
C SER G 298 -23.29 3.92 -25.35
N PRO G 299 -22.32 3.08 -25.73
CA PRO G 299 -22.13 1.77 -25.10
C PRO G 299 -21.83 1.87 -23.59
N ASP G 300 -21.02 2.85 -23.21
CA ASP G 300 -20.66 3.04 -21.80
C ASP G 300 -21.88 3.16 -20.87
N TYR G 301 -22.97 3.74 -21.36
CA TYR G 301 -24.17 3.90 -20.54
C TYR G 301 -24.76 2.55 -20.15
N ILE G 302 -24.49 1.54 -20.95
CA ILE G 302 -24.98 0.20 -20.63
C ILE G 302 -24.14 -0.28 -19.44
N THR G 303 -22.83 -0.13 -19.58
CA THR G 303 -21.89 -0.51 -18.53
C THR G 303 -22.27 0.16 -17.21
N MET G 304 -22.59 1.44 -17.29
CA MET G 304 -22.98 2.26 -16.14
C MET G 304 -24.16 1.63 -15.41
N GLY G 305 -25.21 1.35 -16.16
CA GLY G 305 -26.37 0.72 -15.56
C GLY G 305 -26.00 -0.59 -14.90
N ARG G 306 -25.25 -1.44 -15.60
CA ARG G 306 -24.85 -2.73 -15.05
C ARG G 306 -24.08 -2.58 -13.75
N THR G 307 -23.08 -1.71 -13.75
CA THR G 307 -22.25 -1.50 -12.58
C THR G 307 -23.07 -1.08 -11.37
N ILE G 308 -23.97 -0.13 -11.57
CA ILE G 308 -24.81 0.35 -10.48
C ILE G 308 -25.80 -0.73 -10.03
N ALA G 309 -26.41 -1.43 -10.97
CA ALA G 309 -27.36 -2.46 -10.60
C ALA G 309 -26.63 -3.60 -9.90
N ALA G 310 -25.34 -3.74 -10.18
CA ALA G 310 -24.55 -4.80 -9.56
C ALA G 310 -24.35 -4.59 -8.07
N SER G 311 -24.75 -3.43 -7.56
CA SER G 311 -24.63 -3.13 -6.13
C SER G 311 -25.50 -4.07 -5.31
N GLY G 312 -26.50 -4.66 -5.96
CA GLY G 312 -27.38 -5.58 -5.28
C GLY G 312 -28.57 -4.95 -4.58
N VAL G 313 -28.67 -3.62 -4.61
CA VAL G 313 -29.80 -2.95 -3.98
C VAL G 313 -30.76 -2.41 -5.02
N PRO G 314 -32.02 -2.16 -4.63
CA PRO G 314 -33.03 -1.63 -5.54
C PRO G 314 -32.61 -0.25 -6.07
N LEU G 315 -32.95 0.07 -7.31
CA LEU G 315 -32.57 1.35 -7.89
C LEU G 315 -33.76 2.16 -8.39
N LEU G 316 -33.68 3.47 -8.23
CA LEU G 316 -34.70 4.37 -8.75
C LEU G 316 -33.93 5.38 -9.60
N VAL G 317 -34.14 5.34 -10.92
CA VAL G 317 -33.47 6.26 -11.81
C VAL G 317 -34.32 7.51 -11.98
N VAL G 318 -33.72 8.67 -11.75
CA VAL G 318 -34.41 9.94 -11.88
C VAL G 318 -33.75 10.75 -12.99
N MET G 319 -34.51 11.05 -14.02
CA MET G 319 -33.99 11.81 -15.15
C MET G 319 -33.53 13.19 -14.72
N GLU G 320 -32.39 13.63 -15.24
CA GLU G 320 -31.84 14.95 -14.96
C GLU G 320 -31.45 15.63 -16.27
N GLY G 321 -30.14 15.86 -16.48
CA GLY G 321 -29.67 16.51 -17.68
C GLY G 321 -29.47 15.66 -18.93
N GLY G 322 -29.21 16.34 -20.04
CA GLY G 322 -29.02 15.67 -21.32
C GLY G 322 -29.67 16.56 -22.37
N TYR G 323 -28.84 17.27 -23.14
CA TYR G 323 -29.34 18.19 -24.13
C TYR G 323 -28.76 17.98 -25.50
N GLY G 324 -29.17 18.83 -26.44
CA GLY G 324 -28.66 18.78 -27.81
C GLY G 324 -29.03 17.60 -28.68
N VAL G 325 -28.02 16.79 -29.00
CA VAL G 325 -28.19 15.63 -29.87
C VAL G 325 -29.39 14.76 -29.53
N PRO G 326 -29.94 14.09 -30.55
CA PRO G 326 -31.09 13.22 -30.35
C PRO G 326 -30.73 11.90 -29.68
N GLU G 327 -29.44 11.61 -29.58
CA GLU G 327 -29.00 10.38 -28.94
C GLU G 327 -29.35 10.36 -27.46
N ILE G 328 -29.77 11.50 -26.92
CA ILE G 328 -30.11 11.56 -25.50
C ILE G 328 -31.00 10.40 -25.10
N GLY G 329 -31.98 10.09 -25.94
CA GLY G 329 -32.90 9.00 -25.64
C GLY G 329 -32.19 7.66 -25.60
N LEU G 330 -31.37 7.39 -26.60
CA LEU G 330 -30.63 6.14 -26.67
C LEU G 330 -29.78 5.97 -25.44
N ASN G 331 -29.06 7.02 -25.07
CA ASN G 331 -28.19 6.95 -23.91
C ASN G 331 -28.96 6.68 -22.62
N VAL G 332 -30.09 7.34 -22.44
CA VAL G 332 -30.92 7.10 -21.27
C VAL G 332 -31.43 5.65 -21.31
N ALA G 333 -31.81 5.21 -22.50
CA ALA G 333 -32.32 3.86 -22.70
C ALA G 333 -31.26 2.80 -22.42
N ASN G 334 -30.00 3.12 -22.73
CA ASN G 334 -28.92 2.19 -22.50
C ASN G 334 -28.67 1.99 -21.02
N VAL G 335 -28.96 3.02 -20.22
CA VAL G 335 -28.75 2.89 -18.78
C VAL G 335 -29.82 1.92 -18.25
N LEU G 336 -31.03 2.02 -18.77
CA LEU G 336 -32.11 1.14 -18.35
C LEU G 336 -31.82 -0.29 -18.80
N LYS G 337 -31.26 -0.44 -20.00
CA LYS G 337 -30.92 -1.78 -20.48
C LYS G 337 -29.85 -2.36 -19.57
N GLY G 338 -28.95 -1.51 -19.11
CA GLY G 338 -27.89 -1.97 -18.22
C GLY G 338 -28.42 -2.37 -16.87
N VAL G 339 -29.42 -1.65 -16.37
CA VAL G 339 -30.03 -1.96 -15.08
C VAL G 339 -30.76 -3.31 -15.17
N ALA G 340 -31.54 -3.49 -16.21
CA ALA G 340 -32.29 -4.73 -16.42
C ALA G 340 -31.37 -5.94 -16.38
N GLY G 341 -30.24 -5.87 -17.09
CA GLY G 341 -29.30 -6.99 -17.08
C GLY G 341 -29.54 -8.11 -18.09
N MET H 1 24.58 -39.00 -62.82
CA MET H 1 23.58 -38.35 -61.91
C MET H 1 23.39 -36.91 -62.29
N ARG H 2 22.21 -36.38 -61.99
CA ARG H 2 21.90 -34.99 -62.30
C ARG H 2 22.55 -34.08 -61.26
N VAL H 3 22.86 -32.86 -61.68
CA VAL H 3 23.49 -31.87 -60.82
C VAL H 3 22.59 -30.65 -60.67
N ILE H 4 22.26 -30.31 -59.43
CA ILE H 4 21.40 -29.16 -59.16
C ILE H 4 22.33 -28.01 -58.80
N PHE H 5 22.24 -26.92 -59.55
CA PHE H 5 23.11 -25.78 -59.28
C PHE H 5 22.42 -24.47 -59.60
N SER H 6 22.50 -23.53 -58.67
CA SER H 6 21.91 -22.23 -58.88
C SER H 6 22.97 -21.16 -59.04
N GLU H 7 22.79 -20.30 -60.05
CA GLU H 7 23.74 -19.22 -60.29
C GLU H 7 23.63 -18.16 -59.19
N ASP H 8 22.48 -18.10 -58.53
CA ASP H 8 22.26 -17.12 -57.47
C ASP H 8 23.15 -17.34 -56.24
N HIS H 9 23.97 -18.37 -56.30
CA HIS H 9 24.86 -18.66 -55.19
C HIS H 9 25.81 -17.48 -55.06
N LYS H 10 26.14 -16.85 -56.19
CA LYS H 10 27.05 -15.71 -56.20
C LYS H 10 26.53 -14.51 -55.41
N LEU H 11 25.26 -14.55 -55.02
CA LEU H 11 24.66 -13.46 -54.25
C LEU H 11 25.35 -13.45 -52.87
N ARG H 12 25.94 -14.59 -52.51
CA ARG H 12 26.69 -14.72 -51.28
C ARG H 12 28.11 -14.38 -51.70
N ASN H 13 28.48 -13.14 -51.44
CA ASN H 13 29.79 -12.64 -51.83
C ASN H 13 30.27 -11.67 -50.77
N ALA H 14 30.54 -12.20 -49.59
CA ALA H 14 31.01 -11.42 -48.47
C ALA H 14 32.44 -10.98 -48.78
N LYS H 15 32.86 -9.87 -48.19
CA LYS H 15 34.21 -9.37 -48.41
C LYS H 15 35.11 -9.48 -47.20
N THR H 16 34.53 -9.76 -46.03
CA THR H 16 35.34 -9.89 -44.83
C THR H 16 35.06 -11.15 -44.05
N GLU H 17 36.11 -11.66 -43.39
CA GLU H 17 36.05 -12.83 -42.57
C GLU H 17 37.10 -12.61 -41.49
N LEU H 18 36.69 -12.69 -40.22
CA LEU H 18 37.62 -12.49 -39.12
C LEU H 18 38.48 -13.74 -38.98
N TYR H 19 39.73 -13.65 -39.42
CA TYR H 19 40.68 -14.76 -39.37
C TYR H 19 42.06 -14.33 -38.88
N GLY H 20 42.56 -15.02 -37.85
CA GLY H 20 43.87 -14.69 -37.32
C GLY H 20 43.89 -13.27 -36.79
N GLY H 21 42.75 -12.86 -36.24
CA GLY H 21 42.65 -11.52 -35.69
C GLY H 21 42.57 -10.43 -36.75
N GLU H 22 42.48 -10.82 -38.02
CA GLU H 22 42.39 -9.83 -39.09
C GLU H 22 41.14 -10.07 -39.92
N LEU H 23 40.75 -9.04 -40.66
CA LEU H 23 39.59 -9.13 -41.54
C LEU H 23 40.17 -9.32 -42.94
N VAL H 24 39.98 -10.51 -43.49
CA VAL H 24 40.49 -10.86 -44.81
C VAL H 24 39.37 -11.34 -45.72
N PRO H 25 39.64 -11.44 -47.02
CA PRO H 25 38.60 -11.92 -47.95
C PRO H 25 38.16 -13.33 -47.55
N PRO H 26 36.84 -13.57 -47.54
CA PRO H 26 36.29 -14.89 -47.18
C PRO H 26 36.91 -16.07 -47.91
N PHE H 27 37.21 -17.13 -47.16
CA PHE H 27 37.80 -18.34 -47.74
C PHE H 27 36.74 -19.12 -48.53
N GLU H 28 35.48 -18.89 -48.18
CA GLU H 28 34.39 -19.55 -48.86
C GLU H 28 33.90 -18.58 -49.93
N ALA H 29 34.68 -18.44 -51.00
CA ALA H 29 34.36 -17.53 -52.10
C ALA H 29 33.66 -18.21 -53.28
N PRO H 30 32.93 -17.42 -54.10
CA PRO H 30 32.19 -17.89 -55.28
C PRO H 30 32.94 -18.78 -56.27
N PHE H 31 34.24 -18.58 -56.46
CA PHE H 31 34.99 -19.40 -57.41
C PHE H 31 34.95 -20.88 -57.05
N ARG H 32 34.75 -21.18 -55.77
CA ARG H 32 34.67 -22.58 -55.33
C ARG H 32 33.62 -23.35 -56.13
N ALA H 33 32.41 -22.79 -56.22
CA ALA H 33 31.33 -23.43 -56.95
C ALA H 33 31.67 -23.55 -58.43
N GLU H 34 32.25 -22.48 -58.98
CA GLU H 34 32.63 -22.45 -60.39
C GLU H 34 33.62 -23.56 -60.76
N TRP H 35 34.64 -23.74 -59.93
CA TRP H 35 35.63 -24.77 -60.23
C TRP H 35 35.14 -26.16 -59.88
N ILE H 36 34.21 -26.25 -58.94
CA ILE H 36 33.66 -27.55 -58.59
C ILE H 36 32.76 -27.95 -59.75
N LEU H 37 31.99 -26.98 -60.26
CA LEU H 37 31.08 -27.24 -61.36
C LEU H 37 31.80 -27.65 -62.65
N ALA H 38 32.91 -26.97 -62.93
CA ALA H 38 33.68 -27.25 -64.14
C ALA H 38 34.30 -28.64 -64.14
N ALA H 39 34.69 -29.13 -62.96
CA ALA H 39 35.30 -30.45 -62.86
C ALA H 39 34.28 -31.57 -62.95
N VAL H 40 33.12 -31.41 -62.31
CA VAL H 40 32.10 -32.45 -62.36
C VAL H 40 31.59 -32.60 -63.77
N LYS H 41 31.64 -31.50 -64.52
CA LYS H 41 31.20 -31.53 -65.91
C LYS H 41 32.16 -32.36 -66.74
N GLU H 42 33.45 -32.02 -66.69
CA GLU H 42 34.42 -32.77 -67.47
C GLU H 42 34.53 -34.21 -66.98
N ALA H 43 34.00 -34.48 -65.80
CA ALA H 43 34.04 -35.84 -65.26
C ALA H 43 32.88 -36.64 -65.85
N GLY H 44 32.05 -35.95 -66.66
CA GLY H 44 30.93 -36.59 -67.30
C GLY H 44 29.58 -36.13 -66.83
N PHE H 45 29.53 -35.56 -65.63
CA PHE H 45 28.29 -35.07 -65.05
C PHE H 45 27.98 -33.67 -65.58
N ASP H 46 27.44 -33.62 -66.79
CA ASP H 46 27.13 -32.35 -67.43
C ASP H 46 25.65 -32.00 -67.46
N ASP H 47 24.82 -32.84 -66.87
CA ASP H 47 23.39 -32.58 -66.82
C ASP H 47 23.12 -31.62 -65.67
N VAL H 48 23.48 -30.35 -65.87
CA VAL H 48 23.29 -29.36 -64.83
C VAL H 48 21.96 -28.65 -65.00
N VAL H 49 21.16 -28.64 -63.94
CA VAL H 49 19.86 -27.99 -63.98
C VAL H 49 19.69 -27.04 -62.81
N ALA H 50 19.03 -25.92 -63.06
CA ALA H 50 18.80 -24.94 -62.01
C ALA H 50 17.64 -25.40 -61.14
N PRO H 51 17.69 -25.09 -59.83
CA PRO H 51 16.64 -25.47 -58.89
C PRO H 51 15.35 -24.69 -59.08
N ALA H 52 14.23 -25.37 -58.93
CA ALA H 52 12.93 -24.72 -59.05
C ALA H 52 12.75 -23.87 -57.79
N ARG H 53 11.86 -22.89 -57.86
CA ARG H 53 11.59 -22.01 -56.72
C ARG H 53 10.89 -22.84 -55.62
N HIS H 54 11.10 -22.47 -54.36
CA HIS H 54 10.49 -23.19 -53.24
C HIS H 54 10.15 -22.28 -52.06
N GLY H 55 9.10 -22.64 -51.32
CA GLY H 55 8.72 -21.85 -50.18
C GLY H 55 9.51 -22.24 -48.95
N LEU H 56 9.12 -21.71 -47.80
CA LEU H 56 9.83 -22.01 -46.55
C LEU H 56 9.25 -23.18 -45.77
N GLU H 57 8.23 -23.83 -46.31
CA GLU H 57 7.60 -24.95 -45.60
C GLU H 57 8.58 -26.01 -45.12
N THR H 58 9.46 -26.48 -46.00
CA THR H 58 10.42 -27.50 -45.62
C THR H 58 11.44 -27.03 -44.58
N VAL H 59 11.99 -25.84 -44.80
CA VAL H 59 13.00 -25.30 -43.89
C VAL H 59 12.43 -24.97 -42.50
N LEU H 60 11.15 -24.63 -42.45
CA LEU H 60 10.52 -24.31 -41.18
C LEU H 60 10.37 -25.52 -40.26
N LYS H 61 10.77 -26.69 -40.74
CA LYS H 61 10.66 -27.91 -39.93
C LYS H 61 11.99 -28.32 -39.31
N VAL H 62 13.08 -27.71 -39.77
CA VAL H 62 14.38 -28.02 -39.19
C VAL H 62 14.99 -26.79 -38.55
N HIS H 63 14.58 -25.59 -38.97
CA HIS H 63 15.10 -24.37 -38.35
C HIS H 63 14.04 -23.63 -37.55
N ASP H 64 14.50 -22.78 -36.64
CA ASP H 64 13.64 -21.98 -35.77
C ASP H 64 13.07 -20.81 -36.59
N ALA H 65 11.78 -20.54 -36.45
CA ALA H 65 11.17 -19.44 -37.21
C ALA H 65 11.80 -18.10 -36.85
N GLY H 66 12.09 -17.89 -35.56
CA GLY H 66 12.70 -16.64 -35.14
C GLY H 66 14.06 -16.47 -35.81
N TYR H 67 14.81 -17.56 -35.88
CA TYR H 67 16.13 -17.55 -36.51
C TYR H 67 16.02 -17.18 -37.99
N LEU H 68 15.15 -17.88 -38.72
CA LEU H 68 14.96 -17.61 -40.14
C LEU H 68 14.49 -16.18 -40.35
N ASN H 69 13.58 -15.71 -39.51
CA ASN H 69 13.09 -14.36 -39.64
C ASN H 69 14.23 -13.39 -39.44
N PHE H 70 15.11 -13.73 -38.50
CA PHE H 70 16.26 -12.88 -38.20
C PHE H 70 17.18 -12.75 -39.41
N LEU H 71 17.43 -13.88 -40.08
CA LEU H 71 18.31 -13.89 -41.23
C LEU H 71 17.81 -13.04 -42.39
N GLU H 72 16.49 -13.06 -42.62
CA GLU H 72 15.90 -12.32 -43.71
C GLU H 72 16.02 -10.80 -43.61
N THR H 73 16.14 -10.29 -42.39
CA THR H 73 16.22 -8.85 -42.15
C THR H 73 17.53 -8.42 -41.49
N ALA H 74 18.42 -9.36 -41.21
CA ALA H 74 19.67 -9.02 -40.52
C ALA H 74 20.45 -7.89 -41.20
N TRP H 75 20.81 -8.05 -42.47
CA TRP H 75 21.56 -7.00 -43.14
C TRP H 75 20.89 -5.62 -43.17
N ASP H 76 19.59 -5.57 -43.43
CA ASP H 76 18.92 -4.27 -43.48
C ASP H 76 18.96 -3.60 -42.12
N ARG H 77 18.64 -4.36 -41.07
CA ARG H 77 18.65 -3.79 -39.73
C ARG H 77 20.06 -3.33 -39.33
N TRP H 78 21.06 -4.11 -39.73
CA TRP H 78 22.46 -3.80 -39.43
C TRP H 78 22.89 -2.49 -40.09
N LYS H 79 22.49 -2.31 -41.34
CA LYS H 79 22.81 -1.12 -42.09
C LYS H 79 22.08 0.06 -41.44
N ALA H 80 20.82 -0.16 -41.08
CA ALA H 80 20.02 0.88 -40.46
C ALA H 80 20.62 1.32 -39.13
N ALA H 81 21.25 0.39 -38.42
CA ALA H 81 21.87 0.71 -37.14
C ALA H 81 23.04 1.66 -37.34
N GLY H 82 23.43 1.88 -38.60
CA GLY H 82 24.50 2.80 -38.91
C GLY H 82 25.92 2.28 -38.92
N TYR H 83 26.10 0.95 -38.92
CA TYR H 83 27.43 0.36 -38.92
C TYR H 83 28.06 0.34 -40.31
N LYS H 84 29.37 0.56 -40.35
CA LYS H 84 30.12 0.60 -41.59
C LYS H 84 30.54 -0.72 -42.19
N GLY H 85 31.01 -1.63 -41.34
CA GLY H 85 31.45 -2.93 -41.82
C GLY H 85 30.28 -3.87 -42.03
N GLU H 86 30.58 -5.14 -42.28
CA GLU H 86 29.52 -6.12 -42.48
C GLU H 86 29.00 -6.59 -41.12
N ALA H 87 27.88 -7.29 -41.14
CA ALA H 87 27.25 -7.79 -39.92
C ALA H 87 28.08 -8.88 -39.25
N ILE H 88 28.76 -8.53 -38.17
CA ILE H 88 29.56 -9.50 -37.43
C ILE H 88 29.22 -9.45 -35.95
N ALA H 89 28.92 -10.62 -35.38
CA ALA H 89 28.56 -10.72 -33.96
C ALA H 89 29.76 -10.59 -33.03
N THR H 90 29.56 -9.92 -31.90
CA THR H 90 30.66 -9.76 -30.95
C THR H 90 30.32 -10.37 -29.60
N SER H 91 29.10 -10.16 -29.12
CA SER H 91 28.70 -10.72 -27.83
C SER H 91 27.90 -12.00 -28.00
N PHE H 92 28.18 -13.01 -27.17
CA PHE H 92 27.50 -14.29 -27.30
C PHE H 92 26.90 -14.88 -26.03
N PRO H 93 25.81 -15.65 -26.18
CA PRO H 93 25.17 -16.27 -25.02
C PRO H 93 25.90 -17.55 -24.64
N VAL H 94 26.99 -17.41 -23.90
CA VAL H 94 27.77 -18.55 -23.46
C VAL H 94 27.32 -19.14 -22.12
N ARG H 95 28.26 -19.69 -21.36
CA ARG H 95 27.93 -20.31 -20.07
C ARG H 95 27.24 -19.43 -19.04
N ARG H 96 26.21 -19.98 -18.42
CA ARG H 96 25.46 -19.33 -17.36
C ARG H 96 24.89 -17.98 -17.74
N THR H 97 24.41 -17.86 -18.97
CA THR H 97 23.79 -16.63 -19.45
C THR H 97 22.28 -16.82 -19.49
N SER H 98 21.56 -15.72 -19.63
CA SER H 98 20.10 -15.73 -19.70
C SER H 98 19.65 -16.28 -21.06
N PRO H 99 18.52 -17.02 -21.07
CA PRO H 99 17.97 -17.58 -22.30
C PRO H 99 17.16 -16.56 -23.10
N ARG H 100 16.98 -15.39 -22.52
CA ARG H 100 16.21 -14.33 -23.18
C ARG H 100 16.82 -13.85 -24.49
N ILE H 101 15.95 -13.40 -25.39
CA ILE H 101 16.36 -12.92 -26.71
C ILE H 101 16.32 -11.40 -26.74
N PRO H 102 17.45 -10.75 -27.09
CA PRO H 102 17.53 -9.28 -27.17
C PRO H 102 16.54 -8.75 -28.22
N THR H 103 16.28 -7.46 -28.22
CA THR H 103 15.37 -6.90 -29.19
C THR H 103 16.08 -6.12 -30.29
N ASP H 104 17.32 -5.70 -30.04
CA ASP H 104 18.07 -4.93 -31.03
C ASP H 104 18.95 -5.80 -31.94
N ILE H 105 19.42 -5.22 -33.05
CA ILE H 105 20.22 -6.01 -33.98
C ILE H 105 21.55 -6.41 -33.38
N GLU H 106 22.11 -5.55 -32.55
CA GLU H 106 23.38 -5.82 -31.89
C GLU H 106 23.29 -7.15 -31.10
N GLY H 107 22.33 -7.22 -30.19
CA GLY H 107 22.18 -8.42 -29.38
C GLY H 107 21.70 -9.64 -30.12
N GLN H 108 20.77 -9.43 -31.04
CA GLN H 108 20.21 -10.53 -31.79
C GLN H 108 21.19 -11.29 -32.67
N ILE H 109 22.14 -10.59 -33.29
CA ILE H 109 23.10 -11.27 -34.14
C ILE H 109 24.00 -12.19 -33.31
N GLY H 110 24.21 -11.84 -32.05
CA GLY H 110 25.05 -12.67 -31.20
C GLY H 110 24.21 -13.86 -30.77
N TYR H 111 22.99 -13.56 -30.36
CA TYR H 111 22.08 -14.59 -29.94
C TYR H 111 21.97 -15.72 -30.99
N TYR H 112 21.87 -15.35 -32.27
CA TYR H 112 21.72 -16.31 -33.36
C TYR H 112 22.99 -16.78 -34.06
N CYS H 113 24.14 -16.49 -33.46
CA CYS H 113 25.42 -16.86 -34.04
C CYS H 113 26.24 -17.80 -33.17
N ASN H 114 26.97 -18.72 -33.77
CA ASN H 114 27.82 -19.61 -33.00
C ASN H 114 29.29 -19.40 -33.35
N ALA H 115 29.55 -18.54 -34.32
CA ALA H 115 30.93 -18.27 -34.73
C ALA H 115 31.08 -16.92 -35.44
N ALA H 116 31.84 -16.02 -34.80
CA ALA H 116 32.08 -14.68 -35.32
C ALA H 116 32.88 -14.58 -36.62
N GLU H 117 33.45 -15.68 -37.10
CA GLU H 117 34.24 -15.59 -38.32
C GLU H 117 33.35 -15.42 -39.56
N THR H 118 32.07 -15.72 -39.41
CA THR H 118 31.10 -15.60 -40.50
C THR H 118 30.33 -14.28 -40.37
N ALA H 119 30.37 -13.47 -41.43
CA ALA H 119 29.67 -12.19 -41.44
C ALA H 119 28.50 -12.21 -42.41
N ILE H 120 27.40 -11.56 -42.03
CA ILE H 120 26.22 -11.47 -42.87
C ILE H 120 26.34 -10.22 -43.74
N SER H 121 26.13 -10.37 -45.03
CA SER H 121 26.23 -9.27 -45.98
C SER H 121 25.06 -9.28 -46.94
N PRO H 122 24.96 -8.27 -47.82
CA PRO H 122 23.86 -8.19 -48.79
C PRO H 122 23.86 -9.43 -49.68
N GLY H 123 22.69 -10.01 -49.90
CA GLY H 123 22.62 -11.19 -50.74
C GLY H 123 22.75 -12.51 -50.00
N THR H 124 23.21 -12.47 -48.75
CA THR H 124 23.35 -13.69 -47.98
C THR H 124 22.03 -14.43 -47.85
N TRP H 125 20.96 -13.71 -47.53
CA TRP H 125 19.67 -14.37 -47.37
C TRP H 125 19.22 -15.02 -48.68
N GLU H 126 19.20 -14.24 -49.75
CA GLU H 126 18.78 -14.75 -51.05
C GLU H 126 19.65 -15.95 -51.46
N ALA H 127 20.97 -15.78 -51.34
CA ALA H 127 21.89 -16.85 -51.70
C ALA H 127 21.58 -18.11 -50.91
N ALA H 128 21.36 -17.94 -49.60
CA ALA H 128 21.06 -19.08 -48.74
C ALA H 128 19.83 -19.83 -49.24
N LEU H 129 18.81 -19.10 -49.68
CA LEU H 129 17.59 -19.73 -50.17
C LEU H 129 17.81 -20.51 -51.47
N SER H 130 18.68 -20.00 -52.35
CA SER H 130 18.92 -20.70 -53.62
C SER H 130 19.68 -22.00 -53.35
N SER H 131 20.57 -21.97 -52.37
CA SER H 131 21.34 -23.16 -52.00
C SER H 131 20.36 -24.17 -51.39
N MET H 132 19.42 -23.67 -50.59
CA MET H 132 18.42 -24.53 -49.97
C MET H 132 17.58 -25.19 -51.08
N ALA H 133 17.16 -24.38 -52.04
CA ALA H 133 16.38 -24.83 -53.17
C ALA H 133 17.08 -25.96 -53.89
N SER H 134 18.39 -25.81 -54.09
CA SER H 134 19.17 -26.84 -54.77
C SER H 134 19.11 -28.15 -54.00
N ALA H 135 19.15 -28.05 -52.68
CA ALA H 135 19.10 -29.25 -51.85
C ALA H 135 17.73 -29.93 -51.96
N ILE H 136 16.67 -29.13 -52.00
CA ILE H 136 15.33 -29.68 -52.11
C ILE H 136 15.16 -30.47 -53.41
N ASP H 137 15.56 -29.86 -54.52
CA ASP H 137 15.47 -30.50 -55.82
C ASP H 137 16.34 -31.75 -55.89
N GLY H 138 17.48 -31.73 -55.20
CA GLY H 138 18.33 -32.89 -55.20
C GLY H 138 17.60 -34.03 -54.53
N ALA H 139 16.79 -33.70 -53.52
CA ALA H 139 16.01 -34.69 -52.78
C ALA H 139 14.82 -35.23 -53.58
N ASP H 140 14.07 -34.34 -54.24
CA ASP H 140 12.94 -34.77 -55.03
C ASP H 140 13.36 -35.85 -56.03
N LEU H 141 14.55 -35.71 -56.62
CA LEU H 141 15.04 -36.69 -57.57
C LEU H 141 15.20 -38.04 -56.91
N ILE H 142 15.77 -38.04 -55.71
CA ILE H 142 15.98 -39.28 -54.97
C ILE H 142 14.64 -39.90 -54.60
N ALA H 143 13.68 -39.04 -54.29
CA ALA H 143 12.34 -39.51 -53.92
C ALA H 143 11.58 -39.92 -55.18
N ALA H 144 12.14 -39.60 -56.34
CA ALA H 144 11.51 -39.92 -57.61
C ALA H 144 11.95 -41.26 -58.17
N GLY H 145 13.02 -41.82 -57.60
CA GLY H 145 13.50 -43.10 -58.08
C GLY H 145 14.98 -43.14 -58.37
N HIS H 146 15.57 -41.97 -58.59
CA HIS H 146 17.00 -41.86 -58.88
C HIS H 146 17.84 -42.47 -57.76
N LYS H 147 18.95 -43.09 -58.13
CA LYS H 147 19.83 -43.72 -57.16
C LYS H 147 20.88 -42.76 -56.59
N ALA H 148 21.15 -41.68 -57.31
CA ALA H 148 22.13 -40.69 -56.88
C ALA H 148 21.85 -39.33 -57.50
N ALA H 149 22.43 -38.30 -56.91
CA ALA H 149 22.27 -36.93 -57.41
C ALA H 149 23.28 -36.06 -56.67
N PHE H 150 23.59 -34.90 -57.24
CA PHE H 150 24.52 -34.00 -56.60
C PHE H 150 23.98 -32.57 -56.57
N SER H 151 23.91 -32.01 -55.37
CA SER H 151 23.45 -30.65 -55.18
C SER H 151 24.65 -29.76 -54.87
N LEU H 152 25.03 -28.94 -55.83
CA LEU H 152 26.17 -28.04 -55.66
C LEU H 152 25.67 -26.88 -54.80
N CYS H 153 25.61 -27.09 -53.50
CA CYS H 153 25.15 -26.08 -52.56
C CYS H 153 26.21 -25.09 -52.17
N ARG H 154 25.80 -23.83 -52.12
CA ARG H 154 26.68 -22.75 -51.71
C ARG H 154 25.82 -21.53 -51.45
N PRO H 155 25.92 -20.94 -50.26
CA PRO H 155 26.82 -21.40 -49.18
C PRO H 155 26.47 -22.77 -48.59
N PRO H 156 27.41 -23.37 -47.86
CA PRO H 156 27.22 -24.67 -47.23
C PRO H 156 26.27 -24.51 -46.05
N GLY H 157 26.03 -25.59 -45.31
CA GLY H 157 25.11 -25.46 -44.21
C GLY H 157 25.26 -26.37 -43.01
N HIS H 158 26.21 -27.29 -43.01
CA HIS H 158 26.29 -28.19 -41.86
C HIS H 158 26.67 -27.56 -40.53
N HIS H 159 27.03 -26.27 -40.55
CA HIS H 159 27.37 -25.60 -39.31
C HIS H 159 26.18 -24.80 -38.80
N ALA H 160 25.13 -24.70 -39.60
CA ALA H 160 23.93 -23.96 -39.18
C ALA H 160 23.07 -24.88 -38.32
N GLY H 161 22.80 -24.46 -37.09
CA GLY H 161 22.02 -25.27 -36.18
C GLY H 161 20.54 -24.93 -36.19
N ILE H 162 19.83 -25.35 -35.16
CA ILE H 162 18.41 -25.07 -35.11
C ILE H 162 18.14 -23.58 -35.21
N ASP H 163 18.87 -22.78 -34.43
CA ASP H 163 18.67 -21.34 -34.48
C ASP H 163 19.95 -20.53 -34.35
N MET H 164 20.96 -20.93 -35.10
CA MET H 164 22.24 -20.23 -35.09
C MET H 164 22.99 -20.44 -36.40
N PHE H 165 23.69 -19.38 -36.82
CA PHE H 165 24.48 -19.43 -38.03
C PHE H 165 25.95 -19.35 -37.64
N GLY H 166 26.82 -19.73 -38.55
CA GLY H 166 28.25 -19.70 -38.30
C GLY H 166 28.94 -20.71 -39.19
N GLY H 167 30.27 -20.63 -39.26
CA GLY H 167 31.01 -21.54 -40.09
C GLY H 167 30.59 -21.47 -41.55
N TYR H 168 30.39 -20.25 -42.03
CA TYR H 168 29.99 -19.96 -43.41
C TYR H 168 28.63 -20.53 -43.80
N CYS H 169 27.86 -20.98 -42.81
CA CYS H 169 26.55 -21.57 -43.05
C CYS H 169 25.41 -20.73 -42.45
N PHE H 170 24.26 -20.73 -43.11
CA PHE H 170 23.09 -20.00 -42.65
C PHE H 170 21.85 -20.89 -42.65
N ILE H 171 21.76 -21.79 -43.63
CA ILE H 171 20.65 -22.72 -43.69
C ILE H 171 21.24 -24.11 -43.93
N ASN H 172 20.90 -25.05 -43.04
CA ASN H 172 21.41 -26.40 -43.15
C ASN H 172 20.76 -27.16 -44.31
N ASN H 173 21.47 -27.13 -45.45
CA ASN H 173 21.00 -27.76 -46.67
C ASN H 173 20.77 -29.26 -46.52
N ALA H 174 21.74 -29.95 -45.93
CA ALA H 174 21.59 -31.39 -45.74
C ALA H 174 20.33 -31.65 -44.90
N ALA H 175 20.15 -30.89 -43.82
CA ALA H 175 18.96 -31.10 -42.98
C ALA H 175 17.68 -30.95 -43.80
N VAL H 176 17.62 -29.88 -44.59
CA VAL H 176 16.46 -29.62 -45.44
C VAL H 176 16.20 -30.78 -46.40
N ALA H 177 17.26 -31.31 -46.99
CA ALA H 177 17.11 -32.43 -47.91
C ALA H 177 16.54 -33.64 -47.18
N ALA H 178 17.08 -33.94 -46.00
CA ALA H 178 16.60 -35.07 -45.22
C ALA H 178 15.11 -34.91 -44.89
N GLN H 179 14.71 -33.70 -44.49
CA GLN H 179 13.33 -33.41 -44.13
C GLN H 179 12.46 -33.56 -45.38
N ARG H 180 12.94 -33.02 -46.48
CA ARG H 180 12.22 -33.10 -47.74
C ARG H 180 12.02 -34.57 -48.12
N LEU H 181 13.06 -35.39 -47.89
CA LEU H 181 12.94 -36.81 -48.20
C LEU H 181 11.86 -37.47 -47.34
N LEU H 182 11.77 -37.03 -46.09
CA LEU H 182 10.75 -37.56 -45.18
C LEU H 182 9.36 -37.13 -45.62
N ASP H 183 9.22 -35.89 -46.05
CA ASP H 183 7.93 -35.39 -46.51
C ASP H 183 7.43 -36.07 -47.76
N LYS H 184 8.33 -36.74 -48.48
CA LYS H 184 7.97 -37.42 -49.70
C LYS H 184 7.59 -38.86 -49.49
N GLY H 185 7.48 -39.28 -48.23
CA GLY H 185 7.09 -40.64 -47.93
C GLY H 185 8.08 -41.48 -47.14
N ALA H 186 9.33 -41.05 -47.08
CA ALA H 186 10.34 -41.80 -46.35
C ALA H 186 10.06 -41.74 -44.85
N LYS H 187 10.37 -42.82 -44.14
CA LYS H 187 10.15 -42.89 -42.70
C LYS H 187 11.45 -42.72 -41.93
N LYS H 188 12.54 -43.21 -42.51
CA LYS H 188 13.84 -43.11 -41.88
C LYS H 188 14.91 -42.68 -42.90
N ILE H 189 15.63 -41.61 -42.56
CA ILE H 189 16.67 -41.06 -43.41
C ILE H 189 17.95 -40.86 -42.60
N ALA H 190 19.10 -40.96 -43.27
CA ALA H 190 20.37 -40.75 -42.58
C ALA H 190 21.20 -39.69 -43.27
N ILE H 191 22.04 -39.02 -42.49
CA ILE H 191 22.92 -38.01 -43.02
C ILE H 191 24.34 -38.43 -42.63
N LEU H 192 25.22 -38.49 -43.63
CA LEU H 192 26.61 -38.87 -43.41
C LEU H 192 27.50 -37.68 -43.79
N ASP H 193 28.09 -37.06 -42.78
CA ASP H 193 28.94 -35.88 -42.95
C ASP H 193 30.42 -36.28 -43.04
N VAL H 194 30.98 -36.20 -44.25
CA VAL H 194 32.38 -36.56 -44.43
C VAL H 194 33.28 -35.32 -44.55
N ASP H 195 32.69 -34.16 -44.30
CA ASP H 195 33.40 -32.90 -44.34
C ASP H 195 34.42 -32.99 -43.20
N PHE H 196 35.59 -32.38 -43.36
CA PHE H 196 36.60 -32.45 -42.32
C PHE H 196 36.10 -32.02 -40.95
N HIS H 197 35.29 -30.96 -40.90
CA HIS H 197 34.75 -30.49 -39.64
C HIS H 197 33.42 -31.15 -39.30
N HIS H 198 33.20 -31.32 -38.00
CA HIS H 198 31.98 -31.91 -37.49
C HIS H 198 30.77 -31.07 -37.89
N GLY H 199 29.67 -31.73 -38.23
CA GLY H 199 28.47 -31.00 -38.61
C GLY H 199 27.65 -30.69 -37.38
N ASN H 200 28.15 -29.77 -36.56
CA ASN H 200 27.48 -29.41 -35.31
C ASN H 200 26.06 -28.88 -35.50
N GLY H 201 25.81 -28.21 -36.61
CA GLY H 201 24.48 -27.69 -36.86
C GLY H 201 23.50 -28.82 -37.22
N THR H 202 23.98 -29.75 -38.03
CA THR H 202 23.17 -30.86 -38.44
C THR H 202 22.85 -31.74 -37.23
N GLN H 203 23.84 -31.98 -36.40
CA GLN H 203 23.64 -32.80 -35.22
C GLN H 203 22.67 -32.14 -34.25
N ASP H 204 22.82 -30.84 -34.09
CA ASP H 204 21.95 -30.08 -33.20
C ASP H 204 20.49 -30.20 -33.65
N ILE H 205 20.27 -30.12 -34.95
CA ILE H 205 18.92 -30.18 -35.51
C ILE H 205 18.17 -31.52 -35.34
N PHE H 206 18.89 -32.63 -35.45
CA PHE H 206 18.26 -33.94 -35.32
C PHE H 206 18.62 -34.66 -34.03
N TYR H 207 19.34 -33.98 -33.13
CA TYR H 207 19.76 -34.61 -31.87
C TYR H 207 18.59 -35.28 -31.10
N GLU H 208 17.43 -34.66 -31.12
CA GLU H 208 16.27 -35.23 -30.42
C GLU H 208 15.19 -35.75 -31.36
N ARG H 209 15.61 -36.24 -32.52
CA ARG H 209 14.70 -36.78 -33.50
C ARG H 209 15.13 -38.20 -33.83
N GLY H 210 14.19 -39.14 -33.72
CA GLY H 210 14.50 -40.53 -34.00
C GLY H 210 14.28 -40.97 -35.44
N ASP H 211 13.79 -40.08 -36.28
CA ASP H 211 13.55 -40.42 -37.67
C ASP H 211 14.72 -40.07 -38.58
N VAL H 212 15.75 -39.44 -38.02
CA VAL H 212 16.93 -39.07 -38.82
C VAL H 212 18.21 -39.46 -38.09
N PHE H 213 18.98 -40.37 -38.67
CA PHE H 213 20.24 -40.79 -38.07
C PHE H 213 21.39 -39.93 -38.59
N PHE H 214 22.17 -39.36 -37.67
CA PHE H 214 23.30 -38.53 -38.07
C PHE H 214 24.64 -39.14 -37.71
N ALA H 215 25.50 -39.26 -38.70
CA ALA H 215 26.84 -39.81 -38.52
C ALA H 215 27.81 -38.79 -39.09
N SER H 216 28.95 -38.63 -38.42
CA SER H 216 29.95 -37.66 -38.88
C SER H 216 31.37 -38.07 -38.57
N LEU H 217 32.25 -37.93 -39.56
CA LEU H 217 33.66 -38.24 -39.40
C LEU H 217 34.31 -36.86 -39.45
N HIS H 218 35.19 -36.56 -38.51
CA HIS H 218 35.79 -35.24 -38.47
C HIS H 218 37.05 -35.15 -37.60
N GLY H 219 37.73 -34.01 -37.67
CA GLY H 219 38.90 -33.82 -36.85
C GLY H 219 38.47 -33.67 -35.40
N ASP H 220 39.22 -34.24 -34.47
CA ASP H 220 38.92 -34.14 -33.04
C ASP H 220 38.59 -32.68 -32.70
N PRO H 221 37.40 -32.43 -32.17
CA PRO H 221 36.97 -31.07 -31.80
C PRO H 221 37.88 -30.43 -30.75
N ALA H 222 38.61 -31.27 -30.03
CA ALA H 222 39.51 -30.76 -28.99
C ALA H 222 40.58 -29.87 -29.62
N GLU H 223 40.67 -29.89 -30.94
CA GLU H 223 41.67 -29.09 -31.65
C GLU H 223 41.22 -28.76 -33.07
N ALA H 224 39.91 -28.63 -33.29
CA ALA H 224 39.38 -28.32 -34.61
C ALA H 224 38.01 -27.67 -34.55
N PHE H 225 37.76 -26.77 -35.49
CA PHE H 225 36.46 -26.11 -35.56
C PHE H 225 35.43 -27.24 -35.76
N PRO H 226 34.23 -27.12 -35.16
CA PRO H 226 33.66 -26.03 -34.36
C PRO H 226 34.11 -25.99 -32.89
N HIS H 227 34.95 -26.94 -32.48
CA HIS H 227 35.49 -26.95 -31.12
C HIS H 227 34.63 -27.39 -29.94
N PHE H 228 33.33 -27.13 -29.98
CA PHE H 228 32.48 -27.45 -28.86
C PHE H 228 31.39 -28.48 -29.11
N LEU H 229 31.69 -29.42 -30.01
CA LEU H 229 30.74 -30.48 -30.33
C LEU H 229 31.43 -31.46 -31.28
N GLY H 230 30.98 -32.71 -31.26
CA GLY H 230 31.58 -33.70 -32.13
C GLY H 230 32.28 -34.83 -31.38
N TYR H 231 32.14 -34.86 -30.06
CA TYR H 231 32.76 -35.92 -29.26
C TYR H 231 31.96 -37.20 -29.41
N ALA H 232 32.67 -38.33 -29.38
CA ALA H 232 32.07 -39.65 -29.51
C ALA H 232 30.92 -39.91 -28.53
N GLU H 233 31.04 -39.36 -27.33
CA GLU H 233 30.02 -39.53 -26.30
C GLU H 233 28.63 -39.04 -26.68
N GLU H 234 28.56 -38.01 -27.53
CA GLU H 234 27.28 -37.46 -27.96
C GLU H 234 26.57 -38.50 -28.84
N THR H 235 25.63 -39.22 -28.25
CA THR H 235 24.92 -40.26 -28.98
C THR H 235 23.42 -40.00 -29.18
N GLY H 236 22.96 -38.83 -28.75
CA GLY H 236 21.56 -38.51 -28.92
C GLY H 236 20.88 -38.18 -27.61
N LYS H 237 19.65 -37.67 -27.69
CA LYS H 237 18.93 -37.31 -26.50
C LYS H 237 17.42 -37.48 -26.66
N GLY H 238 16.77 -37.97 -25.61
CA GLY H 238 15.33 -38.16 -25.64
C GLY H 238 14.89 -39.05 -26.79
N ALA H 239 13.91 -38.58 -27.55
CA ALA H 239 13.38 -39.35 -28.68
C ALA H 239 14.48 -39.61 -29.72
N GLY H 240 15.54 -38.82 -29.69
CA GLY H 240 16.62 -38.99 -30.63
C GLY H 240 17.75 -39.84 -30.08
N ALA H 241 17.60 -40.29 -28.84
CA ALA H 241 18.64 -41.11 -28.22
C ALA H 241 19.07 -42.28 -29.11
N GLY H 242 20.38 -42.43 -29.28
CA GLY H 242 20.92 -43.50 -30.09
C GLY H 242 21.02 -43.26 -31.59
N THR H 243 20.57 -42.09 -32.05
CA THR H 243 20.61 -41.80 -33.47
C THR H 243 21.62 -40.73 -33.85
N THR H 244 22.78 -40.76 -33.20
CA THR H 244 23.87 -39.84 -33.49
C THR H 244 25.17 -40.57 -33.22
N ALA H 245 26.05 -40.57 -34.21
CA ALA H 245 27.34 -41.24 -34.07
C ALA H 245 28.46 -40.36 -34.63
N ASN H 246 29.38 -39.96 -33.75
CA ASN H 246 30.51 -39.12 -34.11
C ASN H 246 31.83 -39.90 -34.13
N TYR H 247 32.67 -39.61 -35.12
CA TYR H 247 33.96 -40.27 -35.22
C TYR H 247 35.10 -39.26 -35.31
N PRO H 248 35.44 -38.64 -34.18
CA PRO H 248 36.53 -37.66 -34.19
C PRO H 248 37.85 -38.39 -34.41
N MET H 249 38.78 -37.75 -35.13
CA MET H 249 40.07 -38.36 -35.40
C MET H 249 41.20 -37.33 -35.26
N GLY H 250 42.37 -37.80 -34.85
CA GLY H 250 43.49 -36.92 -34.62
C GLY H 250 44.27 -36.42 -35.83
N ARG H 251 45.35 -35.70 -35.55
CA ARG H 251 46.21 -35.13 -36.57
C ARG H 251 46.96 -36.15 -37.40
N GLY H 252 47.06 -35.86 -38.70
CA GLY H 252 47.76 -36.74 -39.63
C GLY H 252 47.08 -38.05 -39.91
N THR H 253 45.75 -38.08 -39.79
CA THR H 253 45.01 -39.31 -40.04
C THR H 253 44.95 -39.64 -41.52
N PRO H 254 45.48 -40.80 -41.90
CA PRO H 254 45.50 -41.28 -43.28
C PRO H 254 44.18 -41.96 -43.60
N TYR H 255 43.90 -42.13 -44.90
CA TYR H 255 42.65 -42.76 -45.30
C TYR H 255 42.48 -44.16 -44.71
N SER H 256 43.59 -44.85 -44.45
CA SER H 256 43.53 -46.19 -43.90
C SER H 256 42.72 -46.19 -42.61
N VAL H 257 42.91 -45.17 -41.78
CA VAL H 257 42.18 -45.08 -40.52
C VAL H 257 40.78 -44.50 -40.75
N TRP H 258 40.75 -43.37 -41.45
CA TRP H 258 39.51 -42.68 -41.76
C TRP H 258 38.51 -43.64 -42.39
N GLY H 259 39.00 -44.48 -43.29
CA GLY H 259 38.14 -45.45 -43.96
C GLY H 259 37.46 -46.42 -43.01
N GLU H 260 38.10 -46.73 -41.90
CA GLU H 260 37.52 -47.65 -40.93
C GLU H 260 36.34 -46.97 -40.26
N ALA H 261 36.48 -45.69 -39.96
CA ALA H 261 35.41 -44.95 -39.32
C ALA H 261 34.20 -44.92 -40.24
N LEU H 262 34.44 -44.78 -41.54
CA LEU H 262 33.38 -44.74 -42.53
C LEU H 262 32.60 -46.05 -42.50
N THR H 263 33.33 -47.15 -42.49
CA THR H 263 32.73 -48.48 -42.47
C THR H 263 31.81 -48.65 -41.25
N ASP H 264 32.31 -48.32 -40.07
CA ASP H 264 31.48 -48.44 -38.87
C ASP H 264 30.25 -47.53 -38.95
N SER H 265 30.44 -46.31 -39.45
CA SER H 265 29.31 -45.39 -39.55
C SER H 265 28.24 -45.96 -40.49
N LEU H 266 28.68 -46.63 -41.56
CA LEU H 266 27.75 -47.22 -42.51
C LEU H 266 27.05 -48.44 -41.90
N LYS H 267 27.72 -49.13 -40.99
CA LYS H 267 27.12 -50.29 -40.34
C LYS H 267 25.97 -49.81 -39.47
N ARG H 268 26.19 -48.70 -38.76
CA ARG H 268 25.16 -48.16 -37.87
C ARG H 268 23.98 -47.64 -38.68
N ILE H 269 24.29 -46.93 -39.76
CA ILE H 269 23.26 -46.38 -40.64
C ILE H 269 22.41 -47.52 -41.21
N ALA H 270 23.06 -48.61 -41.60
CA ALA H 270 22.37 -49.75 -42.15
C ALA H 270 21.47 -50.42 -41.09
N ALA H 271 22.00 -50.58 -39.88
CA ALA H 271 21.26 -51.19 -38.77
C ALA H 271 20.14 -50.28 -38.30
N PHE H 272 20.18 -49.01 -38.71
CA PHE H 272 19.16 -48.02 -38.35
C PHE H 272 17.98 -48.14 -39.29
N GLY H 273 18.24 -48.63 -40.51
CA GLY H 273 17.19 -48.81 -41.49
C GLY H 273 16.97 -47.61 -42.39
N ALA H 274 18.05 -46.91 -42.72
CA ALA H 274 17.96 -45.73 -43.58
C ALA H 274 17.52 -46.08 -44.99
N GLU H 275 16.50 -45.40 -45.47
CA GLU H 275 15.97 -45.63 -46.80
C GLU H 275 16.73 -44.82 -47.84
N ALA H 276 17.56 -43.90 -47.36
CA ALA H 276 18.36 -43.05 -48.24
C ALA H 276 19.36 -42.32 -47.37
N ILE H 277 20.55 -42.09 -47.93
CA ILE H 277 21.61 -41.40 -47.20
C ILE H 277 21.94 -40.07 -47.84
N VAL H 278 21.87 -39.01 -47.05
CA VAL H 278 22.22 -37.67 -47.53
C VAL H 278 23.68 -37.50 -47.13
N VAL H 279 24.54 -37.27 -48.11
CA VAL H 279 25.96 -37.11 -47.86
C VAL H 279 26.42 -35.67 -47.83
N SER H 280 26.79 -35.17 -46.66
CA SER H 280 27.29 -33.80 -46.53
C SER H 280 28.74 -33.90 -46.99
N LEU H 281 28.99 -33.61 -48.25
CA LEU H 281 30.32 -33.72 -48.81
C LEU H 281 31.22 -32.50 -48.64
N GLY H 282 32.36 -32.71 -48.01
CA GLY H 282 33.32 -31.65 -47.82
C GLY H 282 34.65 -32.24 -48.21
N VAL H 283 35.39 -31.56 -49.08
CA VAL H 283 36.68 -32.09 -49.48
C VAL H 283 37.85 -31.44 -48.75
N ASP H 284 37.58 -30.76 -47.64
CA ASP H 284 38.69 -30.17 -46.90
C ASP H 284 39.46 -31.24 -46.12
N THR H 285 39.13 -32.50 -46.37
CA THR H 285 39.84 -33.60 -45.73
C THR H 285 41.10 -33.86 -46.53
N PHE H 286 41.20 -33.21 -47.69
CA PHE H 286 42.35 -33.34 -48.61
C PHE H 286 43.66 -32.92 -47.95
N GLU H 287 44.69 -33.75 -48.09
CA GLU H 287 46.00 -33.48 -47.50
C GLU H 287 46.55 -32.09 -47.81
N GLN H 288 46.41 -31.65 -49.06
CA GLN H 288 46.89 -30.34 -49.45
C GLN H 288 45.97 -29.17 -49.07
N ASP H 289 44.83 -29.47 -48.44
CA ASP H 289 43.91 -28.42 -48.01
C ASP H 289 44.52 -27.80 -46.76
N PRO H 290 44.81 -26.49 -46.79
CA PRO H 290 45.40 -25.79 -45.64
C PRO H 290 44.68 -25.95 -44.30
N ILE H 291 43.38 -25.66 -44.28
CA ILE H 291 42.60 -25.75 -43.06
C ILE H 291 42.17 -27.19 -42.79
N SER H 292 43.13 -28.04 -42.43
CA SER H 292 42.85 -29.44 -42.15
C SER H 292 44.09 -30.22 -41.79
N PHE H 293 43.94 -31.22 -40.95
CA PHE H 293 45.09 -32.03 -40.58
C PHE H 293 44.91 -33.49 -40.93
N PHE H 294 43.98 -33.77 -41.84
CA PHE H 294 43.77 -35.15 -42.29
C PHE H 294 44.58 -35.32 -43.55
N LYS H 295 44.96 -36.55 -43.87
CA LYS H 295 45.74 -36.77 -45.07
C LYS H 295 45.13 -37.73 -46.09
N LEU H 296 44.10 -37.25 -46.76
CA LEU H 296 43.43 -38.04 -47.80
C LEU H 296 43.90 -37.51 -49.15
N THR H 297 44.09 -38.42 -50.10
CA THR H 297 44.54 -38.06 -51.43
C THR H 297 43.38 -38.08 -52.41
N SER H 298 43.57 -37.47 -53.56
CA SER H 298 42.52 -37.41 -54.56
C SER H 298 41.92 -38.77 -54.88
N PRO H 299 42.76 -39.80 -55.06
CA PRO H 299 42.22 -41.12 -55.38
C PRO H 299 41.34 -41.71 -54.27
N ASP H 300 41.59 -41.30 -53.03
CA ASP H 300 40.79 -41.80 -51.91
C ASP H 300 39.32 -41.41 -52.02
N TYR H 301 39.06 -40.27 -52.66
CA TYR H 301 37.70 -39.80 -52.81
C TYR H 301 36.91 -40.72 -53.73
N ILE H 302 37.59 -41.44 -54.61
CA ILE H 302 36.91 -42.36 -55.51
C ILE H 302 36.44 -43.57 -54.70
N THR H 303 37.29 -44.01 -53.76
CA THR H 303 36.98 -45.14 -52.88
C THR H 303 35.81 -44.81 -51.97
N MET H 304 35.89 -43.63 -51.38
CA MET H 304 34.88 -43.09 -50.48
C MET H 304 33.51 -43.18 -51.14
N GLY H 305 33.41 -42.59 -52.32
CA GLY H 305 32.17 -42.58 -53.06
C GLY H 305 31.64 -43.98 -53.32
N ARG H 306 32.52 -44.86 -53.78
CA ARG H 306 32.15 -46.25 -54.07
C ARG H 306 31.68 -46.96 -52.81
N THR H 307 32.41 -46.78 -51.71
CA THR H 307 32.06 -47.42 -50.45
C THR H 307 30.68 -46.99 -49.94
N ILE H 308 30.43 -45.69 -49.94
CA ILE H 308 29.15 -45.15 -49.48
C ILE H 308 28.02 -45.66 -50.37
N ALA H 309 28.23 -45.56 -51.69
CA ALA H 309 27.23 -46.02 -52.64
C ALA H 309 26.97 -47.51 -52.45
N ALA H 310 27.99 -48.25 -52.02
CA ALA H 310 27.87 -49.68 -51.80
C ALA H 310 26.85 -50.02 -50.72
N SER H 311 26.33 -49.01 -50.04
CA SER H 311 25.33 -49.22 -49.00
C SER H 311 24.04 -49.72 -49.61
N GLY H 312 23.91 -49.57 -50.92
CA GLY H 312 22.72 -50.05 -51.60
C GLY H 312 21.57 -49.05 -51.68
N VAL H 313 21.41 -48.20 -50.68
CA VAL H 313 20.32 -47.23 -50.69
C VAL H 313 20.70 -45.98 -51.48
N PRO H 314 19.69 -45.25 -51.99
CA PRO H 314 19.90 -44.01 -52.77
C PRO H 314 20.74 -42.99 -52.01
N LEU H 315 21.47 -42.16 -52.74
CA LEU H 315 22.32 -41.14 -52.11
C LEU H 315 22.08 -39.75 -52.68
N LEU H 316 22.11 -38.75 -51.82
CA LEU H 316 21.98 -37.37 -52.27
C LEU H 316 23.21 -36.64 -51.74
N VAL H 317 24.15 -36.31 -52.64
CA VAL H 317 25.36 -35.62 -52.24
C VAL H 317 25.09 -34.12 -52.17
N VAL H 318 25.42 -33.53 -51.01
CA VAL H 318 25.23 -32.10 -50.76
C VAL H 318 26.58 -31.45 -50.49
N MET H 319 26.91 -30.43 -51.27
CA MET H 319 28.19 -29.76 -51.12
C MET H 319 28.34 -29.00 -49.80
N GLU H 320 29.48 -29.18 -49.15
CA GLU H 320 29.78 -28.48 -47.91
C GLU H 320 31.11 -27.73 -48.08
N GLY H 321 32.04 -27.94 -47.15
CA GLY H 321 33.31 -27.23 -47.23
C GLY H 321 34.39 -27.74 -48.18
N GLY H 322 35.54 -27.08 -48.12
CA GLY H 322 36.65 -27.43 -48.99
C GLY H 322 37.33 -26.13 -49.38
N TYR H 323 38.54 -25.92 -48.85
CA TYR H 323 39.29 -24.71 -49.13
C TYR H 323 39.43 -24.51 -50.63
N GLY H 324 39.62 -23.26 -51.03
CA GLY H 324 39.76 -22.94 -52.44
C GLY H 324 41.11 -23.31 -53.04
N VAL H 325 41.36 -24.61 -53.19
CA VAL H 325 42.59 -25.08 -53.78
C VAL H 325 42.26 -25.55 -55.18
N PRO H 326 43.24 -25.48 -56.09
CA PRO H 326 43.04 -25.90 -57.49
C PRO H 326 42.43 -27.29 -57.64
N GLU H 327 42.67 -28.17 -56.68
CA GLU H 327 42.14 -29.53 -56.77
C GLU H 327 40.76 -29.75 -56.16
N ILE H 328 40.16 -28.71 -55.59
CA ILE H 328 38.86 -28.83 -54.95
C ILE H 328 37.84 -29.49 -55.89
N GLY H 329 37.86 -29.08 -57.15
CA GLY H 329 36.96 -29.64 -58.14
C GLY H 329 37.25 -31.09 -58.49
N LEU H 330 38.52 -31.44 -58.58
CA LEU H 330 38.88 -32.82 -58.91
C LEU H 330 38.41 -33.76 -57.81
N ASN H 331 38.69 -33.41 -56.56
CA ASN H 331 38.30 -34.25 -55.44
C ASN H 331 36.78 -34.46 -55.38
N VAL H 332 36.04 -33.38 -55.56
CA VAL H 332 34.58 -33.47 -55.54
C VAL H 332 34.12 -34.39 -56.68
N ALA H 333 34.68 -34.18 -57.87
CA ALA H 333 34.35 -34.98 -59.03
C ALA H 333 34.66 -36.45 -58.77
N ASN H 334 35.78 -36.70 -58.08
CA ASN H 334 36.17 -38.06 -57.77
C ASN H 334 35.17 -38.79 -56.88
N VAL H 335 34.54 -38.06 -55.96
CA VAL H 335 33.56 -38.65 -55.06
C VAL H 335 32.38 -39.14 -55.90
N LEU H 336 31.96 -38.31 -56.86
CA LEU H 336 30.84 -38.65 -57.73
C LEU H 336 31.18 -39.84 -58.63
N LYS H 337 32.44 -39.90 -59.08
CA LYS H 337 32.89 -41.01 -59.92
C LYS H 337 32.72 -42.34 -59.19
N GLY H 338 33.18 -42.39 -57.95
CA GLY H 338 33.05 -43.61 -57.18
C GLY H 338 31.58 -43.97 -56.96
N VAL H 339 30.76 -42.96 -56.70
CA VAL H 339 29.33 -43.17 -56.49
C VAL H 339 28.66 -43.66 -57.76
N ALA H 340 28.91 -42.96 -58.87
CA ALA H 340 28.33 -43.32 -60.16
C ALA H 340 28.67 -44.76 -60.52
N GLY H 341 29.81 -45.21 -60.02
CA GLY H 341 30.23 -46.57 -60.30
C GLY H 341 30.76 -46.73 -61.71
N MET I 1 64.03 -43.62 -3.21
CA MET I 1 63.12 -42.45 -3.33
C MET I 1 63.14 -41.66 -2.04
N ARG I 2 63.08 -40.35 -2.17
CA ARG I 2 63.10 -39.48 -1.01
C ARG I 2 61.76 -39.61 -0.27
N VAL I 3 61.75 -39.25 1.01
CA VAL I 3 60.54 -39.31 1.82
C VAL I 3 60.27 -37.95 2.45
N ILE I 4 59.09 -37.42 2.21
CA ILE I 4 58.71 -36.13 2.78
C ILE I 4 57.89 -36.39 4.02
N PHE I 5 58.37 -35.91 5.16
CA PHE I 5 57.68 -36.11 6.41
C PHE I 5 57.80 -34.92 7.33
N SER I 6 56.68 -34.54 7.92
CA SER I 6 56.62 -33.41 8.85
C SER I 6 56.27 -33.89 10.24
N GLU I 7 56.97 -33.35 11.23
CA GLU I 7 56.73 -33.69 12.62
C GLU I 7 55.45 -33.03 13.14
N ASP I 8 55.00 -31.97 12.47
CA ASP I 8 53.78 -31.25 12.90
C ASP I 8 52.53 -32.09 12.77
N HIS I 9 52.67 -33.29 12.21
CA HIS I 9 51.52 -34.15 12.07
C HIS I 9 51.01 -34.46 13.48
N LYS I 10 51.89 -34.39 14.46
CA LYS I 10 51.53 -34.66 15.85
C LYS I 10 50.58 -33.58 16.40
N LEU I 11 50.51 -32.45 15.71
CA LEU I 11 49.63 -31.36 16.15
C LEU I 11 48.18 -31.84 16.07
N ARG I 12 47.93 -32.87 15.29
CA ARG I 12 46.60 -33.46 15.16
C ARG I 12 46.58 -34.67 16.08
N ASN I 13 46.06 -34.47 17.28
CA ASN I 13 46.00 -35.56 18.25
C ASN I 13 44.65 -35.60 18.96
N ALA I 14 43.60 -35.81 18.18
CA ALA I 14 42.23 -35.87 18.70
C ALA I 14 42.12 -36.93 19.79
N LYS I 15 41.31 -36.64 20.80
CA LYS I 15 41.13 -37.57 21.92
C LYS I 15 39.90 -38.45 21.75
N THR I 16 39.02 -38.11 20.81
CA THR I 16 37.82 -38.91 20.62
C THR I 16 37.39 -39.14 19.17
N GLU I 17 36.76 -40.29 18.95
CA GLU I 17 36.23 -40.64 17.66
C GLU I 17 34.92 -41.35 17.95
N LEU I 18 33.88 -40.98 17.22
CA LEU I 18 32.59 -41.60 17.43
C LEU I 18 32.59 -42.91 16.66
N TYR I 19 32.53 -44.02 17.39
CA TYR I 19 32.55 -45.35 16.76
C TYR I 19 31.75 -46.36 17.57
N GLY I 20 30.81 -47.02 16.90
CA GLY I 20 29.99 -48.02 17.57
C GLY I 20 29.13 -47.42 18.65
N GLY I 21 28.77 -46.15 18.49
CA GLY I 21 27.93 -45.49 19.47
C GLY I 21 28.69 -44.94 20.67
N GLU I 22 30.01 -45.04 20.64
CA GLU I 22 30.83 -44.53 21.75
C GLU I 22 31.93 -43.63 21.25
N LEU I 23 32.47 -42.83 22.17
CA LEU I 23 33.56 -41.92 21.85
C LEU I 23 34.85 -42.59 22.33
N VAL I 24 35.48 -43.36 21.44
CA VAL I 24 36.69 -44.08 21.76
C VAL I 24 37.93 -43.37 21.23
N PRO I 25 39.14 -43.82 21.64
CA PRO I 25 40.38 -43.18 21.16
C PRO I 25 40.48 -43.32 19.65
N PRO I 26 40.85 -42.24 18.95
CA PRO I 26 40.96 -42.24 17.48
C PRO I 26 41.81 -43.35 16.85
N PHE I 27 41.26 -43.99 15.83
CA PHE I 27 41.96 -45.06 15.09
C PHE I 27 43.14 -44.40 14.37
N GLU I 28 42.93 -43.17 13.93
CA GLU I 28 43.96 -42.45 13.23
C GLU I 28 44.81 -41.63 14.23
N ALA I 29 45.63 -42.32 15.00
CA ALA I 29 46.47 -41.68 16.00
C ALA I 29 47.90 -41.42 15.53
N PRO I 30 48.61 -40.47 16.16
CA PRO I 30 50.00 -40.13 15.81
C PRO I 30 50.97 -41.30 15.69
N PHE I 31 50.73 -42.38 16.43
CA PHE I 31 51.65 -43.51 16.37
C PHE I 31 51.71 -44.19 15.01
N ARG I 32 50.71 -43.92 14.16
CA ARG I 32 50.69 -44.50 12.82
C ARG I 32 51.87 -43.97 12.01
N ALA I 33 52.10 -42.66 12.07
CA ALA I 33 53.19 -42.06 11.33
C ALA I 33 54.51 -42.54 11.90
N GLU I 34 54.59 -42.64 13.22
CA GLU I 34 55.81 -43.08 13.89
C GLU I 34 56.19 -44.50 13.42
N TRP I 35 55.21 -45.40 13.43
CA TRP I 35 55.44 -46.78 13.01
C TRP I 35 55.82 -46.92 11.54
N ILE I 36 55.09 -46.22 10.68
CA ILE I 36 55.34 -46.25 9.25
C ILE I 36 56.70 -45.64 8.92
N LEU I 37 57.02 -44.52 9.53
CA LEU I 37 58.29 -43.84 9.29
C LEU I 37 59.43 -44.79 9.65
N ALA I 38 59.32 -45.43 10.81
CA ALA I 38 60.35 -46.35 11.27
C ALA I 38 60.58 -47.51 10.30
N ALA I 39 59.49 -48.04 9.75
CA ALA I 39 59.57 -49.16 8.82
C ALA I 39 60.19 -48.81 7.46
N VAL I 40 59.89 -47.63 6.93
CA VAL I 40 60.45 -47.24 5.63
C VAL I 40 61.95 -47.04 5.76
N LYS I 41 62.37 -46.42 6.87
CA LYS I 41 63.79 -46.19 7.12
C LYS I 41 64.46 -47.57 7.21
N GLU I 42 63.79 -48.47 7.92
CA GLU I 42 64.24 -49.84 8.11
C GLU I 42 64.38 -50.56 6.77
N ALA I 43 63.51 -50.21 5.84
CA ALA I 43 63.53 -50.84 4.51
C ALA I 43 64.53 -50.16 3.60
N GLY I 44 65.34 -49.26 4.16
CA GLY I 44 66.34 -48.57 3.36
C GLY I 44 65.99 -47.16 2.93
N PHE I 45 64.75 -46.77 3.13
CA PHE I 45 64.33 -45.44 2.74
C PHE I 45 64.56 -44.48 3.91
N ASP I 46 65.83 -44.24 4.20
CA ASP I 46 66.21 -43.38 5.31
C ASP I 46 66.40 -41.90 4.94
N ASP I 47 66.23 -41.56 3.67
CA ASP I 47 66.37 -40.16 3.23
C ASP I 47 65.05 -39.43 3.42
N VAL I 48 64.82 -38.98 4.66
CA VAL I 48 63.61 -38.26 5.04
C VAL I 48 63.87 -36.77 5.14
N VAL I 49 63.10 -35.96 4.42
CA VAL I 49 63.28 -34.52 4.49
C VAL I 49 61.98 -33.87 4.95
N ALA I 50 62.09 -32.73 5.64
CA ALA I 50 60.90 -32.03 6.10
C ALA I 50 60.40 -31.18 4.94
N PRO I 51 59.09 -30.90 4.90
CA PRO I 51 58.54 -30.09 3.82
C PRO I 51 58.89 -28.62 3.97
N ALA I 52 58.95 -27.91 2.85
CA ALA I 52 59.25 -26.49 2.89
C ALA I 52 57.94 -25.76 3.14
N ARG I 53 57.97 -24.43 3.04
CA ARG I 53 56.77 -23.63 3.24
C ARG I 53 56.02 -23.41 1.93
N HIS I 54 54.69 -23.45 2.01
CA HIS I 54 53.84 -23.27 0.84
C HIS I 54 52.61 -22.45 1.16
N GLY I 55 52.10 -21.74 0.16
CA GLY I 55 50.91 -20.93 0.34
C GLY I 55 49.65 -21.74 0.09
N LEU I 56 48.52 -21.04 -0.04
CA LEU I 56 47.25 -21.71 -0.27
C LEU I 56 46.88 -21.76 -1.75
N GLU I 57 47.74 -21.18 -2.59
CA GLU I 57 47.49 -21.13 -4.03
C GLU I 57 47.17 -22.49 -4.65
N THR I 58 47.95 -23.51 -4.32
CA THR I 58 47.69 -24.83 -4.88
C THR I 58 46.38 -25.40 -4.38
N VAL I 59 46.23 -25.47 -3.07
CA VAL I 59 45.02 -26.04 -2.47
C VAL I 59 43.73 -25.29 -2.86
N LEU I 60 43.85 -24.00 -3.15
CA LEU I 60 42.69 -23.20 -3.55
C LEU I 60 42.16 -23.54 -4.94
N LYS I 61 42.78 -24.53 -5.58
CA LYS I 61 42.32 -24.94 -6.90
C LYS I 61 41.58 -26.27 -6.80
N VAL I 62 41.58 -26.87 -5.61
CA VAL I 62 40.87 -28.14 -5.44
C VAL I 62 39.85 -28.12 -4.30
N HIS I 63 39.97 -27.16 -3.39
CA HIS I 63 39.07 -27.01 -2.27
C HIS I 63 38.41 -25.64 -2.28
N ASP I 64 37.16 -25.60 -1.82
CA ASP I 64 36.37 -24.36 -1.74
C ASP I 64 37.03 -23.42 -0.70
N ALA I 65 37.10 -22.13 -1.01
CA ALA I 65 37.70 -21.16 -0.10
C ALA I 65 36.92 -21.00 1.21
N GLY I 66 35.60 -21.17 1.12
CA GLY I 66 34.77 -21.05 2.30
C GLY I 66 35.10 -22.20 3.24
N TYR I 67 35.27 -23.38 2.64
CA TYR I 67 35.60 -24.58 3.38
C TYR I 67 36.95 -24.40 4.10
N LEU I 68 37.96 -23.92 3.38
CA LEU I 68 39.26 -23.72 4.03
C LEU I 68 39.18 -22.68 5.13
N ASN I 69 38.47 -21.59 4.88
CA ASN I 69 38.34 -20.56 5.91
C ASN I 69 37.68 -21.19 7.15
N PHE I 70 36.71 -22.07 6.94
CA PHE I 70 36.02 -22.74 8.03
C PHE I 70 36.96 -23.58 8.90
N LEU I 71 37.82 -24.37 8.26
CA LEU I 71 38.74 -25.22 8.99
C LEU I 71 39.75 -24.44 9.81
N GLU I 72 40.26 -23.35 9.27
CA GLU I 72 41.25 -22.57 9.98
C GLU I 72 40.76 -22.04 11.32
N THR I 73 39.46 -21.73 11.41
CA THR I 73 38.91 -21.20 12.66
C THR I 73 37.86 -22.08 13.34
N ALA I 74 37.60 -23.24 12.77
CA ALA I 74 36.60 -24.13 13.35
C ALA I 74 36.79 -24.35 14.84
N TRP I 75 37.96 -24.83 15.25
CA TRP I 75 38.20 -25.10 16.65
C TRP I 75 37.99 -23.90 17.57
N ASP I 76 38.63 -22.78 17.25
CA ASP I 76 38.47 -21.58 18.07
C ASP I 76 37.01 -21.26 18.33
N ARG I 77 36.21 -21.24 17.27
CA ARG I 77 34.79 -20.92 17.39
C ARG I 77 34.04 -21.94 18.23
N TRP I 78 34.33 -23.22 18.03
CA TRP I 78 33.68 -24.26 18.79
C TRP I 78 33.91 -24.05 20.28
N LYS I 79 35.16 -23.78 20.65
CA LYS I 79 35.49 -23.55 22.05
C LYS I 79 34.83 -22.27 22.55
N ALA I 80 34.80 -21.24 21.70
CA ALA I 80 34.17 -19.98 22.08
C ALA I 80 32.68 -20.20 22.39
N ALA I 81 32.06 -21.15 21.71
CA ALA I 81 30.65 -21.43 21.91
C ALA I 81 30.36 -22.09 23.27
N GLY I 82 31.42 -22.48 23.98
CA GLY I 82 31.23 -23.09 25.30
C GLY I 82 31.10 -24.60 25.35
N TYR I 83 31.31 -25.27 24.22
CA TYR I 83 31.20 -26.73 24.22
C TYR I 83 32.37 -27.36 24.94
N LYS I 84 32.10 -28.44 25.65
CA LYS I 84 33.11 -29.12 26.45
C LYS I 84 33.94 -30.16 25.71
N GLY I 85 33.33 -30.87 24.77
CA GLY I 85 34.06 -31.89 24.03
C GLY I 85 34.79 -31.36 22.81
N GLU I 86 35.18 -32.25 21.92
CA GLU I 86 35.84 -31.85 20.69
C GLU I 86 34.75 -31.44 19.69
N ALA I 87 35.11 -30.69 18.65
CA ALA I 87 34.14 -30.25 17.66
C ALA I 87 33.65 -31.41 16.79
N ILE I 88 32.37 -31.79 16.99
CA ILE I 88 31.75 -32.88 16.24
C ILE I 88 30.35 -32.48 15.70
N ALA I 89 30.15 -32.65 14.40
CA ALA I 89 28.86 -32.29 13.78
C ALA I 89 27.76 -33.32 14.09
N THR I 90 26.54 -32.83 14.28
CA THR I 90 25.41 -33.70 14.58
C THR I 90 24.21 -33.46 13.67
N SER I 91 24.25 -32.38 12.88
CA SER I 91 23.15 -32.06 11.98
C SER I 91 23.73 -31.95 10.58
N PHE I 92 23.11 -32.60 9.60
CA PHE I 92 23.68 -32.56 8.25
C PHE I 92 22.77 -32.18 7.09
N PRO I 93 23.32 -31.50 6.08
CA PRO I 93 22.50 -31.12 4.94
C PRO I 93 22.29 -32.35 4.06
N VAL I 94 21.31 -33.18 4.39
CA VAL I 94 21.04 -34.38 3.60
C VAL I 94 19.98 -34.17 2.51
N ARG I 95 19.26 -35.24 2.19
CA ARG I 95 18.24 -35.19 1.14
C ARG I 95 17.20 -34.08 1.26
N ARG I 96 16.88 -33.50 0.11
CA ARG I 96 15.88 -32.48 0.02
C ARG I 96 16.05 -31.35 1.04
N THR I 97 17.28 -30.84 1.17
CA THR I 97 17.55 -29.74 2.09
C THR I 97 17.98 -28.51 1.32
N SER I 98 17.95 -27.38 2.01
CA SER I 98 18.35 -26.10 1.44
C SER I 98 19.84 -26.11 1.11
N PRO I 99 20.25 -25.32 0.11
CA PRO I 99 21.66 -25.26 -0.24
C PRO I 99 22.33 -24.12 0.52
N ARG I 100 21.54 -23.34 1.25
CA ARG I 100 22.07 -22.22 2.02
C ARG I 100 23.08 -22.61 3.10
N ILE I 101 24.00 -21.70 3.39
CA ILE I 101 25.03 -21.96 4.39
C ILE I 101 24.71 -21.29 5.73
N PRO I 102 24.70 -22.07 6.82
CA PRO I 102 24.41 -21.50 8.14
C PRO I 102 25.48 -20.49 8.52
N THR I 103 25.24 -19.74 9.58
CA THR I 103 26.20 -18.74 10.01
C THR I 103 26.91 -19.15 11.32
N ASP I 104 26.18 -19.75 12.26
CA ASP I 104 26.79 -20.16 13.51
C ASP I 104 27.75 -21.33 13.34
N ILE I 105 28.58 -21.59 14.34
CA ILE I 105 29.54 -22.67 14.24
C ILE I 105 28.88 -24.05 14.18
N GLU I 106 27.81 -24.24 14.94
CA GLU I 106 27.11 -25.52 14.96
C GLU I 106 26.58 -25.86 13.56
N GLY I 107 25.95 -24.89 12.93
CA GLY I 107 25.41 -25.10 11.60
C GLY I 107 26.49 -25.30 10.55
N GLN I 108 27.54 -24.50 10.63
CA GLN I 108 28.61 -24.61 9.65
C GLN I 108 29.38 -25.92 9.75
N ILE I 109 29.61 -26.43 10.95
CA ILE I 109 30.37 -27.66 11.03
C ILE I 109 29.61 -28.79 10.37
N GLY I 110 28.29 -28.78 10.49
CA GLY I 110 27.49 -29.82 9.85
C GLY I 110 27.49 -29.62 8.34
N TYR I 111 27.39 -28.36 7.91
CA TYR I 111 27.36 -28.06 6.49
C TYR I 111 28.63 -28.51 5.77
N TYR I 112 29.77 -28.35 6.45
CA TYR I 112 31.07 -28.71 5.91
C TYR I 112 31.57 -30.12 6.28
N CYS I 113 30.66 -31.00 6.69
CA CYS I 113 31.04 -32.35 7.11
C CYS I 113 30.23 -33.45 6.45
N ASN I 114 30.89 -34.54 6.12
CA ASN I 114 30.20 -35.68 5.51
C ASN I 114 30.23 -36.88 6.45
N ALA I 115 31.03 -36.78 7.50
CA ALA I 115 31.15 -37.88 8.47
C ALA I 115 31.35 -37.41 9.91
N ALA I 116 30.44 -37.80 10.78
CA ALA I 116 30.50 -37.42 12.19
C ALA I 116 31.48 -38.21 13.06
N GLU I 117 32.17 -39.19 12.50
CA GLU I 117 33.12 -39.92 13.32
C GLU I 117 34.45 -39.17 13.36
N THR I 118 34.51 -38.05 12.66
CA THR I 118 35.74 -37.24 12.64
C THR I 118 35.54 -35.96 13.43
N ALA I 119 36.34 -35.80 14.47
CA ALA I 119 36.27 -34.63 15.32
C ALA I 119 37.39 -33.64 15.07
N ILE I 120 37.07 -32.35 15.07
CA ILE I 120 38.08 -31.31 14.88
C ILE I 120 38.61 -31.02 16.28
N SER I 121 39.92 -31.08 16.42
CA SER I 121 40.57 -30.84 17.70
C SER I 121 41.61 -29.73 17.58
N PRO I 122 42.15 -29.26 18.72
CA PRO I 122 43.15 -28.19 18.67
C PRO I 122 44.35 -28.65 17.83
N GLY I 123 44.83 -27.78 16.96
CA GLY I 123 45.97 -28.14 16.13
C GLY I 123 45.67 -28.95 14.88
N THR I 124 44.39 -29.28 14.66
CA THR I 124 44.03 -30.03 13.48
C THR I 124 44.37 -29.25 12.22
N TRP I 125 44.04 -27.96 12.21
CA TRP I 125 44.33 -27.12 11.04
C TRP I 125 45.81 -27.11 10.71
N GLU I 126 46.65 -26.74 11.67
CA GLU I 126 48.10 -26.71 11.44
C GLU I 126 48.62 -28.06 10.92
N ALA I 127 48.17 -29.15 11.54
CA ALA I 127 48.59 -30.48 11.12
C ALA I 127 48.21 -30.74 9.67
N ALA I 128 46.98 -30.39 9.30
CA ALA I 128 46.52 -30.60 7.94
C ALA I 128 47.36 -29.80 6.96
N LEU I 129 47.84 -28.63 7.37
CA LEU I 129 48.67 -27.82 6.49
C LEU I 129 50.05 -28.46 6.27
N SER I 130 50.63 -28.99 7.34
CA SER I 130 51.93 -29.64 7.25
C SER I 130 51.82 -30.85 6.32
N SER I 131 50.76 -31.62 6.50
CA SER I 131 50.53 -32.81 5.71
C SER I 131 50.40 -32.44 4.23
N MET I 132 49.67 -31.36 3.97
CA MET I 132 49.50 -30.88 2.59
C MET I 132 50.85 -30.45 2.03
N ALA I 133 51.69 -29.85 2.88
CA ALA I 133 53.01 -29.42 2.46
C ALA I 133 53.85 -30.62 2.03
N SER I 134 53.75 -31.72 2.77
CA SER I 134 54.49 -32.92 2.41
C SER I 134 54.06 -33.44 1.04
N ALA I 135 52.78 -33.31 0.72
CA ALA I 135 52.28 -33.77 -0.57
C ALA I 135 52.75 -32.84 -1.69
N ILE I 136 52.79 -31.55 -1.40
CA ILE I 136 53.24 -30.60 -2.41
C ILE I 136 54.71 -30.81 -2.74
N ASP I 137 55.52 -31.05 -1.70
CA ASP I 137 56.96 -31.27 -1.91
C ASP I 137 57.21 -32.56 -2.69
N GLY I 138 56.45 -33.60 -2.40
CA GLY I 138 56.62 -34.85 -3.12
C GLY I 138 56.32 -34.63 -4.59
N ALA I 139 55.32 -33.80 -4.87
CA ALA I 139 54.97 -33.52 -6.26
C ALA I 139 56.12 -32.78 -6.93
N ASP I 140 56.70 -31.82 -6.23
CA ASP I 140 57.81 -31.08 -6.82
C ASP I 140 58.97 -32.02 -7.18
N LEU I 141 59.23 -33.03 -6.35
CA LEU I 141 60.31 -33.96 -6.68
C LEU I 141 60.00 -34.63 -8.01
N ILE I 142 58.78 -35.12 -8.14
CA ILE I 142 58.33 -35.76 -9.37
C ILE I 142 58.43 -34.79 -10.53
N ALA I 143 57.98 -33.55 -10.31
CA ALA I 143 58.03 -32.53 -11.35
C ALA I 143 59.46 -32.22 -11.73
N ALA I 144 60.37 -32.45 -10.78
CA ALA I 144 61.78 -32.19 -10.99
C ALA I 144 62.47 -33.29 -11.81
N GLY I 145 61.83 -34.43 -11.95
CA GLY I 145 62.42 -35.50 -12.72
C GLY I 145 62.58 -36.83 -12.00
N HIS I 146 62.40 -36.85 -10.68
CA HIS I 146 62.54 -38.09 -9.92
C HIS I 146 61.45 -39.09 -10.35
N LYS I 147 61.79 -40.37 -10.33
CA LYS I 147 60.84 -41.39 -10.74
C LYS I 147 59.82 -41.79 -9.66
N ALA I 148 60.22 -41.70 -8.40
CA ALA I 148 59.33 -42.06 -7.30
C ALA I 148 59.56 -41.14 -6.12
N ALA I 149 58.58 -41.08 -5.23
CA ALA I 149 58.67 -40.26 -4.03
C ALA I 149 57.54 -40.64 -3.09
N PHE I 150 57.79 -40.53 -1.79
CA PHE I 150 56.79 -40.89 -0.80
C PHE I 150 56.49 -39.75 0.17
N SER I 151 55.25 -39.30 0.17
CA SER I 151 54.83 -38.24 1.08
C SER I 151 54.10 -38.93 2.22
N LEU I 152 54.77 -39.02 3.37
CA LEU I 152 54.18 -39.66 4.53
C LEU I 152 53.20 -38.66 5.12
N CYS I 153 52.01 -38.58 4.54
CA CYS I 153 50.99 -37.67 5.02
C CYS I 153 50.22 -38.15 6.23
N ARG I 154 49.89 -37.18 7.09
CA ARG I 154 49.08 -37.40 8.27
C ARG I 154 48.66 -36.04 8.79
N PRO I 155 47.35 -35.80 8.92
CA PRO I 155 46.26 -36.74 8.62
C PRO I 155 46.10 -37.05 7.13
N PRO I 156 45.37 -38.12 6.82
CA PRO I 156 45.12 -38.54 5.43
C PRO I 156 44.16 -37.56 4.74
N GLY I 157 43.93 -37.73 3.45
CA GLY I 157 43.05 -36.79 2.77
C GLY I 157 42.04 -37.23 1.71
N HIS I 158 42.01 -38.50 1.33
CA HIS I 158 41.10 -38.87 0.26
C HIS I 158 39.59 -38.73 0.57
N HIS I 159 39.22 -38.51 1.84
CA HIS I 159 37.83 -38.35 2.18
C HIS I 159 37.40 -36.90 2.25
N ALA I 160 38.36 -35.99 2.09
CA ALA I 160 38.06 -34.56 2.11
C ALA I 160 37.59 -34.13 0.73
N GLY I 161 36.31 -33.79 0.63
CA GLY I 161 35.73 -33.38 -0.64
C GLY I 161 35.98 -31.91 -0.91
N ILE I 162 35.36 -31.39 -1.98
CA ILE I 162 35.53 -30.00 -2.33
C ILE I 162 35.29 -29.06 -1.14
N ASP I 163 34.18 -29.26 -0.45
CA ASP I 163 33.84 -28.42 0.70
C ASP I 163 33.36 -29.18 1.94
N MET I 164 33.96 -30.33 2.21
CA MET I 164 33.58 -31.12 3.37
C MET I 164 34.70 -32.01 3.92
N PHE I 165 34.75 -32.11 5.25
CA PHE I 165 35.76 -32.95 5.91
C PHE I 165 35.04 -34.19 6.46
N GLY I 166 35.79 -35.27 6.64
CA GLY I 166 35.24 -36.51 7.16
C GLY I 166 36.22 -37.65 7.03
N GLY I 167 35.86 -38.82 7.54
CA GLY I 167 36.76 -39.97 7.48
C GLY I 167 38.21 -39.66 7.87
N TYR I 168 38.40 -38.83 8.90
CA TYR I 168 39.71 -38.44 9.40
C TYR I 168 40.49 -37.54 8.46
N CYS I 169 39.85 -37.03 7.42
CA CYS I 169 40.53 -36.16 6.45
C CYS I 169 40.01 -34.74 6.49
N PHE I 170 40.91 -33.78 6.24
CA PHE I 170 40.54 -32.38 6.24
C PHE I 170 40.95 -31.70 4.94
N ILE I 171 42.16 -32.00 4.48
CA ILE I 171 42.65 -31.45 3.23
C ILE I 171 43.07 -32.62 2.37
N ASN I 172 42.53 -32.69 1.16
CA ASN I 172 42.84 -33.79 0.25
C ASN I 172 44.26 -33.65 -0.29
N ASN I 173 45.19 -34.31 0.39
CA ASN I 173 46.61 -34.26 0.02
C ASN I 173 46.90 -34.75 -1.40
N ALA I 174 46.36 -35.90 -1.77
CA ALA I 174 46.58 -36.43 -3.11
C ALA I 174 46.06 -35.46 -4.17
N ALA I 175 44.92 -34.86 -3.90
CA ALA I 175 44.32 -33.91 -4.84
C ALA I 175 45.23 -32.70 -4.99
N VAL I 176 45.82 -32.26 -3.88
CA VAL I 176 46.71 -31.11 -3.94
C VAL I 176 47.97 -31.49 -4.75
N ALA I 177 48.46 -32.72 -4.55
CA ALA I 177 49.62 -33.19 -5.26
C ALA I 177 49.37 -33.20 -6.76
N ALA I 178 48.26 -33.80 -7.18
CA ALA I 178 47.91 -33.87 -8.59
C ALA I 178 47.77 -32.45 -9.15
N GLN I 179 47.17 -31.56 -8.39
CA GLN I 179 47.02 -30.19 -8.85
C GLN I 179 48.38 -29.54 -8.97
N ARG I 180 49.30 -29.89 -8.08
CA ARG I 180 50.65 -29.32 -8.11
C ARG I 180 51.40 -29.73 -9.40
N LEU I 181 51.25 -30.98 -9.80
CA LEU I 181 51.90 -31.48 -11.01
C LEU I 181 51.40 -30.76 -12.24
N LEU I 182 50.12 -30.39 -12.22
CA LEU I 182 49.53 -29.68 -13.33
C LEU I 182 50.08 -28.26 -13.41
N ASP I 183 50.18 -27.59 -12.26
CA ASP I 183 50.70 -26.23 -12.27
C ASP I 183 52.19 -26.25 -12.61
N LYS I 184 52.83 -27.40 -12.49
CA LYS I 184 54.25 -27.47 -12.80
C LYS I 184 54.51 -27.77 -14.27
N GLY I 185 53.44 -27.97 -15.04
CA GLY I 185 53.61 -28.24 -16.45
C GLY I 185 52.84 -29.42 -17.01
N ALA I 186 52.45 -30.35 -16.17
CA ALA I 186 51.71 -31.51 -16.64
C ALA I 186 50.37 -31.07 -17.22
N LYS I 187 49.82 -31.91 -18.10
CA LYS I 187 48.54 -31.65 -18.73
C LYS I 187 47.53 -32.69 -18.28
N LYS I 188 48.01 -33.89 -17.99
CA LYS I 188 47.15 -34.97 -17.54
C LYS I 188 47.79 -35.75 -16.42
N ILE I 189 47.08 -35.84 -15.30
CA ILE I 189 47.57 -36.59 -14.15
C ILE I 189 46.47 -37.53 -13.68
N ALA I 190 46.87 -38.69 -13.18
CA ALA I 190 45.92 -39.65 -12.69
C ALA I 190 46.18 -39.90 -11.21
N ILE I 191 45.10 -40.12 -10.46
CA ILE I 191 45.19 -40.43 -9.04
C ILE I 191 44.64 -41.84 -8.91
N LEU I 192 45.40 -42.73 -8.29
CA LEU I 192 44.96 -44.11 -8.08
C LEU I 192 44.80 -44.36 -6.59
N ASP I 193 43.59 -44.67 -6.17
CA ASP I 193 43.32 -44.90 -4.75
C ASP I 193 43.27 -46.40 -4.43
N VAL I 194 44.26 -46.88 -3.69
CA VAL I 194 44.32 -48.31 -3.33
C VAL I 194 43.93 -48.54 -1.88
N ASP I 195 43.72 -47.43 -1.18
CA ASP I 195 43.26 -47.44 0.21
C ASP I 195 41.96 -48.30 0.19
N PHE I 196 41.64 -48.98 1.29
CA PHE I 196 40.44 -49.83 1.30
C PHE I 196 39.16 -49.10 1.04
N HIS I 197 39.00 -47.92 1.65
CA HIS I 197 37.78 -47.13 1.49
C HIS I 197 37.80 -46.31 0.21
N HIS I 198 36.64 -46.10 -0.40
CA HIS I 198 36.56 -45.30 -1.61
C HIS I 198 37.05 -43.89 -1.35
N GLY I 199 37.74 -43.31 -2.32
CA GLY I 199 38.21 -41.95 -2.15
C GLY I 199 37.14 -40.99 -2.63
N ASN I 200 36.03 -40.89 -1.88
CA ASN I 200 34.92 -40.03 -2.25
C ASN I 200 35.31 -38.57 -2.30
N GLY I 201 36.20 -38.14 -1.42
CA GLY I 201 36.63 -36.74 -1.43
C GLY I 201 37.35 -36.39 -2.72
N THR I 202 38.26 -37.28 -3.12
CA THR I 202 39.04 -37.09 -4.32
C THR I 202 38.16 -37.13 -5.57
N GLN I 203 37.24 -38.09 -5.60
CA GLN I 203 36.34 -38.23 -6.73
C GLN I 203 35.52 -36.97 -6.92
N ASP I 204 34.99 -36.46 -5.82
CA ASP I 204 34.18 -35.24 -5.85
C ASP I 204 34.97 -34.08 -6.45
N ILE I 205 36.21 -33.92 -5.98
CA ILE I 205 37.06 -32.83 -6.44
C ILE I 205 37.35 -32.81 -7.95
N PHE I 206 37.52 -33.98 -8.55
CA PHE I 206 37.84 -34.06 -9.97
C PHE I 206 36.73 -34.66 -10.86
N TYR I 207 35.57 -34.90 -10.27
CA TYR I 207 34.45 -35.51 -10.98
C TYR I 207 34.03 -34.79 -12.26
N GLU I 208 34.18 -33.48 -12.29
CA GLU I 208 33.78 -32.71 -13.46
C GLU I 208 34.98 -32.11 -14.19
N ARG I 209 36.16 -32.68 -13.96
CA ARG I 209 37.38 -32.21 -14.61
C ARG I 209 37.98 -33.30 -15.49
N GLY I 210 38.34 -32.94 -16.71
CA GLY I 210 38.91 -33.92 -17.61
C GLY I 210 40.43 -33.97 -17.62
N ASP I 211 41.03 -33.19 -16.74
CA ASP I 211 42.49 -33.13 -16.65
C ASP I 211 43.08 -34.10 -15.62
N VAL I 212 42.23 -34.73 -14.81
CA VAL I 212 42.69 -35.68 -13.82
C VAL I 212 41.83 -36.94 -13.84
N PHE I 213 42.45 -38.09 -14.05
CA PHE I 213 41.71 -39.35 -14.08
C PHE I 213 41.72 -39.93 -12.66
N PHE I 214 40.56 -40.27 -12.11
CA PHE I 214 40.50 -40.84 -10.77
C PHE I 214 40.06 -42.29 -10.78
N ALA I 215 40.91 -43.17 -10.28
CA ALA I 215 40.59 -44.58 -10.23
C ALA I 215 40.68 -45.01 -8.77
N SER I 216 39.67 -45.77 -8.32
CA SER I 216 39.65 -46.22 -6.95
C SER I 216 39.22 -47.67 -6.81
N LEU I 217 39.94 -48.41 -5.98
CA LEU I 217 39.63 -49.80 -5.71
C LEU I 217 39.20 -49.73 -4.26
N HIS I 218 38.10 -50.37 -3.91
CA HIS I 218 37.64 -50.24 -2.51
C HIS I 218 36.49 -51.18 -2.15
N GLY I 219 36.19 -51.23 -0.86
CA GLY I 219 35.10 -52.06 -0.37
C GLY I 219 33.79 -51.52 -0.91
N ASP I 220 32.92 -52.43 -1.32
CA ASP I 220 31.61 -52.09 -1.84
C ASP I 220 30.96 -51.06 -0.93
N PRO I 221 30.57 -49.90 -1.47
CA PRO I 221 29.94 -48.88 -0.64
C PRO I 221 28.61 -49.36 -0.05
N ALA I 222 28.02 -50.35 -0.69
CA ALA I 222 26.76 -50.93 -0.23
C ALA I 222 26.92 -51.42 1.20
N GLU I 223 28.15 -51.70 1.60
CA GLU I 223 28.39 -52.18 2.96
C GLU I 223 29.74 -51.75 3.51
N ALA I 224 30.19 -50.56 3.14
CA ALA I 224 31.47 -50.05 3.61
C ALA I 224 31.56 -48.53 3.56
N PHE I 225 32.12 -47.92 4.60
CA PHE I 225 32.31 -46.47 4.65
C PHE I 225 33.07 -46.13 3.34
N PRO I 226 32.79 -44.96 2.74
CA PRO I 226 31.85 -43.89 3.13
C PRO I 226 30.38 -44.18 2.86
N HIS I 227 30.09 -45.32 2.24
CA HIS I 227 28.70 -45.74 2.01
C HIS I 227 27.88 -45.05 0.92
N PHE I 228 28.10 -43.77 0.69
CA PHE I 228 27.29 -43.05 -0.26
C PHE I 228 27.93 -42.63 -1.58
N LEU I 229 28.99 -43.32 -1.96
CA LEU I 229 29.68 -43.02 -3.21
C LEU I 229 30.67 -44.15 -3.43
N GLY I 230 31.05 -44.40 -4.68
CA GLY I 230 31.99 -45.46 -4.95
C GLY I 230 31.44 -46.56 -5.84
N TYR I 231 30.22 -46.36 -6.33
CA TYR I 231 29.61 -47.34 -7.21
C TYR I 231 30.25 -47.26 -8.59
N ALA I 232 30.34 -48.42 -9.21
CA ALA I 232 30.93 -48.59 -10.53
C ALA I 232 30.26 -47.75 -11.60
N GLU I 233 29.00 -47.41 -11.37
CA GLU I 233 28.24 -46.64 -12.33
C GLU I 233 28.68 -45.17 -12.40
N GLU I 234 29.46 -44.72 -11.41
CA GLU I 234 29.94 -43.33 -11.39
C GLU I 234 31.17 -43.19 -12.28
N THR I 235 30.98 -42.64 -13.48
CA THR I 235 32.09 -42.50 -14.41
C THR I 235 32.51 -41.08 -14.75
N GLY I 236 31.84 -40.09 -14.18
CA GLY I 236 32.20 -38.72 -14.46
C GLY I 236 30.99 -37.90 -14.87
N LYS I 237 31.15 -36.59 -14.86
CA LYS I 237 30.06 -35.69 -15.23
C LYS I 237 30.61 -34.54 -16.08
N GLY I 238 29.85 -34.14 -17.09
CA GLY I 238 30.25 -33.04 -17.94
C GLY I 238 31.67 -33.10 -18.47
N ALA I 239 32.45 -32.08 -18.15
CA ALA I 239 33.85 -32.03 -18.60
C ALA I 239 34.65 -33.23 -18.09
N GLY I 240 34.19 -33.81 -16.99
CA GLY I 240 34.87 -34.95 -16.43
C GLY I 240 34.25 -36.28 -16.81
N ALA I 241 33.36 -36.24 -17.78
CA ALA I 241 32.69 -37.45 -18.24
C ALA I 241 33.73 -38.48 -18.69
N GLY I 242 33.71 -39.64 -18.05
CA GLY I 242 34.64 -40.70 -18.41
C GLY I 242 35.98 -40.72 -17.71
N THR I 243 36.21 -39.82 -16.77
CA THR I 243 37.49 -39.80 -16.06
C THR I 243 37.42 -40.25 -14.61
N THR I 244 36.50 -41.18 -14.34
CA THR I 244 36.34 -41.77 -13.00
C THR I 244 36.05 -43.24 -13.16
N ALA I 245 36.81 -44.08 -12.48
CA ALA I 245 36.63 -45.53 -12.58
C ALA I 245 36.69 -46.14 -11.18
N ASN I 246 35.54 -46.57 -10.69
CA ASN I 246 35.49 -47.19 -9.38
C ASN I 246 35.44 -48.70 -9.52
N TYR I 247 36.08 -49.40 -8.58
CA TYR I 247 36.11 -50.86 -8.60
C TYR I 247 35.74 -51.36 -7.23
N PRO I 248 34.44 -51.47 -6.94
CA PRO I 248 33.94 -51.96 -5.64
C PRO I 248 34.05 -53.48 -5.60
N MET I 249 34.47 -54.02 -4.45
CA MET I 249 34.60 -55.46 -4.31
C MET I 249 34.05 -55.89 -2.95
N GLY I 250 33.48 -57.09 -2.90
CA GLY I 250 32.87 -57.60 -1.67
C GLY I 250 33.79 -57.95 -0.50
N ARG I 251 33.22 -58.60 0.51
CA ARG I 251 33.95 -58.98 1.72
C ARG I 251 34.84 -60.18 1.48
N GLY I 252 36.02 -60.17 2.09
CA GLY I 252 36.96 -61.28 1.95
C GLY I 252 37.74 -61.30 0.65
N THR I 253 37.68 -60.22 -0.11
CA THR I 253 38.39 -60.13 -1.37
C THR I 253 39.90 -60.29 -1.24
N PRO I 254 40.46 -61.33 -1.88
CA PRO I 254 41.90 -61.61 -1.86
C PRO I 254 42.59 -60.93 -3.05
N TYR I 255 43.92 -60.91 -3.04
CA TYR I 255 44.65 -60.27 -4.12
C TYR I 255 44.26 -60.80 -5.49
N SER I 256 43.66 -61.99 -5.54
CA SER I 256 43.24 -62.62 -6.79
C SER I 256 42.28 -61.72 -7.57
N VAL I 257 41.27 -61.20 -6.87
CA VAL I 257 40.28 -60.33 -7.49
C VAL I 257 40.81 -58.90 -7.49
N TRP I 258 41.39 -58.50 -6.38
CA TRP I 258 41.95 -57.15 -6.24
C TRP I 258 42.96 -56.87 -7.36
N GLY I 259 43.90 -57.80 -7.55
CA GLY I 259 44.91 -57.65 -8.56
C GLY I 259 44.33 -57.40 -9.93
N GLU I 260 43.19 -58.02 -10.19
CA GLU I 260 42.53 -57.86 -11.48
C GLU I 260 42.01 -56.42 -11.62
N ALA I 261 41.39 -55.89 -10.57
CA ALA I 261 40.87 -54.53 -10.63
C ALA I 261 42.04 -53.54 -10.84
N LEU I 262 43.15 -53.81 -10.18
CA LEU I 262 44.32 -52.94 -10.30
C LEU I 262 44.79 -52.88 -11.75
N THR I 263 44.90 -54.04 -12.38
CA THR I 263 45.32 -54.12 -13.78
C THR I 263 44.41 -53.27 -14.66
N ASP I 264 43.10 -53.43 -14.48
CA ASP I 264 42.15 -52.67 -15.28
C ASP I 264 42.26 -51.17 -15.09
N SER I 265 42.36 -50.74 -13.84
CA SER I 265 42.49 -49.31 -13.58
C SER I 265 43.75 -48.76 -14.27
N LEU I 266 44.83 -49.54 -14.24
CA LEU I 266 46.07 -49.10 -14.88
C LEU I 266 45.94 -49.05 -16.39
N LYS I 267 45.11 -49.94 -16.93
CA LYS I 267 44.89 -49.97 -18.36
C LYS I 267 44.11 -48.71 -18.76
N ARG I 268 43.14 -48.30 -17.94
CA ARG I 268 42.36 -47.11 -18.23
C ARG I 268 43.17 -45.83 -17.98
N ILE I 269 44.15 -45.90 -17.09
CA ILE I 269 44.98 -44.73 -16.80
C ILE I 269 45.94 -44.49 -17.97
N ALA I 270 46.46 -45.58 -18.53
CA ALA I 270 47.36 -45.50 -19.66
C ALA I 270 46.59 -44.96 -20.86
N ALA I 271 45.39 -45.48 -21.08
CA ALA I 271 44.55 -45.05 -22.19
C ALA I 271 44.20 -43.57 -22.03
N PHE I 272 44.19 -43.10 -20.79
CA PHE I 272 43.89 -41.71 -20.48
C PHE I 272 45.08 -40.86 -20.88
N GLY I 273 46.28 -41.43 -20.70
CA GLY I 273 47.50 -40.75 -21.04
C GLY I 273 48.11 -39.96 -19.90
N ALA I 274 48.04 -40.51 -18.69
CA ALA I 274 48.59 -39.83 -17.53
C ALA I 274 50.11 -39.64 -17.64
N GLU I 275 50.56 -38.43 -17.34
CA GLU I 275 51.98 -38.12 -17.38
C GLU I 275 52.65 -38.55 -16.08
N ALA I 276 51.84 -38.82 -15.07
CA ALA I 276 52.34 -39.26 -13.77
C ALA I 276 51.15 -39.79 -13.00
N ILE I 277 51.42 -40.61 -11.99
CA ILE I 277 50.34 -41.16 -11.20
C ILE I 277 50.55 -40.87 -9.72
N VAL I 278 49.57 -40.23 -9.10
CA VAL I 278 49.63 -39.95 -7.68
C VAL I 278 48.92 -41.15 -7.05
N VAL I 279 49.61 -41.90 -6.20
CA VAL I 279 49.00 -43.08 -5.58
C VAL I 279 48.54 -42.79 -4.16
N SER I 280 47.24 -42.92 -3.93
CA SER I 280 46.67 -42.74 -2.60
C SER I 280 46.83 -44.10 -1.95
N LEU I 281 47.88 -44.23 -1.13
CA LEU I 281 48.18 -45.49 -0.48
C LEU I 281 47.59 -45.70 0.88
N GLY I 282 46.75 -46.72 0.99
CA GLY I 282 46.13 -47.07 2.25
C GLY I 282 46.42 -48.55 2.44
N VAL I 283 46.93 -48.92 3.61
CA VAL I 283 47.21 -50.32 3.84
C VAL I 283 46.13 -51.02 4.66
N ASP I 284 44.96 -50.38 4.81
CA ASP I 284 43.89 -51.02 5.54
C ASP I 284 43.17 -52.06 4.71
N THR I 285 43.82 -52.48 3.63
CA THR I 285 43.30 -53.53 2.76
C THR I 285 43.91 -54.82 3.30
N PHE I 286 44.73 -54.66 4.34
CA PHE I 286 45.43 -55.77 5.00
C PHE I 286 44.42 -56.68 5.69
N GLU I 287 44.65 -57.98 5.61
CA GLU I 287 43.76 -58.96 6.22
C GLU I 287 43.58 -58.80 7.72
N GLN I 288 44.49 -58.10 8.38
CA GLN I 288 44.37 -57.90 9.82
C GLN I 288 43.86 -56.52 10.23
N ASP I 289 43.50 -55.69 9.25
CA ASP I 289 43.00 -54.35 9.58
C ASP I 289 41.74 -54.40 10.44
N PRO I 290 41.70 -53.60 11.52
CA PRO I 290 40.56 -53.55 12.45
C PRO I 290 39.23 -53.00 11.92
N ILE I 291 39.27 -52.25 10.81
CA ILE I 291 38.03 -51.69 10.29
C ILE I 291 37.75 -51.96 8.83
N SER I 292 38.46 -52.93 8.26
CA SER I 292 38.25 -53.24 6.86
C SER I 292 38.02 -54.74 6.66
N PHE I 293 37.47 -55.11 5.51
CA PHE I 293 37.20 -56.52 5.26
C PHE I 293 37.88 -57.16 4.05
N PHE I 294 39.00 -56.59 3.62
CA PHE I 294 39.74 -57.17 2.50
C PHE I 294 40.78 -58.11 3.10
N LYS I 295 41.26 -59.04 2.29
CA LYS I 295 42.25 -60.00 2.78
C LYS I 295 43.56 -60.01 2.00
N LEU I 296 44.26 -58.88 2.00
CA LEU I 296 45.56 -58.81 1.33
C LEU I 296 46.65 -59.14 2.36
N THR I 297 47.69 -59.84 1.92
CA THR I 297 48.80 -60.23 2.78
C THR I 297 49.95 -59.24 2.58
N SER I 298 50.89 -59.20 3.52
CA SER I 298 52.02 -58.27 3.43
C SER I 298 52.79 -58.36 2.09
N PRO I 299 53.01 -59.59 1.59
CA PRO I 299 53.74 -59.72 0.32
C PRO I 299 53.03 -59.08 -0.87
N ASP I 300 51.69 -59.17 -0.86
CA ASP I 300 50.86 -58.59 -1.92
C ASP I 300 51.21 -57.13 -2.22
N TYR I 301 51.58 -56.38 -1.18
CA TYR I 301 51.93 -54.97 -1.32
C TYR I 301 53.18 -54.79 -2.15
N ILE I 302 54.06 -55.78 -2.11
CA ILE I 302 55.28 -55.69 -2.90
C ILE I 302 54.85 -55.87 -4.35
N THR I 303 53.92 -56.80 -4.58
CA THR I 303 53.39 -57.07 -5.90
C THR I 303 52.65 -55.85 -6.43
N MET I 304 51.82 -55.27 -5.58
CA MET I 304 51.03 -54.09 -5.92
C MET I 304 51.94 -52.95 -6.37
N GLY I 305 52.96 -52.67 -5.58
CA GLY I 305 53.88 -51.59 -5.91
C GLY I 305 54.58 -51.80 -7.23
N ARG I 306 55.04 -53.03 -7.48
CA ARG I 306 55.76 -53.36 -8.70
C ARG I 306 54.85 -53.17 -9.92
N THR I 307 53.60 -53.63 -9.81
CA THR I 307 52.65 -53.51 -10.90
C THR I 307 52.37 -52.07 -11.29
N ILE I 308 52.13 -51.23 -10.29
CA ILE I 308 51.86 -49.82 -10.52
C ILE I 308 53.09 -49.15 -11.12
N ALA I 309 54.28 -49.45 -10.59
CA ALA I 309 55.49 -48.85 -11.11
C ALA I 309 55.74 -49.24 -12.57
N ALA I 310 55.26 -50.42 -12.96
CA ALA I 310 55.44 -50.90 -14.33
C ALA I 310 54.67 -50.06 -15.35
N SER I 311 53.98 -49.03 -14.87
CA SER I 311 53.23 -48.16 -15.76
C SER I 311 54.20 -47.33 -16.60
N GLY I 312 55.41 -47.15 -16.10
CA GLY I 312 56.41 -46.40 -16.82
C GLY I 312 56.40 -44.90 -16.60
N VAL I 313 55.49 -44.44 -15.75
CA VAL I 313 55.39 -43.01 -15.48
C VAL I 313 55.79 -42.75 -14.04
N PRO I 314 56.26 -41.51 -13.75
CA PRO I 314 56.67 -41.16 -12.39
C PRO I 314 55.53 -41.39 -11.40
N LEU I 315 55.89 -41.75 -10.17
CA LEU I 315 54.90 -42.03 -9.13
C LEU I 315 55.14 -41.24 -7.86
N LEU I 316 54.08 -40.64 -7.32
CA LEU I 316 54.17 -39.93 -6.05
C LEU I 316 53.23 -40.72 -5.15
N VAL I 317 53.77 -41.42 -4.16
CA VAL I 317 52.94 -42.20 -3.25
C VAL I 317 52.53 -41.34 -2.04
N VAL I 318 51.23 -41.29 -1.75
CA VAL I 318 50.71 -40.50 -0.64
C VAL I 318 49.98 -41.35 0.39
N MET I 319 50.44 -41.29 1.65
CA MET I 319 49.85 -42.06 2.74
C MET I 319 48.38 -41.71 3.00
N GLU I 320 47.58 -42.74 3.27
CA GLU I 320 46.15 -42.57 3.58
C GLU I 320 45.84 -43.44 4.80
N GLY I 321 45.04 -44.50 4.60
CA GLY I 321 44.66 -45.38 5.70
C GLY I 321 45.58 -46.53 6.09
N GLY I 322 45.14 -47.33 7.05
CA GLY I 322 45.91 -48.47 7.55
C GLY I 322 45.99 -48.34 9.06
N TYR I 323 45.29 -49.22 9.76
CA TYR I 323 45.26 -49.14 11.23
C TYR I 323 45.51 -50.43 11.98
N GLY I 324 45.53 -50.31 13.31
CA GLY I 324 45.69 -51.45 14.20
C GLY I 324 47.05 -52.05 14.41
N VAL I 325 47.28 -53.19 13.77
CA VAL I 325 48.52 -53.93 13.90
C VAL I 325 49.73 -53.13 13.43
N PRO I 326 50.91 -53.44 13.98
CA PRO I 326 52.15 -52.74 13.61
C PRO I 326 52.61 -53.04 12.19
N GLU I 327 52.01 -54.06 11.57
CA GLU I 327 52.39 -54.42 10.21
C GLU I 327 52.10 -53.32 9.20
N ILE I 328 51.38 -52.28 9.61
CA ILE I 328 51.08 -51.20 8.68
C ILE I 328 52.38 -50.65 8.14
N GLY I 329 53.40 -50.57 8.98
CA GLY I 329 54.68 -50.04 8.54
C GLY I 329 55.30 -50.98 7.51
N LEU I 330 55.32 -52.27 7.84
CA LEU I 330 55.85 -53.29 6.96
C LEU I 330 55.17 -53.22 5.60
N ASN I 331 53.84 -53.18 5.62
CA ASN I 331 53.08 -53.13 4.39
C ASN I 331 53.32 -51.87 3.57
N VAL I 332 53.54 -50.73 4.22
CA VAL I 332 53.79 -49.50 3.47
C VAL I 332 55.18 -49.58 2.83
N ALA I 333 56.14 -50.10 3.60
CA ALA I 333 57.51 -50.26 3.12
C ALA I 333 57.57 -51.25 1.95
N ASN I 334 56.73 -52.29 2.01
CA ASN I 334 56.70 -53.28 0.95
C ASN I 334 56.26 -52.65 -0.37
N VAL I 335 55.33 -51.69 -0.31
CA VAL I 335 54.85 -51.02 -1.52
C VAL I 335 55.98 -50.21 -2.15
N LEU I 336 56.72 -49.47 -1.32
CA LEU I 336 57.82 -48.66 -1.80
C LEU I 336 58.92 -49.56 -2.36
N LYS I 337 59.07 -50.75 -1.79
CA LYS I 337 60.06 -51.72 -2.27
C LYS I 337 59.69 -52.13 -3.69
N GLY I 338 58.40 -52.39 -3.89
CA GLY I 338 57.93 -52.80 -5.21
C GLY I 338 58.14 -51.72 -6.23
N VAL I 339 57.81 -50.50 -5.84
CA VAL I 339 57.96 -49.35 -6.73
C VAL I 339 59.42 -49.10 -7.06
N ALA I 340 60.32 -49.32 -6.10
CA ALA I 340 61.74 -49.10 -6.36
C ALA I 340 62.38 -50.22 -7.19
N MET J 1 0.28 -77.56 -7.59
CA MET J 1 0.33 -76.21 -6.95
C MET J 1 -1.07 -75.73 -6.64
N ARG J 2 -1.22 -75.08 -5.49
CA ARG J 2 -2.53 -74.57 -5.07
C ARG J 2 -2.95 -73.42 -5.99
N VAL J 3 -4.25 -73.19 -6.07
CA VAL J 3 -4.78 -72.12 -6.91
C VAL J 3 -5.67 -71.19 -6.10
N ILE J 4 -5.34 -69.89 -6.14
CA ILE J 4 -6.09 -68.89 -5.40
C ILE J 4 -7.09 -68.23 -6.33
N PHE J 5 -8.35 -68.16 -5.91
CA PHE J 5 -9.37 -67.58 -6.74
C PHE J 5 -10.52 -66.99 -5.93
N SER J 6 -10.92 -65.78 -6.28
CA SER J 6 -12.02 -65.14 -5.57
C SER J 6 -13.21 -64.98 -6.50
N GLU J 7 -14.33 -65.56 -6.09
CA GLU J 7 -15.54 -65.44 -6.89
C GLU J 7 -15.92 -63.97 -7.00
N ASP J 8 -15.48 -63.14 -6.04
CA ASP J 8 -15.83 -61.72 -6.08
C ASP J 8 -15.27 -60.96 -7.28
N HIS J 9 -14.48 -61.64 -8.10
CA HIS J 9 -13.93 -61.01 -9.28
C HIS J 9 -15.10 -60.59 -10.19
N LYS J 10 -16.22 -61.29 -10.03
CA LYS J 10 -17.42 -61.00 -10.83
C LYS J 10 -17.97 -59.59 -10.55
N LEU J 11 -17.56 -58.99 -9.44
CA LEU J 11 -18.00 -57.64 -9.08
C LEU J 11 -17.50 -56.65 -10.13
N ARG J 12 -16.50 -57.08 -10.88
CA ARG J 12 -15.95 -56.28 -11.96
C ARG J 12 -16.60 -56.79 -13.24
N ASN J 13 -17.69 -56.16 -13.64
CA ASN J 13 -18.41 -56.55 -14.84
C ASN J 13 -18.84 -55.29 -15.57
N ALA J 14 -17.87 -54.57 -16.09
CA ALA J 14 -18.13 -53.34 -16.81
C ALA J 14 -18.96 -53.58 -18.07
N LYS J 15 -19.78 -52.59 -18.42
CA LYS J 15 -20.64 -52.70 -19.59
C LYS J 15 -19.99 -52.15 -20.85
N THR J 16 -19.14 -51.14 -20.70
CA THR J 16 -18.52 -50.53 -21.86
C THR J 16 -17.01 -50.40 -21.84
N GLU J 17 -16.45 -50.36 -23.04
CA GLU J 17 -15.02 -50.18 -23.25
C GLU J 17 -14.91 -49.32 -24.50
N LEU J 18 -14.02 -48.34 -24.49
CA LEU J 18 -13.83 -47.48 -25.64
C LEU J 18 -12.84 -48.19 -26.56
N TYR J 19 -13.35 -48.65 -27.70
CA TYR J 19 -12.53 -49.37 -28.68
C TYR J 19 -12.93 -49.01 -30.11
N GLY J 20 -11.95 -48.58 -30.89
CA GLY J 20 -12.22 -48.22 -32.27
C GLY J 20 -13.15 -47.04 -32.37
N GLY J 21 -13.24 -46.26 -31.30
CA GLY J 21 -14.09 -45.09 -31.31
C GLY J 21 -15.53 -45.42 -30.96
N GLU J 22 -15.75 -46.62 -30.43
CA GLU J 22 -17.09 -47.04 -30.04
C GLU J 22 -17.06 -47.63 -28.64
N LEU J 23 -18.23 -47.74 -28.03
CA LEU J 23 -18.35 -48.32 -26.71
C LEU J 23 -18.90 -49.73 -26.86
N VAL J 24 -18.01 -50.71 -26.88
CA VAL J 24 -18.38 -52.09 -27.06
C VAL J 24 -18.21 -52.92 -25.78
N PRO J 25 -18.74 -54.16 -25.76
CA PRO J 25 -18.61 -55.00 -24.57
C PRO J 25 -17.13 -55.19 -24.22
N PRO J 26 -16.78 -54.98 -22.95
CA PRO J 26 -15.40 -55.13 -22.47
C PRO J 26 -14.70 -56.43 -22.86
N PHE J 27 -13.49 -56.29 -23.42
CA PHE J 27 -12.69 -57.43 -23.83
C PHE J 27 -12.34 -58.27 -22.59
N GLU J 28 -12.15 -57.60 -21.47
CA GLU J 28 -11.81 -58.25 -20.22
C GLU J 28 -13.10 -58.54 -19.44
N ALA J 29 -13.88 -59.47 -19.94
CA ALA J 29 -15.15 -59.86 -19.34
C ALA J 29 -14.98 -61.02 -18.35
N PRO J 30 -15.94 -61.16 -17.42
CA PRO J 30 -15.94 -62.21 -16.41
C PRO J 30 -15.71 -63.65 -16.93
N PHE J 31 -16.18 -63.94 -18.14
CA PHE J 31 -16.00 -65.30 -18.69
C PHE J 31 -14.52 -65.73 -18.74
N ARG J 32 -13.60 -64.77 -18.79
CA ARG J 32 -12.18 -65.10 -18.86
C ARG J 32 -11.74 -65.95 -17.66
N ALA J 33 -12.15 -65.52 -16.47
CA ALA J 33 -11.81 -66.21 -15.25
C ALA J 33 -12.50 -67.57 -15.20
N GLU J 34 -13.76 -67.63 -15.64
CA GLU J 34 -14.48 -68.88 -15.62
C GLU J 34 -13.76 -69.90 -16.48
N TRP J 35 -13.48 -69.54 -17.73
CA TRP J 35 -12.79 -70.46 -18.63
C TRP J 35 -11.43 -70.88 -18.07
N ILE J 36 -10.63 -69.92 -17.62
CA ILE J 36 -9.32 -70.24 -17.08
C ILE J 36 -9.43 -71.22 -15.92
N LEU J 37 -10.32 -70.94 -14.97
CA LEU J 37 -10.49 -71.81 -13.82
C LEU J 37 -10.89 -73.23 -14.25
N ALA J 38 -11.87 -73.34 -15.14
CA ALA J 38 -12.33 -74.64 -15.61
C ALA J 38 -11.18 -75.45 -16.21
N ALA J 39 -10.36 -74.79 -17.01
CA ALA J 39 -9.24 -75.46 -17.66
C ALA J 39 -8.16 -75.90 -16.67
N VAL J 40 -7.72 -75.01 -15.80
CA VAL J 40 -6.68 -75.35 -14.84
C VAL J 40 -7.08 -76.56 -13.98
N LYS J 41 -8.37 -76.72 -13.74
CA LYS J 41 -8.86 -77.86 -12.95
C LYS J 41 -8.67 -79.17 -13.69
N GLU J 42 -8.95 -79.16 -14.99
CA GLU J 42 -8.81 -80.36 -15.81
C GLU J 42 -7.35 -80.71 -16.00
N ALA J 43 -6.49 -79.70 -15.95
CA ALA J 43 -5.05 -79.91 -16.12
C ALA J 43 -4.45 -80.63 -14.91
N GLY J 44 -5.27 -80.82 -13.87
CA GLY J 44 -4.79 -81.50 -12.67
C GLY J 44 -4.57 -80.57 -11.49
N PHE J 45 -5.19 -79.39 -11.54
CA PHE J 45 -5.07 -78.42 -10.47
C PHE J 45 -6.45 -78.11 -9.92
N ASP J 46 -6.94 -78.98 -9.04
CA ASP J 46 -8.27 -78.80 -8.47
C ASP J 46 -8.24 -78.28 -7.04
N ASP J 47 -7.07 -77.91 -6.54
CA ASP J 47 -6.97 -77.39 -5.18
C ASP J 47 -7.16 -75.87 -5.22
N VAL J 48 -8.42 -75.46 -5.38
CA VAL J 48 -8.78 -74.05 -5.44
C VAL J 48 -9.31 -73.55 -4.12
N VAL J 49 -8.69 -72.50 -3.58
CA VAL J 49 -9.12 -71.92 -2.31
C VAL J 49 -9.38 -70.42 -2.45
N ALA J 50 -10.39 -69.93 -1.74
CA ALA J 50 -10.73 -68.52 -1.79
C ALA J 50 -9.72 -67.72 -0.96
N PRO J 51 -9.38 -66.50 -1.39
CA PRO J 51 -8.43 -65.61 -0.71
C PRO J 51 -8.88 -65.25 0.71
N ALA J 52 -7.91 -65.05 1.60
CA ALA J 52 -8.21 -64.68 2.97
C ALA J 52 -8.44 -63.16 3.02
N ARG J 53 -8.81 -62.64 4.18
CA ARG J 53 -9.05 -61.22 4.35
C ARG J 53 -7.70 -60.50 4.43
N HIS J 54 -7.59 -59.32 3.80
CA HIS J 54 -6.33 -58.58 3.83
C HIS J 54 -6.51 -57.08 3.90
N GLY J 55 -5.57 -56.39 4.54
CA GLY J 55 -5.63 -54.95 4.66
C GLY J 55 -4.96 -54.25 3.50
N LEU J 56 -4.76 -52.94 3.64
CA LEU J 56 -4.13 -52.15 2.60
C LEU J 56 -2.66 -51.88 2.88
N GLU J 57 -2.13 -52.44 3.97
CA GLU J 57 -0.74 -52.23 4.33
C GLU J 57 0.24 -52.63 3.24
N THR J 58 0.05 -53.79 2.63
CA THR J 58 0.99 -54.19 1.59
C THR J 58 0.84 -53.31 0.35
N VAL J 59 -0.38 -53.15 -0.13
CA VAL J 59 -0.62 -52.34 -1.34
C VAL J 59 -0.19 -50.88 -1.21
N LEU J 60 -0.22 -50.34 0.02
CA LEU J 60 0.17 -48.95 0.24
C LEU J 60 1.68 -48.77 0.11
N LYS J 61 2.39 -49.84 -0.21
CA LYS J 61 3.84 -49.77 -0.37
C LYS J 61 4.23 -49.70 -1.83
N VAL J 62 3.23 -49.81 -2.71
CA VAL J 62 3.51 -49.76 -4.14
C VAL J 62 2.63 -48.77 -4.88
N HIS J 63 1.47 -48.45 -4.31
CA HIS J 63 0.57 -47.49 -4.91
C HIS J 63 0.46 -46.25 -4.04
N ASP J 64 0.31 -45.11 -4.70
CA ASP J 64 0.16 -43.83 -4.04
C ASP J 64 -1.14 -43.85 -3.24
N ALA J 65 -1.12 -43.31 -2.02
CA ALA J 65 -2.32 -43.29 -1.18
C ALA J 65 -3.49 -42.54 -1.82
N GLY J 66 -3.20 -41.38 -2.40
CA GLY J 66 -4.23 -40.60 -3.04
C GLY J 66 -4.91 -41.42 -4.13
N TYR J 67 -4.09 -42.12 -4.91
CA TYR J 67 -4.57 -42.96 -5.99
C TYR J 67 -5.55 -44.01 -5.48
N LEU J 68 -5.18 -44.71 -4.40
CA LEU J 68 -6.05 -45.73 -3.84
C LEU J 68 -7.34 -45.12 -3.31
N ASN J 69 -7.21 -43.99 -2.63
CA ASN J 69 -8.37 -43.29 -2.08
C ASN J 69 -9.32 -42.91 -3.21
N PHE J 70 -8.76 -42.51 -4.35
CA PHE J 70 -9.55 -42.14 -5.50
C PHE J 70 -10.30 -43.34 -6.06
N LEU J 71 -9.63 -44.47 -6.17
CA LEU J 71 -10.27 -45.68 -6.70
C LEU J 71 -11.47 -46.09 -5.85
N GLU J 72 -11.31 -46.01 -4.53
CA GLU J 72 -12.35 -46.39 -3.62
C GLU J 72 -13.66 -45.61 -3.80
N THR J 73 -13.58 -44.32 -4.09
CA THR J 73 -14.78 -43.49 -4.22
C THR J 73 -15.12 -43.01 -5.64
N ALA J 74 -14.28 -43.35 -6.61
CA ALA J 74 -14.47 -42.93 -7.99
C ALA J 74 -15.88 -43.11 -8.50
N TRP J 75 -16.39 -44.33 -8.45
CA TRP J 75 -17.73 -44.58 -8.96
C TRP J 75 -18.83 -43.80 -8.26
N ASP J 76 -18.75 -43.66 -6.94
CA ASP J 76 -19.80 -42.93 -6.24
C ASP J 76 -19.86 -41.47 -6.63
N ARG J 77 -18.69 -40.84 -6.64
CA ARG J 77 -18.61 -39.42 -7.00
C ARG J 77 -19.07 -39.22 -8.45
N TRP J 78 -18.74 -40.17 -9.32
CA TRP J 78 -19.12 -40.09 -10.72
C TRP J 78 -20.64 -40.10 -10.87
N LYS J 79 -21.26 -41.10 -10.25
CA LYS J 79 -22.71 -41.25 -10.31
C LYS J 79 -23.36 -40.00 -9.70
N ALA J 80 -22.89 -39.63 -8.51
CA ALA J 80 -23.40 -38.47 -7.80
C ALA J 80 -23.23 -37.18 -8.59
N ALA J 81 -22.37 -37.20 -9.61
CA ALA J 81 -22.16 -35.99 -10.40
C ALA J 81 -23.23 -35.88 -11.49
N GLY J 82 -24.09 -36.89 -11.60
CA GLY J 82 -25.15 -36.85 -12.58
C GLY J 82 -24.84 -37.47 -13.92
N TYR J 83 -23.65 -38.04 -14.08
CA TYR J 83 -23.29 -38.67 -15.34
C TYR J 83 -24.01 -39.99 -15.51
N LYS J 84 -24.43 -40.25 -16.75
CA LYS J 84 -25.20 -41.44 -17.10
C LYS J 84 -24.41 -42.69 -17.50
N GLY J 85 -23.25 -42.51 -18.10
CA GLY J 85 -22.48 -43.65 -18.52
C GLY J 85 -21.53 -44.09 -17.42
N GLU J 86 -20.56 -44.91 -17.77
CA GLU J 86 -19.57 -45.38 -16.80
C GLU J 86 -18.46 -44.34 -16.67
N ALA J 87 -17.63 -44.47 -15.63
CA ALA J 87 -16.56 -43.52 -15.37
C ALA J 87 -15.39 -43.62 -16.34
N ILE J 88 -15.39 -42.74 -17.35
CA ILE J 88 -14.31 -42.74 -18.34
C ILE J 88 -13.60 -41.38 -18.35
N ALA J 89 -12.27 -41.41 -18.36
CA ALA J 89 -11.50 -40.16 -18.37
C ALA J 89 -11.45 -39.58 -19.78
N THR J 90 -11.47 -38.25 -19.86
CA THR J 90 -11.42 -37.57 -21.15
C THR J 90 -10.19 -36.67 -21.23
N SER J 91 -9.92 -35.92 -20.16
CA SER J 91 -8.80 -34.99 -20.16
C SER J 91 -7.62 -35.60 -19.41
N PHE J 92 -6.42 -35.50 -19.97
CA PHE J 92 -5.24 -36.08 -19.34
C PHE J 92 -4.03 -35.15 -19.18
N PRO J 93 -3.23 -35.38 -18.11
CA PRO J 93 -2.05 -34.54 -17.89
C PRO J 93 -0.91 -35.07 -18.74
N VAL J 94 -0.83 -34.55 -19.96
CA VAL J 94 0.19 -34.98 -20.89
C VAL J 94 1.41 -34.06 -20.86
N ARG J 95 2.11 -33.95 -21.99
CA ARG J 95 3.30 -33.11 -22.06
C ARG J 95 3.14 -31.68 -21.58
N ARG J 96 4.13 -31.21 -20.83
CA ARG J 96 4.16 -29.85 -20.35
C ARG J 96 2.89 -29.36 -19.66
N THR J 97 2.39 -30.14 -18.73
CA THR J 97 1.20 -29.77 -17.99
C THR J 97 1.59 -29.57 -16.53
N SER J 98 0.68 -28.98 -15.76
CA SER J 98 0.93 -28.74 -14.36
C SER J 98 0.92 -30.07 -13.60
N PRO J 99 1.67 -30.16 -12.49
CA PRO J 99 1.73 -31.39 -11.69
C PRO J 99 0.64 -31.42 -10.62
N ARG J 100 -0.06 -30.30 -10.48
CA ARG J 100 -1.15 -30.14 -9.52
C ARG J 100 -2.28 -31.13 -9.71
N ILE J 101 -2.90 -31.54 -8.60
CA ILE J 101 -4.01 -32.46 -8.65
C ILE J 101 -5.35 -31.72 -8.61
N PRO J 102 -6.25 -32.00 -9.58
CA PRO J 102 -7.56 -31.34 -9.61
C PRO J 102 -8.37 -31.77 -8.39
N THR J 103 -9.45 -31.07 -8.09
CA THR J 103 -10.26 -31.43 -6.93
C THR J 103 -11.57 -32.13 -7.27
N ASP J 104 -12.12 -31.88 -8.45
CA ASP J 104 -13.38 -32.49 -8.83
C ASP J 104 -13.19 -33.90 -9.43
N ILE J 105 -14.29 -34.62 -9.58
CA ILE J 105 -14.20 -35.98 -10.13
C ILE J 105 -13.76 -36.00 -11.61
N GLU J 106 -14.25 -35.04 -12.39
CA GLU J 106 -13.89 -34.97 -13.80
C GLU J 106 -12.37 -34.84 -13.97
N GLY J 107 -11.78 -33.90 -13.24
CA GLY J 107 -10.35 -33.69 -13.32
C GLY J 107 -9.54 -34.80 -12.68
N GLN J 108 -10.00 -35.30 -11.55
CA GLN J 108 -9.26 -36.35 -10.90
C GLN J 108 -9.24 -37.64 -11.70
N ILE J 109 -10.37 -38.06 -12.27
CA ILE J 109 -10.36 -39.30 -13.02
C ILE J 109 -9.31 -39.23 -14.13
N GLY J 110 -9.07 -38.04 -14.67
CA GLY J 110 -8.06 -37.93 -15.72
C GLY J 110 -6.66 -37.95 -15.13
N TYR J 111 -6.52 -37.36 -13.95
CA TYR J 111 -5.22 -37.31 -13.27
C TYR J 111 -4.69 -38.72 -12.93
N TYR J 112 -5.57 -39.59 -12.44
CA TYR J 112 -5.19 -40.93 -12.05
C TYR J 112 -5.36 -42.00 -13.14
N CYS J 113 -5.43 -41.59 -14.41
CA CYS J 113 -5.61 -42.53 -15.49
C CYS J 113 -4.60 -42.38 -16.64
N ASN J 114 -4.15 -43.51 -17.19
CA ASN J 114 -3.19 -43.50 -18.29
C ASN J 114 -3.80 -43.99 -19.61
N ALA J 115 -4.99 -44.60 -19.53
CA ALA J 115 -5.67 -45.13 -20.71
C ALA J 115 -7.20 -45.06 -20.63
N ALA J 116 -7.80 -44.25 -21.50
CA ALA J 116 -9.25 -44.05 -21.55
C ALA J 116 -10.09 -45.26 -21.95
N GLU J 117 -9.48 -46.32 -22.44
CA GLU J 117 -10.28 -47.47 -22.85
C GLU J 117 -10.85 -48.15 -21.61
N THR J 118 -10.23 -47.92 -20.46
CA THR J 118 -10.68 -48.53 -19.22
C THR J 118 -11.66 -47.62 -18.50
N ALA J 119 -12.79 -48.18 -18.09
CA ALA J 119 -13.82 -47.43 -17.39
C ALA J 119 -14.08 -47.97 -15.99
N ILE J 120 -14.31 -47.07 -15.03
CA ILE J 120 -14.59 -47.50 -13.68
C ILE J 120 -16.10 -47.72 -13.57
N SER J 121 -16.48 -48.87 -13.03
CA SER J 121 -17.89 -49.20 -12.88
C SER J 121 -18.22 -49.69 -11.48
N PRO J 122 -19.51 -49.93 -11.20
CA PRO J 122 -19.91 -50.41 -9.87
C PRO J 122 -19.21 -51.73 -9.57
N GLY J 123 -18.70 -51.87 -8.34
CA GLY J 123 -18.01 -53.08 -7.95
C GLY J 123 -16.57 -53.18 -8.40
N THR J 124 -16.10 -52.21 -9.17
CA THR J 124 -14.72 -52.26 -9.64
C THR J 124 -13.73 -52.30 -8.47
N TRP J 125 -13.95 -51.43 -7.48
CA TRP J 125 -13.07 -51.36 -6.32
C TRP J 125 -13.03 -52.70 -5.56
N GLU J 126 -14.19 -53.23 -5.20
CA GLU J 126 -14.30 -54.50 -4.48
C GLU J 126 -13.59 -55.63 -5.25
N ALA J 127 -13.78 -55.66 -6.56
CA ALA J 127 -13.17 -56.68 -7.40
C ALA J 127 -11.64 -56.55 -7.38
N ALA J 128 -11.13 -55.33 -7.47
CA ALA J 128 -9.69 -55.14 -7.46
C ALA J 128 -9.09 -55.60 -6.13
N LEU J 129 -9.80 -55.35 -5.03
CA LEU J 129 -9.30 -55.76 -3.73
C LEU J 129 -9.27 -57.28 -3.62
N SER J 130 -10.27 -57.95 -4.17
CA SER J 130 -10.32 -59.40 -4.10
C SER J 130 -9.21 -60.00 -4.96
N SER J 131 -8.91 -59.34 -6.09
CA SER J 131 -7.87 -59.81 -6.97
C SER J 131 -6.52 -59.63 -6.27
N MET J 132 -6.36 -58.52 -5.57
CA MET J 132 -5.12 -58.24 -4.83
C MET J 132 -4.95 -59.29 -3.74
N ALA J 133 -6.06 -59.68 -3.11
CA ALA J 133 -6.04 -60.68 -2.06
C ALA J 133 -5.52 -62.01 -2.58
N SER J 134 -5.91 -62.40 -3.79
CA SER J 134 -5.46 -63.65 -4.36
C SER J 134 -3.95 -63.63 -4.54
N ALA J 135 -3.41 -62.48 -4.92
CA ALA J 135 -1.97 -62.35 -5.13
C ALA J 135 -1.23 -62.48 -3.81
N ILE J 136 -1.74 -61.82 -2.79
CA ILE J 136 -1.11 -61.87 -1.48
C ILE J 136 -1.08 -63.31 -0.96
N ASP J 137 -2.19 -64.03 -1.07
CA ASP J 137 -2.24 -65.41 -0.60
C ASP J 137 -1.18 -66.25 -1.29
N GLY J 138 -1.16 -66.16 -2.62
CA GLY J 138 -0.20 -66.93 -3.39
C GLY J 138 1.21 -66.63 -2.92
N ALA J 139 1.48 -65.35 -2.70
CA ALA J 139 2.79 -64.93 -2.24
C ALA J 139 3.10 -65.57 -0.88
N ASP J 140 2.09 -65.66 -0.01
CA ASP J 140 2.27 -66.26 1.30
C ASP J 140 2.58 -67.75 1.20
N LEU J 141 2.06 -68.40 0.17
CA LEU J 141 2.32 -69.83 -0.03
C LEU J 141 3.79 -70.00 -0.37
N ILE J 142 4.28 -69.10 -1.22
CA ILE J 142 5.69 -69.11 -1.63
C ILE J 142 6.55 -68.79 -0.43
N ALA J 143 6.11 -67.86 0.42
CA ALA J 143 6.89 -67.49 1.59
C ALA J 143 6.77 -68.58 2.66
N ALA J 144 5.84 -69.52 2.45
CA ALA J 144 5.64 -70.60 3.39
C ALA J 144 6.53 -71.79 3.03
N GLY J 145 6.99 -71.83 1.78
CA GLY J 145 7.87 -72.92 1.37
C GLY J 145 7.46 -73.64 0.10
N HIS J 146 6.30 -73.28 -0.44
CA HIS J 146 5.81 -73.91 -1.66
C HIS J 146 6.67 -73.50 -2.88
N LYS J 147 6.97 -74.48 -3.74
CA LYS J 147 7.78 -74.25 -4.94
C LYS J 147 7.06 -73.40 -5.97
N ALA J 148 5.74 -73.58 -6.08
CA ALA J 148 4.94 -72.82 -7.03
C ALA J 148 3.51 -72.60 -6.53
N ALA J 149 2.81 -71.67 -7.17
CA ALA J 149 1.44 -71.36 -6.81
C ALA J 149 0.87 -70.43 -7.87
N PHE J 150 -0.41 -70.63 -8.21
CA PHE J 150 -1.06 -69.81 -9.21
C PHE J 150 -2.19 -68.98 -8.61
N SER J 151 -2.14 -67.66 -8.84
CA SER J 151 -3.16 -66.74 -8.36
C SER J 151 -4.00 -66.31 -9.55
N LEU J 152 -5.27 -66.74 -9.56
CA LEU J 152 -6.17 -66.41 -10.66
C LEU J 152 -6.70 -64.99 -10.47
N CYS J 153 -5.88 -64.00 -10.76
CA CYS J 153 -6.25 -62.60 -10.60
C CYS J 153 -7.12 -62.02 -11.70
N ARG J 154 -8.14 -61.29 -11.27
CA ARG J 154 -9.06 -60.61 -12.17
C ARG J 154 -9.83 -59.59 -11.34
N PRO J 155 -9.83 -58.32 -11.76
CA PRO J 155 -9.16 -57.79 -12.96
C PRO J 155 -7.65 -57.95 -12.88
N PRO J 156 -6.96 -57.79 -14.01
CA PRO J 156 -5.50 -57.90 -14.07
C PRO J 156 -4.88 -56.65 -13.46
N GLY J 157 -3.56 -56.53 -13.48
CA GLY J 157 -2.99 -55.35 -12.87
C GLY J 157 -1.63 -54.87 -13.30
N HIS J 158 -1.03 -55.44 -14.33
CA HIS J 158 0.28 -54.96 -14.67
C HIS J 158 0.34 -53.61 -15.41
N HIS J 159 -0.82 -53.03 -15.74
CA HIS J 159 -0.85 -51.71 -16.39
C HIS J 159 -1.10 -50.62 -15.36
N ALA J 160 -1.39 -51.01 -14.12
CA ALA J 160 -1.66 -50.03 -13.08
C ALA J 160 -0.34 -49.55 -12.48
N GLY J 161 -0.08 -48.25 -12.62
CA GLY J 161 1.14 -47.69 -12.10
C GLY J 161 1.05 -47.17 -10.68
N ILE J 162 2.11 -46.52 -10.21
CA ILE J 162 2.13 -45.98 -8.86
C ILE J 162 0.87 -45.22 -8.51
N ASP J 163 0.44 -44.32 -9.40
CA ASP J 163 -0.75 -43.53 -9.16
C ASP J 163 -1.65 -43.41 -10.39
N MET J 164 -1.87 -44.51 -11.11
CA MET J 164 -2.73 -44.46 -12.29
C MET J 164 -3.22 -45.82 -12.78
N PHE J 165 -4.50 -45.86 -13.17
CA PHE J 165 -5.11 -47.08 -13.68
C PHE J 165 -5.25 -47.02 -15.20
N GLY J 166 -5.50 -48.18 -15.81
CA GLY J 166 -5.64 -48.24 -17.24
C GLY J 166 -5.34 -49.65 -17.73
N GLY J 167 -5.59 -49.90 -19.01
CA GLY J 167 -5.33 -51.22 -19.55
C GLY J 167 -6.06 -52.32 -18.80
N TYR J 168 -7.26 -52.00 -18.30
CA TYR J 168 -8.12 -52.91 -17.56
C TYR J 168 -7.58 -53.24 -16.17
N CYS J 169 -6.56 -52.51 -15.74
CA CYS J 169 -5.95 -52.73 -14.44
C CYS J 169 -6.20 -51.59 -13.46
N PHE J 170 -6.25 -51.91 -12.18
CA PHE J 170 -6.49 -50.90 -11.15
C PHE J 170 -5.46 -51.03 -10.04
N ILE J 171 -5.26 -52.25 -9.54
CA ILE J 171 -4.28 -52.50 -8.50
C ILE J 171 -3.29 -53.50 -9.08
N ASN J 172 -2.01 -53.15 -9.04
CA ASN J 172 -0.99 -54.01 -9.58
C ASN J 172 -0.72 -55.24 -8.71
N ASN J 173 -1.47 -56.30 -8.98
CA ASN J 173 -1.36 -57.55 -8.22
C ASN J 173 0.06 -58.10 -8.16
N ALA J 174 0.75 -58.09 -9.30
CA ALA J 174 2.12 -58.59 -9.31
C ALA J 174 2.99 -57.75 -8.39
N ALA J 175 2.86 -56.44 -8.47
CA ALA J 175 3.64 -55.55 -7.60
C ALA J 175 3.35 -55.81 -6.13
N VAL J 176 2.07 -56.03 -5.80
CA VAL J 176 1.67 -56.30 -4.42
C VAL J 176 2.25 -57.65 -3.97
N ALA J 177 2.28 -58.61 -4.90
CA ALA J 177 2.80 -59.93 -4.62
C ALA J 177 4.30 -59.85 -4.27
N ALA J 178 5.06 -59.15 -5.10
CA ALA J 178 6.50 -59.02 -4.85
C ALA J 178 6.79 -58.31 -3.53
N GLN J 179 5.96 -57.32 -3.20
CA GLN J 179 6.11 -56.55 -1.98
C GLN J 179 5.84 -57.42 -0.75
N ARG J 180 4.85 -58.30 -0.88
CA ARG J 180 4.49 -59.21 0.20
C ARG J 180 5.68 -60.13 0.50
N LEU J 181 6.29 -60.67 -0.56
CA LEU J 181 7.43 -61.56 -0.40
C LEU J 181 8.54 -60.84 0.35
N LEU J 182 8.82 -59.61 -0.05
CA LEU J 182 9.88 -58.84 0.61
C LEU J 182 9.55 -58.68 2.09
N ASP J 183 8.27 -58.40 2.37
CA ASP J 183 7.84 -58.23 3.75
C ASP J 183 7.86 -59.52 4.53
N LYS J 184 7.80 -60.65 3.82
CA LYS J 184 7.84 -61.94 4.49
C LYS J 184 9.29 -62.36 4.76
N GLY J 185 10.24 -61.53 4.35
CA GLY J 185 11.63 -61.86 4.61
C GLY J 185 12.61 -61.80 3.44
N ALA J 186 12.11 -61.86 2.22
CA ALA J 186 12.98 -61.79 1.06
C ALA J 186 13.67 -60.44 0.99
N LYS J 187 14.82 -60.39 0.33
CA LYS J 187 15.56 -59.15 0.19
C LYS J 187 15.58 -58.73 -1.27
N LYS J 188 15.67 -59.72 -2.15
CA LYS J 188 15.69 -59.47 -3.59
C LYS J 188 14.61 -60.33 -4.26
N ILE J 189 13.71 -59.68 -4.98
CA ILE J 189 12.63 -60.38 -5.69
C ILE J 189 12.58 -59.86 -7.12
N ALA J 190 12.24 -60.74 -8.06
CA ALA J 190 12.15 -60.33 -9.45
C ALA J 190 10.74 -60.60 -10.01
N ILE J 191 10.38 -59.84 -11.03
CA ILE J 191 9.08 -59.98 -11.67
C ILE J 191 9.32 -60.18 -13.16
N LEU J 192 8.74 -61.24 -13.71
CA LEU J 192 8.87 -61.56 -15.12
C LEU J 192 7.50 -61.40 -15.77
N ASP J 193 7.38 -60.46 -16.70
CA ASP J 193 6.11 -60.18 -17.37
C ASP J 193 6.11 -60.81 -18.78
N VAL J 194 5.38 -61.90 -18.94
CA VAL J 194 5.30 -62.62 -20.20
C VAL J 194 4.08 -62.25 -21.04
N ASP J 195 3.18 -61.49 -20.42
CA ASP J 195 1.96 -61.01 -21.07
C ASP J 195 2.42 -60.30 -22.36
N PHE J 196 1.59 -60.30 -23.40
CA PHE J 196 1.99 -59.67 -24.66
C PHE J 196 2.38 -58.21 -24.52
N HIS J 197 1.59 -57.46 -23.75
CA HIS J 197 1.82 -56.04 -23.53
C HIS J 197 2.90 -55.78 -22.50
N HIS J 198 3.45 -54.58 -22.52
CA HIS J 198 4.49 -54.22 -21.58
C HIS J 198 3.87 -53.89 -20.23
N GLY J 199 4.47 -54.39 -19.15
CA GLY J 199 3.94 -54.08 -17.84
C GLY J 199 4.38 -52.69 -17.44
N ASN J 200 3.86 -51.67 -18.11
CA ASN J 200 4.23 -50.28 -17.82
C ASN J 200 3.93 -49.85 -16.38
N GLY J 201 2.87 -50.42 -15.80
CA GLY J 201 2.53 -50.06 -14.43
C GLY J 201 3.51 -50.65 -13.46
N THR J 202 3.94 -51.88 -13.74
CA THR J 202 4.88 -52.58 -12.86
C THR J 202 6.25 -51.92 -12.95
N GLN J 203 6.67 -51.59 -14.16
CA GLN J 203 7.97 -50.96 -14.32
C GLN J 203 7.98 -49.65 -13.53
N ASP J 204 6.90 -48.90 -13.66
CA ASP J 204 6.77 -47.62 -12.97
C ASP J 204 6.89 -47.76 -11.45
N ILE J 205 6.27 -48.80 -10.91
CA ILE J 205 6.32 -49.02 -9.47
C ILE J 205 7.72 -49.29 -8.89
N PHE J 206 8.56 -50.01 -9.64
CA PHE J 206 9.89 -50.35 -9.18
C PHE J 206 11.04 -49.72 -9.95
N TYR J 207 10.74 -48.79 -10.85
CA TYR J 207 11.78 -48.17 -11.66
C TYR J 207 12.87 -47.50 -10.82
N GLU J 208 12.52 -46.99 -9.65
CA GLU J 208 13.54 -46.34 -8.82
C GLU J 208 13.85 -47.13 -7.53
N ARG J 209 13.59 -48.43 -7.57
CA ARG J 209 13.85 -49.31 -6.44
C ARG J 209 14.82 -50.42 -6.86
N GLY J 210 15.78 -50.72 -5.98
CA GLY J 210 16.75 -51.75 -6.32
C GLY J 210 16.44 -53.14 -5.78
N ASP J 211 15.52 -53.23 -4.83
CA ASP J 211 15.17 -54.50 -4.22
C ASP J 211 14.32 -55.39 -5.11
N VAL J 212 13.74 -54.83 -6.16
CA VAL J 212 12.92 -55.61 -7.07
C VAL J 212 13.34 -55.40 -8.53
N PHE J 213 13.64 -56.51 -9.19
CA PHE J 213 14.06 -56.48 -10.58
C PHE J 213 12.88 -56.70 -11.51
N PHE J 214 12.77 -55.88 -12.55
CA PHE J 214 11.65 -56.05 -13.47
C PHE J 214 12.09 -56.32 -14.90
N ALA J 215 11.61 -57.44 -15.44
CA ALA J 215 11.92 -57.84 -16.81
C ALA J 215 10.60 -58.05 -17.52
N SER J 216 10.52 -57.63 -18.77
CA SER J 216 9.29 -57.76 -19.54
C SER J 216 9.50 -58.09 -21.00
N LEU J 217 8.78 -59.09 -21.49
CA LEU J 217 8.86 -59.46 -22.91
C LEU J 217 7.56 -58.93 -23.45
N HIS J 218 7.61 -58.26 -24.60
CA HIS J 218 6.39 -57.66 -25.14
C HIS J 218 6.53 -57.10 -26.56
N GLY J 219 5.39 -56.79 -27.16
CA GLY J 219 5.35 -56.21 -28.49
C GLY J 219 5.90 -54.80 -28.43
N ASP J 220 6.69 -54.43 -29.45
CA ASP J 220 7.27 -53.11 -29.53
C ASP J 220 6.23 -52.02 -29.29
N PRO J 221 6.45 -51.17 -28.27
CA PRO J 221 5.54 -50.08 -27.92
C PRO J 221 5.36 -49.07 -29.05
N ALA J 222 6.25 -49.12 -30.04
CA ALA J 222 6.14 -48.21 -31.17
C ALA J 222 4.89 -48.54 -31.97
N GLU J 223 4.32 -49.71 -31.71
CA GLU J 223 3.11 -50.13 -32.40
C GLU J 223 2.21 -51.03 -31.56
N ALA J 224 2.30 -50.89 -30.25
CA ALA J 224 1.48 -51.69 -29.35
C ALA J 224 1.25 -51.03 -28.00
N PHE J 225 0.04 -51.20 -27.47
CA PHE J 225 -0.33 -50.66 -26.17
C PHE J 225 0.70 -51.21 -25.16
N PRO J 226 1.07 -50.41 -24.13
CA PRO J 226 0.64 -49.05 -23.78
C PRO J 226 1.29 -47.92 -24.59
N HIS J 227 2.05 -48.28 -25.61
CA HIS J 227 2.66 -47.31 -26.51
C HIS J 227 3.71 -46.33 -26.00
N PHE J 228 3.71 -46.00 -24.72
CA PHE J 228 4.68 -45.02 -24.26
C PHE J 228 5.71 -45.47 -23.25
N LEU J 229 6.01 -46.77 -23.27
CA LEU J 229 6.99 -47.31 -22.36
C LEU J 229 7.27 -48.73 -22.79
N GLY J 230 8.45 -49.23 -22.43
CA GLY J 230 8.81 -50.60 -22.81
C GLY J 230 9.98 -50.71 -23.76
N TYR J 231 10.66 -49.60 -24.00
CA TYR J 231 11.81 -49.56 -24.89
C TYR J 231 13.05 -50.08 -24.15
N ALA J 232 13.94 -50.71 -24.89
CA ALA J 232 15.18 -51.27 -24.35
C ALA J 232 15.98 -50.27 -23.52
N GLU J 233 16.07 -49.04 -24.00
CA GLU J 233 16.81 -47.99 -23.32
C GLU J 233 16.44 -47.82 -21.86
N GLU J 234 15.20 -48.19 -21.52
CA GLU J 234 14.69 -48.08 -20.17
C GLU J 234 15.28 -49.17 -19.26
N THR J 235 16.30 -48.79 -18.48
CA THR J 235 16.96 -49.76 -17.61
C THR J 235 16.93 -49.44 -16.14
N GLY J 236 16.24 -48.36 -15.76
CA GLY J 236 16.20 -48.03 -14.35
C GLY J 236 16.63 -46.61 -14.07
N LYS J 237 16.34 -46.13 -12.87
CA LYS J 237 16.69 -44.78 -12.52
C LYS J 237 17.11 -44.70 -11.06
N GLY J 238 18.05 -43.81 -10.78
CA GLY J 238 18.53 -43.61 -9.42
C GLY J 238 18.91 -44.88 -8.68
N ALA J 239 18.31 -45.06 -7.51
CA ALA J 239 18.58 -46.23 -6.67
C ALA J 239 18.16 -47.53 -7.36
N GLY J 240 17.37 -47.40 -8.42
CA GLY J 240 16.91 -48.57 -9.15
C GLY J 240 17.62 -48.69 -10.48
N ALA J 241 18.70 -47.95 -10.63
CA ALA J 241 19.44 -48.01 -11.88
C ALA J 241 19.92 -49.44 -12.10
N GLY J 242 19.72 -49.95 -13.31
CA GLY J 242 20.16 -51.30 -13.62
C GLY J 242 19.25 -52.45 -13.16
N THR J 243 18.02 -52.15 -12.78
CA THR J 243 17.11 -53.22 -12.35
C THR J 243 15.83 -53.30 -13.16
N THR J 244 15.92 -52.92 -14.43
CA THR J 244 14.78 -52.96 -15.35
C THR J 244 15.27 -53.40 -16.72
N ALA J 245 14.74 -54.50 -17.22
CA ALA J 245 15.14 -55.02 -18.52
C ALA J 245 13.96 -55.30 -19.43
N ASN J 246 13.84 -54.50 -20.49
CA ASN J 246 12.74 -54.64 -21.45
C ASN J 246 13.16 -55.35 -22.72
N TYR J 247 12.28 -56.19 -23.23
CA TYR J 247 12.56 -56.93 -24.45
C TYR J 247 11.44 -56.74 -25.47
N PRO J 248 11.45 -55.60 -26.18
CA PRO J 248 10.42 -55.32 -27.18
C PRO J 248 10.69 -56.15 -28.43
N MET J 249 9.64 -56.68 -29.04
CA MET J 249 9.79 -57.48 -30.25
C MET J 249 8.72 -57.13 -31.29
N GLY J 250 9.05 -57.28 -32.57
CA GLY J 250 8.13 -56.95 -33.65
C GLY J 250 6.97 -57.89 -33.89
N ARG J 251 6.17 -57.59 -34.91
CA ARG J 251 5.00 -58.41 -35.24
C ARG J 251 5.43 -59.76 -35.82
N GLY J 252 4.61 -60.78 -35.55
CA GLY J 252 4.91 -62.12 -36.05
C GLY J 252 6.13 -62.75 -35.40
N THR J 253 6.25 -62.61 -34.09
CA THR J 253 7.38 -63.18 -33.39
C THR J 253 7.01 -64.58 -32.88
N PRO J 254 7.74 -65.61 -33.35
CA PRO J 254 7.52 -67.01 -32.98
C PRO J 254 8.27 -67.34 -31.67
N TYR J 255 7.94 -68.46 -31.05
CA TYR J 255 8.58 -68.84 -29.80
C TYR J 255 10.11 -68.87 -29.90
N SER J 256 10.62 -69.15 -31.08
CA SER J 256 12.08 -69.22 -31.30
C SER J 256 12.79 -67.90 -30.97
N VAL J 257 12.18 -66.78 -31.35
CA VAL J 257 12.78 -65.48 -31.07
C VAL J 257 12.39 -65.05 -29.66
N TRP J 258 11.14 -65.32 -29.29
CA TRP J 258 10.62 -64.98 -27.98
C TRP J 258 11.39 -65.75 -26.90
N GLY J 259 11.71 -67.01 -27.22
CA GLY J 259 12.43 -67.85 -26.29
C GLY J 259 13.82 -67.33 -25.96
N GLU J 260 14.42 -66.60 -26.90
CA GLU J 260 15.76 -66.04 -26.69
C GLU J 260 15.71 -64.90 -25.67
N ALA J 261 14.67 -64.07 -25.77
CA ALA J 261 14.51 -62.96 -24.83
C ALA J 261 14.24 -63.53 -23.44
N LEU J 262 13.44 -64.59 -23.39
CA LEU J 262 13.11 -65.22 -22.13
C LEU J 262 14.38 -65.71 -21.44
N THR J 263 15.24 -66.38 -22.21
CA THR J 263 16.50 -66.91 -21.70
C THR J 263 17.40 -65.82 -21.14
N ASP J 264 17.54 -64.72 -21.89
CA ASP J 264 18.38 -63.63 -21.43
C ASP J 264 17.82 -62.96 -20.18
N SER J 265 16.50 -62.80 -20.12
CA SER J 265 15.90 -62.17 -18.95
C SER J 265 16.15 -63.02 -17.72
N LEU J 266 15.93 -64.33 -17.84
CA LEU J 266 16.15 -65.23 -16.72
C LEU J 266 17.61 -65.14 -16.28
N LYS J 267 18.49 -64.91 -17.25
CA LYS J 267 19.92 -64.80 -16.94
C LYS J 267 20.14 -63.55 -16.08
N ARG J 268 19.50 -62.45 -16.44
CA ARG J 268 19.63 -61.21 -15.69
C ARG J 268 19.02 -61.32 -14.31
N ILE J 269 17.93 -62.09 -14.22
CA ILE J 269 17.23 -62.30 -12.96
C ILE J 269 18.11 -63.13 -12.01
N ALA J 270 18.80 -64.11 -12.57
CA ALA J 270 19.70 -64.95 -11.80
C ALA J 270 20.88 -64.11 -11.30
N ALA J 271 21.39 -63.25 -12.17
CA ALA J 271 22.51 -62.38 -11.82
C ALA J 271 22.11 -61.38 -10.74
N PHE J 272 20.86 -60.92 -10.80
CA PHE J 272 20.34 -59.97 -9.82
C PHE J 272 20.32 -60.67 -8.47
N GLY J 273 20.08 -61.98 -8.50
CA GLY J 273 20.03 -62.76 -7.29
C GLY J 273 18.65 -62.81 -6.68
N ALA J 274 17.64 -63.07 -7.50
CA ALA J 274 16.26 -63.13 -7.02
C ALA J 274 16.03 -64.35 -6.14
N GLU J 275 15.39 -64.13 -4.99
CA GLU J 275 15.09 -65.20 -4.05
C GLU J 275 13.83 -65.94 -4.50
N ALA J 276 13.11 -65.34 -5.44
CA ALA J 276 11.90 -65.94 -5.96
C ALA J 276 11.50 -65.11 -7.16
N ILE J 277 10.57 -65.63 -7.96
CA ILE J 277 10.11 -64.92 -9.15
C ILE J 277 8.59 -64.84 -9.25
N VAL J 278 8.07 -63.62 -9.40
CA VAL J 278 6.64 -63.42 -9.57
C VAL J 278 6.44 -63.34 -11.08
N VAL J 279 5.60 -64.22 -11.62
CA VAL J 279 5.37 -64.24 -13.06
C VAL J 279 4.01 -63.68 -13.47
N SER J 280 4.02 -62.53 -14.13
CA SER J 280 2.81 -61.90 -14.63
C SER J 280 2.52 -62.64 -15.92
N LEU J 281 1.62 -63.62 -15.81
CA LEU J 281 1.26 -64.44 -16.95
C LEU J 281 0.10 -63.91 -17.76
N GLY J 282 0.39 -63.54 -19.00
CA GLY J 282 -0.61 -63.05 -19.91
C GLY J 282 -0.53 -63.98 -21.08
N VAL J 283 -1.61 -64.67 -21.39
CA VAL J 283 -1.60 -65.60 -22.51
C VAL J 283 -2.05 -64.94 -23.80
N ASP J 284 -2.09 -63.61 -23.82
CA ASP J 284 -2.48 -62.93 -25.05
C ASP J 284 -1.34 -62.83 -26.05
N THR J 285 -0.33 -63.68 -25.85
CA THR J 285 0.81 -63.74 -26.75
C THR J 285 0.46 -64.80 -27.79
N PHE J 286 -0.62 -65.52 -27.51
CA PHE J 286 -1.13 -66.58 -28.38
C PHE J 286 -1.37 -66.02 -29.78
N GLU J 287 -1.15 -66.85 -30.79
CA GLU J 287 -1.33 -66.44 -32.19
C GLU J 287 -2.77 -66.07 -32.55
N GLN J 288 -3.74 -66.57 -31.80
CA GLN J 288 -5.14 -66.28 -32.09
C GLN J 288 -5.73 -65.16 -31.24
N ASP J 289 -4.88 -64.42 -30.54
CA ASP J 289 -5.37 -63.34 -29.71
C ASP J 289 -5.84 -62.17 -30.56
N PRO J 290 -7.09 -61.73 -30.34
CA PRO J 290 -7.71 -60.61 -31.06
C PRO J 290 -6.99 -59.26 -31.03
N ILE J 291 -6.25 -58.98 -29.95
CA ILE J 291 -5.54 -57.72 -29.84
C ILE J 291 -4.03 -57.84 -29.67
N SER J 292 -3.42 -58.81 -30.35
CA SER J 292 -1.98 -59.04 -30.25
C SER J 292 -1.40 -59.57 -31.55
N PHE J 293 -0.11 -59.33 -31.77
CA PHE J 293 0.53 -59.79 -33.01
C PHE J 293 1.69 -60.76 -32.82
N PHE J 294 1.60 -61.60 -31.80
CA PHE J 294 2.65 -62.59 -31.55
C PHE J 294 2.18 -63.94 -32.06
N LYS J 295 3.12 -64.80 -32.42
CA LYS J 295 2.78 -66.11 -32.96
C LYS J 295 3.25 -67.26 -32.08
N LEU J 296 2.66 -67.40 -30.89
CA LEU J 296 3.03 -68.49 -29.99
C LEU J 296 1.94 -69.56 -30.02
N THR J 297 2.37 -70.82 -30.09
CA THR J 297 1.45 -71.96 -30.14
C THR J 297 1.22 -72.50 -28.72
N SER J 298 0.10 -73.18 -28.52
CA SER J 298 -0.21 -73.73 -27.20
C SER J 298 0.94 -74.51 -26.58
N PRO J 299 1.57 -75.42 -27.34
CA PRO J 299 2.68 -76.21 -26.80
C PRO J 299 3.84 -75.35 -26.29
N ASP J 300 4.02 -74.16 -26.86
CA ASP J 300 5.10 -73.27 -26.43
C ASP J 300 4.98 -72.89 -24.95
N TYR J 301 3.75 -72.71 -24.47
CA TYR J 301 3.51 -72.34 -23.08
C TYR J 301 4.03 -73.37 -22.10
N ILE J 302 4.12 -74.61 -22.53
CA ILE J 302 4.63 -75.67 -21.67
C ILE J 302 6.15 -75.49 -21.58
N THR J 303 6.76 -75.09 -22.70
CA THR J 303 8.21 -74.86 -22.75
C THR J 303 8.55 -73.64 -21.93
N MET J 304 7.64 -72.68 -21.94
CA MET J 304 7.80 -71.43 -21.20
C MET J 304 7.80 -71.70 -19.70
N GLY J 305 6.81 -72.46 -19.25
CA GLY J 305 6.69 -72.79 -17.84
C GLY J 305 7.86 -73.63 -17.34
N ARG J 306 8.39 -74.48 -18.22
CA ARG J 306 9.52 -75.34 -17.89
C ARG J 306 10.79 -74.51 -17.79
N THR J 307 11.02 -73.65 -18.78
CA THR J 307 12.22 -72.80 -18.82
C THR J 307 12.35 -71.89 -17.60
N ILE J 308 11.25 -71.23 -17.24
CA ILE J 308 11.22 -70.33 -16.10
C ILE J 308 11.37 -71.09 -14.79
N ALA J 309 10.72 -72.23 -14.67
CA ALA J 309 10.82 -73.03 -13.46
C ALA J 309 12.24 -73.59 -13.30
N ALA J 310 13.02 -73.61 -14.38
CA ALA J 310 14.38 -74.13 -14.35
C ALA J 310 15.38 -73.19 -13.70
N SER J 311 14.87 -72.13 -13.07
CA SER J 311 15.71 -71.14 -12.40
C SER J 311 15.96 -71.59 -10.95
N GLY J 312 15.18 -72.57 -10.50
CA GLY J 312 15.33 -73.08 -9.15
C GLY J 312 14.56 -72.33 -8.09
N VAL J 313 14.42 -71.03 -8.27
CA VAL J 313 13.70 -70.22 -7.29
C VAL J 313 12.19 -70.43 -7.38
N PRO J 314 11.48 -70.26 -6.25
CA PRO J 314 10.02 -70.42 -6.19
C PRO J 314 9.31 -69.49 -7.18
N LEU J 315 8.23 -69.98 -7.79
CA LEU J 315 7.48 -69.18 -8.75
C LEU J 315 6.02 -68.94 -8.36
N LEU J 316 5.61 -67.68 -8.42
CA LEU J 316 4.24 -67.30 -8.15
C LEU J 316 3.68 -66.79 -9.47
N VAL J 317 2.77 -67.55 -10.06
CA VAL J 317 2.19 -67.15 -11.33
C VAL J 317 0.92 -66.33 -11.09
N VAL J 318 0.91 -65.12 -11.65
CA VAL J 318 -0.23 -64.21 -11.52
C VAL J 318 -0.90 -64.04 -12.87
N MET J 319 -2.23 -64.05 -12.89
CA MET J 319 -2.97 -63.90 -14.13
C MET J 319 -3.03 -62.44 -14.57
N GLU J 320 -2.82 -62.22 -15.86
CA GLU J 320 -2.89 -60.88 -16.46
C GLU J 320 -3.84 -60.95 -17.67
N GLY J 321 -3.29 -60.83 -18.89
CA GLY J 321 -4.10 -60.87 -20.09
C GLY J 321 -4.42 -62.21 -20.74
N GLY J 322 -5.12 -62.14 -21.87
CA GLY J 322 -5.54 -63.32 -22.61
C GLY J 322 -7.02 -63.12 -22.89
N TYR J 323 -7.38 -62.84 -24.14
CA TYR J 323 -8.78 -62.58 -24.49
C TYR J 323 -9.27 -63.32 -25.72
N GLY J 324 -10.59 -63.36 -25.87
CA GLY J 324 -11.19 -64.00 -27.03
C GLY J 324 -11.38 -65.50 -26.97
N VAL J 325 -10.68 -66.20 -27.85
CA VAL J 325 -10.73 -67.65 -27.98
C VAL J 325 -10.71 -68.39 -26.63
N PRO J 326 -11.43 -69.51 -26.53
CA PRO J 326 -11.47 -70.30 -25.30
C PRO J 326 -10.15 -71.00 -25.01
N GLU J 327 -9.18 -70.85 -25.91
CA GLU J 327 -7.87 -71.45 -25.72
C GLU J 327 -7.12 -70.82 -24.56
N ILE J 328 -7.58 -69.66 -24.09
CA ILE J 328 -6.92 -68.99 -22.97
C ILE J 328 -6.77 -69.93 -21.79
N GLY J 329 -7.80 -70.73 -21.55
CA GLY J 329 -7.75 -71.67 -20.44
C GLY J 329 -6.65 -72.70 -20.64
N LEU J 330 -6.64 -73.33 -21.81
CA LEU J 330 -5.64 -74.35 -22.12
C LEU J 330 -4.21 -73.80 -22.02
N ASN J 331 -4.01 -72.59 -22.55
CA ASN J 331 -2.69 -71.97 -22.53
C ASN J 331 -2.16 -71.76 -21.12
N VAL J 332 -3.01 -71.27 -20.22
CA VAL J 332 -2.59 -71.04 -18.84
C VAL J 332 -2.31 -72.38 -18.18
N ALA J 333 -3.14 -73.36 -18.48
CA ALA J 333 -2.99 -74.69 -17.92
C ALA J 333 -1.62 -75.24 -18.30
N ASN J 334 -1.25 -75.10 -19.58
CA ASN J 334 0.03 -75.58 -20.07
C ASN J 334 1.23 -74.95 -19.36
N VAL J 335 1.16 -73.64 -19.11
CA VAL J 335 2.25 -72.94 -18.43
C VAL J 335 2.43 -73.50 -17.01
N LEU J 336 1.30 -73.87 -16.41
CA LEU J 336 1.32 -74.42 -15.06
C LEU J 336 1.87 -75.84 -15.07
N LYS J 337 1.59 -76.57 -16.14
CA LYS J 337 2.08 -77.94 -16.28
C LYS J 337 3.59 -77.90 -16.48
N GLY J 338 4.06 -76.89 -17.20
CA GLY J 338 5.48 -76.75 -17.43
C GLY J 338 6.23 -76.37 -16.17
N VAL J 339 5.55 -75.74 -15.23
CA VAL J 339 6.15 -75.32 -13.97
C VAL J 339 6.13 -76.46 -12.96
N ALA J 340 5.03 -77.22 -12.97
CA ALA J 340 4.88 -78.35 -12.06
C ALA J 340 5.78 -79.51 -12.45
N MET K 1 -66.41 33.35 22.47
CA MET K 1 -65.41 32.75 21.57
C MET K 1 -65.51 31.23 21.60
N ARG K 2 -65.34 30.62 20.43
CA ARG K 2 -65.42 29.17 20.34
C ARG K 2 -64.22 28.54 21.02
N VAL K 3 -64.47 27.36 21.60
CA VAL K 3 -63.43 26.61 22.31
C VAL K 3 -63.18 25.29 21.61
N ILE K 4 -61.95 25.09 21.15
CA ILE K 4 -61.56 23.85 20.46
C ILE K 4 -60.98 22.89 21.48
N PHE K 5 -61.49 21.67 21.51
CA PHE K 5 -61.04 20.69 22.48
C PHE K 5 -61.21 19.23 22.03
N SER K 6 -60.18 18.43 22.25
CA SER K 6 -60.21 17.02 21.87
C SER K 6 -60.21 16.07 23.07
N GLU K 7 -61.06 15.05 23.01
CA GLU K 7 -61.14 14.07 24.08
C GLU K 7 -59.93 13.16 24.06
N ASP K 8 -59.22 13.09 22.94
CA ASP K 8 -58.06 12.21 22.85
C ASP K 8 -56.87 12.71 23.68
N HIS K 9 -57.04 13.81 24.40
CA HIS K 9 -55.96 14.31 25.23
C HIS K 9 -55.72 13.26 26.32
N LYS K 10 -56.74 12.45 26.61
CA LYS K 10 -56.62 11.43 27.64
C LYS K 10 -55.75 10.26 27.23
N LEU K 11 -55.39 10.22 25.95
CA LEU K 11 -54.50 9.16 25.45
C LEU K 11 -53.14 9.36 26.08
N ARG K 12 -52.87 10.59 26.49
CA ARG K 12 -51.63 10.94 27.16
C ARG K 12 -51.93 10.88 28.65
N ASN K 13 -51.61 9.76 29.27
CA ASN K 13 -51.86 9.57 30.69
C ASN K 13 -50.70 8.85 31.34
N ALA K 14 -49.54 9.49 31.27
CA ALA K 14 -48.29 8.96 31.83
C ALA K 14 -48.47 8.69 33.32
N LYS K 15 -47.74 7.71 33.83
CA LYS K 15 -47.87 7.36 35.24
C LYS K 15 -46.76 7.89 36.10
N THR K 16 -45.62 8.18 35.49
CA THR K 16 -44.48 8.67 36.25
C THR K 16 -43.87 9.97 35.73
N GLU K 17 -43.21 10.67 36.64
CA GLU K 17 -42.53 11.92 36.33
C GLU K 17 -41.36 12.01 37.29
N LEU K 18 -40.16 12.14 36.74
CA LEU K 18 -38.97 12.24 37.57
C LEU K 18 -38.99 13.63 38.20
N TYR K 19 -39.29 13.67 39.50
CA TYR K 19 -39.38 14.91 40.25
C TYR K 19 -38.75 14.77 41.65
N GLY K 20 -37.82 15.66 41.96
CA GLY K 20 -37.16 15.62 43.25
C GLY K 20 -36.51 14.29 43.54
N GLY K 21 -35.93 13.69 42.51
CA GLY K 21 -35.26 12.41 42.68
C GLY K 21 -36.19 11.23 42.87
N GLU K 22 -37.49 11.40 42.56
CA GLU K 22 -38.46 10.32 42.71
C GLU K 22 -39.37 10.27 41.49
N LEU K 23 -39.98 9.12 41.27
CA LEU K 23 -40.92 8.96 40.17
C LEU K 23 -42.30 9.12 40.78
N VAL K 24 -42.86 10.31 40.63
CA VAL K 24 -44.16 10.64 41.20
C VAL K 24 -45.23 10.83 40.13
N PRO K 25 -46.51 10.88 40.54
CA PRO K 25 -47.59 11.08 39.56
C PRO K 25 -47.37 12.40 38.83
N PRO K 26 -47.48 12.41 37.50
CA PRO K 26 -47.28 13.62 36.70
C PRO K 26 -48.13 14.82 37.07
N PHE K 27 -47.48 15.97 37.18
CA PHE K 27 -48.14 17.23 37.49
C PHE K 27 -49.08 17.54 36.35
N GLU K 28 -48.66 17.18 35.14
CA GLU K 28 -49.46 17.42 33.95
C GLU K 28 -50.32 16.18 33.67
N ALA K 29 -51.45 16.10 34.38
CA ALA K 29 -52.38 14.98 34.26
C ALA K 29 -53.70 15.36 33.58
N PRO K 30 -54.47 14.35 33.12
CA PRO K 30 -55.76 14.57 32.44
C PRO K 30 -56.79 15.43 33.18
N PHE K 31 -56.83 15.35 34.51
CA PHE K 31 -57.81 16.13 35.26
C PHE K 31 -57.68 17.63 35.00
N ARG K 32 -56.52 18.08 34.52
CA ARG K 32 -56.30 19.49 34.23
C ARG K 32 -57.26 19.98 33.15
N ALA K 33 -57.34 19.23 32.05
CA ALA K 33 -58.21 19.60 30.97
C ALA K 33 -59.65 19.60 31.45
N GLU K 34 -60.04 18.54 32.16
CA GLU K 34 -61.40 18.44 32.67
C GLU K 34 -61.77 19.66 33.51
N TRP K 35 -60.92 20.02 34.46
CA TRP K 35 -61.18 21.17 35.31
C TRP K 35 -61.27 22.47 34.52
N ILE K 36 -60.38 22.65 33.55
CA ILE K 36 -60.38 23.85 32.74
C ILE K 36 -61.62 23.92 31.86
N LEU K 37 -61.95 22.80 31.23
CA LEU K 37 -63.12 22.72 30.37
C LEU K 37 -64.37 23.07 31.16
N ALA K 38 -64.47 22.55 32.37
CA ALA K 38 -65.65 22.80 33.19
C ALA K 38 -65.82 24.29 33.50
N ALA K 39 -64.75 24.92 33.95
CA ALA K 39 -64.77 26.34 34.30
C ALA K 39 -65.14 27.24 33.13
N VAL K 40 -64.58 26.98 31.96
CA VAL K 40 -64.89 27.81 30.78
C VAL K 40 -66.33 27.67 30.36
N LYS K 41 -66.85 26.44 30.35
CA LYS K 41 -68.25 26.21 29.99
C LYS K 41 -69.10 27.00 30.99
N GLU K 42 -68.75 26.87 32.27
CA GLU K 42 -69.42 27.51 33.39
C GLU K 42 -69.39 29.04 33.28
N ALA K 43 -68.31 29.57 32.70
CA ALA K 43 -68.18 31.02 32.54
C ALA K 43 -68.88 31.51 31.28
N GLY K 44 -69.63 30.62 30.64
CA GLY K 44 -70.34 31.01 29.44
C GLY K 44 -69.79 30.48 28.13
N PHE K 45 -68.50 30.17 28.10
CA PHE K 45 -67.89 29.68 26.87
C PHE K 45 -68.21 28.20 26.73
N ASP K 46 -69.43 27.89 26.32
CA ASP K 46 -69.86 26.51 26.18
C ASP K 46 -69.94 25.97 24.76
N ASP K 47 -69.42 26.73 23.79
CA ASP K 47 -69.43 26.29 22.40
C ASP K 47 -68.13 25.51 22.14
N VAL K 48 -68.08 24.29 22.66
CA VAL K 48 -66.92 23.42 22.52
C VAL K 48 -67.07 22.48 21.33
N VAL K 49 -66.10 22.51 20.41
CA VAL K 49 -66.15 21.63 19.25
C VAL K 49 -64.86 20.84 19.15
N ALA K 50 -64.96 19.58 18.74
CA ALA K 50 -63.79 18.73 18.60
C ALA K 50 -63.07 19.16 17.32
N PRO K 51 -61.73 19.02 17.28
CA PRO K 51 -60.96 19.41 16.08
C PRO K 51 -61.16 18.46 14.91
N ALA K 52 -60.84 18.94 13.71
CA ALA K 52 -60.96 18.13 12.51
C ALA K 52 -59.65 17.36 12.27
N ARG K 53 -59.64 16.50 11.25
CA ARG K 53 -58.47 15.70 10.90
C ARG K 53 -57.45 16.60 10.20
N HIS K 54 -56.18 16.46 10.57
CA HIS K 54 -55.13 17.27 9.96
C HIS K 54 -53.87 16.48 9.64
N GLY K 55 -53.17 16.93 8.60
CA GLY K 55 -51.93 16.28 8.19
C GLY K 55 -50.72 16.79 8.95
N LEU K 56 -49.54 16.62 8.37
CA LEU K 56 -48.31 17.05 8.99
C LEU K 56 -47.71 18.26 8.29
N GLU K 57 -48.39 18.74 7.25
CA GLU K 57 -47.92 19.90 6.49
C GLU K 57 -47.62 21.12 7.35
N THR K 58 -48.51 21.46 8.27
CA THR K 58 -48.28 22.63 9.10
C THR K 58 -47.12 22.39 10.06
N VAL K 59 -47.19 21.26 10.77
CA VAL K 59 -46.17 20.90 11.76
C VAL K 59 -44.77 20.69 11.15
N LEU K 60 -44.70 20.22 9.90
CA LEU K 60 -43.41 20.01 9.25
C LEU K 60 -42.72 21.32 8.92
N LYS K 61 -43.38 22.44 9.21
CA LYS K 61 -42.76 23.74 8.94
C LYS K 61 -42.14 24.35 10.19
N VAL K 62 -42.40 23.74 11.35
CA VAL K 62 -41.83 24.24 12.60
C VAL K 62 -40.97 23.20 13.34
N HIS K 63 -41.29 21.92 13.16
CA HIS K 63 -40.52 20.86 13.80
C HIS K 63 -39.72 20.06 12.78
N ASP K 64 -38.63 19.43 13.25
CA ASP K 64 -37.78 18.62 12.39
C ASP K 64 -38.48 17.30 12.06
N ALA K 65 -38.35 16.84 10.82
CA ALA K 65 -38.98 15.59 10.40
C ALA K 65 -38.44 14.38 11.14
N GLY K 66 -37.16 14.42 11.50
CA GLY K 66 -36.54 13.33 12.21
C GLY K 66 -37.12 13.23 13.60
N TYR K 67 -37.34 14.39 14.20
CA TYR K 67 -37.90 14.47 15.54
C TYR K 67 -39.31 13.91 15.53
N LEU K 68 -40.14 14.34 14.58
CA LEU K 68 -41.52 13.85 14.50
C LEU K 68 -41.57 12.32 14.30
N ASN K 69 -40.77 11.81 13.36
CA ASN K 69 -40.72 10.38 13.10
C ASN K 69 -40.33 9.65 14.38
N PHE K 70 -39.37 10.24 15.10
CA PHE K 70 -38.92 9.65 16.36
C PHE K 70 -40.06 9.52 17.37
N LEU K 71 -40.81 10.60 17.55
CA LEU K 71 -41.92 10.59 18.51
C LEU K 71 -42.92 9.51 18.17
N GLU K 72 -43.34 9.47 16.92
CA GLU K 72 -44.32 8.50 16.46
C GLU K 72 -44.03 7.08 16.89
N THR K 73 -42.75 6.71 16.96
CA THR K 73 -42.42 5.33 17.32
C THR K 73 -41.61 5.12 18.60
N ALA K 74 -41.37 6.19 19.34
CA ALA K 74 -40.61 6.08 20.56
C ALA K 74 -41.10 4.98 21.50
N TRP K 75 -42.37 5.05 21.90
CA TRP K 75 -42.91 4.05 22.81
C TRP K 75 -42.71 2.62 22.36
N ASP K 76 -43.10 2.31 21.12
CA ASP K 76 -42.94 0.95 20.61
C ASP K 76 -41.50 0.48 20.67
N ARG K 77 -40.59 1.31 20.15
CA ARG K 77 -39.17 0.93 20.15
C ARG K 77 -38.67 0.72 21.58
N TRP K 78 -39.18 1.55 22.49
CA TRP K 78 -38.79 1.46 23.90
C TRP K 78 -39.29 0.17 24.54
N LYS K 79 -40.56 -0.14 24.31
CA LYS K 79 -41.16 -1.34 24.87
C LYS K 79 -40.46 -2.59 24.32
N ALA K 80 -40.19 -2.60 23.02
CA ALA K 80 -39.53 -3.73 22.38
C ALA K 80 -38.09 -3.85 22.86
N ALA K 81 -37.54 -2.75 23.38
CA ALA K 81 -36.18 -2.74 23.86
C ALA K 81 -36.06 -3.53 25.17
N GLY K 82 -37.21 -3.89 25.74
CA GLY K 82 -37.22 -4.67 26.96
C GLY K 82 -37.32 -3.87 28.25
N TYR K 83 -37.39 -2.55 28.17
CA TYR K 83 -37.48 -1.76 29.40
C TYR K 83 -38.85 -1.88 30.04
N LYS K 84 -38.86 -1.84 31.36
CA LYS K 84 -40.09 -2.00 32.10
C LYS K 84 -40.83 -0.73 32.54
N GLY K 85 -40.11 0.38 32.70
CA GLY K 85 -40.78 1.61 33.09
C GLY K 85 -41.18 2.40 31.86
N GLU K 86 -41.46 3.68 32.03
CA GLU K 86 -41.81 4.50 30.90
C GLU K 86 -40.54 4.99 30.22
N ALA K 87 -40.68 5.44 28.98
CA ALA K 87 -39.55 5.91 28.21
C ALA K 87 -39.00 7.22 28.76
N ILE K 88 -37.88 7.13 29.47
CA ILE K 88 -37.24 8.31 30.03
C ILE K 88 -35.78 8.37 29.59
N ALA K 89 -35.36 9.52 29.09
CA ALA K 89 -33.98 9.71 28.62
C ALA K 89 -33.03 9.94 29.79
N THR K 90 -31.85 9.33 29.73
CA THR K 90 -30.88 9.51 30.80
C THR K 90 -29.57 10.14 30.32
N SER K 91 -29.23 9.91 29.06
CA SER K 91 -28.01 10.46 28.49
C SER K 91 -28.35 11.64 27.57
N PHE K 92 -27.58 12.72 27.65
CA PHE K 92 -27.88 13.90 26.83
C PHE K 92 -26.70 14.55 26.12
N PRO K 93 -26.94 15.09 24.91
CA PRO K 93 -25.88 15.75 24.14
C PRO K 93 -25.63 17.16 24.68
N VAL K 94 -24.88 17.24 25.77
CA VAL K 94 -24.60 18.54 26.36
C VAL K 94 -23.38 19.23 25.75
N ARG K 95 -22.71 20.05 26.54
CA ARG K 95 -21.55 20.79 26.07
C ARG K 95 -20.47 19.96 25.40
N ARG K 96 -19.84 20.54 24.38
CA ARG K 96 -18.76 19.92 23.66
C ARG K 96 -19.00 18.46 23.26
N THR K 97 -20.20 18.14 22.80
CA THR K 97 -20.51 16.80 22.35
C THR K 97 -20.60 16.76 20.82
N SER K 98 -20.64 15.54 20.27
CA SER K 98 -20.77 15.35 18.83
C SER K 98 -22.19 15.66 18.40
N PRO K 99 -22.35 16.16 17.16
CA PRO K 99 -23.68 16.49 16.61
C PRO K 99 -24.37 15.28 15.98
N ARG K 100 -23.62 14.20 15.79
CA ARG K 100 -24.15 13.00 15.20
C ARG K 100 -25.35 12.41 15.95
N ILE K 101 -26.30 11.88 15.18
CA ILE K 101 -27.51 11.29 15.74
C ILE K 101 -27.37 9.79 15.99
N PRO K 102 -27.58 9.34 17.23
CA PRO K 102 -27.46 7.92 17.56
C PRO K 102 -28.51 7.11 16.76
N THR K 103 -28.41 5.79 16.78
CA THR K 103 -29.34 4.96 16.04
C THR K 103 -30.28 4.16 16.94
N ASP K 104 -29.80 3.73 18.11
CA ASP K 104 -30.62 2.94 19.02
C ASP K 104 -31.65 3.79 19.78
N ILE K 105 -32.64 3.15 20.39
CA ILE K 105 -33.66 3.88 21.10
C ILE K 105 -33.11 4.64 22.28
N GLU K 106 -32.18 4.04 23.01
CA GLU K 106 -31.58 4.69 24.18
C GLU K 106 -30.92 6.02 23.78
N GLY K 107 -30.04 5.96 22.80
CA GLY K 107 -29.34 7.16 22.37
C GLY K 107 -30.24 8.21 21.74
N GLN K 108 -31.22 7.75 20.97
CA GLN K 108 -32.09 8.69 20.31
C GLN K 108 -33.04 9.45 21.24
N ILE K 109 -33.57 8.78 22.27
CA ILE K 109 -34.47 9.48 23.16
C ILE K 109 -33.70 10.60 23.85
N GLY K 110 -32.41 10.36 24.11
CA GLY K 110 -31.60 11.39 24.73
C GLY K 110 -31.31 12.50 23.73
N TYR K 111 -31.12 12.11 22.47
CA TYR K 111 -30.82 13.09 21.42
C TYR K 111 -31.97 14.08 21.23
N TYR K 112 -33.20 13.57 21.24
CA TYR K 112 -34.40 14.37 21.04
C TYR K 112 -35.07 14.90 22.32
N CYS K 113 -34.34 14.91 23.44
CA CYS K 113 -34.92 15.36 24.69
C CYS K 113 -34.07 16.43 25.38
N ASN K 114 -34.73 17.42 26.01
CA ASN K 114 -34.03 18.49 26.71
C ASN K 114 -34.37 18.48 28.20
N ALA K 115 -35.20 17.51 28.60
CA ALA K 115 -35.61 17.38 29.99
C ALA K 115 -36.11 15.97 30.30
N ALA K 116 -35.44 15.30 31.23
CA ALA K 116 -35.76 13.93 31.62
C ALA K 116 -37.01 13.77 32.50
N GLU K 117 -37.55 14.86 33.01
CA GLU K 117 -38.72 14.74 33.85
C GLU K 117 -39.96 14.41 33.02
N THR K 118 -39.81 14.43 31.70
CA THR K 118 -40.93 14.12 30.83
C THR K 118 -40.77 12.71 30.26
N ALA K 119 -41.72 11.84 30.57
CA ALA K 119 -41.68 10.46 30.10
C ALA K 119 -42.63 10.24 28.94
N ILE K 120 -42.21 9.41 27.98
CA ILE K 120 -43.07 9.08 26.83
C ILE K 120 -43.80 7.81 27.24
N SER K 121 -45.12 7.85 27.10
CA SER K 121 -45.96 6.71 27.48
C SER K 121 -46.86 6.29 26.32
N PRO K 122 -47.61 5.20 26.50
CA PRO K 122 -48.50 4.77 25.41
C PRO K 122 -49.56 5.85 25.12
N GLY K 123 -49.81 6.10 23.84
CA GLY K 123 -50.80 7.09 23.47
C GLY K 123 -50.34 8.53 23.48
N THR K 124 -49.06 8.75 23.78
CA THR K 124 -48.55 10.10 23.82
C THR K 124 -48.56 10.73 22.42
N TRP K 125 -48.09 9.98 21.43
CA TRP K 125 -48.05 10.50 20.07
C TRP K 125 -49.44 10.93 19.61
N GLU K 126 -50.42 10.03 19.73
CA GLU K 126 -51.78 10.34 19.34
C GLU K 126 -52.33 11.54 20.11
N ALA K 127 -52.12 11.54 21.42
CA ALA K 127 -52.57 12.64 22.25
C ALA K 127 -51.97 13.94 21.73
N ALA K 128 -50.66 13.93 21.45
CA ALA K 128 -50.00 15.13 20.96
C ALA K 128 -50.55 15.57 19.60
N LEU K 129 -50.96 14.61 18.77
CA LEU K 129 -51.49 14.96 17.46
C LEU K 129 -52.86 15.61 17.56
N SER K 130 -53.68 15.13 18.49
CA SER K 130 -55.02 15.70 18.67
C SER K 130 -54.87 17.11 19.21
N SER K 131 -53.93 17.27 20.13
CA SER K 131 -53.68 18.58 20.71
C SER K 131 -53.19 19.52 19.60
N MET K 132 -52.36 19.01 18.70
CA MET K 132 -51.86 19.83 17.59
C MET K 132 -53.07 20.26 16.77
N ALA K 133 -53.95 19.29 16.50
CA ALA K 133 -55.15 19.55 15.73
C ALA K 133 -55.99 20.69 16.32
N SER K 134 -56.17 20.70 17.63
CA SER K 134 -56.95 21.76 18.27
C SER K 134 -56.42 23.17 18.02
N ALA K 135 -55.08 23.29 18.02
CA ALA K 135 -54.45 24.57 17.81
C ALA K 135 -54.61 25.03 16.37
N ILE K 136 -54.58 24.08 15.44
CA ILE K 136 -54.72 24.45 14.03
C ILE K 136 -56.12 24.99 13.80
N ASP K 137 -57.12 24.25 14.28
CA ASP K 137 -58.51 24.66 14.13
C ASP K 137 -58.74 26.03 14.78
N GLY K 138 -58.05 26.25 15.89
CA GLY K 138 -58.18 27.52 16.57
C GLY K 138 -57.66 28.63 15.67
N ALA K 139 -56.53 28.38 15.01
CA ALA K 139 -55.93 29.37 14.12
C ALA K 139 -56.84 29.61 12.92
N ASP K 140 -57.48 28.55 12.44
CA ASP K 140 -58.39 28.64 11.32
C ASP K 140 -59.56 29.57 11.61
N LEU K 141 -59.99 29.63 12.88
CA LEU K 141 -61.08 30.52 13.23
C LEU K 141 -60.62 31.96 13.13
N ILE K 142 -59.38 32.21 13.54
CA ILE K 142 -58.77 33.53 13.50
C ILE K 142 -58.59 34.00 12.08
N ALA K 143 -58.21 33.07 11.21
CA ALA K 143 -57.99 33.37 9.80
C ALA K 143 -59.31 33.58 9.08
N ALA K 144 -60.38 33.04 9.67
CA ALA K 144 -61.70 33.18 9.07
C ALA K 144 -62.35 34.52 9.42
N GLY K 145 -61.76 35.24 10.38
CA GLY K 145 -62.31 36.52 10.75
C GLY K 145 -62.72 36.70 12.21
N HIS K 146 -62.65 35.63 12.98
CA HIS K 146 -63.01 35.67 14.40
C HIS K 146 -62.06 36.57 15.21
N LYS K 147 -62.61 37.32 16.15
CA LYS K 147 -61.79 38.22 16.96
C LYS K 147 -60.96 37.44 17.98
N ALA K 148 -61.47 36.30 18.43
CA ALA K 148 -60.76 35.49 19.42
C ALA K 148 -61.19 34.03 19.36
N ALA K 149 -60.41 33.17 20.00
CA ALA K 149 -60.70 31.74 20.05
C ALA K 149 -59.80 31.07 21.07
N PHE K 150 -60.23 29.91 21.56
CA PHE K 150 -59.47 29.18 22.58
C PHE K 150 -59.23 27.71 22.25
N SER K 151 -57.96 27.33 22.18
CA SER K 151 -57.56 25.95 21.92
C SER K 151 -57.14 25.34 23.25
N LEU K 152 -58.01 24.49 23.78
CA LEU K 152 -57.72 23.82 25.05
C LEU K 152 -56.75 22.69 24.71
N CYS K 153 -55.48 23.03 24.61
CA CYS K 153 -54.46 22.05 24.28
C CYS K 153 -53.92 21.27 25.46
N ARG K 154 -53.75 19.98 25.24
CA ARG K 154 -53.20 19.07 26.23
C ARG K 154 -52.82 17.77 25.52
N PRO K 155 -51.55 17.35 25.64
CA PRO K 155 -50.46 18.03 26.34
C PRO K 155 -50.10 19.42 25.83
N PRO K 156 -49.36 20.18 26.64
CA PRO K 156 -48.94 21.52 26.25
C PRO K 156 -47.80 21.44 25.26
N GLY K 157 -47.28 22.58 24.82
CA GLY K 157 -46.22 22.50 23.84
C GLY K 157 -45.10 23.52 23.78
N HIS K 158 -45.13 24.58 24.57
CA HIS K 158 -44.08 25.57 24.42
C HIS K 158 -42.65 25.17 24.81
N HIS K 159 -42.48 23.96 25.34
CA HIS K 159 -41.15 23.50 25.72
C HIS K 159 -40.53 22.61 24.65
N ALA K 160 -41.33 22.22 23.67
CA ALA K 160 -40.88 21.39 22.58
C ALA K 160 -40.19 22.28 21.55
N GLY K 161 -38.91 22.01 21.32
CA GLY K 161 -38.16 22.82 20.37
C GLY K 161 -38.21 22.24 18.97
N ILE K 162 -37.34 22.74 18.11
CA ILE K 162 -37.29 22.28 16.73
C ILE K 162 -37.21 20.76 16.67
N ASP K 163 -36.28 20.19 17.42
CA ASP K 163 -36.11 18.75 17.45
C ASP K 163 -35.92 18.15 18.84
N MET K 164 -36.66 18.67 19.81
CA MET K 164 -36.55 18.16 21.18
C MET K 164 -37.83 18.32 21.98
N PHE K 165 -38.12 17.31 22.79
CA PHE K 165 -39.30 17.34 23.64
C PHE K 165 -38.84 17.51 25.08
N GLY K 166 -39.75 17.95 25.94
CA GLY K 166 -39.41 18.13 27.34
C GLY K 166 -40.45 18.99 28.02
N GLY K 167 -40.29 19.18 29.32
CA GLY K 167 -41.24 19.99 30.06
C GLY K 167 -42.68 19.65 29.72
N TYR K 168 -42.98 18.36 29.66
CA TYR K 168 -44.32 17.85 29.36
C TYR K 168 -44.80 18.21 27.97
N CYS K 169 -43.87 18.58 27.08
CA CYS K 169 -44.23 18.96 25.73
C CYS K 169 -43.60 18.09 24.64
N PHE K 170 -44.34 17.87 23.56
CA PHE K 170 -43.87 17.05 22.46
C PHE K 170 -44.03 17.77 21.13
N ILE K 171 -45.14 18.46 20.97
CA ILE K 171 -45.36 19.22 19.74
C ILE K 171 -45.73 20.64 20.13
N ASN K 172 -45.01 21.61 19.59
CA ASN K 172 -45.27 23.00 19.93
C ASN K 172 -46.55 23.51 19.28
N ASN K 173 -47.65 23.40 20.00
CA ASN K 173 -48.98 23.83 19.54
C ASN K 173 -49.04 25.29 19.14
N ALA K 174 -48.47 26.17 19.97
CA ALA K 174 -48.47 27.60 19.64
C ALA K 174 -47.75 27.82 18.32
N ALA K 175 -46.58 27.17 18.16
CA ALA K 175 -45.80 27.29 16.95
C ALA K 175 -46.59 26.83 15.73
N VAL K 176 -47.24 25.68 15.85
CA VAL K 176 -48.03 25.19 14.73
C VAL K 176 -49.11 26.22 14.40
N ALA K 177 -49.79 26.73 15.42
CA ALA K 177 -50.84 27.74 15.22
C ALA K 177 -50.32 28.97 14.49
N ALA K 178 -49.19 29.53 14.94
CA ALA K 178 -48.64 30.70 14.29
C ALA K 178 -48.33 30.36 12.84
N GLN K 179 -47.69 29.22 12.60
CA GLN K 179 -47.37 28.83 11.24
C GLN K 179 -48.64 28.68 10.41
N ARG K 180 -49.70 28.16 11.02
CA ARG K 180 -50.96 27.96 10.33
C ARG K 180 -51.52 29.30 9.85
N LEU K 181 -51.40 30.31 10.71
CA LEU K 181 -51.90 31.64 10.35
C LEU K 181 -51.08 32.21 9.22
N LEU K 182 -49.81 31.82 9.13
CA LEU K 182 -48.97 32.32 8.06
C LEU K 182 -49.35 31.68 6.73
N ASP K 183 -49.68 30.39 6.77
CA ASP K 183 -50.06 29.69 5.54
C ASP K 183 -51.47 30.05 5.09
N LYS K 184 -52.15 30.92 5.84
CA LYS K 184 -53.48 31.31 5.48
C LYS K 184 -53.57 32.75 5.00
N GLY K 185 -52.43 33.43 4.98
CA GLY K 185 -52.43 34.81 4.51
C GLY K 185 -51.57 35.77 5.29
N ALA K 186 -51.48 35.56 6.60
CA ALA K 186 -50.70 36.44 7.46
C ALA K 186 -49.25 36.51 6.98
N LYS K 187 -48.62 37.65 7.22
CA LYS K 187 -47.24 37.88 6.85
C LYS K 187 -46.43 38.00 8.15
N LYS K 188 -47.06 38.53 9.20
CA LYS K 188 -46.40 38.70 10.48
C LYS K 188 -47.29 38.29 11.64
N ILE K 189 -46.79 37.38 12.47
CA ILE K 189 -47.53 36.88 13.62
C ILE K 189 -46.66 36.92 14.86
N ALA K 190 -47.28 37.17 16.00
CA ALA K 190 -46.56 37.23 17.25
C ALA K 190 -47.09 36.17 18.20
N ILE K 191 -46.19 35.59 18.97
CA ILE K 191 -46.56 34.61 19.96
C ILE K 191 -46.20 35.27 21.27
N LEU K 192 -47.17 35.31 22.18
CA LEU K 192 -46.96 35.94 23.48
C LEU K 192 -47.10 34.82 24.50
N ASP K 193 -46.01 34.55 25.21
CA ASP K 193 -45.99 33.45 26.19
C ASP K 193 -46.10 33.96 27.63
N VAL K 194 -47.29 33.83 28.23
CA VAL K 194 -47.51 34.32 29.59
C VAL K 194 -47.42 33.23 30.66
N ASP K 195 -47.14 32.02 30.20
CA ASP K 195 -46.95 30.86 31.07
C ASP K 195 -45.74 31.21 31.96
N PHE K 196 -45.76 30.76 33.20
CA PHE K 196 -44.66 31.05 34.14
C PHE K 196 -43.25 30.75 33.61
N HIS K 197 -43.12 29.61 32.94
CA HIS K 197 -41.83 29.18 32.41
C HIS K 197 -41.54 29.71 31.02
N HIS K 198 -40.26 29.96 30.77
CA HIS K 198 -39.84 30.45 29.48
C HIS K 198 -40.24 29.45 28.40
N GLY K 199 -40.70 29.96 27.26
CA GLY K 199 -41.07 29.09 26.16
C GLY K 199 -39.85 28.83 25.32
N ASN K 200 -38.88 28.12 25.90
CA ASN K 200 -37.63 27.82 25.20
C ASN K 200 -37.85 27.07 23.90
N GLY K 201 -38.87 26.21 23.87
CA GLY K 201 -39.16 25.47 22.65
C GLY K 201 -39.61 26.38 21.51
N THR K 202 -40.52 27.30 21.83
CA THR K 202 -41.07 28.25 20.87
C THR K 202 -40.00 29.23 20.42
N GLN K 203 -39.19 29.69 21.37
CA GLN K 203 -38.13 30.63 21.06
C GLN K 203 -37.18 29.97 20.09
N ASP K 204 -36.84 28.72 20.39
CA ASP K 204 -35.92 27.99 19.54
C ASP K 204 -36.45 27.87 18.10
N ILE K 205 -37.73 27.59 17.94
CA ILE K 205 -38.31 27.45 16.61
C ILE K 205 -38.27 28.68 15.68
N PHE K 206 -38.53 29.86 16.23
CA PHE K 206 -38.55 31.09 15.46
C PHE K 206 -37.37 31.99 15.76
N TYR K 207 -36.33 31.47 16.40
CA TYR K 207 -35.20 32.32 16.76
C TYR K 207 -34.49 32.96 15.56
N GLU K 208 -34.53 32.30 14.42
CA GLU K 208 -33.89 32.82 13.23
C GLU K 208 -34.88 33.22 12.14
N ARG K 209 -36.14 33.33 12.51
CA ARG K 209 -37.19 33.71 11.56
C ARG K 209 -37.68 35.11 11.90
N GLY K 210 -37.87 35.94 10.87
CA GLY K 210 -38.34 37.30 11.09
C GLY K 210 -39.83 37.48 10.90
N ASP K 211 -40.51 36.40 10.51
CA ASP K 211 -41.96 36.46 10.27
C ASP K 211 -42.78 36.22 11.53
N VAL K 212 -42.14 35.81 12.61
CA VAL K 212 -42.84 35.57 13.86
C VAL K 212 -42.07 36.23 15.00
N PHE K 213 -42.75 37.07 15.76
CA PHE K 213 -42.14 37.75 16.90
C PHE K 213 -42.47 36.96 18.16
N PHE K 214 -41.45 36.56 18.92
CA PHE K 214 -41.70 35.81 20.15
C PHE K 214 -41.38 36.62 21.38
N ALA K 215 -42.37 36.76 22.26
CA ALA K 215 -42.20 37.50 23.50
C ALA K 215 -42.60 36.56 24.65
N SER K 216 -41.81 36.56 25.71
CA SER K 216 -42.09 35.70 26.86
C SER K 216 -41.86 36.36 28.20
N LEU K 217 -42.79 36.12 29.13
CA LEU K 217 -42.71 36.62 30.50
C LEU K 217 -42.58 35.32 31.28
N HIS K 218 -41.57 35.24 32.13
CA HIS K 218 -41.34 34.00 32.87
C HIS K 218 -40.43 34.24 34.05
N GLY K 219 -40.24 33.19 34.85
CA GLY K 219 -39.37 33.27 36.00
C GLY K 219 -37.94 33.28 35.52
N ASP K 220 -37.10 34.07 36.18
CA ASP K 220 -35.68 34.16 35.84
C ASP K 220 -35.14 32.74 35.65
N PRO K 221 -34.63 32.44 34.44
CA PRO K 221 -34.08 31.11 34.16
C PRO K 221 -32.96 30.70 35.10
N ALA K 222 -32.31 31.70 35.69
CA ALA K 222 -31.22 31.44 36.61
C ALA K 222 -31.72 30.63 37.82
N GLU K 223 -33.04 30.49 37.94
CA GLU K 223 -33.61 29.74 39.04
C GLU K 223 -34.99 29.16 38.76
N ALA K 224 -35.24 28.83 37.51
CA ALA K 224 -36.52 28.26 37.10
C ALA K 224 -36.37 27.46 35.82
N PHE K 225 -37.13 26.36 35.73
CA PHE K 225 -37.13 25.50 34.56
C PHE K 225 -37.58 26.44 33.43
N PRO K 226 -37.04 26.28 32.20
CA PRO K 226 -36.05 25.31 31.73
C PRO K 226 -34.59 25.55 32.12
N HIS K 227 -34.29 26.66 32.79
CA HIS K 227 -32.95 26.96 33.25
C HIS K 227 -31.86 27.41 32.27
N PHE K 228 -31.94 26.95 31.03
CA PHE K 228 -30.89 27.28 30.07
C PHE K 228 -31.25 28.17 28.88
N LEU K 229 -32.37 28.87 28.98
CA LEU K 229 -32.79 29.80 27.94
C LEU K 229 -33.80 30.75 28.57
N GLY K 230 -33.93 31.95 28.00
CA GLY K 230 -34.86 32.93 28.55
C GLY K 230 -34.26 34.20 29.14
N TYR K 231 -32.97 34.42 28.90
CA TYR K 231 -32.31 35.61 29.39
C TYR K 231 -32.62 36.76 28.45
N ALA K 232 -32.71 37.96 29.01
CA ALA K 232 -33.01 39.19 28.26
C ALA K 232 -32.06 39.44 27.08
N GLU K 233 -30.81 39.08 27.24
CA GLU K 233 -29.83 39.29 26.19
C GLU K 233 -30.18 38.53 24.90
N GLU K 234 -31.07 37.55 25.00
CA GLU K 234 -31.46 36.76 23.82
C GLU K 234 -32.49 37.49 22.98
N THR K 235 -32.03 38.26 21.99
CA THR K 235 -32.94 39.02 21.13
C THR K 235 -33.14 38.47 19.72
N GLY K 236 -32.43 37.41 19.36
CA GLY K 236 -32.61 36.86 18.04
C GLY K 236 -31.33 36.63 17.28
N LYS K 237 -31.41 35.85 16.21
CA LYS K 237 -30.25 35.53 15.41
C LYS K 237 -30.55 35.65 13.90
N GLY K 238 -29.56 36.11 13.15
CA GLY K 238 -29.71 36.25 11.71
C GLY K 238 -30.98 36.92 11.27
N ALA K 239 -31.77 36.23 10.44
CA ALA K 239 -33.03 36.78 9.93
C ALA K 239 -33.98 37.09 11.08
N GLY K 240 -33.80 36.39 12.20
CA GLY K 240 -34.66 36.62 13.35
C GLY K 240 -34.12 37.67 14.31
N ALA K 241 -33.01 38.30 13.96
CA ALA K 241 -32.43 39.33 14.83
C ALA K 241 -33.49 40.37 15.22
N GLY K 242 -33.71 40.53 16.52
CA GLY K 242 -34.68 41.51 16.98
C GLY K 242 -36.13 41.05 17.07
N THR K 243 -36.41 39.79 16.77
CA THR K 243 -37.78 39.29 16.85
C THR K 243 -38.03 38.39 18.06
N THR K 244 -37.19 38.53 19.10
CA THR K 244 -37.35 37.77 20.35
C THR K 244 -37.18 38.72 21.55
N ALA K 245 -38.15 38.72 22.45
CA ALA K 245 -38.08 39.57 23.65
C ALA K 245 -38.41 38.77 24.91
N ASN K 246 -37.42 38.59 25.77
CA ASN K 246 -37.61 37.84 27.02
C ASN K 246 -37.67 38.75 28.22
N TYR K 247 -38.61 38.46 29.12
CA TYR K 247 -38.77 39.26 30.33
C TYR K 247 -38.69 38.38 31.56
N PRO K 248 -37.46 38.04 31.98
CA PRO K 248 -37.30 37.20 33.17
C PRO K 248 -37.57 38.03 34.42
N MET K 249 -38.22 37.44 35.40
CA MET K 249 -38.54 38.13 36.63
C MET K 249 -38.29 37.21 37.83
N GLY K 250 -37.93 37.81 38.96
CA GLY K 250 -37.62 37.05 40.16
C GLY K 250 -38.74 36.34 40.89
N ARG K 251 -38.43 35.85 42.09
CA ARG K 251 -39.40 35.13 42.90
C ARG K 251 -40.34 36.10 43.63
N GLY K 252 -41.61 35.72 43.74
CA GLY K 252 -42.58 36.55 44.41
C GLY K 252 -43.09 37.72 43.60
N THR K 253 -42.80 37.72 42.30
CA THR K 253 -43.22 38.80 41.42
C THR K 253 -44.75 38.94 41.31
N PRO K 254 -45.28 40.12 41.73
CA PRO K 254 -46.71 40.44 41.70
C PRO K 254 -47.09 41.09 40.36
N TYR K 255 -48.38 41.19 40.09
CA TYR K 255 -48.83 41.80 38.85
C TYR K 255 -48.24 43.19 38.63
N SER K 256 -47.91 43.86 39.73
CA SER K 256 -47.33 45.21 39.68
C SER K 256 -46.09 45.24 38.79
N VAL K 257 -45.28 44.18 38.87
CA VAL K 257 -44.06 44.08 38.09
C VAL K 257 -44.34 43.29 36.80
N TRP K 258 -45.09 42.21 36.93
CA TRP K 258 -45.44 41.38 35.79
C TRP K 258 -46.18 42.18 34.72
N GLY K 259 -47.12 43.01 35.17
CA GLY K 259 -47.91 43.83 34.27
C GLY K 259 -47.08 44.81 33.46
N GLU K 260 -46.06 45.39 34.09
CA GLU K 260 -45.20 46.33 33.39
C GLU K 260 -44.46 45.61 32.25
N ALA K 261 -44.03 44.39 32.50
CA ALA K 261 -43.33 43.64 31.47
C ALA K 261 -44.29 43.31 30.34
N LEU K 262 -45.55 43.05 30.67
CA LEU K 262 -46.57 42.72 29.68
C LEU K 262 -46.81 43.91 28.74
N THR K 263 -47.02 45.08 29.34
CA THR K 263 -47.25 46.29 28.57
C THR K 263 -46.11 46.44 27.58
N ASP K 264 -44.88 46.38 28.07
CA ASP K 264 -43.75 46.55 27.16
C ASP K 264 -43.70 45.50 26.06
N SER K 265 -44.04 44.25 26.37
CA SER K 265 -44.01 43.24 25.32
C SER K 265 -45.06 43.54 24.25
N LEU K 266 -46.24 44.00 24.67
CA LEU K 266 -47.29 44.32 23.70
C LEU K 266 -46.85 45.52 22.86
N LYS K 267 -46.10 46.42 23.47
CA LYS K 267 -45.61 47.60 22.75
C LYS K 267 -44.68 47.16 21.63
N ARG K 268 -43.78 46.24 21.93
CA ARG K 268 -42.83 45.74 20.94
C ARG K 268 -43.53 44.86 19.89
N ILE K 269 -44.64 44.24 20.29
CA ILE K 269 -45.39 43.39 19.37
C ILE K 269 -46.11 44.29 18.36
N ALA K 270 -46.66 45.40 18.85
CA ALA K 270 -47.36 46.36 18.02
C ALA K 270 -46.37 46.99 17.05
N ALA K 271 -45.19 47.34 17.54
CA ALA K 271 -44.16 47.96 16.71
C ALA K 271 -43.66 46.97 15.66
N PHE K 272 -43.89 45.69 15.89
CA PHE K 272 -43.48 44.64 14.96
C PHE K 272 -44.47 44.57 13.82
N GLY K 273 -45.72 44.91 14.13
CA GLY K 273 -46.77 44.89 13.13
C GLY K 273 -47.44 43.53 13.02
N ALA K 274 -47.72 42.92 14.15
CA ALA K 274 -48.37 41.60 14.15
C ALA K 274 -49.82 41.72 13.69
N GLU K 275 -50.23 40.86 12.77
CA GLU K 275 -51.60 40.87 12.28
C GLU K 275 -52.49 40.08 13.21
N ALA K 276 -51.87 39.26 14.04
CA ALA K 276 -52.61 38.45 15.01
C ALA K 276 -51.64 38.03 16.09
N ILE K 277 -52.16 37.68 17.26
CA ILE K 277 -51.30 37.26 18.36
C ILE K 277 -51.73 35.92 18.91
N VAL K 278 -50.80 34.98 18.94
CA VAL K 278 -51.07 33.64 19.50
C VAL K 278 -50.59 33.74 20.93
N VAL K 279 -51.49 33.47 21.87
CA VAL K 279 -51.16 33.55 23.28
C VAL K 279 -50.92 32.18 23.93
N SER K 280 -49.70 31.96 24.39
CA SER K 280 -49.37 30.72 25.08
C SER K 280 -49.77 31.00 26.51
N LEU K 281 -50.96 30.53 26.89
CA LEU K 281 -51.48 30.77 28.22
C LEU K 281 -51.19 29.68 29.22
N GLY K 282 -50.57 30.09 30.32
CA GLY K 282 -50.27 29.19 31.40
C GLY K 282 -50.75 29.90 32.65
N VAL K 283 -51.40 29.17 33.54
CA VAL K 283 -51.87 29.79 34.77
C VAL K 283 -50.99 29.40 35.93
N ASP K 284 -49.82 28.82 35.65
CA ASP K 284 -48.91 28.44 36.73
C ASP K 284 -48.31 29.67 37.35
N THR K 285 -48.67 30.85 36.84
CA THR K 285 -48.20 32.10 37.40
C THR K 285 -49.01 32.43 38.66
N PHE K 286 -50.04 31.63 38.92
CA PHE K 286 -50.92 31.83 40.08
C PHE K 286 -50.13 31.70 41.39
N GLU K 287 -50.48 32.54 42.37
CA GLU K 287 -49.80 32.55 43.67
C GLU K 287 -49.86 31.23 44.44
N GLN K 288 -50.72 30.32 44.00
CA GLN K 288 -50.85 29.02 44.66
C GLN K 288 -50.30 27.86 43.86
N ASP K 289 -49.69 28.14 42.71
CA ASP K 289 -49.16 27.06 41.88
C ASP K 289 -48.03 26.32 42.61
N PRO K 290 -48.12 24.98 42.67
CA PRO K 290 -47.13 24.13 43.34
C PRO K 290 -45.69 24.11 42.78
N ILE K 291 -45.51 24.43 41.50
CA ILE K 291 -44.16 24.41 40.96
C ILE K 291 -43.64 25.73 40.41
N SER K 292 -44.35 26.82 40.71
CA SER K 292 -43.94 28.14 40.23
C SER K 292 -43.82 29.12 41.38
N PHE K 293 -43.01 30.17 41.21
CA PHE K 293 -42.82 31.14 42.27
C PHE K 293 -43.32 32.58 42.05
N PHE K 294 -44.30 32.74 41.15
CA PHE K 294 -44.87 34.06 40.90
C PHE K 294 -46.10 34.22 41.78
N LYS K 295 -46.55 35.45 41.95
CA LYS K 295 -47.72 35.68 42.79
C LYS K 295 -48.83 36.49 42.12
N LEU K 296 -49.49 35.85 41.17
CA LEU K 296 -50.62 36.46 40.47
C LEU K 296 -51.90 35.97 41.12
N THR K 297 -52.85 36.88 41.37
CA THR K 297 -54.13 36.51 41.96
C THR K 297 -55.11 36.17 40.83
N SER K 298 -56.27 35.63 41.17
CA SER K 298 -57.25 35.26 40.15
C SER K 298 -57.75 36.45 39.31
N PRO K 299 -57.99 37.61 39.94
CA PRO K 299 -58.46 38.79 39.20
C PRO K 299 -57.49 39.25 38.11
N ASP K 300 -56.19 39.18 38.39
CA ASP K 300 -55.15 39.59 37.43
C ASP K 300 -55.31 38.96 36.04
N TYR K 301 -55.89 37.75 36.00
CA TYR K 301 -56.08 37.05 34.74
C TYR K 301 -57.08 37.78 33.88
N ILE K 302 -58.07 38.39 34.53
CA ILE K 302 -59.09 39.16 33.82
C ILE K 302 -58.41 40.41 33.27
N THR K 303 -57.55 41.01 34.09
CA THR K 303 -56.80 42.20 33.71
C THR K 303 -55.87 41.85 32.55
N MET K 304 -55.16 40.74 32.71
CA MET K 304 -54.21 40.28 31.71
C MET K 304 -54.90 40.08 30.36
N GLY K 305 -56.02 39.36 30.35
CA GLY K 305 -56.74 39.11 29.12
C GLY K 305 -57.16 40.38 28.42
N ARG K 306 -57.72 41.30 29.20
CA ARG K 306 -58.19 42.58 28.69
C ARG K 306 -57.03 43.39 28.10
N THR K 307 -55.91 43.43 28.82
CA THR K 307 -54.74 44.17 28.35
C THR K 307 -54.29 43.64 27.00
N ILE K 308 -54.26 42.33 26.85
CA ILE K 308 -53.82 41.72 25.60
C ILE K 308 -54.77 41.99 24.44
N ALA K 309 -56.06 41.83 24.69
CA ALA K 309 -57.06 42.06 23.64
C ALA K 309 -57.04 43.52 23.16
N ALA K 310 -56.65 44.44 24.05
CA ALA K 310 -56.59 45.84 23.68
C ALA K 310 -55.54 46.11 22.60
N SER K 311 -54.83 45.07 22.18
CA SER K 311 -53.81 45.19 21.15
C SER K 311 -54.50 45.57 19.84
N GLY K 312 -55.75 45.15 19.70
CA GLY K 312 -56.51 45.45 18.50
C GLY K 312 -56.53 44.35 17.47
N VAL K 313 -55.60 43.40 17.56
CA VAL K 313 -55.56 42.31 16.59
C VAL K 313 -56.15 41.03 17.17
N PRO K 314 -56.59 40.11 16.29
CA PRO K 314 -57.19 38.84 16.72
C PRO K 314 -56.25 38.05 17.65
N LEU K 315 -56.84 37.23 18.51
CA LEU K 315 -56.06 36.43 19.45
C LEU K 315 -56.46 34.96 19.46
N LEU K 316 -55.47 34.07 19.49
CA LEU K 316 -55.72 32.65 19.58
C LEU K 316 -55.09 32.28 20.92
N VAL K 317 -55.90 31.80 21.85
CA VAL K 317 -55.39 31.41 23.15
C VAL K 317 -55.11 29.91 23.14
N VAL K 318 -53.87 29.55 23.41
CA VAL K 318 -53.44 28.16 23.43
C VAL K 318 -53.04 27.75 24.85
N MET K 319 -53.75 26.77 25.40
CA MET K 319 -53.49 26.28 26.75
C MET K 319 -52.09 25.70 26.88
N GLU K 320 -51.45 26.00 28.01
CA GLU K 320 -50.11 25.50 28.29
C GLU K 320 -50.08 24.95 29.72
N GLY K 321 -49.38 25.64 30.62
CA GLY K 321 -49.28 25.19 32.00
C GLY K 321 -50.38 25.58 32.97
N GLY K 322 -50.17 25.25 34.24
CA GLY K 322 -51.15 25.55 35.29
C GLY K 322 -51.45 24.22 35.97
N TYR K 323 -50.91 24.01 37.16
CA TYR K 323 -51.12 22.73 37.84
C TYR K 323 -51.56 22.80 39.28
N GLY K 324 -51.86 21.63 39.83
CA GLY K 324 -52.25 21.52 41.24
C GLY K 324 -53.67 21.84 41.66
N VAL K 325 -53.87 23.09 42.05
CA VAL K 325 -55.16 23.53 42.55
C VAL K 325 -56.25 23.58 41.50
N PRO K 326 -57.52 23.42 41.92
CA PRO K 326 -58.65 23.46 41.00
C PRO K 326 -58.98 24.85 40.47
N GLU K 327 -58.25 25.85 40.97
CA GLU K 327 -58.47 27.23 40.53
C GLU K 327 -57.90 27.45 39.13
N ILE K 328 -57.19 26.46 38.59
CA ILE K 328 -56.62 26.62 37.26
C ILE K 328 -57.71 26.93 36.26
N GLY K 329 -58.86 26.28 36.43
CA GLY K 329 -59.96 26.52 35.51
C GLY K 329 -60.43 27.96 35.61
N LEU K 330 -60.67 28.41 36.85
CA LEU K 330 -61.11 29.77 37.10
C LEU K 330 -60.13 30.77 36.50
N ASN K 331 -58.84 30.55 36.74
CA ASN K 331 -57.84 31.47 36.20
C ASN K 331 -57.87 31.49 34.68
N VAL K 332 -58.00 30.33 34.06
CA VAL K 332 -58.05 30.30 32.60
C VAL K 332 -59.31 31.03 32.15
N ALA K 333 -60.44 30.71 32.80
CA ALA K 333 -61.72 31.33 32.49
C ALA K 333 -61.66 32.85 32.60
N ASN K 334 -61.00 33.36 33.64
CA ASN K 334 -60.89 34.81 33.80
C ASN K 334 -60.10 35.46 32.67
N VAL K 335 -59.15 34.73 32.08
CA VAL K 335 -58.36 35.28 30.98
C VAL K 335 -59.28 35.47 29.78
N LEU K 336 -60.12 34.46 29.51
CA LEU K 336 -61.05 34.52 28.39
C LEU K 336 -62.09 35.63 28.59
N LYS K 337 -62.47 35.86 29.83
CA LYS K 337 -63.44 36.93 30.13
C LYS K 337 -62.81 38.27 29.79
N GLY K 338 -61.54 38.43 30.13
CA GLY K 338 -60.85 39.67 29.85
C GLY K 338 -60.76 39.90 28.36
N VAL K 339 -60.44 38.84 27.63
CA VAL K 339 -60.33 38.93 26.18
C VAL K 339 -61.69 39.17 25.54
N ALA K 340 -62.69 38.40 25.95
CA ALA K 340 -64.04 38.55 25.40
C ALA K 340 -64.61 39.93 25.70
N GLY K 341 -64.19 40.53 26.81
CA GLY K 341 -64.70 41.84 27.17
C GLY K 341 -66.13 41.80 27.65
N MET L 1 -16.45 75.94 -7.03
CA MET L 1 -15.66 74.68 -6.84
C MET L 1 -15.24 74.11 -8.17
N ARG L 2 -14.01 73.65 -8.25
CA ARG L 2 -13.51 73.08 -9.48
C ARG L 2 -14.20 71.74 -9.76
N VAL L 3 -14.37 71.45 -11.04
CA VAL L 3 -15.02 70.22 -11.49
C VAL L 3 -14.04 69.33 -12.26
N ILE L 4 -13.91 68.08 -11.83
CA ILE L 4 -13.01 67.11 -12.48
C ILE L 4 -13.85 66.22 -13.37
N PHE L 5 -13.55 66.21 -14.66
CA PHE L 5 -14.31 65.40 -15.60
C PHE L 5 -13.44 64.76 -16.66
N SER L 6 -13.69 63.49 -16.94
CA SER L 6 -12.92 62.80 -17.97
C SER L 6 -13.80 62.41 -19.13
N GLU L 7 -13.36 62.72 -20.33
CA GLU L 7 -14.13 62.37 -21.53
C GLU L 7 -14.15 60.85 -21.75
N ASP L 8 -13.13 60.16 -21.24
CA ASP L 8 -13.05 58.71 -21.41
C ASP L 8 -14.18 57.96 -20.75
N HIS L 9 -15.05 58.67 -20.04
CA HIS L 9 -16.17 58.06 -19.38
C HIS L 9 -17.05 57.39 -20.43
N LYS L 10 -17.08 57.99 -21.61
CA LYS L 10 -17.90 57.46 -22.70
C LYS L 10 -17.41 56.08 -23.18
N LEU L 11 -16.19 55.69 -22.80
CA LEU L 11 -15.66 54.39 -23.18
C LEU L 11 -16.55 53.30 -22.56
N ARG L 12 -17.31 53.69 -21.54
CA ARG L 12 -18.25 52.79 -20.89
C ARG L 12 -19.56 53.05 -21.63
N ASN L 13 -19.86 52.17 -22.58
CA ASN L 13 -21.05 52.32 -23.40
C ASN L 13 -21.59 50.93 -23.75
N ALA L 14 -22.00 50.19 -22.73
CA ALA L 14 -22.55 48.87 -22.91
C ALA L 14 -23.87 49.03 -23.66
N LYS L 15 -24.32 47.97 -24.32
CA LYS L 15 -25.57 48.06 -25.07
C LYS L 15 -26.70 47.29 -24.45
N THR L 16 -26.40 46.43 -23.49
CA THR L 16 -27.45 45.64 -22.85
C THR L 16 -27.42 45.71 -21.32
N GLU L 17 -28.61 45.59 -20.74
CA GLU L 17 -28.79 45.58 -19.30
C GLU L 17 -29.96 44.63 -19.09
N LEU L 18 -29.77 43.67 -18.19
CA LEU L 18 -30.82 42.72 -17.91
C LEU L 18 -31.83 43.40 -16.97
N TYR L 19 -32.94 43.85 -17.53
CA TYR L 19 -33.98 44.52 -16.77
C TYR L 19 -35.36 43.95 -17.12
N GLY L 20 -36.11 43.55 -16.10
CA GLY L 20 -37.44 43.01 -16.34
C GLY L 20 -37.40 41.73 -17.16
N GLY L 21 -36.30 40.99 -17.09
CA GLY L 21 -36.18 39.77 -17.85
C GLY L 21 -35.95 39.99 -19.33
N GLU L 22 -35.48 41.18 -19.68
CA GLU L 22 -35.20 41.50 -21.09
C GLU L 22 -33.88 42.26 -21.15
N LEU L 23 -33.21 42.18 -22.29
CA LEU L 23 -31.95 42.88 -22.49
C LEU L 23 -32.36 44.21 -23.14
N VAL L 24 -32.02 45.31 -22.49
CA VAL L 24 -32.36 46.63 -23.01
C VAL L 24 -31.19 47.59 -22.87
N PRO L 25 -31.25 48.74 -23.56
CA PRO L 25 -30.16 49.72 -23.47
C PRO L 25 -29.93 50.13 -22.02
N PRO L 26 -28.68 50.11 -21.55
CA PRO L 26 -28.36 50.48 -20.17
C PRO L 26 -28.94 51.83 -19.74
N PHE L 27 -29.53 51.85 -18.54
CA PHE L 27 -30.09 53.08 -17.99
C PHE L 27 -28.97 54.03 -17.62
N GLU L 28 -27.76 53.50 -17.50
CA GLU L 28 -26.59 54.28 -17.17
C GLU L 28 -25.84 54.59 -18.47
N ALA L 29 -26.45 55.42 -19.32
CA ALA L 29 -25.87 55.79 -20.61
C ALA L 29 -24.99 57.04 -20.53
N PRO L 30 -24.04 57.18 -21.48
CA PRO L 30 -23.11 58.32 -21.54
C PRO L 30 -23.78 59.69 -21.48
N PHE L 31 -25.03 59.80 -21.92
CA PHE L 31 -25.69 61.08 -21.92
C PHE L 31 -25.90 61.66 -20.52
N ARG L 32 -25.82 60.81 -19.50
CA ARG L 32 -25.97 61.27 -18.13
C ARG L 32 -24.85 62.26 -17.83
N ALA L 33 -23.62 61.89 -18.19
CA ALA L 33 -22.48 62.77 -17.95
C ALA L 33 -22.62 64.10 -18.69
N GLU L 34 -22.85 64.04 -20.00
CA GLU L 34 -22.99 65.28 -20.76
C GLU L 34 -24.10 66.17 -20.20
N TRP L 35 -25.24 65.57 -19.87
CA TRP L 35 -26.36 66.31 -19.33
C TRP L 35 -26.03 66.97 -17.98
N ILE L 36 -25.33 66.23 -17.12
CA ILE L 36 -24.94 66.75 -15.82
C ILE L 36 -23.88 67.83 -15.98
N LEU L 37 -22.90 67.57 -16.85
CA LEU L 37 -21.84 68.52 -17.09
C LEU L 37 -22.39 69.85 -17.62
N ALA L 38 -23.41 69.77 -18.48
CA ALA L 38 -24.00 70.97 -19.05
C ALA L 38 -24.68 71.84 -18.00
N ALA L 39 -25.47 71.19 -17.14
CA ALA L 39 -26.18 71.92 -16.08
C ALA L 39 -25.25 72.46 -15.02
N VAL L 40 -24.20 71.71 -14.69
CA VAL L 40 -23.27 72.18 -13.68
C VAL L 40 -22.52 73.41 -14.18
N LYS L 41 -22.18 73.43 -15.47
CA LYS L 41 -21.48 74.58 -16.05
C LYS L 41 -22.42 75.78 -16.13
N GLU L 42 -23.69 75.50 -16.39
CA GLU L 42 -24.67 76.56 -16.49
C GLU L 42 -24.89 77.23 -15.14
N ALA L 43 -24.64 76.49 -14.07
CA ALA L 43 -24.81 77.03 -12.73
C ALA L 43 -23.65 77.95 -12.34
N GLY L 44 -22.54 77.87 -13.07
CA GLY L 44 -21.41 78.72 -12.75
C GLY L 44 -20.12 77.97 -12.48
N PHE L 45 -20.17 76.64 -12.52
CA PHE L 45 -19.00 75.81 -12.28
C PHE L 45 -18.40 75.43 -13.63
N ASP L 46 -18.03 76.44 -14.40
CA ASP L 46 -17.46 76.26 -15.72
C ASP L 46 -15.98 75.87 -15.71
N ASP L 47 -15.36 75.91 -14.54
CA ASP L 47 -13.95 75.54 -14.43
C ASP L 47 -13.82 74.02 -14.39
N VAL L 48 -13.84 73.40 -15.56
CA VAL L 48 -13.74 71.96 -15.68
C VAL L 48 -12.36 71.52 -16.11
N VAL L 49 -11.82 70.51 -15.41
CA VAL L 49 -10.50 70.01 -15.74
C VAL L 49 -10.49 68.49 -15.84
N ALA L 50 -9.64 67.98 -16.73
CA ALA L 50 -9.51 66.56 -16.93
C ALA L 50 -8.51 66.01 -15.93
N PRO L 51 -8.77 64.80 -15.41
CA PRO L 51 -7.90 64.14 -14.44
C PRO L 51 -6.54 63.76 -15.05
N ALA L 52 -5.53 63.78 -14.19
CA ALA L 52 -4.16 63.42 -14.57
C ALA L 52 -4.06 61.90 -14.58
N ARG L 53 -2.86 61.39 -14.83
CA ARG L 53 -2.61 59.95 -14.87
C ARG L 53 -2.35 59.45 -13.45
N HIS L 54 -2.82 58.25 -13.17
CA HIS L 54 -2.64 57.66 -11.83
C HIS L 54 -2.47 56.16 -11.91
N GLY L 55 -1.66 55.62 -10.99
CA GLY L 55 -1.44 54.19 -10.97
C GLY L 55 -2.51 53.50 -10.15
N LEU L 56 -2.34 52.21 -9.90
CA LEU L 56 -3.32 51.44 -9.12
C LEU L 56 -3.05 51.48 -7.62
N GLU L 57 -1.90 52.00 -7.23
CA GLU L 57 -1.52 52.08 -5.82
C GLU L 57 -2.66 52.48 -4.88
N THR L 58 -3.40 53.51 -5.22
CA THR L 58 -4.49 53.96 -4.35
C THR L 58 -5.64 52.97 -4.34
N VAL L 59 -6.07 52.54 -5.52
CA VAL L 59 -7.19 51.60 -5.63
C VAL L 59 -6.87 50.22 -5.04
N LEU L 60 -5.58 49.87 -5.00
CA LEU L 60 -5.15 48.61 -4.45
C LEU L 60 -5.28 48.56 -2.93
N LYS L 61 -5.60 49.69 -2.31
CA LYS L 61 -5.74 49.71 -0.86
C LYS L 61 -7.19 49.55 -0.45
N VAL L 62 -8.09 49.50 -1.43
CA VAL L 62 -9.50 49.35 -1.14
C VAL L 62 -10.20 48.23 -1.92
N HIS L 63 -9.53 47.70 -2.95
CA HIS L 63 -10.08 46.61 -3.75
C HIS L 63 -9.09 45.46 -3.77
N ASP L 64 -9.63 44.25 -3.90
CA ASP L 64 -8.83 43.03 -3.96
C ASP L 64 -8.05 43.02 -5.28
N ALA L 65 -6.80 42.57 -5.27
CA ALA L 65 -5.98 42.52 -6.48
C ALA L 65 -6.54 41.54 -7.52
N GLY L 66 -7.06 40.41 -7.05
CA GLY L 66 -7.65 39.44 -7.97
C GLY L 66 -8.80 40.10 -8.70
N TYR L 67 -9.65 40.80 -7.96
CA TYR L 67 -10.81 41.50 -8.52
C TYR L 67 -10.38 42.47 -9.63
N LEU L 68 -9.45 43.38 -9.31
CA LEU L 68 -9.00 44.34 -10.30
C LEU L 68 -8.36 43.64 -11.47
N ASN L 69 -7.61 42.59 -11.18
CA ASN L 69 -7.00 41.87 -12.26
C ASN L 69 -8.08 41.27 -13.15
N PHE L 70 -9.14 40.78 -12.50
CA PHE L 70 -10.25 40.19 -13.24
C PHE L 70 -10.93 41.19 -14.15
N LEU L 71 -11.16 42.40 -13.65
CA LEU L 71 -11.83 43.44 -14.43
C LEU L 71 -11.03 43.83 -15.69
N GLU L 72 -9.71 43.95 -15.54
CA GLU L 72 -8.84 44.33 -16.63
C GLU L 72 -8.84 43.35 -17.81
N THR L 73 -9.06 42.08 -17.54
CA THR L 73 -9.05 41.08 -18.60
C THR L 73 -10.38 40.37 -18.83
N ALA L 74 -11.41 40.73 -18.06
CA ALA L 74 -12.70 40.05 -18.21
C ALA L 74 -13.24 40.00 -19.63
N TRP L 75 -13.43 41.18 -20.22
CA TRP L 75 -13.97 41.25 -21.57
C TRP L 75 -13.19 40.44 -22.61
N ASP L 76 -11.86 40.55 -22.62
CA ASP L 76 -11.08 39.80 -23.60
C ASP L 76 -11.30 38.30 -23.47
N ARG L 77 -11.20 37.82 -22.24
CA ARG L 77 -11.39 36.40 -21.95
C ARG L 77 -12.78 35.94 -22.34
N TRP L 78 -13.76 36.83 -22.20
CA TRP L 78 -15.15 36.52 -22.51
C TRP L 78 -15.29 36.28 -24.00
N LYS L 79 -14.76 37.22 -24.78
CA LYS L 79 -14.80 37.17 -26.24
C LYS L 79 -14.07 35.90 -26.70
N ALA L 80 -12.90 35.66 -26.10
CA ALA L 80 -12.10 34.49 -26.44
C ALA L 80 -12.87 33.20 -26.15
N ALA L 81 -13.77 33.25 -25.18
CA ALA L 81 -14.54 32.06 -24.83
C ALA L 81 -15.55 31.75 -25.93
N GLY L 82 -15.76 32.69 -26.84
CA GLY L 82 -16.69 32.47 -27.94
C GLY L 82 -18.12 32.94 -27.78
N TYR L 83 -18.38 33.72 -26.73
CA TYR L 83 -19.73 34.22 -26.49
C TYR L 83 -20.09 35.39 -27.40
N LYS L 84 -21.36 35.43 -27.81
CA LYS L 84 -21.86 36.46 -28.73
C LYS L 84 -22.38 37.73 -28.08
N GLY L 85 -22.80 37.65 -26.81
CA GLY L 85 -23.31 38.84 -26.15
C GLY L 85 -22.26 39.49 -25.27
N GLU L 86 -22.67 40.44 -24.44
CA GLU L 86 -21.73 41.11 -23.53
C GLU L 86 -21.52 40.20 -22.32
N ALA L 87 -20.53 40.51 -21.48
CA ALA L 87 -20.22 39.69 -20.31
C ALA L 87 -21.20 39.82 -19.16
N ILE L 88 -22.02 38.79 -18.97
CA ILE L 88 -23.02 38.77 -17.91
C ILE L 88 -22.96 37.47 -17.11
N ALA L 89 -22.92 37.58 -15.79
CA ALA L 89 -22.83 36.41 -14.93
C ALA L 89 -24.17 35.69 -14.76
N THR L 90 -24.10 34.39 -14.58
CA THR L 90 -25.30 33.58 -14.41
C THR L 90 -25.27 32.86 -13.04
N SER L 91 -24.19 32.14 -12.71
CA SER L 91 -24.15 31.49 -11.40
C SER L 91 -23.41 32.36 -10.40
N PHE L 92 -23.89 32.35 -9.16
CA PHE L 92 -23.32 33.17 -8.09
C PHE L 92 -23.01 32.42 -6.80
N PRO L 93 -21.95 32.84 -6.10
CA PRO L 93 -21.65 32.13 -4.84
C PRO L 93 -22.59 32.65 -3.76
N VAL L 94 -23.75 32.00 -3.65
CA VAL L 94 -24.74 32.39 -2.64
C VAL L 94 -24.62 31.54 -1.36
N ARG L 95 -25.72 31.34 -0.66
CA ARG L 95 -25.71 30.59 0.59
C ARG L 95 -25.11 29.18 0.55
N ARG L 96 -24.27 28.91 1.54
CA ARG L 96 -23.63 27.60 1.72
C ARG L 96 -22.86 27.07 0.51
N THR L 97 -22.15 27.97 -0.17
CA THR L 97 -21.35 27.60 -1.31
C THR L 97 -19.88 27.60 -0.93
N SER L 98 -19.05 26.97 -1.75
CA SER L 98 -17.62 26.90 -1.52
C SER L 98 -16.99 28.28 -1.69
N PRO L 99 -15.92 28.58 -0.95
CA PRO L 99 -15.23 29.86 -1.03
C PRO L 99 -14.17 29.87 -2.15
N ARG L 100 -14.03 28.73 -2.82
CA ARG L 100 -13.07 28.56 -3.93
C ARG L 100 -13.36 29.51 -5.10
N ILE L 101 -12.30 29.87 -5.81
CA ILE L 101 -12.43 30.74 -6.97
C ILE L 101 -12.21 29.94 -8.25
N PRO L 102 -13.19 29.97 -9.18
CA PRO L 102 -13.11 29.25 -10.46
C PRO L 102 -11.89 29.70 -11.24
N THR L 103 -11.53 28.94 -12.27
CA THR L 103 -10.39 29.29 -13.09
C THR L 103 -10.80 29.77 -14.48
N ASP L 104 -12.04 29.48 -14.88
CA ASP L 104 -12.52 29.90 -16.20
C ASP L 104 -13.29 31.21 -16.15
N ILE L 105 -13.48 31.83 -17.29
CA ILE L 105 -14.17 33.11 -17.31
C ILE L 105 -15.62 33.02 -16.83
N GLU L 106 -16.31 31.95 -17.21
CA GLU L 106 -17.71 31.74 -16.81
C GLU L 106 -17.88 31.76 -15.28
N GLY L 107 -17.07 30.97 -14.59
CA GLY L 107 -17.15 30.91 -13.15
C GLY L 107 -16.62 32.17 -12.47
N GLN L 108 -15.56 32.74 -13.01
CA GLN L 108 -14.99 33.93 -12.38
C GLN L 108 -15.88 35.18 -12.44
N ILE L 109 -16.60 35.36 -13.54
CA ILE L 109 -17.46 36.53 -13.65
C ILE L 109 -18.56 36.45 -12.57
N GLY L 110 -19.01 35.24 -12.29
CA GLY L 110 -20.03 35.03 -11.27
C GLY L 110 -19.42 35.28 -9.89
N TYR L 111 -18.22 34.78 -9.69
CA TYR L 111 -17.52 34.95 -8.42
C TYR L 111 -17.35 36.44 -8.01
N TYR L 112 -17.01 37.28 -8.98
CA TYR L 112 -16.77 38.70 -8.76
C TYR L 112 -17.96 39.64 -9.02
N CYS L 113 -19.16 39.07 -9.09
CA CYS L 113 -20.36 39.84 -9.39
C CYS L 113 -21.42 39.73 -8.30
N ASN L 114 -22.12 40.81 -8.00
CA ASN L 114 -23.18 40.75 -6.99
C ASN L 114 -24.54 41.07 -7.58
N ALA L 115 -24.54 41.43 -8.86
CA ALA L 115 -25.78 41.77 -9.55
C ALA L 115 -25.61 41.60 -11.05
N ALA L 116 -26.38 40.68 -11.61
CA ALA L 116 -26.34 40.35 -13.03
C ALA L 116 -26.95 41.38 -13.99
N GLU L 117 -27.50 42.48 -13.46
CA GLU L 117 -28.09 43.46 -14.35
C GLU L 117 -27.00 44.32 -14.96
N THR L 118 -25.76 44.12 -14.54
CA THR L 118 -24.63 44.89 -15.08
C THR L 118 -23.77 44.03 -15.97
N ALA L 119 -23.56 44.47 -17.21
CA ALA L 119 -22.73 43.70 -18.14
C ALA L 119 -21.38 44.39 -18.36
N ILE L 120 -20.35 43.58 -18.57
CA ILE L 120 -19.02 44.10 -18.84
C ILE L 120 -18.88 44.12 -20.36
N SER L 121 -18.50 45.27 -20.88
CA SER L 121 -18.34 45.49 -22.32
C SER L 121 -16.94 46.03 -22.61
N PRO L 122 -16.58 46.17 -23.90
CA PRO L 122 -15.25 46.68 -24.24
C PRO L 122 -15.14 48.14 -23.77
N GLY L 123 -14.01 48.51 -23.16
CA GLY L 123 -13.85 49.86 -22.69
C GLY L 123 -14.29 50.08 -21.24
N THR L 124 -14.95 49.09 -20.65
CA THR L 124 -15.39 49.25 -19.27
C THR L 124 -14.20 49.47 -18.33
N TRP L 125 -13.13 48.69 -18.51
CA TRP L 125 -11.96 48.84 -17.66
C TRP L 125 -11.39 50.26 -17.76
N GLU L 126 -11.04 50.67 -18.98
CA GLU L 126 -10.48 51.99 -19.22
C GLU L 126 -11.40 53.08 -18.67
N ALA L 127 -12.69 52.91 -18.91
CA ALA L 127 -13.67 53.88 -18.43
C ALA L 127 -13.65 53.93 -16.91
N ALA L 128 -13.56 52.75 -16.29
CA ALA L 128 -13.55 52.69 -14.83
C ALA L 128 -12.33 53.41 -14.26
N LEU L 129 -11.17 53.20 -14.86
CA LEU L 129 -9.94 53.85 -14.42
C LEU L 129 -10.03 55.37 -14.55
N SER L 130 -10.56 55.87 -15.66
CA SER L 130 -10.63 57.31 -15.84
C SER L 130 -11.55 57.93 -14.77
N SER L 131 -12.64 57.24 -14.46
CA SER L 131 -13.59 57.71 -13.45
C SER L 131 -12.89 57.77 -12.08
N MET L 132 -12.06 56.78 -11.80
CA MET L 132 -11.30 56.71 -10.56
C MET L 132 -10.29 57.87 -10.53
N ALA L 133 -9.68 58.16 -11.67
CA ALA L 133 -8.72 59.25 -11.75
C ALA L 133 -9.40 60.56 -11.34
N SER L 134 -10.63 60.76 -11.79
CA SER L 134 -11.35 61.97 -11.46
C SER L 134 -11.53 62.09 -9.95
N ALA L 135 -11.86 60.97 -9.33
CA ALA L 135 -12.08 60.93 -7.89
C ALA L 135 -10.77 61.23 -7.17
N ILE L 136 -9.67 60.72 -7.71
CA ILE L 136 -8.38 60.97 -7.09
C ILE L 136 -8.02 62.45 -7.14
N ASP L 137 -8.21 63.08 -8.29
CA ASP L 137 -7.89 64.49 -8.42
C ASP L 137 -8.82 65.34 -7.58
N GLY L 138 -10.06 64.90 -7.46
CA GLY L 138 -11.02 65.64 -6.65
C GLY L 138 -10.52 65.66 -5.23
N ALA L 139 -9.98 64.53 -4.79
CA ALA L 139 -9.44 64.40 -3.43
C ALA L 139 -8.19 65.27 -3.26
N ASP L 140 -7.29 65.22 -4.23
CA ASP L 140 -6.07 66.01 -4.17
C ASP L 140 -6.41 67.49 -3.90
N LEU L 141 -7.46 67.99 -4.54
CA LEU L 141 -7.85 69.39 -4.31
C LEU L 141 -8.23 69.62 -2.86
N ILE L 142 -9.00 68.69 -2.30
CA ILE L 142 -9.41 68.80 -0.90
C ILE L 142 -8.19 68.75 0.01
N ALA L 143 -7.20 67.95 -0.36
CA ALA L 143 -5.99 67.84 0.44
C ALA L 143 -5.10 69.06 0.22
N ALA L 144 -5.31 69.75 -0.89
CA ALA L 144 -4.54 70.94 -1.23
C ALA L 144 -5.05 72.18 -0.51
N GLY L 145 -6.28 72.11 0.01
CA GLY L 145 -6.83 73.25 0.72
C GLY L 145 -8.21 73.69 0.29
N HIS L 146 -8.63 73.30 -0.90
CA HIS L 146 -9.95 73.65 -1.42
C HIS L 146 -11.05 73.21 -0.47
N LYS L 147 -12.08 74.03 -0.33
CA LYS L 147 -13.19 73.73 0.56
C LYS L 147 -14.18 72.73 -0.05
N ALA L 148 -14.26 72.70 -1.38
CA ALA L 148 -15.16 71.79 -2.06
C ALA L 148 -14.66 71.48 -3.46
N ALA L 149 -15.17 70.40 -4.03
CA ALA L 149 -14.79 69.98 -5.37
C ALA L 149 -15.82 68.98 -5.84
N PHE L 150 -15.96 68.85 -7.14
CA PHE L 150 -16.92 67.91 -7.69
C PHE L 150 -16.23 67.02 -8.72
N SER L 151 -16.28 65.72 -8.48
CA SER L 151 -15.72 64.73 -9.38
C SER L 151 -16.90 64.13 -10.13
N LEU L 152 -17.01 64.48 -11.41
CA LEU L 152 -18.11 63.95 -12.24
C LEU L 152 -17.68 62.55 -12.65
N CYS L 153 -17.95 61.61 -11.76
CA CYS L 153 -17.61 60.22 -12.00
C CYS L 153 -18.63 59.47 -12.83
N ARG L 154 -18.11 58.63 -13.71
CA ARG L 154 -18.91 57.76 -14.56
C ARG L 154 -17.95 56.80 -15.24
N PRO L 155 -18.17 55.49 -15.08
CA PRO L 155 -19.27 54.89 -14.31
C PRO L 155 -19.20 55.16 -12.80
N PRO L 156 -20.35 55.03 -12.11
CA PRO L 156 -20.40 55.26 -10.66
C PRO L 156 -19.72 54.09 -9.96
N GLY L 157 -19.66 54.12 -8.64
CA GLY L 157 -18.99 53.02 -7.96
C GLY L 157 -19.43 52.60 -6.58
N HIS L 158 -20.41 53.25 -5.98
CA HIS L 158 -20.76 52.85 -4.63
C HIS L 158 -21.30 51.41 -4.47
N HIS L 159 -21.59 50.72 -5.58
CA HIS L 159 -22.05 49.33 -5.46
C HIS L 159 -20.92 48.32 -5.63
N ALA L 160 -19.73 48.80 -6.01
CA ALA L 160 -18.60 47.89 -6.16
C ALA L 160 -17.98 47.67 -4.77
N GLY L 161 -17.89 46.42 -4.36
CA GLY L 161 -17.34 46.10 -3.07
C GLY L 161 -15.87 45.76 -3.15
N ILE L 162 -15.35 45.15 -2.10
CA ILE L 162 -13.94 44.77 -2.05
C ILE L 162 -13.51 43.95 -3.27
N ASP L 163 -14.34 42.98 -3.63
CA ASP L 163 -14.04 42.11 -4.76
C ASP L 163 -15.25 41.70 -5.60
N MET L 164 -16.10 42.66 -5.94
CA MET L 164 -17.28 42.39 -6.75
C MET L 164 -17.86 43.64 -7.41
N PHE L 165 -18.41 43.48 -8.61
CA PHE L 165 -19.01 44.60 -9.32
C PHE L 165 -20.52 44.40 -9.41
N GLY L 166 -21.24 45.44 -9.82
CA GLY L 166 -22.68 45.38 -9.94
C GLY L 166 -23.26 46.76 -9.79
N GLY L 167 -24.55 46.91 -10.04
CA GLY L 167 -25.17 48.21 -9.93
C GLY L 167 -24.49 49.26 -10.77
N TYR L 168 -23.89 48.84 -11.88
CA TYR L 168 -23.20 49.72 -12.83
C TYR L 168 -21.87 50.22 -12.29
N CYS L 169 -21.39 49.57 -11.24
CA CYS L 169 -20.14 49.98 -10.62
C CYS L 169 -19.06 48.91 -10.74
N PHE L 170 -17.82 49.36 -10.91
CA PHE L 170 -16.68 48.47 -11.07
C PHE L 170 -15.57 48.86 -10.09
N ILE L 171 -15.36 50.16 -9.93
CA ILE L 171 -14.35 50.67 -9.02
C ILE L 171 -15.05 51.69 -8.13
N ASN L 172 -14.98 51.46 -6.83
CA ASN L 172 -15.62 52.36 -5.89
C ASN L 172 -14.83 53.66 -5.82
N ASN L 173 -15.26 54.64 -6.62
CA ASN L 173 -14.62 55.92 -6.71
C ASN L 173 -14.58 56.62 -5.36
N ALA L 174 -15.74 56.70 -4.71
CA ALA L 174 -15.81 57.34 -3.40
C ALA L 174 -14.82 56.70 -2.44
N ALA L 175 -14.79 55.37 -2.41
CA ALA L 175 -13.87 54.68 -1.53
C ALA L 175 -12.43 55.07 -1.88
N VAL L 176 -12.14 55.13 -3.17
CA VAL L 176 -10.80 55.50 -3.62
C VAL L 176 -10.44 56.93 -3.17
N ALA L 177 -11.39 57.86 -3.33
CA ALA L 177 -11.16 59.25 -2.92
C ALA L 177 -10.80 59.30 -1.43
N ALA L 178 -11.60 58.60 -0.62
CA ALA L 178 -11.37 58.56 0.83
C ALA L 178 -9.96 58.05 1.12
N GLN L 179 -9.57 56.98 0.44
CA GLN L 179 -8.23 56.40 0.62
C GLN L 179 -7.15 57.40 0.22
N ARG L 180 -7.41 58.13 -0.86
CA ARG L 180 -6.48 59.12 -1.34
C ARG L 180 -6.32 60.18 -0.25
N LEU L 181 -7.43 60.64 0.31
CA LEU L 181 -7.40 61.65 1.36
C LEU L 181 -6.57 61.19 2.56
N LEU L 182 -6.64 59.90 2.86
CA LEU L 182 -5.85 59.35 3.97
C LEU L 182 -4.36 59.34 3.63
N ASP L 183 -4.01 58.93 2.42
CA ASP L 183 -2.60 58.90 2.01
C ASP L 183 -2.02 60.31 1.90
N LYS L 184 -2.86 61.33 2.02
CA LYS L 184 -2.41 62.70 1.92
C LYS L 184 -2.25 63.35 3.30
N GLY L 185 -2.36 62.55 4.36
CA GLY L 185 -2.19 63.09 5.70
C GLY L 185 -3.37 62.94 6.64
N ALA L 186 -4.58 62.89 6.10
CA ALA L 186 -5.78 62.73 6.93
C ALA L 186 -5.71 61.42 7.72
N LYS L 187 -6.25 61.44 8.93
CA LYS L 187 -6.26 60.24 9.76
C LYS L 187 -7.65 59.61 9.83
N LYS L 188 -8.68 60.45 9.70
CA LYS L 188 -10.05 59.98 9.74
C LYS L 188 -10.91 60.69 8.69
N ILE L 189 -11.56 59.91 7.82
CA ILE L 189 -12.43 60.46 6.78
C ILE L 189 -13.79 59.75 6.83
N ALA L 190 -14.83 60.47 6.43
CA ALA L 190 -16.17 59.89 6.40
C ALA L 190 -16.69 59.93 4.97
N ILE L 191 -17.65 59.05 4.68
CA ILE L 191 -18.30 58.99 3.37
C ILE L 191 -19.80 59.06 3.65
N LEU L 192 -20.48 59.95 2.94
CA LEU L 192 -21.92 60.11 3.12
C LEU L 192 -22.60 59.80 1.79
N ASP L 193 -23.37 58.72 1.77
CA ASP L 193 -24.05 58.26 0.56
C ASP L 193 -25.50 58.72 0.54
N VAL L 194 -25.78 59.75 -0.24
CA VAL L 194 -27.13 60.30 -0.34
C VAL L 194 -27.91 59.74 -1.54
N ASP L 195 -27.24 58.92 -2.33
CA ASP L 195 -27.86 58.27 -3.48
C ASP L 195 -29.05 57.47 -2.93
N PHE L 196 -30.08 57.23 -3.74
CA PHE L 196 -31.25 56.49 -3.26
C PHE L 196 -30.96 55.07 -2.78
N HIS L 197 -30.00 54.41 -3.41
CA HIS L 197 -29.66 53.05 -3.05
C HIS L 197 -28.50 52.99 -2.07
N HIS L 198 -28.55 52.01 -1.17
CA HIS L 198 -27.51 51.81 -0.19
C HIS L 198 -26.20 51.56 -0.92
N GLY L 199 -25.12 52.11 -0.39
CA GLY L 199 -23.83 51.90 -1.02
C GLY L 199 -23.24 50.63 -0.45
N ASN L 200 -23.82 49.48 -0.80
CA ASN L 200 -23.37 48.18 -0.30
C ASN L 200 -21.89 47.97 -0.54
N GLY L 201 -21.40 48.39 -1.70
CA GLY L 201 -19.99 48.25 -2.01
C GLY L 201 -19.09 49.04 -1.08
N THR L 202 -19.46 50.30 -0.85
CA THR L 202 -18.67 51.17 0.01
C THR L 202 -18.62 50.66 1.45
N GLN L 203 -19.77 50.23 1.95
CA GLN L 203 -19.88 49.71 3.30
C GLN L 203 -18.95 48.51 3.46
N ASP L 204 -19.03 47.61 2.49
CA ASP L 204 -18.22 46.40 2.49
C ASP L 204 -16.72 46.70 2.53
N ILE L 205 -16.29 47.71 1.78
CA ILE L 205 -14.89 48.09 1.75
C ILE L 205 -14.38 48.55 3.13
N PHE L 206 -15.15 49.38 3.81
CA PHE L 206 -14.76 49.90 5.11
C PHE L 206 -15.44 49.28 6.35
N TYR L 207 -16.22 48.21 6.16
CA TYR L 207 -16.92 47.60 7.28
C TYR L 207 -15.99 47.25 8.45
N GLU L 208 -14.79 46.80 8.15
CA GLU L 208 -13.88 46.42 9.23
C GLU L 208 -12.70 47.38 9.38
N ARG L 209 -12.91 48.63 8.96
CA ARG L 209 -11.86 49.64 9.05
C ARG L 209 -12.33 50.77 9.94
N GLY L 210 -11.43 51.27 10.78
CA GLY L 210 -11.79 52.35 11.69
C GLY L 210 -11.44 53.74 11.20
N ASP L 211 -10.57 53.85 10.19
CA ASP L 211 -10.17 55.15 9.67
C ASP L 211 -11.24 55.83 8.80
N VAL L 212 -12.29 55.10 8.45
CA VAL L 212 -13.34 55.65 7.61
C VAL L 212 -14.73 55.35 8.16
N PHE L 213 -15.52 56.41 8.37
CA PHE L 213 -16.87 56.25 8.87
C PHE L 213 -17.82 56.28 7.67
N PHE L 214 -18.66 55.26 7.55
CA PHE L 214 -19.60 55.20 6.43
C PHE L 214 -21.03 55.42 6.87
N ALA L 215 -21.70 56.37 6.24
CA ALA L 215 -23.09 56.66 6.55
C ALA L 215 -23.83 56.66 5.24
N SER L 216 -25.05 56.12 5.26
CA SER L 216 -25.85 56.02 4.05
C SER L 216 -27.33 56.19 4.31
N LEU L 217 -27.99 56.96 3.44
CA LEU L 217 -29.44 57.16 3.52
C LEU L 217 -29.94 56.46 2.27
N HIS L 218 -30.99 55.66 2.38
CA HIS L 218 -31.47 54.92 1.22
C HIS L 218 -32.82 54.24 1.41
N GLY L 219 -33.38 53.79 0.30
CA GLY L 219 -34.65 53.09 0.34
C GLY L 219 -34.43 51.79 1.10
N ASP L 220 -35.41 51.43 1.93
CA ASP L 220 -35.33 50.20 2.71
C ASP L 220 -34.94 49.03 1.80
N PRO L 221 -33.83 48.35 2.11
CA PRO L 221 -33.35 47.21 1.31
C PRO L 221 -34.33 46.05 1.24
N ALA L 222 -35.30 46.02 2.13
CA ALA L 222 -36.27 44.94 2.10
C ALA L 222 -37.10 45.06 0.83
N GLU L 223 -37.07 46.23 0.21
CA GLU L 223 -37.84 46.43 -1.01
C GLU L 223 -37.13 47.33 -2.01
N ALA L 224 -35.79 47.27 -2.04
CA ALA L 224 -35.01 48.10 -2.94
C ALA L 224 -33.59 47.57 -3.16
N PHE L 225 -33.10 47.73 -4.37
CA PHE L 225 -31.75 47.30 -4.72
C PHE L 225 -30.81 48.01 -3.73
N PRO L 226 -29.69 47.37 -3.34
CA PRO L 226 -29.20 46.02 -3.64
C PRO L 226 -29.89 44.86 -2.95
N HIS L 227 -30.89 45.15 -2.12
CA HIS L 227 -31.67 44.11 -1.44
C HIS L 227 -31.06 43.32 -0.30
N PHE L 228 -29.74 43.19 -0.26
CA PHE L 228 -29.12 42.37 0.77
C PHE L 228 -28.15 43.05 1.72
N LEU L 229 -28.27 44.35 1.84
CA LEU L 229 -27.41 45.11 2.73
C LEU L 229 -28.02 46.51 2.91
N GLY L 230 -27.72 47.14 4.03
CA GLY L 230 -28.25 48.48 4.26
C GLY L 230 -29.23 48.56 5.43
N TYR L 231 -29.26 47.52 6.25
CA TYR L 231 -30.13 47.52 7.41
C TYR L 231 -29.45 48.26 8.53
N ALA L 232 -30.26 48.89 9.39
CA ALA L 232 -29.77 49.66 10.53
C ALA L 232 -28.86 48.85 11.46
N GLU L 233 -29.20 47.59 11.69
CA GLU L 233 -28.41 46.73 12.55
C GLU L 233 -26.95 46.62 12.16
N GLU L 234 -26.62 46.91 10.91
CA GLU L 234 -25.24 46.82 10.42
C GLU L 234 -24.42 48.04 10.84
N THR L 235 -23.76 47.96 11.99
CA THR L 235 -22.96 49.07 12.50
C THR L 235 -21.44 48.90 12.46
N GLY L 236 -20.96 47.84 11.83
CA GLY L 236 -19.52 47.63 11.78
C GLY L 236 -19.06 46.32 12.38
N LYS L 237 -17.79 46.02 12.21
CA LYS L 237 -17.26 44.76 12.73
C LYS L 237 -15.76 44.86 12.98
N GLY L 238 -15.30 44.21 14.06
CA GLY L 238 -13.89 44.21 14.40
C GLY L 238 -13.37 45.62 14.55
N ALA L 239 -12.21 45.88 13.95
CA ALA L 239 -11.58 47.21 14.01
C ALA L 239 -12.49 48.30 13.43
N GLY L 240 -13.60 47.88 12.83
CA GLY L 240 -14.52 48.82 12.24
C GLY L 240 -15.83 48.94 12.99
N ALA L 241 -15.91 48.29 14.15
CA ALA L 241 -17.11 48.33 14.97
C ALA L 241 -17.51 49.77 15.29
N GLY L 242 -18.78 50.09 15.04
CA GLY L 242 -19.25 51.43 15.33
C GLY L 242 -19.02 52.50 14.26
N THR L 243 -18.37 52.15 13.16
CA THR L 243 -18.11 53.15 12.12
C THR L 243 -18.90 52.94 10.84
N THR L 244 -20.16 52.53 11.00
CA THR L 244 -21.08 52.33 9.88
C THR L 244 -22.49 52.62 10.37
N ALA L 245 -23.18 53.48 9.65
CA ALA L 245 -24.55 53.85 10.03
C ALA L 245 -25.49 53.91 8.82
N ASN L 246 -26.45 52.99 8.81
CA ASN L 246 -27.44 52.91 7.74
C ASN L 246 -28.76 53.54 8.14
N TYR L 247 -29.35 54.33 7.25
CA TYR L 247 -30.61 54.97 7.51
C TYR L 247 -31.63 54.59 6.45
N PRO L 248 -32.12 53.34 6.50
CA PRO L 248 -33.11 52.85 5.55
C PRO L 248 -34.43 53.56 5.77
N MET L 249 -35.10 53.92 4.69
CA MET L 249 -36.37 54.61 4.77
C MET L 249 -37.37 54.04 3.78
N GLY L 250 -38.64 54.04 4.18
CA GLY L 250 -39.69 53.48 3.34
C GLY L 250 -40.19 54.30 2.18
N ARG L 251 -41.26 53.80 1.55
CA ARG L 251 -41.87 54.45 0.40
C ARG L 251 -42.55 55.78 0.71
N GLY L 252 -42.41 56.71 -0.24
CA GLY L 252 -43.02 58.02 -0.11
C GLY L 252 -42.33 58.96 0.87
N THR L 253 -41.13 58.60 1.30
CA THR L 253 -40.40 59.46 2.23
C THR L 253 -40.08 60.80 1.60
N PRO L 254 -40.63 61.88 2.17
CA PRO L 254 -40.42 63.26 1.70
C PRO L 254 -39.14 63.81 2.34
N TYR L 255 -38.64 64.92 1.83
CA TYR L 255 -37.42 65.49 2.38
C TYR L 255 -37.55 65.83 3.87
N SER L 256 -38.77 66.02 4.34
CA SER L 256 -38.97 66.34 5.75
C SER L 256 -38.49 65.20 6.64
N VAL L 257 -38.66 63.97 6.19
CA VAL L 257 -38.21 62.80 6.95
C VAL L 257 -36.77 62.47 6.59
N TRP L 258 -36.45 62.59 5.30
CA TRP L 258 -35.12 62.29 4.79
C TRP L 258 -34.08 63.20 5.43
N GLY L 259 -34.44 64.48 5.58
CA GLY L 259 -33.54 65.44 6.18
C GLY L 259 -33.22 65.13 7.64
N GLU L 260 -34.17 64.53 8.35
CA GLU L 260 -33.93 64.20 9.75
C GLU L 260 -32.77 63.23 9.84
N ALA L 261 -32.74 62.26 8.92
CA ALA L 261 -31.67 61.27 8.91
C ALA L 261 -30.35 61.94 8.53
N LEU L 262 -30.39 62.83 7.55
CA LEU L 262 -29.18 63.53 7.11
C LEU L 262 -28.54 64.20 8.33
N THR L 263 -29.38 64.82 9.16
CA THR L 263 -28.90 65.48 10.36
C THR L 263 -28.25 64.48 11.32
N ASP L 264 -28.96 63.41 11.66
CA ASP L 264 -28.41 62.43 12.57
C ASP L 264 -27.10 61.83 12.05
N SER L 265 -27.01 61.63 10.74
CA SER L 265 -25.79 61.07 10.16
C SER L 265 -24.65 62.07 10.27
N LEU L 266 -24.95 63.36 10.14
CA LEU L 266 -23.92 64.38 10.24
C LEU L 266 -23.42 64.50 11.67
N LYS L 267 -24.30 64.22 12.63
CA LYS L 267 -23.94 64.26 14.04
C LYS L 267 -22.94 63.14 14.32
N ARG L 268 -23.23 61.92 13.84
CA ARG L 268 -22.32 60.81 14.07
C ARG L 268 -20.99 61.05 13.37
N ILE L 269 -21.03 61.74 12.23
CA ILE L 269 -19.83 62.05 11.47
C ILE L 269 -18.97 63.03 12.28
N ALA L 270 -19.61 64.05 12.85
CA ALA L 270 -18.91 65.03 13.67
C ALA L 270 -18.31 64.34 14.89
N ALA L 271 -19.09 63.44 15.50
CA ALA L 271 -18.62 62.69 16.67
C ALA L 271 -17.41 61.83 16.32
N PHE L 272 -17.40 61.28 15.10
CA PHE L 272 -16.30 60.45 14.62
C PHE L 272 -15.06 61.30 14.44
N GLY L 273 -15.27 62.58 14.15
CA GLY L 273 -14.17 63.51 13.96
C GLY L 273 -13.58 63.46 12.56
N ALA L 274 -14.44 63.36 11.55
CA ALA L 274 -13.97 63.30 10.17
C ALA L 274 -13.29 64.62 9.78
N GLU L 275 -12.13 64.53 9.15
CA GLU L 275 -11.39 65.72 8.73
C GLU L 275 -11.90 66.21 7.37
N ALA L 276 -12.75 65.41 6.75
CA ALA L 276 -13.33 65.74 5.45
C ALA L 276 -14.41 64.71 5.16
N ILE L 277 -15.36 65.07 4.30
CA ILE L 277 -16.47 64.19 3.94
C ILE L 277 -16.56 63.98 2.43
N VAL L 278 -16.49 62.72 2.00
CA VAL L 278 -16.63 62.38 0.60
C VAL L 278 -18.14 62.09 0.47
N VAL L 279 -18.81 62.86 -0.38
CA VAL L 279 -20.25 62.72 -0.57
C VAL L 279 -20.61 61.94 -1.82
N SER L 280 -21.11 60.73 -1.66
CA SER L 280 -21.53 59.93 -2.81
C SER L 280 -22.89 60.52 -3.19
N LEU L 281 -22.88 61.37 -4.21
CA LEU L 281 -24.09 62.04 -4.66
C LEU L 281 -24.85 61.27 -5.72
N GLY L 282 -26.09 60.94 -5.41
CA GLY L 282 -26.94 60.25 -6.35
C GLY L 282 -28.24 61.04 -6.32
N VAL L 283 -28.71 61.49 -7.47
CA VAL L 283 -29.95 62.23 -7.46
C VAL L 283 -31.12 61.34 -7.84
N ASP L 284 -30.96 60.02 -7.76
CA ASP L 284 -32.08 59.17 -8.08
C ASP L 284 -33.13 59.18 -6.96
N THR L 285 -32.93 60.03 -5.96
CA THR L 285 -33.90 60.16 -4.88
C THR L 285 -35.03 61.08 -5.35
N PHE L 286 -34.78 61.79 -6.45
CA PHE L 286 -35.75 62.72 -7.03
C PHE L 286 -37.13 62.09 -7.23
N GLU L 287 -38.18 62.86 -6.94
CA GLU L 287 -39.55 62.41 -7.07
C GLU L 287 -39.95 61.87 -8.46
N GLN L 288 -39.49 62.53 -9.52
CA GLN L 288 -39.81 62.09 -10.87
C GLN L 288 -38.96 60.93 -11.37
N ASP L 289 -37.87 60.62 -10.67
CA ASP L 289 -36.99 59.53 -11.08
C ASP L 289 -37.76 58.22 -11.01
N PRO L 290 -37.80 57.47 -12.12
CA PRO L 290 -38.51 56.19 -12.21
C PRO L 290 -38.14 55.16 -11.12
N ILE L 291 -36.88 54.75 -11.09
CA ILE L 291 -36.42 53.77 -10.10
C ILE L 291 -36.15 54.41 -8.74
N SER L 292 -37.23 54.75 -8.03
CA SER L 292 -37.11 55.38 -6.72
C SER L 292 -38.46 55.61 -6.09
N PHE L 293 -38.56 55.47 -4.77
CA PHE L 293 -39.83 55.73 -4.10
C PHE L 293 -39.73 56.82 -3.06
N PHE L 294 -38.76 57.71 -3.22
CA PHE L 294 -38.60 58.84 -2.30
C PHE L 294 -39.18 60.05 -3.01
N LYS L 295 -39.61 61.06 -2.25
CA LYS L 295 -40.20 62.25 -2.85
C LYS L 295 -39.44 63.54 -2.60
N LEU L 296 -38.32 63.69 -3.27
CA LEU L 296 -37.51 64.90 -3.15
C LEU L 296 -37.74 65.76 -4.38
N THR L 297 -37.81 67.07 -4.18
CA THR L 297 -38.03 68.02 -5.26
C THR L 297 -36.70 68.70 -5.57
N SER L 298 -36.59 69.27 -6.77
CA SER L 298 -35.36 69.93 -7.18
C SER L 298 -34.81 70.89 -6.11
N PRO L 299 -35.68 71.71 -5.48
CA PRO L 299 -35.24 72.66 -4.45
C PRO L 299 -34.63 72.02 -3.21
N ASP L 300 -35.05 70.78 -2.92
CA ASP L 300 -34.52 70.08 -1.75
C ASP L 300 -33.03 69.81 -1.90
N TYR L 301 -32.57 69.67 -3.14
CA TYR L 301 -31.17 69.40 -3.40
C TYR L 301 -30.29 70.56 -2.99
N ILE L 302 -30.84 71.76 -3.01
CA ILE L 302 -30.08 72.94 -2.60
C ILE L 302 -29.93 72.89 -1.09
N THR L 303 -31.04 72.58 -0.41
CA THR L 303 -31.05 72.49 1.04
C THR L 303 -30.04 71.44 1.52
N MET L 304 -30.08 70.29 0.86
CA MET L 304 -29.20 69.17 1.17
C MET L 304 -27.74 69.59 1.03
N GLY L 305 -27.43 70.34 -0.02
CA GLY L 305 -26.08 70.79 -0.24
C GLY L 305 -25.62 71.69 0.88
N ARG L 306 -26.49 72.63 1.25
CA ARG L 306 -26.22 73.59 2.31
C ARG L 306 -26.04 72.91 3.65
N THR L 307 -26.93 71.96 3.97
CA THR L 307 -26.88 71.25 5.23
C THR L 307 -25.55 70.54 5.46
N ILE L 308 -25.11 69.79 4.45
CA ILE L 308 -23.84 69.05 4.52
C ILE L 308 -22.64 69.98 4.64
N ALA L 309 -22.60 71.02 3.81
CA ALA L 309 -21.49 71.97 3.85
C ALA L 309 -21.41 72.59 5.25
N ALA L 310 -22.57 72.72 5.89
CA ALA L 310 -22.63 73.30 7.24
C ALA L 310 -21.91 72.45 8.28
N SER L 311 -21.22 71.40 7.85
CA SER L 311 -20.50 70.54 8.78
C SER L 311 -19.18 71.24 9.12
N GLY L 312 -18.82 72.21 8.30
CA GLY L 312 -17.60 72.95 8.52
C GLY L 312 -16.34 72.25 8.06
N VAL L 313 -16.48 71.04 7.52
CA VAL L 313 -15.31 70.31 7.03
C VAL L 313 -15.32 70.29 5.52
N PRO L 314 -14.14 70.16 4.90
CA PRO L 314 -14.01 70.12 3.43
C PRO L 314 -14.89 69.03 2.80
N LEU L 315 -15.51 69.34 1.66
CA LEU L 315 -16.37 68.41 0.96
C LEU L 315 -15.88 68.02 -0.44
N LEU L 316 -16.05 66.75 -0.76
CA LEU L 316 -15.70 66.24 -2.07
C LEU L 316 -16.94 65.48 -2.56
N VAL L 317 -17.61 66.02 -3.57
CA VAL L 317 -18.80 65.40 -4.12
C VAL L 317 -18.40 64.42 -5.22
N VAL L 318 -18.87 63.18 -5.08
CA VAL L 318 -18.58 62.13 -6.05
C VAL L 318 -19.87 61.69 -6.71
N MET L 319 -19.95 61.84 -8.03
CA MET L 319 -21.16 61.48 -8.76
C MET L 319 -21.45 59.97 -8.70
N GLU L 320 -22.70 59.64 -8.42
CA GLU L 320 -23.12 58.24 -8.35
C GLU L 320 -24.30 58.01 -9.28
N GLY L 321 -25.40 57.50 -8.73
CA GLY L 321 -26.57 57.23 -9.53
C GLY L 321 -27.47 58.39 -9.90
N GLY L 322 -28.59 58.06 -10.54
CA GLY L 322 -29.56 59.05 -10.97
C GLY L 322 -30.01 58.74 -12.39
N TYR L 323 -31.29 58.41 -12.55
CA TYR L 323 -31.83 58.10 -13.86
C TYR L 323 -31.64 59.26 -14.81
N GLY L 324 -31.67 58.96 -16.11
CA GLY L 324 -31.45 59.97 -17.12
C GLY L 324 -32.57 60.97 -17.36
N VAL L 325 -33.44 61.20 -16.40
CA VAL L 325 -34.53 62.17 -16.56
C VAL L 325 -33.97 63.55 -16.97
N PRO L 326 -34.78 64.36 -17.66
CA PRO L 326 -34.35 65.68 -18.11
C PRO L 326 -33.71 66.56 -17.05
N GLU L 327 -34.24 66.55 -15.83
CA GLU L 327 -33.65 67.41 -14.80
C GLU L 327 -32.56 66.79 -13.93
N ILE L 328 -31.88 65.76 -14.44
CA ILE L 328 -30.82 65.11 -13.67
C ILE L 328 -29.69 66.09 -13.37
N GLY L 329 -29.32 66.90 -14.35
CA GLY L 329 -28.26 67.88 -14.19
C GLY L 329 -28.65 69.03 -13.29
N LEU L 330 -29.90 69.47 -13.40
CA LEU L 330 -30.38 70.56 -12.57
C LEU L 330 -30.27 70.16 -11.10
N ASN L 331 -30.69 68.95 -10.79
CA ASN L 331 -30.65 68.46 -9.42
C ASN L 331 -29.22 68.35 -8.89
N VAL L 332 -28.31 67.88 -9.73
CA VAL L 332 -26.91 67.76 -9.33
C VAL L 332 -26.31 69.17 -9.12
N ALA L 333 -26.63 70.08 -10.03
CA ALA L 333 -26.15 71.45 -9.94
C ALA L 333 -26.66 72.12 -8.68
N ASN L 334 -27.89 71.80 -8.29
CA ASN L 334 -28.49 72.39 -7.09
C ASN L 334 -27.75 72.03 -5.82
N VAL L 335 -27.28 70.78 -5.74
CA VAL L 335 -26.54 70.35 -4.56
C VAL L 335 -25.27 71.16 -4.50
N LEU L 336 -24.64 71.37 -5.66
CA LEU L 336 -23.41 72.13 -5.74
C LEU L 336 -23.64 73.59 -5.35
N LYS L 337 -24.81 74.12 -5.70
CA LYS L 337 -25.16 75.51 -5.35
C LYS L 337 -25.26 75.65 -3.84
N GLY L 338 -25.90 74.69 -3.20
CA GLY L 338 -26.05 74.72 -1.76
C GLY L 338 -24.70 74.63 -1.07
N VAL L 339 -23.82 73.77 -1.58
CA VAL L 339 -22.50 73.60 -0.99
C VAL L 339 -21.67 74.86 -1.18
N ALA L 340 -21.70 75.41 -2.40
CA ALA L 340 -20.93 76.60 -2.72
C ALA L 340 -21.31 77.76 -1.80
N GLY L 341 -22.59 77.83 -1.45
CA GLY L 341 -23.06 78.91 -0.59
C GLY L 341 -23.47 80.14 -1.38
S CXS M . 12.94 -30.36 19.35
O1 CXS M . 12.71 -29.24 18.39
O2 CXS M . 11.96 -31.45 19.27
O3 CXS M . 12.93 -29.80 20.71
C1 CXS M . 14.44 -31.00 18.81
C2 CXS M . 15.59 -29.98 18.83
C3 CXS M . 16.94 -30.70 18.74
N CXS M . 17.90 -30.44 19.85
C4 CXS M . 19.29 -30.00 19.68
C5 CXS M . 19.42 -28.47 19.51
C6 CXS M . 20.93 -28.09 19.40
C7 CXS M . 21.62 -28.72 18.20
C8 CXS M . 21.52 -30.25 18.30
C9 CXS M . 20.03 -30.69 18.47
P PO4 N . -6.86 -48.59 12.19
O1 PO4 N . -7.53 -49.77 11.57
O2 PO4 N . -7.87 -47.81 12.97
O3 PO4 N . -5.79 -49.06 13.10
O4 PO4 N . -6.27 -47.74 11.13
K K O . 8.29 -24.42 14.41
NA NA P . 2.16 -28.70 1.68
K K Q . 14.95 -19.04 25.45
ZN ZN R . 12.01 -27.62 19.56
S CXS S . 16.11 32.89 8.52
O1 CXS S . 15.03 31.86 8.49
O2 CXS S . 16.03 33.84 7.41
O3 CXS S . 17.40 32.18 8.44
C1 CXS S . 15.80 33.75 9.95
C2 CXS S . 15.85 32.91 11.23
C3 CXS S . 15.15 33.60 12.38
N CXS S . 15.98 33.85 13.57
C4 CXS S . 16.10 32.97 14.74
C5 CXS S . 16.67 33.70 15.97
C6 CXS S . 16.73 32.72 17.16
C7 CXS S . 17.66 31.55 16.91
C8 CXS S . 17.18 30.75 15.68
C9 CXS S . 17.02 31.74 14.47
P PO4 T . 6.94 48.46 -12.36
O1 PO4 T . 5.71 47.79 -12.85
O2 PO4 T . 7.20 48.05 -10.95
O3 PO4 T . 8.09 48.06 -13.22
O4 PO4 T . 6.76 49.93 -12.42
K K U . 11.52 26.46 4.88
NA NA V . -1.82 28.87 -0.87
ZN ZN W . 16.47 30.22 8.05
S CXS X . -19.09 2.64 32.87
O1 CXS X . -18.56 3.09 31.56
O2 CXS X . -18.23 2.92 34.02
O3 CXS X . -19.32 1.18 32.79
C1 CXS X . -20.49 3.61 33.08
C2 CXS X . -21.53 3.45 31.96
C3 CXS X . -22.91 3.81 32.48
N CXS X . -23.87 2.70 32.69
C4 CXS X . -25.13 2.55 31.97
C5 CXS X . -24.99 1.69 30.69
C6 CXS X . -26.37 1.53 30.01
C7 CXS X . -26.98 2.85 29.57
C8 CXS X . -27.15 3.78 30.79
C9 CXS X . -25.79 3.92 31.56
P PO4 Y . -0.27 16.88 47.54
O1 PO4 Y . -1.72 16.53 47.62
O2 PO4 Y . 0.55 15.64 47.48
O3 PO4 Y . -0.03 17.70 46.32
O4 PO4 Y . 0.11 17.67 48.73
K K Z . -13.04 2.87 26.48
NA NA AA . -5.15 15.10 23.91
K K BA . -20.95 -8.62 26.86
ZN ZN CA . -17.89 0.78 31.05
S CXS DA . -14.14 -24.61 -25.26
O1 CXS DA . -13.16 -23.98 -24.35
O2 CXS DA . -13.93 -24.29 -26.68
O3 CXS DA . -15.49 -24.17 -24.88
C1 CXS DA . -13.83 -26.27 -25.12
C2 CXS DA . -13.97 -26.87 -23.72
C3 CXS DA . -13.64 -28.35 -23.82
N CXS DA . -14.64 -29.27 -23.29
C4 CXS DA . -14.44 -29.95 -22.04
C5 CXS DA . -14.39 -31.49 -22.20
C6 CXS DA . -14.14 -32.16 -20.82
C7 CXS DA . -15.24 -31.85 -19.80
C8 CXS DA . -15.41 -30.33 -19.63
C9 CXS DA . -15.58 -29.63 -21.02
P PO4 EA . 0.38 -16.27 -47.64
O1 PO4 EA . 0.02 -16.71 -46.27
O2 PO4 EA . 1.69 -15.55 -47.60
O3 PO4 EA . 0.48 -17.45 -48.52
O4 PO4 EA . -0.67 -15.34 -48.15
K K FA . -9.69 -18.13 -21.06
NA NA GA . 4.78 -15.89 -23.62
K K HA . -22.62 -20.40 -16.38
ZN ZN IA . -14.78 -22.52 -23.40
S CXS JA . 32.35 -1.10 -20.15
O1 CXS JA . 33.54 -1.97 -19.94
O2 CXS JA . 32.58 0.31 -19.82
O3 CXS JA . 31.25 -1.60 -19.32
C1 CXS JA . 32.12 -1.15 -21.86
C2 CXS JA . 31.85 -2.54 -22.44
C3 CXS JA . 31.81 -2.48 -23.98
N CXS JA . 30.55 -1.98 -24.57
C4 CXS JA . 30.31 -1.81 -26.00
C5 CXS JA . 29.40 -0.59 -26.29
C6 CXS JA . 29.20 -0.44 -27.82
C7 CXS JA . 28.49 -1.64 -28.44
C8 CXS JA . 29.35 -2.90 -28.20
C9 CXS JA . 29.63 -3.05 -26.66
P PO4 KA . 49.31 -10.99 -0.46
O1 PO4 KA . 48.70 -12.07 0.36
O2 PO4 KA . 49.82 -9.92 0.44
O3 PO4 KA . 50.42 -11.54 -1.26
O4 PO4 KA . 48.28 -10.43 -1.37
K K LA . 26.16 -1.47 -14.02
NA NA MA . 25.38 -12.91 -4.62
K K NA . 24.94 8.63 -23.53
ZN ZN OA . 30.29 0.52 -19.25
S CXS PA . 2.37 48.72 35.43
O1 CXS PA . 1.07 49.16 34.85
O2 CXS PA . 2.24 47.72 36.49
O3 CXS PA . 3.08 49.90 35.96
C1 CXS PA . 3.11 47.92 34.11
C2 CXS PA . 3.35 48.79 32.86
C3 CXS PA . 4.44 48.15 32.01
N CXS PA . 4.69 48.73 30.69
C4 CXS PA . 5.64 49.80 30.49
C5 CXS PA . 4.98 51.01 29.76
C6 CXS PA . 5.99 52.14 29.60
C7 CXS PA . 7.20 51.73 28.75
C8 CXS PA . 7.90 50.51 29.40
C9 CXS PA . 6.86 49.37 29.64
P PO4 QA . -4.86 27.73 52.26
O1 PO4 QA . -5.18 26.31 52.52
O2 PO4 QA . -5.50 28.59 53.30
O3 PO4 QA . -3.39 27.93 52.32
O4 PO4 QA . -5.35 28.12 50.92
K K RA . -6.50 50.78 35.20
NA NA SA . -16.34 39.89 34.29
K K TA . 2.14 61.81 33.83
ZN ZN UA . 0.81 51.06 35.54
S CXS VA . -27.99 20.14 -15.68
O1 CXS VA . -29.19 20.57 -14.90
O2 CXS VA . -28.30 19.20 -16.75
O3 CXS VA . -27.04 19.50 -14.76
C1 CXS VA . -27.49 21.59 -16.44
C2 CXS VA . -27.10 22.73 -15.49
C3 CXS VA . -26.97 24.08 -16.20
N CXS VA . -26.58 24.07 -17.64
C4 CXS VA . -25.83 25.13 -18.32
C5 CXS VA . -24.29 24.98 -18.12
C6 CXS VA . -23.55 26.08 -18.89
C7 CXS VA . -23.91 27.48 -18.44
C8 CXS VA . -25.42 27.71 -18.63
C9 CXS VA . -26.22 26.58 -17.89
P PO4 WA . -49.14 11.29 0.16
O1 PO4 WA . -49.38 9.90 -0.30
O2 PO4 WA . -47.92 11.33 1.02
O3 PO4 WA . -48.94 12.17 -1.02
O4 PO4 WA . -50.31 11.76 0.93
K K XA . -23.15 14.71 -11.10
NA NA YA . -25.24 13.45 3.53
K K ZA . -18.93 16.46 -24.30
ZN ZN AB . -26.24 18.29 -16.40
S CXS BB . 33.51 -25.54 -43.51
O1 CXS BB . 33.27 -26.71 -42.63
O2 CXS BB . 32.45 -25.33 -44.51
O3 CXS BB . 34.81 -25.72 -44.20
C1 CXS BB . 33.40 -24.23 -42.43
C2 CXS BB . 34.42 -24.28 -41.30
C3 CXS BB . 35.01 -22.89 -41.10
N CXS BB . 36.44 -22.82 -40.94
C4 CXS BB . 37.04 -22.27 -39.74
C5 CXS BB . 36.94 -20.71 -39.68
C6 CXS BB . 37.55 -20.22 -38.36
C7 CXS BB . 39.02 -20.54 -38.23
C8 CXS BB . 39.23 -22.06 -38.29
C9 CXS BB . 38.56 -22.63 -39.60
P PO4 CB . 7.14 -26.77 -52.72
O1 PO4 CB . 5.75 -26.54 -53.17
O2 PO4 CB . 7.92 -25.51 -52.79
O3 PO4 CB . 7.12 -27.26 -51.31
O4 PO4 CB . 7.77 -27.82 -53.59
K K DB . 32.18 -34.24 -40.73
NA NA EB . 19.17 -38.04 -34.57
K K FB . 45.40 -31.15 -44.69
ZN ZN GB . 34.83 -28.15 -43.54
S CXS HB . 40.64 -43.88 5.65
O1 CXS HB . 40.02 -44.40 4.39
O2 CXS HB . 41.58 -42.76 5.47
O3 CXS HB . 41.36 -44.99 6.29
C1 CXS HB . 39.28 -43.26 6.50
C2 CXS HB . 38.18 -44.31 6.77
C3 CXS HB . 37.16 -43.83 7.81
N CXS HB . 37.20 -44.50 9.13
C4 CXS HB . 36.11 -45.30 9.72
C5 CXS HB . 35.89 -46.64 9.02
C6 CXS HB . 34.77 -47.43 9.75
C7 CXS HB . 33.43 -46.73 9.74
C8 CXS HB . 33.57 -45.35 10.41
C9 CXS HB . 34.75 -44.54 9.75
P PO4 IB . 54.49 -22.09 -3.31
O1 PO4 IB . 54.11 -23.49 -3.02
O2 PO4 IB . 54.57 -21.33 -2.04
O3 PO4 IB . 55.80 -22.07 -4.00
O4 PO4 IB . 53.46 -21.48 -4.19
K K JB . 40.17 -46.70 -2.61
NA NA KB . 37.90 -36.85 -13.39
ZN ZN LB . 41.05 -46.51 4.37
S CXS MB . -3.63 -56.67 -20.91
O1 CXS MB . -4.22 -56.09 -19.67
O2 CXS MB . -3.92 -58.09 -21.11
O3 CXS MB . -2.17 -56.50 -20.85
C1 CXS MB . -4.47 -55.85 -22.16
C2 CXS MB . -4.32 -54.33 -22.22
C3 CXS MB . -4.44 -53.86 -23.68
N CXS MB . -5.30 -52.71 -23.96
C4 CXS MB . -5.97 -52.52 -25.26
C5 CXS MB . -4.97 -52.23 -26.41
C6 CXS MB . -5.74 -52.09 -27.75
C7 CXS MB . -6.72 -50.94 -27.73
C8 CXS MB . -7.75 -51.13 -26.61
C9 CXS MB . -7.01 -51.35 -25.25
P PO4 NB . -2.40 -58.74 6.56
O1 PO4 NB . -2.23 -60.16 6.13
O2 PO4 NB . -3.58 -58.15 5.88
O3 PO4 NB . -2.58 -58.69 8.03
O4 PO4 NB . -1.18 -57.96 6.18
K K OB . 5.13 -58.24 -20.95
NA NA PB . 13.67 -52.07 -10.39
ZN ZN QB . -1.92 -58.21 -22.34
S CXS RB . -45.11 24.19 31.72
O1 CXS RB . -44.13 25.28 31.47
O2 CXS RB . -45.92 23.85 30.54
O3 CXS RB . -46.00 24.63 32.80
C1 CXS RB . -44.12 22.84 32.03
C2 CXS RB . -43.18 23.01 33.23
C3 CXS RB . -42.38 21.72 33.45
N CXS RB . -41.25 21.78 34.37
C4 CXS RB . -41.16 20.98 35.57
C5 CXS RB . -41.14 21.85 36.84
C6 CXS RB . -41.06 20.96 38.10
C7 CXS RB . -39.78 20.12 38.13
C8 CXS RB . -39.73 19.22 36.89
C9 CXS RB . -39.86 20.11 35.60
P PO4 SB . -54.60 20.35 6.50
O1 PO4 SB . -54.27 20.68 7.91
O2 PO4 SB . -55.79 21.14 6.07
O3 PO4 SB . -53.45 20.67 5.63
O4 PO4 SB . -54.91 18.90 6.40
K K TB . -43.48 32.38 29.44
NA NA UB . -38.33 35.36 15.84
ZN ZN VB . -45.51 26.62 32.90
S CXS WB . -27.05 53.20 -8.72
O1 CXS WB . -27.26 52.96 -7.28
O2 CXS WB . -25.66 53.47 -9.12
O3 CXS WB . -27.89 54.36 -9.10
C1 CXS WB . -27.47 51.70 -9.41
C2 CXS WB . -28.91 51.26 -9.11
C3 CXS WB . -29.14 49.84 -9.64
N CXS WB . -30.10 49.71 -10.75
C4 CXS WB . -31.25 48.83 -10.74
C5 CXS WB . -32.11 48.94 -9.45
C6 CXS WB . -33.33 48.00 -9.52
C7 CXS WB . -32.92 46.54 -9.62
C8 CXS WB . -32.08 46.33 -10.89
C9 CXS WB . -30.87 47.32 -10.89
P PO4 XB . -0.12 58.70 -8.00
O1 PO4 XB . 1.33 58.67 -8.32
O2 PO4 XB . -0.37 57.85 -6.80
O3 PO4 XB . -0.54 60.10 -7.71
O4 PO4 XB . -0.90 58.17 -9.14
K K YB . -27.37 55.89 -0.17
NA NA ZB . -16.32 51.70 8.69
K K AC . -39.48 58.67 -7.30
ZN ZN BC . -28.92 54.89 -7.00
#